data_3T3M
#
_entry.id   3T3M
#
_cell.length_a   261.150
_cell.length_b   145.330
_cell.length_c   104.680
_cell.angle_alpha   90.00
_cell.angle_beta   90.00
_cell.angle_gamma   90.00
#
_symmetry.space_group_name_H-M   'P 21 21 2'
#
loop_
_entity.id
_entity.type
_entity.pdbx_description
1 polymer 'Integrin alpha-IIb'
2 polymer 'Integrin beta-3'
3 polymer 'Monoclonal antibody 10E5 heavy chain'
4 polymer 'Monoclonal antibody 10E5 light chain'
5 branched alpha-D-mannopyranose-(1-3)-[alpha-D-mannopyranose-(1-6)]beta-D-mannopyranose-(1-4)-2-acetamido-2-deoxy-beta-D-glucopyranose-(1-4)-2-acetamido-2-deoxy-beta-D-glucopyranose
6 branched 2-acetamido-2-deoxy-beta-D-glucopyranose-(1-4)-2-acetamido-2-deoxy-beta-D-glucopyranose
7 branched alpha-D-mannopyranose-(1-3)-beta-D-mannopyranose-(1-4)-2-acetamido-2-deoxy-beta-D-glucopyranose-(1-4)-2-acetamido-2-deoxy-beta-D-glucopyranose
8 non-polymer 'CALCIUM ION'
9 non-polymer N-{3-[5-oxo-7-(piperazin-1-yl)-5H-[1,3,4]thiadiazolo[3,2-a]pyrimidin-2-yl]phenyl}glycinamide
10 non-polymer 'SULFATE ION'
11 non-polymer 2-acetamido-2-deoxy-beta-D-glucopyranose
12 non-polymer 'CHLORIDE ION'
13 water water
#
loop_
_entity_poly.entity_id
_entity_poly.type
_entity_poly.pdbx_seq_one_letter_code
_entity_poly.pdbx_strand_id
1 'polypeptide(L)'
;LNLDPVQLTFYAGPNGSQFGFSLDFHKDSHGRVAIVVGAPRTLGPSQEETGGVFLCPWRAEGGQCPSLLFDLRDETRNVG
SQTLQTFKARQGLGASVVSWSDVIVACAPWQHWNVLEKTEEAEKTPVGSCFLAQPESGRRAEYSPCRGNTLSRIYVENDF
SWDKRYCEAGFSSVVTQAGELVLGAPGGYYFLGLLAQAPVADIFSSYRPGILLWHVSSQSLSFDSSNPEYFDGYWGYSVA
VGEFDGDLNTTEYVVGAPTWSWTLGAVEILDSYYQRLHRLRGEQMASYFGHSVAVTDVNGDGRHDLLVGAPLYMESRADR
KLAEVGRVYLFLQPRGPHALGAPSLLLTGTQLYGRFGSAIAPLGDLDRDGYNDIAVAAPYGGPSGRGQVLVFLGQSEGLR
SRPSQVLDSPFPTGSAFGFSLRGAVDIDDNGYPDLIVGAYGANQVAVYRAQPVVKAS
;
A,C
2 'polypeptide(L)'
;GPNICTTRGVSSCQQCLAVSPMCAWCSDEALPLGSPRCDLKENLLKDNCAPESIEFPVSEARVLEDRPLSDKGSGDSSQV
TQVSPQRIALRLRPDDSKNFSIQVRQVEDYPVDIYYLMDLSYSMKDDLWSIQNLGTKLATQMRKLTSNLRIGFGAFVDKP
VSPYMYISPPEALENPCYDMKTTCLPMFGYKHVLTLTDQVTRFNEEVKKQSVSRNRDAPEGGFDAIMQATVCDEKIGWRN
DASHLLVFTTDAKTHIALDGRLAGIVQPNDGQCHVGSDNHYSASTTMDYPSLGLMTEKLSQKNINLIFAVTENVVNLYQN
YSELIPGTTVGVLSMDSSNVLQLIVDAYGKIRSKVELEVRDLPEELSLSFNATCLNNEVIPGLKSCMGLKIGDTVSFSIE
AKVRGCPQEKEKSFTIKPVGFKDSLIVQVTFDCDCACQAQAEPNSHRCNNGNGTFECGVCRCGPGWLGSQCE
;
B,D
3 'polypeptide(L)'
;EVQLQQSGAELVKPGASVKLSCTASGFNIKDTYVHWVKQRPEQGLEWIGRIDPANGYTKYDPKFQGKATITADTSSNTAY
LQLSSLTSEDTAVYYCVRPLYDYYAMDYWGQGTSVTVSSAKTTAPSVYPLAPVCGDTTGSSVTLGCLVKGYFPEPVTLTW
NSGSLSSGVHTFPAVLQSDLYTLSSSVTVTSSTWPSQSITCNVAHPASSTKVDKKIEPRGP
;
E,H
4 'polypeptide(L)'
;DILMTQSPSSMSVSLGDTVSITCHASQGISSNIGWLQQKPGKSFMGLIYYGTNLVDGVPSRFSGSGSGADYSLTISSLDS
EDFADYYCVQYAQLPYTFGGGTKLEIKRADAAPTVSIFPPSSEQLTSGGASVVCFLNNFYPKDINVKWKIDGSERQNGVL
NSWTDQDSKDSTYSMSSTLTLTKDEYERHNSYTCEATHKTSTSPIVKSFNRNEC
;
F,L
#
# COMPACT_ATOMS: atom_id res chain seq x y z
N LEU A 1 43.34 -20.69 -0.60
CA LEU A 1 44.63 -20.69 -1.35
C LEU A 1 45.54 -21.81 -0.87
N ASN A 2 45.82 -21.84 0.43
CA ASN A 2 46.83 -22.73 0.99
C ASN A 2 46.27 -23.84 1.91
N LEU A 3 45.05 -24.28 1.65
CA LEU A 3 44.53 -25.47 2.33
C LEU A 3 45.11 -26.68 1.62
N ASP A 4 45.47 -27.71 2.37
CA ASP A 4 46.11 -28.88 1.78
C ASP A 4 45.07 -29.93 1.39
N PRO A 5 44.89 -30.16 0.08
CA PRO A 5 43.92 -31.15 -0.41
C PRO A 5 44.54 -32.52 -0.67
N VAL A 6 45.81 -32.69 -0.33
CA VAL A 6 46.51 -33.97 -0.53
C VAL A 6 46.39 -34.87 0.69
N GLN A 7 46.78 -34.36 1.86
CA GLN A 7 46.70 -35.11 3.10
C GLN A 7 45.58 -34.60 4.00
N LEU A 8 44.40 -35.19 3.85
CA LEU A 8 43.25 -34.83 4.68
C LEU A 8 43.13 -35.75 5.89
N THR A 9 42.19 -35.41 6.77
CA THR A 9 41.85 -36.25 7.90
C THR A 9 40.36 -36.54 7.85
N PHE A 10 40.00 -37.81 8.02
CA PHE A 10 38.60 -38.22 7.97
C PHE A 10 38.14 -38.77 9.30
N TYR A 11 37.00 -38.27 9.77
CA TYR A 11 36.33 -38.81 10.93
C TYR A 11 35.04 -39.47 10.44
N ALA A 12 34.65 -40.57 11.06
CA ALA A 12 33.52 -41.33 10.57
C ALA A 12 32.58 -41.74 11.71
N GLY A 13 31.29 -41.80 11.38
CA GLY A 13 30.28 -42.22 12.33
C GLY A 13 29.53 -43.44 11.80
N PRO A 14 28.55 -43.92 12.57
CA PRO A 14 27.78 -45.11 12.18
C PRO A 14 27.04 -44.90 10.86
N ASN A 15 26.85 -45.97 10.09
CA ASN A 15 26.12 -45.85 8.84
CA ASN A 15 26.11 -45.87 8.84
C ASN A 15 24.69 -45.39 9.08
N GLY A 16 24.24 -44.42 8.28
CA GLY A 16 22.87 -43.96 8.35
C GLY A 16 22.57 -42.96 9.45
N SER A 17 23.60 -42.59 10.21
CA SER A 17 23.42 -41.65 11.32
C SER A 17 23.41 -40.19 10.87
N GLN A 18 23.85 -39.94 9.63
CA GLN A 18 24.00 -38.58 9.14
C GLN A 18 25.04 -37.81 9.97
N PHE A 19 26.04 -38.54 10.44
CA PHE A 19 27.23 -37.97 11.08
C PHE A 19 27.89 -36.97 10.14
N GLY A 20 27.99 -35.72 10.58
CA GLY A 20 28.54 -34.66 9.74
C GLY A 20 27.50 -33.64 9.32
N PHE A 21 26.25 -33.87 9.70
CA PHE A 21 25.16 -32.96 9.38
C PHE A 21 25.44 -31.57 9.94
N SER A 22 26.03 -31.52 11.13
CA SER A 22 26.45 -30.26 11.72
C SER A 22 27.74 -30.47 12.51
N LEU A 23 28.57 -29.44 12.59
CA LEU A 23 29.83 -29.54 13.30
C LEU A 23 30.29 -28.19 13.81
N ASP A 24 31.29 -28.21 14.66
CA ASP A 24 31.90 -27.00 15.19
C ASP A 24 33.20 -27.36 15.89
N PHE A 25 34.06 -26.37 16.08
CA PHE A 25 35.29 -26.55 16.86
C PHE A 25 34.92 -26.42 18.34
N HIS A 26 35.69 -27.09 19.20
CA HIS A 26 35.47 -27.01 20.63
C HIS A 26 36.81 -26.96 21.36
N LYS A 27 36.98 -25.99 22.25
CA LYS A 27 38.19 -25.91 23.07
C LYS A 27 37.87 -26.26 24.51
N ASP A 28 38.70 -27.10 25.11
CA ASP A 28 38.52 -27.43 26.52
C ASP A 28 39.17 -26.36 27.40
N SER A 29 38.95 -26.45 28.70
CA SER A 29 39.45 -25.45 29.63
C SER A 29 40.95 -25.19 29.46
N HIS A 30 41.65 -26.10 28.77
CA HIS A 30 43.08 -25.93 28.56
C HIS A 30 43.42 -25.38 27.17
N GLY A 31 42.42 -25.23 26.32
CA GLY A 31 42.62 -24.70 24.99
C GLY A 31 42.93 -25.77 23.94
N ARG A 32 42.74 -27.03 24.31
CA ARG A 32 42.91 -28.15 23.38
C ARG A 32 41.69 -28.19 22.46
N VAL A 33 41.92 -28.11 21.15
CA VAL A 33 40.82 -28.08 20.19
C VAL A 33 40.37 -29.47 19.77
N ALA A 34 39.06 -29.70 19.85
CA ALA A 34 38.45 -30.94 19.37
C ALA A 34 37.32 -30.57 18.43
N ILE A 35 36.65 -31.57 17.87
CA ILE A 35 35.56 -31.32 16.94
C ILE A 35 34.28 -31.97 17.45
N VAL A 36 33.26 -31.16 17.67
CA VAL A 36 31.95 -31.68 18.02
C VAL A 36 31.17 -31.93 16.73
N VAL A 37 30.54 -33.10 16.62
CA VAL A 37 29.83 -33.50 15.41
C VAL A 37 28.42 -33.99 15.72
N GLY A 38 27.44 -33.44 15.01
CA GLY A 38 26.06 -33.88 15.14
C GLY A 38 25.77 -35.01 14.17
N ALA A 39 24.93 -35.95 14.60
CA ALA A 39 24.49 -37.07 13.77
C ALA A 39 23.00 -37.30 14.03
N PRO A 40 22.14 -36.51 13.37
CA PRO A 40 20.70 -36.40 13.63
C PRO A 40 19.89 -37.70 13.56
N ARG A 41 20.45 -38.77 12.99
CA ARG A 41 19.68 -40.00 12.84
C ARG A 41 20.33 -41.20 13.52
N THR A 42 21.24 -40.95 14.44
CA THR A 42 21.88 -42.01 15.20
C THR A 42 20.81 -42.81 15.94
N LEU A 43 20.99 -44.13 16.00
CA LEU A 43 20.00 -44.98 16.68
C LEU A 43 20.01 -44.80 18.19
N GLY A 44 18.82 -44.66 18.75
CA GLY A 44 18.67 -44.51 20.19
C GLY A 44 18.49 -45.85 20.87
N PRO A 45 17.91 -45.85 22.08
CA PRO A 45 17.78 -47.05 22.91
C PRO A 45 16.86 -48.10 22.30
N SER A 46 15.64 -47.69 21.95
CA SER A 46 14.65 -48.62 21.40
C SER A 46 14.95 -48.95 19.95
N GLN A 47 16.23 -48.86 19.58
CA GLN A 47 16.67 -49.10 18.21
C GLN A 47 15.95 -48.16 17.25
N GLU A 48 15.50 -47.02 17.78
CA GLU A 48 14.80 -46.02 16.99
C GLU A 48 15.67 -44.78 16.87
N GLU A 49 15.62 -44.12 15.71
CA GLU A 49 16.43 -42.93 15.47
C GLU A 49 16.08 -41.82 16.45
N THR A 50 17.09 -41.29 17.13
CA THR A 50 16.90 -40.14 18.01
C THR A 50 17.95 -39.08 17.76
N GLY A 51 18.98 -39.42 16.99
CA GLY A 51 20.12 -38.54 16.79
C GLY A 51 21.12 -38.68 17.91
N GLY A 52 22.29 -38.09 17.74
CA GLY A 52 23.36 -38.21 18.71
C GLY A 52 24.47 -37.22 18.43
N VAL A 53 25.39 -37.10 19.38
CA VAL A 53 26.50 -36.15 19.27
C VAL A 53 27.81 -36.85 19.57
N PHE A 54 28.87 -36.43 18.87
CA PHE A 54 30.19 -37.05 19.01
C PHE A 54 31.23 -35.99 19.27
N LEU A 55 32.16 -36.27 20.18
CA LEU A 55 33.23 -35.32 20.49
C LEU A 55 34.57 -35.92 20.07
N CYS A 56 35.06 -35.50 18.90
CA CYS A 56 36.24 -36.08 18.29
C CYS A 56 37.53 -35.41 18.75
N PRO A 57 38.40 -36.15 19.44
CA PRO A 57 39.72 -35.57 19.71
C PRO A 57 40.47 -35.37 18.39
N TRP A 58 41.33 -34.35 18.32
CA TRP A 58 42.08 -34.09 17.09
C TRP A 58 43.21 -35.10 16.91
N ARG A 59 43.26 -35.73 15.74
CA ARG A 59 44.32 -36.68 15.39
C ARG A 59 44.48 -36.65 13.89
N ALA A 60 45.71 -36.49 13.41
CA ALA A 60 45.95 -36.42 11.96
C ALA A 60 45.32 -37.61 11.23
N GLU A 61 45.37 -38.79 11.84
CA GLU A 61 44.86 -39.99 11.20
C GLU A 61 43.33 -40.11 11.31
N GLY A 62 42.71 -39.27 12.12
CA GLY A 62 41.26 -39.28 12.28
C GLY A 62 40.74 -40.57 12.88
N GLY A 63 39.62 -41.07 12.37
CA GLY A 63 39.04 -42.31 12.83
C GLY A 63 37.67 -42.15 13.46
N GLN A 64 37.39 -42.97 14.48
CA GLN A 64 36.11 -42.97 15.19
C GLN A 64 36.14 -42.01 16.41
N CYS A 65 34.97 -41.67 16.92
CA CYS A 65 34.86 -40.70 18.00
C CYS A 65 33.96 -41.19 19.13
N PRO A 66 34.26 -40.78 20.37
CA PRO A 66 33.41 -41.12 21.50
C PRO A 66 32.12 -40.30 21.51
N SER A 67 31.04 -40.90 22.02
CA SER A 67 29.78 -40.20 22.15
C SER A 67 29.84 -39.11 23.21
N LEU A 68 29.11 -38.03 22.98
CA LEU A 68 28.76 -37.13 24.05
C LEU A 68 27.34 -37.51 24.45
N LEU A 69 27.21 -38.20 25.58
CA LEU A 69 25.95 -38.83 25.97
C LEU A 69 24.92 -37.86 26.53
N PHE A 70 23.69 -37.98 26.04
CA PHE A 70 22.56 -37.24 26.58
C PHE A 70 21.42 -38.19 26.88
N ASP A 71 20.54 -37.79 27.78
CA ASP A 71 19.38 -38.62 28.12
C ASP A 71 18.45 -38.73 26.92
N LEU A 72 18.22 -39.96 26.46
CA LEU A 72 17.42 -40.19 25.26
C LEU A 72 16.05 -40.78 25.60
N ARG A 73 15.63 -40.69 26.85
CA ARG A 73 14.38 -41.30 27.28
C ARG A 73 13.20 -40.33 27.25
N ASP A 74 12.07 -40.80 26.75
CA ASP A 74 10.84 -40.04 26.82
C ASP A 74 10.51 -39.79 28.29
N GLU A 75 9.89 -38.66 28.57
CA GLU A 75 9.58 -38.31 29.95
C GLU A 75 8.10 -38.00 30.11
N THR A 76 7.60 -38.25 31.31
CA THR A 76 6.22 -37.95 31.65
C THR A 76 6.18 -37.34 33.04
N ARG A 77 5.39 -36.28 33.21
CA ARG A 77 5.20 -35.72 34.54
C ARG A 77 3.73 -35.39 34.77
N ASN A 78 3.15 -36.01 35.78
CA ASN A 78 1.80 -35.69 36.21
C ASN A 78 1.87 -34.63 37.29
N VAL A 79 1.48 -33.41 36.95
CA VAL A 79 1.56 -32.30 37.89
C VAL A 79 0.52 -31.24 37.53
N GLY A 80 0.03 -30.55 38.55
CA GLY A 80 -0.99 -29.53 38.38
C GLY A 80 -2.21 -30.05 37.65
N SER A 81 -2.54 -31.32 37.90
CA SER A 81 -3.67 -31.97 37.24
C SER A 81 -3.50 -32.07 35.72
N GLN A 82 -2.25 -31.95 35.26
CA GLN A 82 -1.93 -32.12 33.85
C GLN A 82 -0.89 -33.21 33.66
N THR A 83 -0.74 -33.69 32.43
CA THR A 83 0.29 -34.66 32.12
C THR A 83 1.20 -34.12 31.03
N LEU A 84 2.46 -33.89 31.39
CA LEU A 84 3.47 -33.40 30.46
C LEU A 84 4.22 -34.57 29.81
N GLN A 85 4.46 -34.47 28.51
CA GLN A 85 5.12 -35.56 27.78
C GLN A 85 6.15 -35.02 26.80
N THR A 86 7.35 -35.59 26.84
CA THR A 86 8.34 -35.32 25.81
C THR A 86 8.52 -36.58 24.96
N PHE A 87 8.61 -36.38 23.64
CA PHE A 87 8.79 -37.50 22.71
C PHE A 87 10.08 -37.29 21.93
N LYS A 88 11.00 -38.24 22.04
CA LYS A 88 12.33 -38.07 21.49
C LYS A 88 12.58 -38.88 20.21
N ALA A 89 11.62 -39.72 19.85
CA ALA A 89 11.73 -40.50 18.62
C ALA A 89 11.89 -39.55 17.43
N ARG A 90 12.96 -39.74 16.67
CA ARG A 90 13.20 -38.96 15.47
C ARG A 90 13.30 -37.46 15.76
N GLN A 91 13.78 -37.11 16.96
CA GLN A 91 13.88 -35.72 17.37
C GLN A 91 15.01 -35.01 16.62
N GLY A 92 15.97 -35.78 16.10
CA GLY A 92 17.07 -35.22 15.34
C GLY A 92 18.13 -34.57 16.21
N LEU A 93 18.45 -35.18 17.34
CA LEU A 93 19.52 -34.66 18.19
C LEU A 93 20.81 -34.56 17.38
N GLY A 94 21.41 -33.38 17.37
CA GLY A 94 22.61 -33.14 16.59
C GLY A 94 22.35 -32.48 15.25
N ALA A 95 21.10 -32.13 14.97
CA ALA A 95 20.76 -31.40 13.75
C ALA A 95 21.46 -30.04 13.76
N SER A 96 21.87 -29.59 14.94
CA SER A 96 22.75 -28.44 15.04
C SER A 96 23.63 -28.59 16.26
N VAL A 97 24.87 -28.12 16.16
CA VAL A 97 25.77 -28.06 17.31
C VAL A 97 26.55 -26.78 17.27
N VAL A 98 26.86 -26.26 18.45
CA VAL A 98 27.68 -25.08 18.56
C VAL A 98 28.47 -25.19 19.87
N SER A 99 29.66 -24.61 19.88
CA SER A 99 30.50 -24.62 21.07
C SER A 99 30.78 -23.21 21.52
N TRP A 100 30.74 -22.99 22.83
CA TRP A 100 31.14 -21.72 23.42
C TRP A 100 31.82 -21.99 24.74
N SER A 101 33.03 -21.45 24.92
CA SER A 101 33.81 -21.71 26.12
C SER A 101 34.02 -23.22 26.22
N ASP A 102 33.82 -23.79 27.40
CA ASP A 102 33.97 -25.23 27.58
C ASP A 102 32.62 -25.92 27.57
N VAL A 103 31.67 -25.33 26.84
CA VAL A 103 30.31 -25.81 26.81
C VAL A 103 29.87 -26.15 25.39
N ILE A 104 29.14 -27.25 25.24
CA ILE A 104 28.61 -27.67 23.95
C ILE A 104 27.09 -27.59 23.96
N VAL A 105 26.51 -27.08 22.88
CA VAL A 105 25.06 -27.00 22.76
C VAL A 105 24.59 -27.76 21.53
N ALA A 106 23.84 -28.84 21.77
CA ALA A 106 23.33 -29.69 20.69
C ALA A 106 21.81 -29.70 20.72
N CYS A 107 21.20 -29.51 19.57
CA CYS A 107 19.76 -29.31 19.52
C CYS A 107 19.03 -30.43 18.79
N ALA A 108 17.78 -30.67 19.22
CA ALA A 108 16.89 -31.63 18.59
C ALA A 108 15.65 -30.89 18.12
N PRO A 109 15.70 -30.29 16.92
CA PRO A 109 14.61 -29.42 16.47
C PRO A 109 13.26 -30.12 16.38
N TRP A 110 13.24 -31.43 16.25
CA TRP A 110 11.99 -32.14 15.99
C TRP A 110 11.53 -33.00 17.15
N GLN A 111 12.09 -32.74 18.33
CA GLN A 111 11.57 -33.33 19.55
C GLN A 111 10.14 -32.86 19.71
N HIS A 112 9.25 -33.79 20.00
CA HIS A 112 7.84 -33.48 20.16
C HIS A 112 7.44 -33.34 21.61
N TRP A 113 6.26 -32.77 21.82
CA TRP A 113 5.81 -32.37 23.13
C TRP A 113 4.30 -32.43 23.17
N ASN A 114 3.74 -32.72 24.34
CA ASN A 114 2.29 -32.68 24.50
C ASN A 114 1.90 -32.59 25.97
N VAL A 115 0.77 -31.96 26.22
CA VAL A 115 0.22 -31.88 27.57
C VAL A 115 -1.20 -32.40 27.53
N LEU A 116 -1.52 -33.30 28.46
CA LEU A 116 -2.86 -33.86 28.54
C LEU A 116 -3.57 -33.37 29.78
N GLU A 117 -4.88 -33.17 29.65
CA GLU A 117 -5.71 -32.75 30.76
C GLU A 117 -7.11 -33.28 30.52
N LYS A 118 -7.48 -34.34 31.23
CA LYS A 118 -8.76 -34.99 31.02
C LYS A 118 -8.85 -35.49 29.59
N THR A 119 -9.81 -34.97 28.83
CA THR A 119 -9.99 -35.37 27.44
C THR A 119 -9.39 -34.36 26.47
N GLU A 120 -8.79 -33.30 27.00
CA GLU A 120 -8.18 -32.27 26.16
C GLU A 120 -6.68 -32.49 26.08
N GLU A 121 -6.02 -31.70 25.23
CA GLU A 121 -4.58 -31.78 25.06
C GLU A 121 -4.08 -30.53 24.35
N ALA A 122 -2.78 -30.25 24.49
CA ALA A 122 -2.16 -29.15 23.78
C ALA A 122 -1.90 -29.49 22.31
N GLU A 123 -1.89 -30.78 22.01
CA GLU A 123 -1.47 -31.33 20.71
C GLU A 123 0.01 -31.70 20.73
N LYS A 124 0.32 -32.84 20.12
CA LYS A 124 1.67 -33.35 20.06
C LYS A 124 2.40 -32.66 18.92
N THR A 125 3.35 -31.80 19.26
CA THR A 125 3.97 -30.94 18.26
C THR A 125 5.48 -30.86 18.45
N PRO A 126 6.21 -30.45 17.41
CA PRO A 126 7.68 -30.37 17.46
C PRO A 126 8.18 -29.04 18.02
N VAL A 127 8.17 -28.90 19.34
CA VAL A 127 8.65 -27.66 19.97
C VAL A 127 10.15 -27.54 19.84
N GLY A 128 10.82 -28.69 19.66
CA GLY A 128 12.27 -28.70 19.60
C GLY A 128 12.84 -28.59 20.99
N SER A 129 14.14 -28.83 21.13
CA SER A 129 14.79 -28.75 22.43
C SER A 129 16.29 -28.79 22.27
N CYS A 130 16.98 -28.11 23.16
CA CYS A 130 18.44 -28.08 23.14
C CYS A 130 19.02 -28.74 24.37
N PHE A 131 20.13 -29.44 24.18
CA PHE A 131 20.85 -30.10 25.26
C PHE A 131 22.21 -29.44 25.44
N LEU A 132 22.58 -29.16 26.67
CA LEU A 132 23.84 -28.49 26.96
C LEU A 132 24.73 -29.38 27.80
N ALA A 133 26.01 -29.39 27.46
CA ALA A 133 26.98 -30.22 28.18
C ALA A 133 28.25 -29.46 28.49
N GLN A 134 28.81 -29.72 29.65
CA GLN A 134 30.14 -29.27 30.00
C GLN A 134 30.97 -30.53 30.14
N PRO A 135 31.58 -30.99 29.04
CA PRO A 135 32.23 -32.30 28.92
C PRO A 135 33.22 -32.61 30.06
N GLU A 136 34.00 -31.62 30.47
CA GLU A 136 35.04 -31.85 31.47
C GLU A 136 34.50 -32.08 32.87
N SER A 137 33.26 -31.67 33.12
CA SER A 137 32.68 -31.77 34.46
C SER A 137 31.47 -32.71 34.49
N GLY A 138 30.98 -33.08 33.32
CA GLY A 138 29.84 -33.97 33.23
C GLY A 138 28.51 -33.29 33.46
N ARG A 139 28.52 -31.98 33.66
CA ARG A 139 27.28 -31.23 33.86
C ARG A 139 26.37 -31.35 32.64
N ARG A 140 25.06 -31.34 32.89
CA ARG A 140 24.09 -31.39 31.80
C ARG A 140 22.94 -30.42 32.09
N ALA A 141 22.40 -29.84 31.04
CA ALA A 141 21.23 -28.99 31.17
C ALA A 141 20.46 -29.02 29.87
N GLU A 142 19.21 -28.54 29.91
CA GLU A 142 18.40 -28.47 28.71
C GLU A 142 17.76 -27.09 28.62
N TYR A 143 17.30 -26.76 27.42
CA TYR A 143 16.61 -25.50 27.21
C TYR A 143 15.56 -25.77 26.15
N SER A 144 14.30 -25.55 26.50
CA SER A 144 13.20 -25.82 25.59
C SER A 144 12.15 -24.72 25.75
N PRO A 145 12.44 -23.53 25.19
CA PRO A 145 11.66 -22.31 25.44
C PRO A 145 10.28 -22.26 24.82
N CYS A 146 9.94 -23.22 23.95
CA CYS A 146 8.64 -23.21 23.29
C CYS A 146 7.64 -24.15 23.96
N ARG A 147 8.11 -25.00 24.86
CA ARG A 147 7.20 -25.84 25.63
C ARG A 147 6.19 -24.95 26.35
N GLY A 148 4.91 -25.34 26.29
CA GLY A 148 3.85 -24.63 26.96
C GLY A 148 2.87 -25.61 27.57
N ASN A 149 1.90 -25.10 28.33
CA ASN A 149 0.91 -25.97 28.96
C ASN A 149 -0.51 -25.50 28.70
N THR A 150 -0.70 -24.81 27.57
CA THR A 150 -2.02 -24.38 27.13
C THR A 150 -2.69 -25.44 26.26
N LEU A 151 -4.01 -25.58 26.42
CA LEU A 151 -4.76 -26.58 25.67
C LEU A 151 -5.22 -26.02 24.31
N SER A 152 -5.54 -26.91 23.39
CA SER A 152 -5.90 -26.55 22.02
C SER A 152 -6.96 -25.48 21.94
N ARG A 153 -8.08 -25.72 22.63
CA ARG A 153 -9.23 -24.84 22.62
C ARG A 153 -8.81 -23.37 22.79
N ILE A 154 -7.82 -23.14 23.64
CA ILE A 154 -7.41 -21.77 23.94
C ILE A 154 -6.76 -21.12 22.74
N TYR A 155 -5.91 -21.85 22.04
CA TYR A 155 -5.23 -21.32 20.87
C TYR A 155 -6.26 -20.96 19.79
N VAL A 156 -7.24 -21.85 19.60
CA VAL A 156 -8.31 -21.63 18.63
C VAL A 156 -9.14 -20.39 18.96
N GLU A 157 -9.48 -20.21 20.23
CA GLU A 157 -10.26 -19.05 20.65
C GLU A 157 -9.48 -17.75 20.51
N ASN A 158 -8.16 -17.83 20.70
CA ASN A 158 -7.33 -16.64 20.58
C ASN A 158 -6.75 -16.48 19.18
N ASP A 159 -7.25 -17.27 18.24
CA ASP A 159 -6.91 -17.08 16.84
C ASP A 159 -5.43 -17.39 16.58
N PHE A 160 -4.89 -18.30 17.39
CA PHE A 160 -3.56 -18.87 17.15
C PHE A 160 -2.45 -17.86 17.32
N SER A 161 -2.64 -16.91 18.22
CA SER A 161 -1.60 -15.95 18.51
C SER A 161 -0.66 -16.53 19.56
N TRP A 162 0.61 -16.15 19.49
CA TRP A 162 1.63 -16.63 20.41
C TRP A 162 1.62 -18.15 20.50
N ASP A 163 1.48 -18.78 19.34
CA ASP A 163 1.47 -20.23 19.23
C ASP A 163 2.88 -20.75 18.96
N LYS A 164 3.57 -21.18 20.01
CA LYS A 164 4.94 -21.66 19.87
C LYS A 164 5.01 -23.18 19.79
N ARG A 165 3.90 -23.82 19.43
CA ARG A 165 3.83 -25.28 19.44
C ARG A 165 4.68 -25.97 18.36
N TYR A 166 4.99 -25.27 17.26
CA TYR A 166 5.76 -25.86 16.16
C TYR A 166 7.11 -25.17 15.99
N CYS A 167 7.59 -24.53 17.06
CA CYS A 167 8.85 -23.79 17.02
C CYS A 167 9.96 -24.50 16.28
N GLU A 168 10.24 -25.74 16.68
CA GLU A 168 11.47 -26.42 16.28
C GLU A 168 12.71 -25.66 16.77
N ALA A 169 12.69 -25.27 18.04
CA ALA A 169 13.83 -24.58 18.65
C ALA A 169 15.13 -25.33 18.45
N GLY A 170 16.14 -24.63 17.97
CA GLY A 170 17.46 -25.21 17.78
C GLY A 170 17.68 -25.61 16.35
N PHE A 171 16.69 -25.35 15.50
CA PHE A 171 16.83 -25.53 14.07
C PHE A 171 18.17 -24.89 13.64
N SER A 172 18.40 -23.65 14.09
CA SER A 172 19.72 -23.05 14.00
C SER A 172 20.08 -22.50 15.36
N SER A 173 21.35 -22.17 15.55
CA SER A 173 21.82 -21.70 16.86
C SER A 173 23.15 -20.97 16.76
N VAL A 174 23.40 -20.12 17.74
CA VAL A 174 24.62 -19.34 17.80
C VAL A 174 24.75 -18.84 19.23
N VAL A 175 25.97 -18.52 19.66
CA VAL A 175 26.20 -17.99 21.00
C VAL A 175 27.00 -16.69 20.93
N THR A 176 26.56 -15.66 21.65
CA THR A 176 27.27 -14.39 21.66
C THR A 176 28.56 -14.54 22.46
N GLN A 177 29.52 -13.65 22.25
CA GLN A 177 30.79 -13.74 22.97
C GLN A 177 30.54 -13.78 24.48
N ALA A 178 29.54 -13.02 24.92
CA ALA A 178 29.21 -12.93 26.34
C ALA A 178 28.56 -14.22 26.87
N GLY A 179 28.23 -15.14 25.97
CA GLY A 179 27.68 -16.42 26.39
C GLY A 179 26.16 -16.44 26.42
N GLU A 180 25.52 -15.67 25.55
CA GLU A 180 24.09 -15.77 25.37
C GLU A 180 23.80 -16.72 24.23
N LEU A 181 22.97 -17.72 24.51
CA LEU A 181 22.56 -18.68 23.49
C LEU A 181 21.37 -18.12 22.73
N VAL A 182 21.46 -18.14 21.41
CA VAL A 182 20.37 -17.64 20.57
C VAL A 182 19.89 -18.75 19.65
N LEU A 183 18.65 -19.19 19.86
CA LEU A 183 18.10 -20.29 19.07
C LEU A 183 17.20 -19.77 17.95
N GLY A 184 17.37 -20.32 16.76
CA GLY A 184 16.44 -20.07 15.67
C GLY A 184 15.29 -21.06 15.79
N ALA A 185 14.07 -20.60 15.53
CA ALA A 185 12.90 -21.48 15.64
C ALA A 185 11.94 -21.18 14.49
N PRO A 186 12.25 -21.71 13.30
CA PRO A 186 11.57 -21.30 12.07
C PRO A 186 10.07 -21.54 12.07
N GLY A 187 9.59 -22.40 12.96
CA GLY A 187 8.17 -22.75 12.99
C GLY A 187 7.39 -21.99 14.04
N GLY A 188 8.06 -21.10 14.77
CA GLY A 188 7.42 -20.37 15.85
C GLY A 188 6.28 -19.49 15.37
N TYR A 189 5.31 -19.27 16.26
CA TYR A 189 4.18 -18.39 15.96
C TYR A 189 3.52 -18.78 14.65
N TYR A 190 3.01 -20.00 14.60
CA TYR A 190 2.40 -20.55 13.40
C TYR A 190 3.22 -20.29 12.15
N PHE A 191 4.48 -20.70 12.20
CA PHE A 191 5.37 -20.71 11.04
C PHE A 191 5.82 -19.34 10.54
N LEU A 192 5.79 -18.34 11.41
CA LEU A 192 6.46 -17.07 11.14
C LEU A 192 7.93 -17.23 11.45
N GLY A 193 8.21 -17.91 12.57
CA GLY A 193 9.56 -18.07 13.04
C GLY A 193 9.82 -17.08 14.16
N LEU A 194 10.54 -17.53 15.18
CA LEU A 194 10.89 -16.68 16.30
C LEU A 194 12.30 -17.00 16.74
N LEU A 195 12.83 -16.15 17.61
CA LEU A 195 14.17 -16.30 18.15
C LEU A 195 14.07 -16.37 19.66
N ALA A 196 14.78 -17.32 20.25
CA ALA A 196 14.79 -17.46 21.70
C ALA A 196 16.21 -17.28 22.21
N GLN A 197 16.39 -16.39 23.18
CA GLN A 197 17.72 -16.10 23.71
C GLN A 197 17.74 -16.24 25.22
N ALA A 198 18.84 -16.77 25.75
CA ALA A 198 19.03 -16.84 27.20
C ALA A 198 20.50 -17.12 27.53
N PRO A 199 21.01 -16.51 28.62
CA PRO A 199 22.40 -16.73 29.05
C PRO A 199 22.66 -18.19 29.38
N VAL A 200 23.76 -18.75 28.88
CA VAL A 200 24.09 -20.14 29.16
C VAL A 200 24.14 -20.39 30.66
N ALA A 201 24.74 -19.46 31.40
CA ALA A 201 24.86 -19.61 32.85
C ALA A 201 23.49 -19.80 33.49
N ASP A 202 22.51 -19.06 33.00
CA ASP A 202 21.16 -19.09 33.57
C ASP A 202 20.39 -20.34 33.17
N ILE A 203 20.68 -20.87 31.99
CA ILE A 203 20.07 -22.12 31.55
C ILE A 203 20.51 -23.25 32.50
N PHE A 204 21.81 -23.30 32.78
CA PHE A 204 22.33 -24.32 33.68
C PHE A 204 21.76 -24.21 35.09
N SER A 205 21.79 -23.02 35.65
CA SER A 205 21.44 -22.84 37.06
C SER A 205 19.94 -22.94 37.33
N SER A 206 19.12 -22.86 36.29
CA SER A 206 17.67 -22.92 36.48
C SER A 206 17.09 -24.28 36.10
N TYR A 207 17.91 -25.13 35.49
CA TYR A 207 17.46 -26.44 35.04
C TYR A 207 17.59 -27.53 36.11
N ARG A 208 16.56 -28.36 36.22
CA ARG A 208 16.61 -29.59 37.01
C ARG A 208 15.92 -30.70 36.22
N PRO A 209 16.46 -31.92 36.28
CA PRO A 209 15.85 -33.02 35.52
C PRO A 209 14.47 -33.38 36.04
N GLY A 210 13.54 -33.65 35.13
CA GLY A 210 12.21 -34.12 35.51
C GLY A 210 11.18 -33.03 35.73
N ILE A 211 11.57 -31.76 35.61
CA ILE A 211 10.62 -30.67 35.79
C ILE A 211 9.84 -30.43 34.50
N LEU A 212 10.56 -30.32 33.39
CA LEU A 212 9.95 -30.23 32.05
C LEU A 212 9.46 -28.82 31.69
N LEU A 213 8.69 -28.20 32.58
CA LEU A 213 8.28 -26.81 32.39
C LEU A 213 8.84 -25.96 33.52
N TRP A 214 9.90 -25.21 33.21
CA TRP A 214 10.52 -24.35 34.20
C TRP A 214 10.82 -22.97 33.61
N HIS A 215 10.93 -21.98 34.48
CA HIS A 215 11.15 -20.60 34.07
C HIS A 215 12.65 -20.26 34.00
N VAL A 216 13.09 -19.80 32.83
CA VAL A 216 14.39 -19.15 32.71
C VAL A 216 14.10 -17.65 32.52
N SER A 217 14.15 -16.89 33.61
CA SER A 217 13.57 -15.54 33.63
C SER A 217 14.39 -14.52 32.83
N SER A 218 15.68 -14.76 32.68
CA SER A 218 16.54 -13.87 31.93
C SER A 218 16.41 -14.11 30.43
N GLN A 219 15.46 -14.95 30.04
CA GLN A 219 15.29 -15.29 28.62
C GLN A 219 14.48 -14.22 27.91
N SER A 220 14.52 -14.26 26.58
CA SER A 220 13.95 -13.21 25.75
C SER A 220 13.58 -13.76 24.38
N LEU A 221 12.29 -13.78 24.08
CA LEU A 221 11.82 -14.28 22.78
C LEU A 221 11.41 -13.14 21.85
N SER A 222 11.40 -13.41 20.55
CA SER A 222 10.94 -12.43 19.58
C SER A 222 9.42 -12.44 19.54
N PHE A 223 8.84 -11.66 18.62
CA PHE A 223 7.42 -11.34 18.70
C PHE A 223 6.58 -11.90 17.56
N ASP A 224 5.30 -12.11 17.85
CA ASP A 224 4.32 -12.55 16.85
C ASP A 224 4.01 -11.38 15.92
N SER A 225 3.18 -11.62 14.91
CA SER A 225 2.86 -10.58 13.94
C SER A 225 1.59 -10.88 13.16
N SER A 226 0.87 -9.83 12.79
CA SER A 226 -0.32 -9.97 11.96
C SER A 226 0.00 -9.64 10.51
N ASN A 227 1.25 -9.26 10.24
CA ASN A 227 1.67 -8.88 8.90
C ASN A 227 1.89 -10.10 8.00
N PRO A 228 1.07 -10.23 6.93
CA PRO A 228 1.15 -11.42 6.06
C PRO A 228 2.53 -11.59 5.40
N GLU A 229 3.28 -10.50 5.23
CA GLU A 229 4.63 -10.59 4.68
C GLU A 229 5.49 -11.60 5.43
N TYR A 230 5.13 -11.87 6.68
CA TYR A 230 5.93 -12.75 7.54
C TYR A 230 5.40 -14.18 7.59
N PHE A 231 4.18 -14.40 7.11
CA PHE A 231 3.57 -15.73 7.20
C PHE A 231 4.38 -16.77 6.43
N ASP A 232 4.68 -17.88 7.11
CA ASP A 232 5.44 -18.97 6.53
C ASP A 232 6.81 -18.51 6.04
N GLY A 233 7.39 -17.51 6.72
CA GLY A 233 8.67 -16.95 6.32
C GLY A 233 9.88 -17.65 6.93
N TYR A 234 9.63 -18.55 7.88
CA TYR A 234 10.68 -19.33 8.55
C TYR A 234 11.83 -18.45 9.05
N TRP A 235 11.44 -17.34 9.67
CA TRP A 235 12.37 -16.46 10.37
C TRP A 235 13.11 -17.28 11.42
N GLY A 236 14.41 -17.47 11.24
CA GLY A 236 15.20 -18.26 12.17
C GLY A 236 15.77 -19.53 11.53
N TYR A 237 15.48 -19.71 10.25
CA TYR A 237 16.02 -20.83 9.51
C TYR A 237 17.54 -20.85 9.66
N SER A 238 18.13 -19.66 9.64
CA SER A 238 19.56 -19.49 9.92
C SER A 238 19.75 -18.31 10.86
N VAL A 239 20.84 -18.32 11.63
CA VAL A 239 21.12 -17.22 12.56
CA VAL A 239 21.13 -17.22 12.56
C VAL A 239 22.62 -16.98 12.70
N ALA A 240 22.98 -15.75 13.08
CA ALA A 240 24.37 -15.36 13.30
C ALA A 240 24.38 -14.11 14.15
N VAL A 241 25.56 -13.71 14.61
CA VAL A 241 25.70 -12.48 15.39
C VAL A 241 26.87 -11.63 14.90
N GLY A 242 26.86 -10.35 15.28
CA GLY A 242 27.93 -9.46 14.91
C GLY A 242 27.73 -8.04 15.41
N GLU A 243 28.60 -7.14 14.96
CA GLU A 243 28.56 -5.74 15.38
C GLU A 243 28.19 -4.89 14.19
N PHE A 244 27.05 -4.24 14.27
CA PHE A 244 26.52 -3.54 13.11
C PHE A 244 25.94 -2.17 13.44
N ASP A 245 26.02 -1.77 14.71
CA ASP A 245 25.45 -0.49 15.12
C ASP A 245 26.48 0.46 15.73
N GLY A 246 27.75 0.07 15.71
CA GLY A 246 28.83 0.95 16.18
C GLY A 246 29.07 0.91 17.67
N ASP A 247 28.07 0.48 18.44
CA ASP A 247 28.18 0.43 19.89
C ASP A 247 28.66 -0.95 20.34
N LEU A 248 29.87 -1.01 20.88
CA LEU A 248 30.50 -2.29 21.22
C LEU A 248 29.85 -2.98 22.41
N ASN A 249 28.99 -2.27 23.14
CA ASN A 249 28.32 -2.86 24.28
C ASN A 249 27.12 -3.71 23.85
N THR A 250 26.46 -3.27 22.78
CA THR A 250 25.31 -3.99 22.24
C THR A 250 25.75 -5.04 21.23
N THR A 251 25.09 -6.20 21.25
CA THR A 251 25.31 -7.20 20.22
C THR A 251 24.09 -7.28 19.31
N GLU A 252 24.35 -7.38 18.01
CA GLU A 252 23.28 -7.43 17.01
C GLU A 252 23.08 -8.84 16.46
N TYR A 253 21.84 -9.17 16.11
CA TYR A 253 21.53 -10.49 15.57
C TYR A 253 21.28 -10.42 14.07
N VAL A 254 21.67 -11.47 13.37
CA VAL A 254 21.40 -11.60 11.95
C VAL A 254 20.57 -12.86 11.74
N VAL A 255 19.37 -12.70 11.20
CA VAL A 255 18.40 -13.79 11.11
C VAL A 255 18.00 -14.05 9.66
N GLY A 256 18.06 -15.30 9.25
CA GLY A 256 17.65 -15.68 7.90
C GLY A 256 16.18 -16.06 7.89
N ALA A 257 15.47 -15.57 6.89
CA ALA A 257 14.05 -15.88 6.70
C ALA A 257 13.81 -16.15 5.22
N PRO A 258 14.21 -17.34 4.75
CA PRO A 258 14.29 -17.69 3.32
C PRO A 258 12.96 -17.72 2.55
N THR A 259 11.82 -17.74 3.23
CA THR A 259 10.55 -17.73 2.52
C THR A 259 9.72 -16.47 2.84
N TRP A 260 10.34 -15.51 3.49
CA TRP A 260 9.69 -14.24 3.82
C TRP A 260 8.99 -13.63 2.60
N SER A 261 7.84 -13.00 2.84
CA SER A 261 7.06 -12.37 1.78
C SER A 261 6.82 -13.26 0.56
N TRP A 262 6.02 -14.31 0.74
CA TRP A 262 5.65 -15.17 -0.38
C TRP A 262 6.88 -15.71 -1.11
N THR A 263 7.86 -16.19 -0.34
CA THR A 263 9.07 -16.85 -0.84
C THR A 263 10.06 -15.92 -1.56
N LEU A 264 9.90 -14.62 -1.41
CA LEU A 264 10.92 -13.69 -1.89
C LEU A 264 12.20 -13.94 -1.11
N GLY A 265 12.06 -14.15 0.19
CA GLY A 265 13.20 -14.36 1.07
C GLY A 265 13.73 -13.04 1.61
N ALA A 266 14.38 -13.10 2.76
CA ALA A 266 14.96 -11.92 3.36
C ALA A 266 15.92 -12.30 4.48
N VAL A 267 16.81 -11.38 4.85
CA VAL A 267 17.56 -11.50 6.09
C VAL A 267 17.55 -10.16 6.80
N GLU A 268 17.49 -10.20 8.12
CA GLU A 268 17.37 -9.00 8.92
C GLU A 268 18.44 -8.91 9.98
N ILE A 269 18.82 -7.67 10.30
CA ILE A 269 19.73 -7.41 11.40
C ILE A 269 18.95 -6.73 12.52
N LEU A 270 19.12 -7.20 13.75
CA LEU A 270 18.32 -6.74 14.87
C LEU A 270 19.19 -6.40 16.09
N ASP A 271 18.68 -5.54 16.97
CA ASP A 271 19.33 -5.34 18.26
C ASP A 271 18.91 -6.47 19.20
N SER A 272 19.50 -6.49 20.39
CA SER A 272 19.25 -7.58 21.33
C SER A 272 17.81 -7.59 21.82
N TYR A 273 17.06 -6.55 21.49
CA TYR A 273 15.64 -6.50 21.84
C TYR A 273 14.74 -6.83 20.64
N TYR A 274 15.33 -7.38 19.59
CA TYR A 274 14.58 -7.80 18.41
C TYR A 274 13.93 -6.65 17.65
N GLN A 275 14.47 -5.45 17.81
CA GLN A 275 14.03 -4.33 16.98
C GLN A 275 14.85 -4.34 15.69
N ARG A 276 14.18 -4.10 14.57
CA ARG A 276 14.80 -4.26 13.26
C ARG A 276 15.70 -3.08 12.88
N LEU A 277 16.96 -3.37 12.59
CA LEU A 277 17.92 -2.36 12.18
C LEU A 277 18.00 -2.25 10.65
N HIS A 278 18.16 -3.38 9.98
CA HIS A 278 18.11 -3.38 8.52
CA HIS A 278 18.22 -3.44 8.51
C HIS A 278 17.44 -4.64 8.00
N ARG A 279 16.95 -4.56 6.77
CA ARG A 279 16.35 -5.72 6.13
C ARG A 279 16.88 -5.82 4.72
N LEU A 280 17.33 -7.01 4.36
CA LEU A 280 17.82 -7.27 3.01
C LEU A 280 16.86 -8.22 2.33
N ARG A 281 16.29 -7.79 1.21
CA ARG A 281 15.32 -8.59 0.48
C ARG A 281 15.98 -9.49 -0.54
N GLY A 282 15.48 -10.71 -0.65
CA GLY A 282 15.92 -11.62 -1.69
C GLY A 282 15.72 -11.01 -3.07
N GLU A 283 16.38 -11.61 -4.05
CA GLU A 283 16.42 -11.08 -5.41
C GLU A 283 15.43 -11.82 -6.31
N GLN A 284 15.18 -13.07 -5.99
CA GLN A 284 14.37 -13.92 -6.84
C GLN A 284 13.53 -14.87 -5.99
N MET A 285 12.24 -14.95 -6.28
CA MET A 285 11.36 -15.82 -5.52
C MET A 285 11.80 -17.27 -5.58
N ALA A 286 11.77 -17.94 -4.42
CA ALA A 286 12.11 -19.35 -4.30
C ALA A 286 13.62 -19.63 -4.32
N SER A 287 14.43 -18.59 -4.44
CA SER A 287 15.89 -18.76 -4.44
C SER A 287 16.41 -19.15 -3.06
N TYR A 288 15.55 -19.00 -2.05
CA TYR A 288 15.90 -19.32 -0.66
C TYR A 288 17.00 -18.39 -0.12
N PHE A 289 16.90 -17.13 -0.51
CA PHE A 289 17.72 -16.07 0.05
C PHE A 289 17.58 -16.09 1.56
N GLY A 290 18.69 -16.25 2.26
CA GLY A 290 18.68 -16.32 3.71
C GLY A 290 18.83 -17.74 4.22
N HIS A 291 18.95 -18.70 3.31
CA HIS A 291 19.20 -20.09 3.69
C HIS A 291 20.39 -20.14 4.63
N SER A 292 21.43 -19.36 4.30
CA SER A 292 22.62 -19.28 5.15
C SER A 292 23.10 -17.84 5.26
N VAL A 293 23.67 -17.50 6.41
CA VAL A 293 24.18 -16.17 6.66
C VAL A 293 25.52 -16.27 7.38
N ALA A 294 26.46 -15.40 7.03
CA ALA A 294 27.80 -15.43 7.61
C ALA A 294 28.24 -14.01 7.96
N VAL A 295 28.91 -13.87 9.09
CA VAL A 295 29.40 -12.57 9.52
C VAL A 295 30.91 -12.59 9.71
N THR A 296 31.60 -11.66 9.06
CA THR A 296 33.04 -11.52 9.17
C THR A 296 33.50 -10.27 8.41
N ASP A 297 34.57 -9.64 8.87
CA ASP A 297 35.13 -8.48 8.18
C ASP A 297 36.10 -8.91 7.10
N VAL A 298 35.75 -8.70 5.85
CA VAL A 298 36.54 -9.22 4.73
C VAL A 298 37.49 -8.20 4.09
N ASN A 299 37.25 -6.91 4.33
CA ASN A 299 38.11 -5.88 3.72
C ASN A 299 38.95 -5.13 4.75
N GLY A 300 39.18 -5.78 5.89
CA GLY A 300 40.13 -5.28 6.88
C GLY A 300 39.95 -3.85 7.33
N ASP A 301 38.70 -3.41 7.47
CA ASP A 301 38.45 -2.08 8.02
C ASP A 301 37.86 -2.19 9.42
N GLY A 302 37.85 -3.41 9.95
CA GLY A 302 37.38 -3.63 11.31
C GLY A 302 35.86 -3.62 11.44
N ARG A 303 35.16 -3.41 10.34
CA ARG A 303 33.70 -3.43 10.36
C ARG A 303 33.16 -4.72 9.75
N HIS A 304 32.40 -5.47 10.55
CA HIS A 304 31.81 -6.72 10.12
C HIS A 304 31.05 -6.57 8.82
N ASP A 305 31.18 -7.56 7.95
CA ASP A 305 30.46 -7.56 6.70
C ASP A 305 29.51 -8.75 6.71
N LEU A 306 28.48 -8.68 5.88
CA LEU A 306 27.46 -9.71 5.86
C LEU A 306 27.50 -10.47 4.55
N LEU A 307 27.34 -11.80 4.64
CA LEU A 307 27.16 -12.64 3.46
C LEU A 307 25.88 -13.46 3.57
N VAL A 308 25.19 -13.56 2.45
CA VAL A 308 23.92 -14.26 2.40
C VAL A 308 23.94 -15.21 1.22
N GLY A 309 23.54 -16.46 1.46
CA GLY A 309 23.48 -17.46 0.42
C GLY A 309 22.05 -17.69 -0.04
N ALA A 310 21.86 -17.83 -1.35
CA ALA A 310 20.58 -18.16 -1.96
C ALA A 310 20.77 -19.32 -2.91
N PRO A 311 20.92 -20.54 -2.35
CA PRO A 311 21.39 -21.74 -3.06
C PRO A 311 20.51 -22.21 -4.23
N LEU A 312 19.31 -21.66 -4.40
CA LEU A 312 18.45 -22.04 -5.52
C LEU A 312 18.23 -20.87 -6.49
N TYR A 313 19.10 -19.86 -6.43
CA TYR A 313 19.00 -18.74 -7.36
C TYR A 313 19.17 -19.23 -8.78
N MET A 314 18.29 -18.83 -9.68
CA MET A 314 18.36 -19.23 -11.08
C MET A 314 19.00 -18.13 -11.91
N GLU A 315 20.17 -18.44 -12.45
CA GLU A 315 20.94 -17.50 -13.25
C GLU A 315 20.36 -17.39 -14.65
N SER A 316 20.36 -16.19 -15.22
CA SER A 316 19.82 -16.00 -16.56
CA SER A 316 19.83 -15.99 -16.56
C SER A 316 20.84 -16.39 -17.61
N ARG A 317 20.38 -17.11 -18.64
CA ARG A 317 21.26 -17.60 -19.69
C ARG A 317 20.67 -17.40 -21.09
N ALA A 318 21.51 -17.64 -22.08
CA ALA A 318 21.15 -17.41 -23.48
C ALA A 318 19.76 -17.93 -23.81
N ASP A 319 19.02 -17.13 -24.56
CA ASP A 319 17.73 -17.54 -25.11
C ASP A 319 16.66 -17.61 -24.03
N ARG A 320 16.66 -16.63 -23.12
CA ARG A 320 15.60 -16.50 -22.14
C ARG A 320 15.45 -17.75 -21.29
N LYS A 321 16.56 -18.38 -20.95
CA LYS A 321 16.52 -19.57 -20.11
C LYS A 321 17.22 -19.35 -18.77
N LEU A 322 16.68 -19.98 -17.74
CA LEU A 322 17.18 -19.84 -16.38
C LEU A 322 17.82 -21.15 -15.96
N ALA A 323 18.87 -21.06 -15.14
CA ALA A 323 19.58 -22.24 -14.70
C ALA A 323 19.88 -22.14 -13.21
N GLU A 324 19.28 -23.03 -12.43
CA GLU A 324 19.50 -23.06 -11.00
C GLU A 324 20.95 -23.42 -10.68
N VAL A 325 21.64 -22.51 -9.99
CA VAL A 325 23.05 -22.69 -9.67
C VAL A 325 23.44 -22.15 -8.28
N GLY A 326 22.59 -21.30 -7.71
CA GLY A 326 22.86 -20.74 -6.39
C GLY A 326 23.71 -19.49 -6.46
N ARG A 327 23.55 -18.62 -5.48
CA ARG A 327 24.25 -17.33 -5.49
C ARG A 327 24.58 -16.87 -4.07
N VAL A 328 25.65 -16.08 -3.94
CA VAL A 328 26.03 -15.49 -2.65
C VAL A 328 26.16 -13.97 -2.80
N TYR A 329 25.72 -13.25 -1.78
CA TYR A 329 25.72 -11.79 -1.81
C TYR A 329 26.64 -11.24 -0.72
N LEU A 330 27.43 -10.23 -1.06
CA LEU A 330 28.29 -9.60 -0.07
C LEU A 330 27.84 -8.18 0.20
N PHE A 331 27.63 -7.86 1.47
CA PHE A 331 27.32 -6.50 1.88
C PHE A 331 28.39 -6.00 2.83
N LEU A 332 29.13 -4.97 2.40
CA LEU A 332 30.15 -4.36 3.26
C LEU A 332 29.50 -3.31 4.15
N GLN A 333 29.84 -3.35 5.44
CA GLN A 333 29.29 -2.39 6.40
C GLN A 333 29.95 -1.02 6.21
N PRO A 334 29.14 0.03 6.00
CA PRO A 334 29.64 1.39 5.76
C PRO A 334 30.11 2.05 7.05
N ARG A 335 30.88 3.14 6.93
CA ARG A 335 31.40 3.88 8.09
C ARG A 335 30.30 4.63 8.81
N GLY A 336 30.38 4.64 10.13
CA GLY A 336 29.43 5.39 10.94
C GLY A 336 27.99 4.98 10.70
N PRO A 337 27.04 5.71 11.31
CA PRO A 337 25.62 5.39 11.24
C PRO A 337 25.06 5.46 9.83
N HIS A 338 25.07 4.33 9.13
CA HIS A 338 24.54 4.26 7.77
C HIS A 338 24.01 2.87 7.50
N ALA A 339 23.08 2.78 6.55
CA ALA A 339 22.44 1.51 6.22
C ALA A 339 23.16 0.80 5.09
N LEU A 340 23.30 -0.52 5.22
CA LEU A 340 23.84 -1.34 4.14
C LEU A 340 23.05 -1.03 2.88
N GLY A 341 23.71 -1.15 1.73
CA GLY A 341 23.07 -0.80 0.48
C GLY A 341 22.94 -1.99 -0.46
N ALA A 342 23.09 -1.72 -1.74
CA ALA A 342 23.17 -2.78 -2.73
C ALA A 342 24.36 -3.65 -2.36
N PRO A 343 24.30 -4.93 -2.72
CA PRO A 343 25.47 -5.76 -2.43
C PRO A 343 26.71 -5.23 -3.16
N SER A 344 27.88 -5.47 -2.58
CA SER A 344 29.13 -5.00 -3.17
C SER A 344 29.61 -6.02 -4.19
N LEU A 345 29.21 -7.27 -4.00
CA LEU A 345 29.68 -8.35 -4.84
C LEU A 345 28.63 -9.44 -4.96
N LEU A 346 28.53 -10.04 -6.15
CA LEU A 346 27.69 -11.20 -6.37
C LEU A 346 28.52 -12.38 -6.82
N LEU A 347 28.45 -13.48 -6.08
CA LEU A 347 29.09 -14.72 -6.51
C LEU A 347 28.02 -15.70 -6.96
N THR A 348 28.14 -16.19 -8.18
CA THR A 348 27.13 -17.10 -8.74
C THR A 348 27.73 -18.44 -9.06
N GLY A 349 26.97 -19.50 -8.78
CA GLY A 349 27.40 -20.86 -9.04
C GLY A 349 27.54 -21.16 -10.52
N THR A 350 28.08 -22.34 -10.83
CA THR A 350 28.31 -22.73 -12.23
CA THR A 350 28.32 -22.73 -12.22
C THR A 350 27.63 -24.05 -12.56
N GLN A 351 27.71 -25.01 -11.63
CA GLN A 351 27.13 -26.32 -11.84
C GLN A 351 25.62 -26.29 -11.60
N LEU A 352 24.87 -26.80 -12.57
CA LEU A 352 23.42 -26.84 -12.47
C LEU A 352 22.99 -27.70 -11.27
N TYR A 353 22.06 -27.19 -10.47
CA TYR A 353 21.54 -27.90 -9.31
C TYR A 353 22.61 -28.07 -8.23
N GLY A 354 23.69 -27.32 -8.33
CA GLY A 354 24.81 -27.48 -7.42
C GLY A 354 24.59 -26.86 -6.05
N ARG A 355 23.70 -25.87 -5.98
CA ARG A 355 23.38 -25.21 -4.72
C ARG A 355 24.56 -24.45 -4.12
N PHE A 356 25.25 -23.68 -4.96
CA PHE A 356 26.29 -22.78 -4.50
C PHE A 356 25.63 -21.82 -3.49
N GLY A 357 26.24 -21.71 -2.31
CA GLY A 357 25.75 -20.79 -1.29
C GLY A 357 24.94 -21.48 -0.20
N SER A 358 24.98 -22.81 -0.21
CA SER A 358 24.19 -23.57 0.75
C SER A 358 24.77 -23.38 2.15
N ALA A 359 26.09 -23.23 2.23
CA ALA A 359 26.78 -22.93 3.48
C ALA A 359 27.88 -21.91 3.21
N ILE A 360 28.11 -21.03 4.17
CA ILE A 360 29.15 -20.02 4.06
C ILE A 360 29.91 -19.96 5.37
N ALA A 361 31.23 -20.11 5.30
CA ALA A 361 32.05 -20.17 6.51
C ALA A 361 33.19 -19.16 6.46
N PRO A 362 33.23 -18.26 7.45
CA PRO A 362 34.41 -17.43 7.69
C PRO A 362 35.62 -18.33 7.95
N LEU A 363 36.75 -18.05 7.32
CA LEU A 363 37.96 -18.85 7.55
C LEU A 363 38.96 -18.11 8.43
N GLY A 364 38.63 -16.89 8.82
CA GLY A 364 39.64 -16.00 9.35
C GLY A 364 40.56 -15.65 8.20
N ASP A 365 41.82 -15.34 8.50
CA ASP A 365 42.77 -14.98 7.45
C ASP A 365 43.60 -16.20 7.11
N LEU A 366 43.27 -16.84 5.99
CA LEU A 366 43.86 -18.12 5.61
C LEU A 366 45.31 -17.99 5.15
N ASP A 367 45.58 -17.03 4.28
CA ASP A 367 46.92 -16.83 3.73
C ASP A 367 47.71 -15.76 4.47
N ARG A 368 47.19 -15.28 5.59
CA ARG A 368 47.93 -14.39 6.49
C ARG A 368 48.40 -13.11 5.80
N ASP A 369 47.51 -12.49 5.03
CA ASP A 369 47.83 -11.26 4.33
C ASP A 369 47.13 -10.05 4.95
N GLY A 370 46.37 -10.30 6.02
CA GLY A 370 45.71 -9.22 6.73
C GLY A 370 44.25 -9.00 6.35
N TYR A 371 43.70 -9.90 5.54
CA TYR A 371 42.28 -9.84 5.17
C TYR A 371 41.62 -11.19 5.42
N ASN A 372 40.50 -11.18 6.13
CA ASN A 372 39.75 -12.40 6.39
C ASN A 372 39.12 -12.96 5.12
N ASP A 373 38.94 -14.28 5.10
CA ASP A 373 38.50 -14.97 3.89
C ASP A 373 37.29 -15.85 4.19
N ILE A 374 36.69 -16.42 3.14
CA ILE A 374 35.54 -17.27 3.33
C ILE A 374 35.58 -18.53 2.48
N ALA A 375 34.79 -19.50 2.89
CA ALA A 375 34.58 -20.72 2.11
C ALA A 375 33.08 -20.87 1.82
N VAL A 376 32.75 -21.07 0.55
CA VAL A 376 31.37 -21.29 0.13
C VAL A 376 31.20 -22.72 -0.35
N ALA A 377 30.14 -23.39 0.11
CA ALA A 377 29.89 -24.77 -0.30
C ALA A 377 28.87 -24.84 -1.45
N ALA A 378 29.14 -25.73 -2.40
CA ALA A 378 28.17 -26.17 -3.39
C ALA A 378 28.06 -27.69 -3.28
N PRO A 379 27.23 -28.17 -2.34
CA PRO A 379 27.12 -29.57 -1.93
C PRO A 379 26.83 -30.54 -3.09
N TYR A 380 26.31 -30.06 -4.20
CA TYR A 380 26.09 -30.93 -5.35
C TYR A 380 26.76 -30.38 -6.59
N GLY A 381 27.75 -29.52 -6.36
CA GLY A 381 28.43 -28.85 -7.45
C GLY A 381 29.60 -29.67 -7.96
N GLY A 382 30.43 -29.05 -8.78
CA GLY A 382 31.54 -29.71 -9.41
C GLY A 382 31.12 -30.44 -10.67
N PRO A 383 32.05 -30.64 -11.60
CA PRO A 383 31.71 -31.28 -12.88
C PRO A 383 31.07 -32.64 -12.69
N SER A 384 31.33 -33.26 -11.54
CA SER A 384 30.82 -34.60 -11.24
C SER A 384 29.56 -34.54 -10.38
N GLY A 385 29.21 -33.33 -9.94
CA GLY A 385 28.07 -33.14 -9.08
C GLY A 385 28.21 -33.78 -7.70
N ARG A 386 29.44 -34.10 -7.30
CA ARG A 386 29.68 -34.76 -6.02
C ARG A 386 29.78 -33.77 -4.88
N GLY A 387 29.98 -32.50 -5.21
CA GLY A 387 30.12 -31.45 -4.21
C GLY A 387 31.44 -30.72 -4.32
N GLN A 388 31.42 -29.43 -4.02
CA GLN A 388 32.61 -28.60 -4.05
C GLN A 388 32.56 -27.56 -2.95
N VAL A 389 33.74 -27.17 -2.47
CA VAL A 389 33.87 -26.01 -1.57
C VAL A 389 34.86 -25.02 -2.21
N LEU A 390 34.44 -23.77 -2.34
CA LEU A 390 35.27 -22.76 -2.98
C LEU A 390 35.74 -21.71 -1.99
N VAL A 391 37.02 -21.37 -2.05
CA VAL A 391 37.60 -20.38 -1.16
C VAL A 391 37.75 -19.02 -1.84
N PHE A 392 37.32 -17.96 -1.17
CA PHE A 392 37.47 -16.61 -1.68
C PHE A 392 38.26 -15.77 -0.69
N LEU A 393 39.25 -15.07 -1.20
CA LEU A 393 40.14 -14.27 -0.36
C LEU A 393 39.61 -12.84 -0.18
N GLY A 394 39.79 -12.31 1.03
CA GLY A 394 39.44 -10.94 1.31
C GLY A 394 40.40 -10.00 0.63
N GLN A 395 39.98 -8.75 0.48
CA GLN A 395 40.82 -7.70 -0.09
C GLN A 395 40.26 -6.35 0.34
N SER A 396 41.02 -5.29 0.10
CA SER A 396 40.64 -3.97 0.56
C SER A 396 39.27 -3.58 0.02
N GLU A 397 38.93 -4.10 -1.16
CA GLU A 397 37.68 -3.73 -1.82
C GLU A 397 36.54 -4.70 -1.52
N GLY A 398 36.81 -5.77 -0.78
CA GLY A 398 35.80 -6.74 -0.40
C GLY A 398 36.28 -8.19 -0.48
N LEU A 399 35.86 -8.90 -1.53
CA LEU A 399 36.33 -10.25 -1.78
C LEU A 399 36.84 -10.35 -3.22
N ARG A 400 37.71 -11.34 -3.47
CA ARG A 400 38.09 -11.63 -4.84
C ARG A 400 36.89 -12.29 -5.51
N SER A 401 36.62 -11.92 -6.76
CA SER A 401 35.44 -12.46 -7.44
C SER A 401 35.69 -13.87 -7.98
N ARG A 402 36.95 -14.29 -7.96
CA ARG A 402 37.30 -15.65 -8.38
C ARG A 402 37.94 -16.42 -7.22
N PRO A 403 37.59 -17.71 -7.11
CA PRO A 403 38.07 -18.56 -6.01
C PRO A 403 39.57 -18.80 -6.11
N SER A 404 40.26 -18.72 -4.99
CA SER A 404 41.70 -18.96 -4.97
C SER A 404 41.97 -20.46 -4.95
N GLN A 405 40.98 -21.23 -4.54
CA GLN A 405 41.17 -22.66 -4.39
C GLN A 405 39.82 -23.37 -4.39
N VAL A 406 39.79 -24.57 -4.96
CA VAL A 406 38.56 -25.36 -5.00
C VAL A 406 38.84 -26.75 -4.43
N LEU A 407 38.00 -27.16 -3.47
CA LEU A 407 38.14 -28.48 -2.87
C LEU A 407 37.04 -29.38 -3.39
N ASP A 408 37.42 -30.40 -4.16
CA ASP A 408 36.45 -31.35 -4.69
C ASP A 408 36.19 -32.46 -3.66
N SER A 409 34.92 -32.84 -3.52
CA SER A 409 34.52 -33.87 -2.56
C SER A 409 35.32 -35.15 -2.75
N PRO A 410 35.97 -35.61 -1.68
CA PRO A 410 36.66 -36.92 -1.70
C PRO A 410 35.70 -38.09 -1.53
N PHE A 411 34.43 -37.81 -1.26
CA PHE A 411 33.44 -38.85 -1.01
C PHE A 411 32.66 -39.20 -2.26
N PRO A 412 31.83 -40.25 -2.19
CA PRO A 412 31.03 -40.67 -3.35
C PRO A 412 29.83 -39.77 -3.58
N THR A 413 29.18 -39.98 -4.72
CA THR A 413 27.98 -39.24 -5.06
C THR A 413 26.99 -39.28 -3.92
N GLY A 414 26.29 -38.17 -3.70
CA GLY A 414 25.26 -38.11 -2.68
C GLY A 414 25.72 -37.83 -1.26
N SER A 415 27.01 -37.51 -1.06
CA SER A 415 27.55 -37.32 0.28
C SER A 415 27.09 -35.99 0.91
N ALA A 416 26.69 -35.04 0.08
CA ALA A 416 26.34 -33.69 0.53
C ALA A 416 27.54 -32.98 1.14
N PHE A 417 28.71 -33.30 0.60
CA PHE A 417 29.96 -32.64 0.96
C PHE A 417 29.82 -31.14 0.92
N GLY A 418 30.05 -30.48 2.06
CA GLY A 418 29.98 -29.03 2.13
C GLY A 418 28.70 -28.50 2.74
N PHE A 419 27.77 -29.40 3.03
CA PHE A 419 26.48 -29.02 3.58
C PHE A 419 26.66 -28.30 4.90
N SER A 420 27.63 -28.75 5.69
CA SER A 420 28.07 -28.02 6.89
C SER A 420 29.54 -27.68 6.74
N LEU A 421 29.92 -26.50 7.24
CA LEU A 421 31.30 -26.00 7.13
C LEU A 421 31.69 -25.24 8.39
N ARG A 422 32.96 -25.24 8.72
CA ARG A 422 33.44 -24.43 9.82
C ARG A 422 34.94 -24.20 9.70
N GLY A 423 35.34 -22.94 9.85
CA GLY A 423 36.74 -22.57 9.74
C GLY A 423 37.16 -21.63 10.85
N ALA A 424 38.27 -20.93 10.63
CA ALA A 424 38.72 -19.86 11.53
C ALA A 424 39.34 -20.36 12.84
N VAL A 425 39.68 -21.64 12.91
CA VAL A 425 40.33 -22.19 14.08
C VAL A 425 41.55 -23.02 13.68
N ASP A 426 42.64 -22.82 14.41
CA ASP A 426 43.88 -23.54 14.15
C ASP A 426 43.85 -24.81 14.99
N ILE A 427 43.53 -25.94 14.37
CA ILE A 427 43.31 -27.16 15.12
C ILE A 427 44.62 -27.89 15.42
N ASP A 428 45.61 -27.73 14.54
CA ASP A 428 46.89 -28.42 14.69
C ASP A 428 47.97 -27.48 15.22
N ASP A 429 47.60 -26.24 15.48
CA ASP A 429 48.50 -25.27 16.10
C ASP A 429 49.76 -25.00 15.28
N ASN A 430 49.60 -24.84 13.98
CA ASN A 430 50.72 -24.49 13.11
C ASN A 430 50.69 -23.01 12.72
N GLY A 431 49.75 -22.26 13.29
CA GLY A 431 49.66 -20.83 13.05
C GLY A 431 48.76 -20.45 11.88
N TYR A 432 48.08 -21.43 11.30
CA TYR A 432 47.17 -21.20 10.18
C TYR A 432 45.79 -21.79 10.49
N PRO A 433 44.73 -21.01 10.28
CA PRO A 433 43.37 -21.45 10.61
C PRO A 433 42.89 -22.53 9.64
N ASP A 434 42.08 -23.47 10.12
CA ASP A 434 41.78 -24.70 9.35
C ASP A 434 40.30 -24.86 9.03
N LEU A 435 39.99 -25.79 8.12
CA LEU A 435 38.61 -25.97 7.66
C LEU A 435 38.11 -27.39 7.91
N ILE A 436 36.93 -27.51 8.50
CA ILE A 436 36.26 -28.81 8.60
C ILE A 436 34.98 -28.82 7.77
N VAL A 437 34.79 -29.91 7.04
CA VAL A 437 33.67 -30.03 6.10
C VAL A 437 32.89 -31.30 6.39
N GLY A 438 31.60 -31.16 6.67
CA GLY A 438 30.74 -32.31 6.88
C GLY A 438 30.19 -32.88 5.59
N ALA A 439 30.09 -34.21 5.54
CA ALA A 439 29.42 -34.89 4.44
C ALA A 439 28.43 -35.88 5.03
N TYR A 440 27.33 -35.35 5.58
CA TYR A 440 26.41 -36.18 6.37
C TYR A 440 25.92 -37.37 5.55
N GLY A 441 25.69 -37.18 4.26
CA GLY A 441 25.30 -38.24 3.36
C GLY A 441 26.27 -39.43 3.34
N ALA A 442 27.51 -39.20 3.70
CA ALA A 442 28.50 -40.26 3.77
C ALA A 442 28.89 -40.55 5.22
N ASN A 443 28.22 -39.86 6.15
CA ASN A 443 28.47 -40.05 7.58
C ASN A 443 29.92 -39.78 7.94
N GLN A 444 30.51 -38.76 7.32
CA GLN A 444 31.91 -38.43 7.57
C GLN A 444 32.17 -36.94 7.63
N VAL A 445 33.34 -36.62 8.15
CA VAL A 445 33.82 -35.25 8.21
C VAL A 445 35.24 -35.23 7.69
N ALA A 446 35.58 -34.21 6.92
CA ALA A 446 36.93 -34.03 6.40
C ALA A 446 37.57 -32.81 7.02
N VAL A 447 38.85 -32.93 7.39
CA VAL A 447 39.59 -31.79 7.92
C VAL A 447 40.68 -31.37 6.94
N TYR A 448 40.66 -30.10 6.53
CA TYR A 448 41.69 -29.54 5.69
C TYR A 448 42.57 -28.65 6.54
N ARG A 449 43.87 -28.94 6.54
CA ARG A 449 44.83 -28.17 7.31
C ARG A 449 45.48 -27.11 6.45
N ALA A 450 45.52 -25.88 6.95
CA ALA A 450 46.13 -24.79 6.20
C ALA A 450 47.66 -24.85 6.37
N GLN A 451 48.37 -24.61 5.28
CA GLN A 451 49.82 -24.72 5.26
C GLN A 451 50.42 -23.41 4.75
N PRO A 452 51.72 -23.21 5.00
CA PRO A 452 52.38 -22.00 4.50
C PRO A 452 52.17 -21.85 3.00
N VAL A 453 52.06 -20.61 2.54
CA VAL A 453 51.80 -20.36 1.13
C VAL A 453 52.96 -20.89 0.28
N VAL A 454 52.63 -21.59 -0.80
CA VAL A 454 53.65 -22.21 -1.64
C VAL A 454 54.27 -21.18 -2.60
N GLY B 1 40.85 -6.78 -63.90
CA GLY B 1 42.13 -6.52 -63.19
C GLY B 1 42.35 -7.47 -62.03
N PRO B 2 43.34 -7.18 -61.17
CA PRO B 2 43.69 -8.04 -60.03
C PRO B 2 42.72 -7.90 -58.87
N ASN B 3 42.03 -8.98 -58.55
CA ASN B 3 41.08 -9.00 -57.44
C ASN B 3 41.75 -9.55 -56.18
N ILE B 4 40.96 -9.70 -55.12
CA ILE B 4 41.48 -10.22 -53.86
C ILE B 4 41.98 -11.65 -54.02
N CYS B 5 41.48 -12.33 -55.04
CA CYS B 5 41.92 -13.69 -55.35
C CYS B 5 43.39 -13.69 -55.77
N THR B 6 43.70 -12.85 -56.75
CA THR B 6 45.07 -12.77 -57.27
C THR B 6 45.99 -12.04 -56.30
N THR B 7 45.51 -10.94 -55.72
CA THR B 7 46.32 -10.13 -54.82
C THR B 7 46.60 -10.84 -53.48
N ARG B 8 46.17 -12.08 -53.37
CA ARG B 8 46.41 -12.87 -52.17
C ARG B 8 47.55 -13.87 -52.37
N GLY B 9 47.85 -14.18 -53.62
CA GLY B 9 48.90 -15.12 -53.95
C GLY B 9 48.73 -16.43 -53.20
N VAL B 10 47.66 -17.15 -53.50
CA VAL B 10 47.39 -18.43 -52.85
C VAL B 10 48.32 -19.50 -53.42
N SER B 11 48.56 -20.55 -52.64
CA SER B 11 49.52 -21.59 -53.01
C SER B 11 48.83 -22.85 -53.53
N SER B 12 47.57 -23.04 -53.18
CA SER B 12 46.84 -24.23 -53.59
C SER B 12 45.39 -23.90 -53.94
N CYS B 13 44.74 -24.85 -54.62
CA CYS B 13 43.34 -24.70 -54.97
C CYS B 13 42.49 -24.55 -53.71
N GLN B 14 42.91 -25.21 -52.64
CA GLN B 14 42.19 -25.16 -51.38
C GLN B 14 42.26 -23.76 -50.78
N GLN B 15 43.47 -23.22 -50.73
CA GLN B 15 43.69 -21.88 -50.18
C GLN B 15 43.05 -20.82 -51.07
N CYS B 16 42.77 -21.18 -52.31
CA CYS B 16 42.14 -20.27 -53.25
C CYS B 16 40.67 -20.06 -52.88
N LEU B 17 40.01 -21.14 -52.47
CA LEU B 17 38.59 -21.09 -52.18
C LEU B 17 38.29 -20.45 -50.82
N ALA B 18 39.30 -20.40 -49.96
CA ALA B 18 39.13 -19.85 -48.62
C ALA B 18 39.36 -18.33 -48.59
N VAL B 19 39.71 -17.76 -49.75
CA VAL B 19 39.92 -16.32 -49.85
C VAL B 19 38.59 -15.59 -49.88
N SER B 20 37.65 -16.14 -50.65
CA SER B 20 36.32 -15.54 -50.79
C SER B 20 35.44 -16.48 -51.61
N PRO B 21 34.14 -16.51 -51.29
CA PRO B 21 33.20 -17.40 -51.99
C PRO B 21 33.16 -17.18 -53.50
N MET B 22 33.64 -16.02 -53.96
CA MET B 22 33.54 -15.66 -55.37
C MET B 22 34.75 -16.14 -56.18
N CYS B 23 35.78 -16.60 -55.49
CA CYS B 23 37.02 -17.03 -56.14
C CYS B 23 36.86 -18.40 -56.76
N ALA B 24 37.58 -18.63 -57.85
CA ALA B 24 37.60 -19.93 -58.51
C ALA B 24 39.04 -20.34 -58.76
N TRP B 25 39.23 -21.59 -59.16
CA TRP B 25 40.58 -22.12 -59.40
C TRP B 25 40.63 -22.91 -60.68
N CYS B 26 41.68 -22.70 -61.47
CA CYS B 26 41.85 -23.42 -62.72
C CYS B 26 42.94 -24.48 -62.59
N SER B 27 42.54 -25.75 -62.73
CA SER B 27 43.48 -26.87 -62.66
C SER B 27 44.01 -27.24 -64.03
N ASP B 28 43.81 -26.35 -65.00
CA ASP B 28 44.17 -26.61 -66.39
C ASP B 28 45.68 -26.72 -66.57
N GLU B 29 46.11 -27.69 -67.35
CA GLU B 29 47.52 -27.85 -67.70
C GLU B 29 47.99 -26.66 -68.53
N ALA B 30 47.39 -26.47 -69.69
CA ALA B 30 47.79 -25.40 -70.60
C ALA B 30 47.36 -24.04 -70.08
N LEU B 31 48.14 -23.48 -69.15
CA LEU B 31 47.86 -22.16 -68.61
C LEU B 31 49.03 -21.24 -68.90
N PRO B 32 48.73 -20.01 -69.37
CA PRO B 32 49.78 -19.08 -69.79
C PRO B 32 50.87 -18.88 -68.75
N LEU B 33 51.99 -18.27 -69.17
CA LEU B 33 53.14 -18.04 -68.30
C LEU B 33 52.70 -17.55 -66.92
N GLY B 34 52.44 -16.26 -66.81
CA GLY B 34 52.06 -15.66 -65.54
C GLY B 34 50.57 -15.40 -65.47
N SER B 35 49.78 -16.47 -65.48
CA SER B 35 48.34 -16.37 -65.31
C SER B 35 47.95 -16.85 -63.91
N PRO B 36 47.22 -16.01 -63.16
CA PRO B 36 46.79 -16.35 -61.80
C PRO B 36 45.69 -17.40 -61.77
N ARG B 37 46.01 -18.60 -61.29
CA ARG B 37 45.04 -19.69 -61.23
C ARG B 37 43.88 -19.38 -60.31
N CYS B 38 44.09 -18.44 -59.38
CA CYS B 38 43.06 -18.03 -58.43
C CYS B 38 42.49 -16.66 -58.83
N ASP B 39 41.35 -16.68 -59.50
CA ASP B 39 40.73 -15.45 -59.99
C ASP B 39 39.24 -15.70 -60.23
N LEU B 40 38.51 -14.65 -60.60
CA LEU B 40 37.10 -14.77 -60.92
C LEU B 40 36.90 -15.81 -62.01
N LYS B 41 35.83 -16.58 -61.91
CA LYS B 41 35.55 -17.63 -62.89
C LYS B 41 35.51 -17.05 -64.30
N GLU B 42 35.17 -15.78 -64.42
CA GLU B 42 35.06 -15.13 -65.72
C GLU B 42 36.45 -14.85 -66.29
N ASN B 43 37.35 -14.42 -65.42
CA ASN B 43 38.72 -14.13 -65.82
C ASN B 43 39.45 -15.38 -66.29
N LEU B 44 39.10 -16.52 -65.71
CA LEU B 44 39.76 -17.79 -66.03
C LEU B 44 39.39 -18.28 -67.43
N LEU B 45 38.10 -18.41 -67.70
CA LEU B 45 37.63 -18.85 -69.00
C LEU B 45 38.10 -17.88 -70.09
N LYS B 46 38.20 -16.61 -69.73
CA LYS B 46 38.66 -15.59 -70.66
C LYS B 46 40.12 -15.86 -71.07
N ASP B 47 40.78 -16.72 -70.31
CA ASP B 47 42.13 -17.15 -70.64
C ASP B 47 42.15 -18.60 -71.11
N ASN B 48 41.09 -18.99 -71.82
CA ASN B 48 41.01 -20.31 -72.43
C ASN B 48 41.21 -21.45 -71.42
N CYS B 49 40.81 -21.21 -70.16
CA CYS B 49 40.87 -22.25 -69.16
C CYS B 49 39.82 -23.31 -69.44
N ALA B 50 40.26 -24.54 -69.65
CA ALA B 50 39.35 -25.65 -69.92
C ALA B 50 38.19 -25.64 -68.92
N PRO B 51 36.96 -25.50 -69.42
CA PRO B 51 35.76 -25.41 -68.58
C PRO B 51 35.73 -26.42 -67.45
N GLU B 52 36.31 -27.60 -67.66
CA GLU B 52 36.29 -28.66 -66.66
C GLU B 52 37.40 -28.45 -65.63
N SER B 53 38.40 -27.65 -66.00
CA SER B 53 39.50 -27.33 -65.09
C SER B 53 39.09 -26.29 -64.07
N ILE B 54 37.85 -25.80 -64.18
CA ILE B 54 37.31 -24.82 -63.25
C ILE B 54 36.84 -25.49 -61.95
N GLU B 55 37.42 -25.05 -60.84
CA GLU B 55 36.97 -25.46 -59.52
C GLU B 55 36.28 -24.27 -58.87
N PHE B 56 34.95 -24.32 -58.81
CA PHE B 56 34.18 -23.18 -58.32
C PHE B 56 32.92 -23.64 -57.59
N PRO B 57 33.06 -23.94 -56.29
CA PRO B 57 31.92 -24.36 -55.45
C PRO B 57 30.89 -23.25 -55.28
N VAL B 58 29.61 -23.61 -55.31
CA VAL B 58 28.53 -22.66 -55.09
C VAL B 58 27.63 -23.12 -53.94
N SER B 59 27.38 -22.22 -52.99
CA SER B 59 26.57 -22.55 -51.83
C SER B 59 25.10 -22.61 -52.19
N GLU B 60 24.48 -23.75 -51.94
CA GLU B 60 23.08 -23.94 -52.29
C GLU B 60 22.27 -24.50 -51.12
N ALA B 61 20.97 -24.67 -51.34
CA ALA B 61 20.08 -25.22 -50.32
C ALA B 61 18.86 -25.84 -50.99
N ARG B 62 18.80 -27.17 -51.00
CA ARG B 62 17.67 -27.85 -51.62
C ARG B 62 16.94 -28.76 -50.63
N VAL B 63 15.61 -28.80 -50.76
CA VAL B 63 14.78 -29.56 -49.84
C VAL B 63 14.81 -31.05 -50.18
N LEU B 64 14.84 -31.89 -49.14
CA LEU B 64 14.83 -33.34 -49.34
C LEU B 64 13.46 -33.91 -48.96
N GLU B 65 12.84 -33.32 -47.95
CA GLU B 65 11.50 -33.68 -47.55
C GLU B 65 10.66 -32.42 -47.48
N ASP B 66 9.56 -32.39 -48.22
CA ASP B 66 8.74 -31.20 -48.31
C ASP B 66 7.25 -31.53 -48.22
N ARG B 67 6.91 -32.49 -47.36
CA ARG B 67 5.51 -32.81 -47.10
C ARG B 67 4.71 -31.51 -46.97
N PRO B 68 3.48 -31.49 -47.50
CA PRO B 68 2.61 -30.33 -47.35
C PRO B 68 2.01 -30.25 -45.95
N LEU B 69 1.65 -29.04 -45.51
CA LEU B 69 1.04 -28.84 -44.19
C LEU B 69 -0.38 -29.41 -44.14
N SER B 70 -0.67 -30.18 -43.09
CA SER B 70 -1.99 -30.77 -42.91
C SER B 70 -3.04 -29.71 -42.65
N ASP B 71 -4.28 -29.99 -43.02
CA ASP B 71 -5.38 -29.07 -42.78
C ASP B 71 -6.15 -29.46 -41.54
N LYS B 72 -6.02 -30.71 -41.11
CA LYS B 72 -6.70 -31.20 -39.92
C LYS B 72 -5.79 -32.10 -39.10
N GLY B 73 -5.84 -31.95 -37.79
CA GLY B 73 -5.05 -32.76 -36.88
C GLY B 73 -5.77 -34.02 -36.47
N SER B 74 -7.04 -34.10 -36.85
CA SER B 74 -7.83 -35.29 -36.60
C SER B 74 -7.33 -36.42 -37.48
N GLY B 75 -7.86 -37.62 -37.26
CA GLY B 75 -7.51 -38.77 -38.08
C GLY B 75 -6.04 -39.14 -37.99
N ASP B 76 -5.69 -40.24 -38.65
CA ASP B 76 -4.33 -40.77 -38.63
C ASP B 76 -3.95 -41.20 -37.23
N SER B 77 -2.89 -41.98 -37.14
CA SER B 77 -2.16 -42.10 -35.88
C SER B 77 -0.98 -41.13 -36.00
N SER B 78 -1.33 -39.88 -36.29
CA SER B 78 -0.35 -38.78 -36.33
C SER B 78 0.60 -38.82 -37.54
N GLN B 79 0.02 -38.95 -38.73
CA GLN B 79 0.78 -38.71 -39.96
C GLN B 79 0.65 -37.22 -40.28
N VAL B 80 0.28 -36.45 -39.26
CA VAL B 80 0.05 -35.03 -39.38
C VAL B 80 1.36 -34.28 -39.58
N THR B 81 1.37 -33.35 -40.54
CA THR B 81 2.52 -32.51 -40.78
C THR B 81 2.19 -31.07 -40.42
N GLN B 82 3.01 -30.46 -39.57
CA GLN B 82 2.77 -29.10 -39.11
C GLN B 82 4.01 -28.21 -39.25
N VAL B 83 5.05 -28.75 -39.85
CA VAL B 83 6.25 -27.98 -40.16
C VAL B 83 6.78 -28.40 -41.53
N SER B 84 7.09 -27.42 -42.37
CA SER B 84 7.53 -27.70 -43.73
C SER B 84 8.52 -26.65 -44.21
N PRO B 85 9.57 -27.08 -44.94
CA PRO B 85 9.86 -28.50 -45.21
C PRO B 85 10.38 -29.19 -43.96
N GLN B 86 10.54 -30.51 -44.03
CA GLN B 86 10.95 -31.27 -42.85
C GLN B 86 12.45 -31.55 -42.84
N ARG B 87 13.06 -31.57 -44.02
CA ARG B 87 14.49 -31.82 -44.12
C ARG B 87 15.05 -31.15 -45.36
N ILE B 88 16.13 -30.41 -45.20
CA ILE B 88 16.80 -29.78 -46.33
C ILE B 88 18.29 -30.00 -46.26
N ALA B 89 18.93 -29.96 -47.43
CA ALA B 89 20.38 -30.09 -47.50
C ALA B 89 20.99 -28.70 -47.70
N LEU B 90 22.06 -28.43 -46.98
CA LEU B 90 22.69 -27.12 -47.02
C LEU B 90 24.18 -27.27 -47.34
N ARG B 91 24.62 -26.60 -48.41
CA ARG B 91 26.02 -26.65 -48.81
C ARG B 91 26.63 -25.26 -48.76
N LEU B 92 27.70 -25.11 -47.99
CA LEU B 92 28.36 -23.81 -47.83
C LEU B 92 29.87 -23.93 -48.10
N ARG B 93 30.44 -22.91 -48.73
CA ARG B 93 31.89 -22.82 -48.88
C ARG B 93 32.42 -21.80 -47.89
N PRO B 94 33.74 -21.85 -47.61
CA PRO B 94 34.33 -21.04 -46.53
C PRO B 94 33.77 -19.61 -46.44
N ASP B 95 33.31 -19.25 -45.24
CA ASP B 95 32.82 -17.91 -44.98
C ASP B 95 31.70 -17.47 -45.92
N ASP B 96 30.80 -18.39 -46.24
CA ASP B 96 29.67 -18.07 -47.10
C ASP B 96 28.36 -18.21 -46.31
N SER B 97 27.25 -17.92 -46.98
CA SER B 97 25.95 -18.04 -46.34
C SER B 97 24.86 -18.29 -47.37
N LYS B 98 23.78 -18.95 -46.92
CA LYS B 98 22.64 -19.26 -47.78
C LYS B 98 21.36 -19.09 -46.99
N ASN B 99 20.30 -18.68 -47.65
CA ASN B 99 19.01 -18.48 -47.00
C ASN B 99 18.02 -19.58 -47.33
N PHE B 100 17.15 -19.90 -46.39
CA PHE B 100 16.07 -20.86 -46.61
C PHE B 100 14.87 -20.50 -45.77
N SER B 101 13.76 -21.21 -45.97
CA SER B 101 12.52 -20.87 -45.29
C SER B 101 11.90 -22.06 -44.58
N ILE B 102 11.15 -21.77 -43.52
CA ILE B 102 10.38 -22.78 -42.82
C ILE B 102 8.97 -22.26 -42.57
N GLN B 103 7.98 -23.13 -42.79
CA GLN B 103 6.59 -22.78 -42.51
C GLN B 103 6.09 -23.54 -41.30
N VAL B 104 5.31 -22.86 -40.46
CA VAL B 104 4.75 -23.49 -39.26
C VAL B 104 3.26 -23.20 -39.16
N ARG B 105 2.49 -24.23 -38.80
CA ARG B 105 1.04 -24.09 -38.70
C ARG B 105 0.52 -24.59 -37.36
N GLN B 106 -0.53 -23.95 -36.87
CA GLN B 106 -1.24 -24.40 -35.70
C GLN B 106 -2.43 -25.21 -36.21
N VAL B 107 -2.23 -26.51 -36.36
CA VAL B 107 -3.21 -27.36 -37.03
C VAL B 107 -4.54 -27.40 -36.28
N GLU B 108 -5.62 -27.53 -37.03
CA GLU B 108 -6.97 -27.60 -36.44
C GLU B 108 -7.33 -29.02 -36.07
N ASP B 109 -8.08 -29.17 -34.99
CA ASP B 109 -8.57 -30.46 -34.54
C ASP B 109 -7.42 -31.38 -34.10
N TYR B 110 -6.47 -30.83 -33.35
CA TYR B 110 -5.35 -31.62 -32.84
C TYR B 110 -5.74 -32.24 -31.50
N PRO B 111 -5.28 -33.46 -31.24
CA PRO B 111 -5.70 -34.14 -30.00
C PRO B 111 -5.28 -33.36 -28.75
N VAL B 112 -5.98 -33.55 -27.64
CA VAL B 112 -5.72 -32.80 -26.42
C VAL B 112 -5.85 -33.68 -25.17
N ASP B 113 -4.80 -33.66 -24.34
CA ASP B 113 -4.83 -34.30 -23.03
C ASP B 113 -4.99 -33.24 -21.95
N ILE B 114 -5.99 -33.40 -21.10
CA ILE B 114 -6.16 -32.50 -19.96
C ILE B 114 -6.20 -33.27 -18.65
N TYR B 115 -5.14 -33.13 -17.86
CA TYR B 115 -5.09 -33.77 -16.57
C TYR B 115 -5.41 -32.74 -15.49
N TYR B 116 -6.43 -33.02 -14.69
CA TYR B 116 -6.92 -32.08 -13.68
C TYR B 116 -6.29 -32.41 -12.33
N LEU B 117 -5.39 -31.54 -11.87
CA LEU B 117 -4.67 -31.78 -10.62
C LEU B 117 -5.19 -30.83 -9.54
N MET B 118 -5.94 -31.40 -8.60
CA MET B 118 -6.73 -30.59 -7.68
C MET B 118 -6.24 -30.61 -6.24
N ASP B 119 -6.01 -29.42 -5.70
CA ASP B 119 -5.88 -29.23 -4.26
C ASP B 119 -7.14 -29.78 -3.61
N LEU B 120 -6.98 -30.68 -2.64
CA LEU B 120 -8.13 -31.22 -1.92
C LEU B 120 -8.00 -31.01 -0.41
N SER B 121 -7.41 -29.88 -0.02
CA SER B 121 -7.44 -29.43 1.36
C SER B 121 -8.86 -29.02 1.70
N TYR B 122 -9.12 -28.73 2.96
CA TYR B 122 -10.50 -28.55 3.42
C TYR B 122 -11.23 -27.35 2.78
N SER B 123 -10.49 -26.31 2.42
CA SER B 123 -11.11 -25.14 1.80
C SER B 123 -11.56 -25.40 0.35
N MET B 124 -11.27 -26.60 -0.17
CA MET B 124 -11.68 -26.97 -1.52
C MET B 124 -12.89 -27.91 -1.53
N LYS B 125 -13.53 -28.07 -0.37
CA LYS B 125 -14.69 -28.94 -0.27
C LYS B 125 -15.81 -28.49 -1.20
N ASP B 126 -16.10 -27.19 -1.17
CA ASP B 126 -17.12 -26.62 -2.04
C ASP B 126 -16.74 -26.78 -3.50
N ASP B 127 -15.46 -26.62 -3.80
CA ASP B 127 -14.96 -26.76 -5.17
C ASP B 127 -15.22 -28.16 -5.70
N LEU B 128 -14.92 -29.15 -4.87
CA LEU B 128 -15.10 -30.55 -5.26
C LEU B 128 -16.55 -30.83 -5.65
N TRP B 129 -17.48 -30.09 -5.06
CA TRP B 129 -18.89 -30.27 -5.35
C TRP B 129 -19.22 -29.66 -6.71
N SER B 130 -18.65 -28.50 -6.99
CA SER B 130 -18.95 -27.78 -8.22
C SER B 130 -18.57 -28.55 -9.48
N ILE B 131 -17.40 -29.18 -9.47
CA ILE B 131 -16.86 -29.76 -10.69
C ILE B 131 -17.35 -31.19 -10.99
N GLN B 132 -18.40 -31.63 -10.31
CA GLN B 132 -18.81 -33.03 -10.44
C GLN B 132 -19.51 -33.32 -11.77
N ASN B 133 -19.77 -32.27 -12.57
CA ASN B 133 -20.30 -32.46 -13.91
CA ASN B 133 -20.32 -32.42 -13.91
C ASN B 133 -19.39 -31.82 -14.95
N LEU B 134 -18.14 -31.58 -14.55
CA LEU B 134 -17.16 -30.91 -15.39
C LEU B 134 -16.73 -31.79 -16.57
N GLY B 135 -16.55 -33.07 -16.33
CA GLY B 135 -16.10 -33.98 -17.36
C GLY B 135 -16.96 -33.89 -18.60
N THR B 136 -18.27 -33.89 -18.40
CA THR B 136 -19.21 -33.84 -19.51
C THR B 136 -19.36 -32.42 -20.06
N LYS B 137 -19.38 -31.43 -19.18
CA LYS B 137 -19.46 -30.03 -19.61
C LYS B 137 -18.25 -29.68 -20.45
N LEU B 138 -17.07 -30.04 -19.96
CA LEU B 138 -15.82 -29.75 -20.64
C LEU B 138 -15.76 -30.45 -21.99
N ALA B 139 -16.21 -31.70 -22.04
CA ALA B 139 -16.27 -32.43 -23.29
C ALA B 139 -17.07 -31.66 -24.34
N THR B 140 -18.18 -31.07 -23.92
CA THR B 140 -19.04 -30.33 -24.84
C THR B 140 -18.34 -29.12 -25.46
N GLN B 141 -17.54 -28.41 -24.66
CA GLN B 141 -16.90 -27.19 -25.12
C GLN B 141 -15.65 -27.45 -25.96
N MET B 142 -14.88 -28.46 -25.57
CA MET B 142 -13.67 -28.83 -26.29
C MET B 142 -14.00 -29.60 -27.56
N ARG B 143 -15.19 -30.18 -27.60
CA ARG B 143 -15.67 -30.88 -28.79
C ARG B 143 -15.64 -29.93 -29.99
N LYS B 144 -15.79 -28.64 -29.71
CA LYS B 144 -15.80 -27.62 -30.75
C LYS B 144 -14.40 -27.37 -31.30
N LEU B 145 -13.38 -27.82 -30.56
CA LEU B 145 -11.99 -27.53 -30.91
C LEU B 145 -11.23 -28.76 -31.39
N THR B 146 -11.57 -29.92 -30.83
CA THR B 146 -10.83 -31.14 -31.10
C THR B 146 -11.79 -32.32 -31.09
N SER B 147 -11.43 -33.37 -31.81
CA SER B 147 -12.24 -34.58 -31.85
C SER B 147 -11.51 -35.74 -31.17
N ASN B 148 -10.40 -35.42 -30.50
CA ASN B 148 -9.66 -36.39 -29.69
C ASN B 148 -9.35 -35.83 -28.32
N LEU B 149 -10.36 -35.75 -27.47
CA LEU B 149 -10.16 -35.28 -26.10
C LEU B 149 -9.97 -36.45 -25.13
N ARG B 150 -9.03 -36.31 -24.21
CA ARG B 150 -8.90 -37.23 -23.09
C ARG B 150 -8.73 -36.42 -21.83
N ILE B 151 -9.32 -36.89 -20.73
CA ILE B 151 -9.20 -36.19 -19.46
C ILE B 151 -8.93 -37.16 -18.33
N GLY B 152 -8.28 -36.66 -17.28
CA GLY B 152 -7.92 -37.48 -16.12
C GLY B 152 -7.88 -36.62 -14.87
N PHE B 153 -7.68 -37.26 -13.72
CA PHE B 153 -7.79 -36.55 -12.45
C PHE B 153 -6.77 -37.05 -11.43
N GLY B 154 -6.18 -36.10 -10.71
CA GLY B 154 -5.28 -36.39 -9.61
C GLY B 154 -5.53 -35.37 -8.51
N ALA B 155 -5.10 -35.68 -7.29
CA ALA B 155 -5.39 -34.82 -6.16
C ALA B 155 -4.18 -34.75 -5.24
N PHE B 156 -4.13 -33.72 -4.40
CA PHE B 156 -3.01 -33.57 -3.50
C PHE B 156 -3.41 -32.75 -2.28
N VAL B 157 -2.64 -32.90 -1.21
CA VAL B 157 -2.72 -31.99 -0.07
C VAL B 157 -1.31 -31.57 0.33
N ASP B 158 -0.63 -32.42 1.08
CA ASP B 158 0.72 -32.10 1.55
C ASP B 158 1.39 -33.35 2.05
N LYS B 159 2.67 -33.25 2.38
CA LYS B 159 3.40 -34.38 2.90
C LYS B 159 2.76 -34.81 4.21
N PRO B 160 2.24 -36.05 4.26
CA PRO B 160 1.59 -36.52 5.49
C PRO B 160 2.60 -36.81 6.58
N VAL B 161 3.14 -35.75 7.16
CA VAL B 161 4.16 -35.85 8.20
C VAL B 161 4.07 -34.60 9.09
N SER B 162 4.39 -34.77 10.36
CA SER B 162 4.43 -33.65 11.30
C SER B 162 5.55 -32.70 10.88
N PRO B 163 5.31 -31.38 10.98
CA PRO B 163 4.15 -30.69 11.56
C PRO B 163 3.03 -30.32 10.59
N TYR B 164 3.15 -30.70 9.32
CA TYR B 164 2.07 -30.44 8.36
C TYR B 164 0.84 -31.22 8.75
N MET B 165 1.05 -32.46 9.16
CA MET B 165 -0.02 -33.37 9.51
C MET B 165 -0.32 -33.36 11.01
N TYR B 166 -1.60 -33.40 11.36
CA TYR B 166 -2.00 -33.54 12.76
C TYR B 166 -1.75 -34.98 13.18
N ILE B 167 -1.07 -35.16 14.30
CA ILE B 167 -0.68 -36.50 14.73
C ILE B 167 -1.19 -36.88 16.11
N SER B 168 -2.22 -36.19 16.59
CA SER B 168 -2.88 -36.58 17.84
C SER B 168 -4.21 -35.87 18.00
N PRO B 169 -5.14 -36.49 18.75
CA PRO B 169 -4.98 -37.82 19.32
C PRO B 169 -5.01 -38.88 18.22
N PRO B 170 -4.87 -40.17 18.57
CA PRO B 170 -4.82 -41.24 17.57
C PRO B 170 -5.95 -41.15 16.55
N GLU B 171 -7.11 -40.65 16.99
CA GLU B 171 -8.26 -40.51 16.13
C GLU B 171 -7.97 -39.56 14.96
N ALA B 172 -7.06 -38.61 15.18
CA ALA B 172 -6.78 -37.57 14.19
C ALA B 172 -6.03 -38.12 12.98
N LEU B 173 -5.43 -39.29 13.12
CA LEU B 173 -4.73 -39.91 11.99
C LEU B 173 -5.73 -40.56 11.04
N GLU B 174 -6.80 -41.13 11.58
CA GLU B 174 -7.81 -41.80 10.77
C GLU B 174 -8.82 -40.81 10.22
N ASN B 175 -9.06 -39.73 10.99
CA ASN B 175 -10.00 -38.70 10.59
C ASN B 175 -9.52 -37.34 11.09
N PRO B 176 -8.82 -36.59 10.24
CA PRO B 176 -8.27 -35.27 10.59
C PRO B 176 -9.35 -34.24 10.93
N CYS B 177 -10.61 -34.59 10.68
CA CYS B 177 -11.70 -33.70 11.00
C CYS B 177 -12.42 -34.15 12.27
N TYR B 178 -11.74 -35.00 13.05
CA TYR B 178 -12.28 -35.50 14.31
C TYR B 178 -12.71 -34.36 15.23
N ASP B 179 -11.90 -33.32 15.31
CA ASP B 179 -12.16 -32.21 16.22
C ASP B 179 -13.22 -31.27 15.66
N MET B 180 -13.65 -31.54 14.44
CA MET B 180 -14.78 -30.82 13.86
C MET B 180 -15.99 -31.73 14.00
N LYS B 181 -17.02 -31.52 13.20
CA LYS B 181 -18.21 -32.37 13.29
C LYS B 181 -18.50 -33.07 11.98
N THR B 182 -17.44 -33.44 11.27
CA THR B 182 -17.58 -34.22 10.05
C THR B 182 -16.45 -35.24 9.96
N THR B 183 -16.40 -35.94 8.83
CA THR B 183 -15.39 -36.95 8.58
C THR B 183 -14.71 -36.66 7.26
N CYS B 184 -13.38 -36.70 7.24
CA CYS B 184 -12.64 -36.58 5.99
C CYS B 184 -11.55 -37.64 5.90
N LEU B 185 -10.89 -37.71 4.76
CA LEU B 185 -9.86 -38.72 4.52
C LEU B 185 -8.63 -38.48 5.36
N PRO B 186 -7.93 -39.57 5.71
CA PRO B 186 -6.59 -39.41 6.30
C PRO B 186 -5.71 -38.62 5.36
N MET B 187 -4.69 -37.98 5.91
CA MET B 187 -3.78 -37.15 5.15
C MET B 187 -3.16 -37.93 3.98
N PHE B 188 -3.02 -37.28 2.83
CA PHE B 188 -2.31 -37.88 1.69
C PHE B 188 -1.56 -36.81 0.91
N GLY B 189 -0.46 -37.18 0.26
CA GLY B 189 0.39 -36.23 -0.42
C GLY B 189 -0.07 -35.95 -1.82
N TYR B 190 0.05 -36.97 -2.67
CA TYR B 190 -0.47 -36.92 -4.03
C TYR B 190 -1.02 -38.30 -4.38
N LYS B 191 -2.21 -38.34 -4.97
CA LYS B 191 -2.74 -39.59 -5.49
C LYS B 191 -3.32 -39.43 -6.88
N HIS B 192 -2.89 -40.31 -7.78
CA HIS B 192 -3.46 -40.39 -9.12
C HIS B 192 -4.81 -41.09 -9.02
N VAL B 193 -5.82 -40.50 -9.63
CA VAL B 193 -7.18 -41.05 -9.54
C VAL B 193 -7.64 -41.63 -10.87
N LEU B 194 -7.60 -40.82 -11.92
CA LEU B 194 -8.10 -41.24 -13.23
C LEU B 194 -7.09 -40.98 -14.35
N THR B 195 -6.62 -42.07 -14.96
CA THR B 195 -5.74 -41.99 -16.12
C THR B 195 -6.50 -41.39 -17.30
N LEU B 196 -5.81 -40.64 -18.14
CA LEU B 196 -6.42 -39.98 -19.28
C LEU B 196 -7.25 -40.93 -20.14
N THR B 197 -8.51 -40.58 -20.34
CA THR B 197 -9.44 -41.39 -21.11
C THR B 197 -10.39 -40.48 -21.87
N ASP B 198 -10.94 -40.98 -22.97
CA ASP B 198 -11.95 -40.21 -23.69
C ASP B 198 -13.35 -40.51 -23.15
N GLN B 199 -13.44 -41.41 -22.17
CA GLN B 199 -14.70 -41.72 -21.50
C GLN B 199 -14.98 -40.71 -20.38
N VAL B 200 -15.50 -39.54 -20.76
CA VAL B 200 -15.58 -38.41 -19.84
C VAL B 200 -16.48 -38.62 -18.60
N THR B 201 -17.46 -39.52 -18.68
CA THR B 201 -18.31 -39.77 -17.51
C THR B 201 -17.52 -40.50 -16.42
N ARG B 202 -16.39 -41.07 -16.80
CA ARG B 202 -15.47 -41.66 -15.82
C ARG B 202 -14.92 -40.55 -14.92
N PHE B 203 -14.70 -39.37 -15.51
CA PHE B 203 -14.28 -38.21 -14.75
C PHE B 203 -15.36 -37.83 -13.74
N ASN B 204 -16.57 -37.59 -14.23
CA ASN B 204 -17.68 -37.24 -13.37
C ASN B 204 -17.84 -38.23 -12.21
N GLU B 205 -17.81 -39.52 -12.51
CA GLU B 205 -18.09 -40.53 -11.49
C GLU B 205 -16.91 -40.68 -10.52
N GLU B 206 -15.70 -40.44 -10.99
CA GLU B 206 -14.55 -40.54 -10.11
C GLU B 206 -14.57 -39.39 -9.11
N VAL B 207 -14.88 -38.19 -9.61
CA VAL B 207 -14.92 -36.98 -8.80
C VAL B 207 -16.02 -37.03 -7.73
N LYS B 208 -17.16 -37.62 -8.05
CA LYS B 208 -18.24 -37.75 -7.07
C LYS B 208 -17.84 -38.60 -5.87
N LYS B 209 -16.79 -39.40 -6.02
CA LYS B 209 -16.38 -40.31 -4.96
C LYS B 209 -15.19 -39.78 -4.18
N GLN B 210 -14.70 -38.60 -4.59
CA GLN B 210 -13.54 -38.00 -3.95
C GLN B 210 -13.94 -37.16 -2.75
N SER B 211 -13.04 -37.03 -1.78
CA SER B 211 -13.29 -36.17 -0.63
C SER B 211 -12.02 -35.46 -0.19
N VAL B 212 -12.17 -34.49 0.71
CA VAL B 212 -11.05 -33.68 1.18
C VAL B 212 -10.35 -34.30 2.39
N SER B 213 -9.18 -33.77 2.70
CA SER B 213 -8.49 -34.11 3.93
C SER B 213 -8.22 -32.81 4.66
N ARG B 214 -7.34 -32.83 5.64
CA ARG B 214 -7.07 -31.63 6.42
C ARG B 214 -5.68 -31.66 7.02
N ASN B 215 -4.97 -30.54 6.88
CA ASN B 215 -3.65 -30.41 7.49
C ASN B 215 -3.48 -29.05 8.15
N ARG B 216 -2.28 -28.79 8.68
CA ARG B 216 -2.08 -27.70 9.63
C ARG B 216 -1.63 -26.37 9.00
N ASP B 217 -0.75 -26.40 8.01
CA ASP B 217 -0.15 -25.17 7.50
C ASP B 217 -0.64 -24.77 6.10
N ALA B 218 -0.68 -23.47 5.85
CA ALA B 218 -1.31 -22.90 4.65
C ALA B 218 -0.68 -23.39 3.35
N PRO B 219 0.65 -23.24 3.21
CA PRO B 219 1.28 -23.69 1.96
C PRO B 219 1.08 -25.19 1.77
N GLU B 220 0.76 -25.61 0.54
CA GLU B 220 0.46 -27.02 0.28
C GLU B 220 1.53 -27.68 -0.58
N GLY B 221 1.36 -28.99 -0.79
CA GLY B 221 2.37 -29.78 -1.48
C GLY B 221 2.08 -30.03 -2.95
N GLY B 222 1.42 -29.07 -3.58
CA GLY B 222 1.09 -29.18 -4.99
C GLY B 222 2.28 -29.44 -5.90
N PHE B 223 3.41 -28.80 -5.61
CA PHE B 223 4.60 -28.93 -6.47
C PHE B 223 5.09 -30.37 -6.53
N ASP B 224 4.89 -31.12 -5.45
CA ASP B 224 5.18 -32.56 -5.46
C ASP B 224 4.33 -33.24 -6.53
N ALA B 225 3.06 -32.84 -6.56
CA ALA B 225 2.08 -33.46 -7.45
C ALA B 225 2.32 -33.05 -8.90
N ILE B 226 2.75 -31.81 -9.12
CA ILE B 226 3.09 -31.36 -10.46
C ILE B 226 4.25 -32.19 -11.01
N MET B 227 5.26 -32.44 -10.17
CA MET B 227 6.38 -33.28 -10.57
C MET B 227 5.94 -34.69 -10.98
N GLN B 228 5.09 -35.33 -10.18
CA GLN B 228 4.71 -36.73 -10.43
C GLN B 228 3.79 -36.87 -11.63
N ALA B 229 2.80 -35.99 -11.72
CA ALA B 229 1.90 -35.95 -12.86
C ALA B 229 2.68 -35.73 -14.16
N THR B 230 3.90 -35.23 -14.04
CA THR B 230 4.75 -34.94 -15.20
C THR B 230 5.66 -36.10 -15.58
N VAL B 231 6.26 -36.76 -14.59
CA VAL B 231 7.28 -37.77 -14.88
C VAL B 231 6.73 -39.21 -14.86
N CYS B 232 5.53 -39.39 -14.31
CA CYS B 232 4.85 -40.68 -14.36
C CYS B 232 3.99 -40.82 -15.63
N ASP B 233 4.65 -40.88 -16.78
CA ASP B 233 3.98 -40.88 -18.08
C ASP B 233 2.95 -41.98 -18.22
N GLU B 234 3.41 -43.22 -18.10
CA GLU B 234 2.57 -44.37 -18.37
C GLU B 234 1.32 -44.34 -17.50
N LYS B 235 1.49 -43.95 -16.24
CA LYS B 235 0.37 -43.94 -15.31
C LYS B 235 -0.63 -42.82 -15.60
N ILE B 236 -0.14 -41.60 -15.81
CA ILE B 236 -1.04 -40.49 -16.13
C ILE B 236 -1.65 -40.73 -17.51
N GLY B 237 -0.83 -41.23 -18.43
CA GLY B 237 -1.32 -41.65 -19.73
C GLY B 237 -1.20 -40.61 -20.84
N TRP B 238 -0.28 -39.68 -20.69
CA TRP B 238 -0.07 -38.65 -21.72
C TRP B 238 0.16 -39.30 -23.08
N ARG B 239 -0.41 -38.71 -24.13
CA ARG B 239 -0.27 -39.24 -25.48
C ARG B 239 0.86 -38.55 -26.23
N ASN B 240 1.50 -39.26 -27.14
CA ASN B 240 2.62 -38.69 -27.87
C ASN B 240 2.22 -37.52 -28.74
N ASP B 241 1.21 -37.73 -29.57
CA ASP B 241 0.81 -36.70 -30.51
C ASP B 241 -0.45 -36.01 -30.02
N ALA B 242 -0.27 -35.18 -29.00
CA ALA B 242 -1.37 -34.42 -28.42
C ALA B 242 -0.83 -33.25 -27.63
N SER B 243 -1.63 -32.20 -27.49
CA SER B 243 -1.33 -31.11 -26.57
C SER B 243 -1.58 -31.59 -25.15
N HIS B 244 -0.60 -31.37 -24.26
CA HIS B 244 -0.74 -31.78 -22.87
C HIS B 244 -1.03 -30.59 -21.97
N LEU B 245 -2.24 -30.54 -21.44
CA LEU B 245 -2.60 -29.51 -20.46
C LEU B 245 -2.64 -30.10 -19.07
N LEU B 246 -1.81 -29.56 -18.19
CA LEU B 246 -1.83 -29.90 -16.78
C LEU B 246 -2.51 -28.77 -16.01
N VAL B 247 -3.75 -28.98 -15.58
CA VAL B 247 -4.48 -27.96 -14.85
C VAL B 247 -4.29 -28.11 -13.34
N PHE B 248 -3.68 -27.10 -12.74
CA PHE B 248 -3.35 -27.11 -11.32
C PHE B 248 -4.26 -26.10 -10.60
N THR B 249 -5.17 -26.59 -9.75
CA THR B 249 -6.10 -25.71 -9.04
C THR B 249 -5.86 -25.68 -7.54
N THR B 250 -5.60 -24.48 -7.02
CA THR B 250 -5.45 -24.29 -5.59
C THR B 250 -5.82 -22.87 -5.19
N ASP B 251 -6.07 -22.68 -3.90
CA ASP B 251 -6.43 -21.37 -3.35
C ASP B 251 -5.42 -20.90 -2.32
N ALA B 252 -4.25 -21.55 -2.27
CA ALA B 252 -3.28 -21.28 -1.22
C ALA B 252 -1.85 -21.15 -1.73
N LYS B 253 -0.96 -20.64 -0.89
CA LYS B 253 0.47 -20.63 -1.17
C LYS B 253 0.95 -22.06 -1.39
N THR B 254 2.19 -22.22 -1.85
CA THR B 254 2.73 -23.55 -2.05
C THR B 254 4.07 -23.72 -1.34
N HIS B 255 4.38 -24.96 -0.97
CA HIS B 255 5.70 -25.30 -0.47
C HIS B 255 6.67 -25.40 -1.64
N ILE B 256 7.94 -25.12 -1.38
CA ILE B 256 8.97 -25.17 -2.40
C ILE B 256 10.16 -25.95 -1.88
N ALA B 257 11.12 -26.23 -2.76
CA ALA B 257 12.33 -26.94 -2.38
C ALA B 257 12.99 -26.25 -1.19
N LEU B 258 13.45 -27.07 -0.24
CA LEU B 258 14.13 -26.65 1.01
C LEU B 258 13.17 -26.43 2.19
N ASP B 259 11.86 -26.35 1.92
CA ASP B 259 10.86 -26.32 2.99
C ASP B 259 10.83 -27.62 3.78
N GLY B 260 11.11 -28.73 3.11
CA GLY B 260 10.96 -30.05 3.72
C GLY B 260 11.71 -30.23 5.01
N ARG B 261 12.79 -29.47 5.20
CA ARG B 261 13.62 -29.59 6.38
C ARG B 261 12.82 -29.33 7.66
N LEU B 262 11.74 -28.57 7.55
CA LEU B 262 10.86 -28.38 8.69
C LEU B 262 10.16 -29.67 9.11
N ALA B 263 10.33 -30.72 8.31
CA ALA B 263 9.79 -32.03 8.65
C ALA B 263 10.91 -33.06 8.70
N GLY B 264 12.14 -32.58 8.78
CA GLY B 264 13.32 -33.45 8.81
C GLY B 264 13.67 -34.06 7.46
N ILE B 265 13.05 -33.57 6.39
CA ILE B 265 13.33 -34.07 5.04
C ILE B 265 14.40 -33.21 4.36
N VAL B 266 15.56 -33.79 4.10
CA VAL B 266 16.64 -33.03 3.48
C VAL B 266 17.03 -33.60 2.11
N GLN B 267 16.65 -34.84 1.81
CA GLN B 267 16.98 -35.44 0.53
C GLN B 267 16.39 -34.64 -0.62
N PRO B 268 17.24 -34.16 -1.53
CA PRO B 268 16.67 -33.44 -2.67
C PRO B 268 15.84 -34.33 -3.58
N ASN B 269 14.84 -33.71 -4.21
CA ASN B 269 13.96 -34.38 -5.13
C ASN B 269 14.74 -34.96 -6.31
N ASP B 270 14.44 -36.19 -6.69
CA ASP B 270 15.23 -36.87 -7.73
C ASP B 270 14.59 -36.81 -9.12
N GLY B 271 13.45 -36.13 -9.22
CA GLY B 271 12.77 -35.98 -10.49
C GLY B 271 12.21 -37.27 -11.10
N GLN B 272 12.21 -38.36 -10.34
CA GLN B 272 11.77 -39.64 -10.86
C GLN B 272 10.34 -39.99 -10.43
N CYS B 273 9.73 -40.94 -11.11
CA CYS B 273 8.39 -41.37 -10.75
C CYS B 273 8.43 -42.24 -9.51
N HIS B 274 7.51 -41.98 -8.58
CA HIS B 274 7.41 -42.78 -7.36
C HIS B 274 5.94 -43.06 -7.04
N VAL B 275 5.14 -43.24 -8.08
CA VAL B 275 3.74 -43.60 -7.93
C VAL B 275 3.54 -45.02 -8.45
N GLY B 276 3.26 -45.94 -7.52
CA GLY B 276 3.14 -47.34 -7.84
C GLY B 276 1.70 -47.79 -8.02
N SER B 277 1.48 -49.09 -7.83
CA SER B 277 0.19 -49.70 -8.06
C SER B 277 -0.88 -49.10 -7.15
N ASP B 278 -0.49 -48.62 -5.99
CA ASP B 278 -1.46 -48.04 -5.05
C ASP B 278 -1.82 -46.61 -5.44
N ASN B 279 -1.17 -46.08 -6.46
CA ASN B 279 -1.46 -44.75 -6.99
C ASN B 279 -1.19 -43.58 -6.04
N HIS B 280 -0.42 -43.81 -4.98
CA HIS B 280 0.01 -42.72 -4.11
C HIS B 280 1.51 -42.45 -4.31
N TYR B 281 1.91 -41.21 -4.03
CA TYR B 281 3.30 -40.81 -4.12
C TYR B 281 4.05 -41.29 -2.88
N SER B 282 4.89 -42.31 -3.07
CA SER B 282 5.50 -43.01 -1.94
C SER B 282 6.72 -42.31 -1.33
N ALA B 283 7.35 -41.40 -2.07
CA ALA B 283 8.49 -40.65 -1.55
C ALA B 283 8.06 -39.34 -0.92
N SER B 284 6.75 -39.18 -0.71
CA SER B 284 6.21 -37.96 -0.15
C SER B 284 6.84 -37.59 1.19
N THR B 285 7.10 -38.60 2.02
CA THR B 285 7.62 -38.36 3.36
C THR B 285 9.14 -38.52 3.44
N THR B 286 9.80 -38.74 2.31
CA THR B 286 11.23 -39.01 2.34
C THR B 286 12.05 -38.12 1.40
N MET B 287 11.37 -37.29 0.62
CA MET B 287 12.03 -36.57 -0.45
C MET B 287 11.50 -35.14 -0.49
N ASP B 288 12.40 -34.18 -0.63
CA ASP B 288 12.03 -32.76 -0.51
C ASP B 288 11.15 -32.33 -1.68
N TYR B 289 10.42 -31.22 -1.48
CA TYR B 289 9.68 -30.61 -2.58
C TYR B 289 10.63 -30.30 -3.72
N PRO B 290 10.11 -30.28 -4.96
CA PRO B 290 10.97 -30.01 -6.11
C PRO B 290 11.23 -28.52 -6.30
N SER B 291 12.39 -28.17 -6.86
CA SER B 291 12.72 -26.78 -7.16
C SER B 291 12.12 -26.35 -8.49
N LEU B 292 11.98 -25.03 -8.67
CA LEU B 292 11.42 -24.50 -9.91
C LEU B 292 12.17 -24.99 -11.14
N GLY B 293 13.50 -24.92 -11.07
CA GLY B 293 14.34 -25.38 -12.17
C GLY B 293 14.05 -26.81 -12.54
N LEU B 294 14.00 -27.69 -11.54
CA LEU B 294 13.80 -29.11 -11.80
C LEU B 294 12.43 -29.32 -12.45
N MET B 295 11.40 -28.67 -11.91
CA MET B 295 10.06 -28.74 -12.47
C MET B 295 10.10 -28.32 -13.95
N THR B 296 10.75 -27.19 -14.21
CA THR B 296 10.87 -26.66 -15.56
C THR B 296 11.52 -27.66 -16.53
N GLU B 297 12.58 -28.32 -16.07
CA GLU B 297 13.26 -29.32 -16.88
C GLU B 297 12.33 -30.47 -17.29
N LYS B 298 11.54 -30.98 -16.34
CA LYS B 298 10.66 -32.12 -16.62
C LYS B 298 9.43 -31.72 -17.43
N LEU B 299 8.81 -30.61 -17.06
CA LEU B 299 7.70 -30.07 -17.83
C LEU B 299 8.09 -29.95 -19.30
N SER B 300 9.25 -29.32 -19.53
CA SER B 300 9.73 -29.06 -20.87
C SER B 300 10.09 -30.34 -21.59
N GLN B 301 10.65 -31.28 -20.84
CA GLN B 301 11.07 -32.56 -21.39
C GLN B 301 9.87 -33.42 -21.82
N LYS B 302 8.77 -33.32 -21.09
CA LYS B 302 7.56 -34.07 -21.43
C LYS B 302 6.56 -33.23 -22.20
N ASN B 303 6.96 -32.03 -22.62
CA ASN B 303 6.06 -31.12 -23.32
C ASN B 303 4.74 -30.92 -22.60
N ILE B 304 4.82 -30.61 -21.32
CA ILE B 304 3.62 -30.36 -20.53
C ILE B 304 3.41 -28.85 -20.43
N ASN B 305 2.19 -28.41 -20.69
CA ASN B 305 1.81 -27.02 -20.49
C ASN B 305 1.09 -26.89 -19.17
N LEU B 306 1.74 -26.23 -18.22
CA LEU B 306 1.20 -26.09 -16.88
C LEU B 306 0.28 -24.88 -16.81
N ILE B 307 -0.89 -25.06 -16.24
CA ILE B 307 -1.83 -23.97 -16.06
C ILE B 307 -2.07 -23.76 -14.57
N PHE B 308 -1.70 -22.59 -14.08
CA PHE B 308 -1.99 -22.19 -12.71
C PHE B 308 -3.39 -21.62 -12.65
N ALA B 309 -4.34 -22.44 -12.22
CA ALA B 309 -5.72 -21.98 -12.06
C ALA B 309 -5.96 -21.70 -10.59
N VAL B 310 -5.67 -20.48 -10.15
CA VAL B 310 -5.69 -20.15 -8.73
C VAL B 310 -6.61 -18.97 -8.39
N THR B 311 -6.99 -18.88 -7.11
CA THR B 311 -7.92 -17.85 -6.66
C THR B 311 -7.20 -16.51 -6.56
N GLU B 312 -7.98 -15.44 -6.48
CA GLU B 312 -7.41 -14.10 -6.63
C GLU B 312 -6.46 -13.74 -5.51
N ASN B 313 -6.60 -14.39 -4.36
CA ASN B 313 -5.75 -14.04 -3.22
C ASN B 313 -4.31 -14.50 -3.42
N VAL B 314 -4.08 -15.43 -4.35
CA VAL B 314 -2.73 -15.89 -4.64
C VAL B 314 -2.35 -15.76 -6.11
N VAL B 315 -3.14 -15.01 -6.88
CA VAL B 315 -2.87 -14.87 -8.30
C VAL B 315 -1.53 -14.16 -8.59
N ASN B 316 -1.21 -13.13 -7.82
CA ASN B 316 0.08 -12.46 -7.98
C ASN B 316 1.24 -13.39 -7.70
N LEU B 317 1.10 -14.16 -6.63
CA LEU B 317 2.10 -15.17 -6.29
C LEU B 317 2.37 -16.06 -7.50
N TYR B 318 1.31 -16.62 -8.08
CA TYR B 318 1.49 -17.62 -9.12
C TYR B 318 1.84 -17.01 -10.49
N GLN B 319 1.43 -15.78 -10.73
CA GLN B 319 1.87 -15.07 -11.92
CA GLN B 319 1.88 -15.07 -11.93
C GLN B 319 3.39 -14.90 -11.86
N ASN B 320 3.89 -14.59 -10.67
CA ASN B 320 5.33 -14.40 -10.45
C ASN B 320 6.13 -15.70 -10.59
N TYR B 321 5.55 -16.83 -10.20
CA TYR B 321 6.19 -18.13 -10.41
C TYR B 321 6.19 -18.44 -11.90
N SER B 322 5.04 -18.24 -12.52
CA SER B 322 4.86 -18.46 -13.94
C SER B 322 5.98 -17.78 -14.75
N GLU B 323 6.47 -16.65 -14.27
CA GLU B 323 7.52 -15.92 -14.99
C GLU B 323 8.89 -16.58 -14.86
N LEU B 324 9.03 -17.48 -13.89
CA LEU B 324 10.27 -18.24 -13.71
C LEU B 324 10.14 -19.63 -14.31
N ILE B 325 8.97 -19.94 -14.86
CA ILE B 325 8.73 -21.21 -15.52
C ILE B 325 8.10 -20.94 -16.89
N PRO B 326 8.92 -20.52 -17.86
CA PRO B 326 8.40 -20.10 -19.17
C PRO B 326 7.45 -21.09 -19.81
N GLY B 327 6.40 -20.59 -20.46
CA GLY B 327 5.41 -21.40 -21.11
C GLY B 327 4.21 -21.71 -20.23
N THR B 328 4.29 -21.30 -18.96
CA THR B 328 3.20 -21.52 -18.02
C THR B 328 2.17 -20.40 -18.15
N THR B 329 0.90 -20.75 -17.95
CA THR B 329 -0.16 -19.75 -18.05
C THR B 329 -0.93 -19.70 -16.73
N VAL B 330 -1.57 -18.55 -16.48
CA VAL B 330 -2.29 -18.34 -15.23
C VAL B 330 -3.72 -17.88 -15.51
N GLY B 331 -4.66 -18.48 -14.79
CA GLY B 331 -6.05 -18.09 -14.86
C GLY B 331 -6.60 -17.87 -13.46
N VAL B 332 -7.56 -16.95 -13.34
CA VAL B 332 -8.16 -16.64 -12.04
C VAL B 332 -9.32 -17.59 -11.72
N LEU B 333 -9.13 -18.42 -10.71
CA LEU B 333 -10.12 -19.43 -10.32
C LEU B 333 -11.05 -18.88 -9.24
N SER B 334 -12.35 -19.00 -9.45
CA SER B 334 -13.31 -18.54 -8.44
C SER B 334 -13.20 -19.39 -7.17
N MET B 335 -13.74 -18.87 -6.07
CA MET B 335 -13.57 -19.50 -4.77
C MET B 335 -14.21 -20.88 -4.65
N ASP B 336 -15.02 -21.26 -5.65
CA ASP B 336 -15.63 -22.59 -5.66
C ASP B 336 -15.34 -23.35 -6.95
N SER B 337 -14.42 -22.83 -7.76
CA SER B 337 -14.04 -23.46 -9.03
C SER B 337 -15.19 -23.52 -10.04
N SER B 338 -16.20 -22.68 -9.87
CA SER B 338 -17.35 -22.67 -10.77
C SER B 338 -17.03 -22.14 -12.16
N ASN B 339 -15.89 -21.46 -12.30
CA ASN B 339 -15.51 -20.85 -13.58
C ASN B 339 -14.32 -21.55 -14.22
N VAL B 340 -13.95 -22.72 -13.69
CA VAL B 340 -12.76 -23.41 -14.17
C VAL B 340 -12.91 -23.95 -15.60
N LEU B 341 -14.14 -24.17 -16.04
CA LEU B 341 -14.38 -24.65 -17.39
C LEU B 341 -13.88 -23.63 -18.42
N GLN B 342 -14.43 -22.43 -18.38
CA GLN B 342 -14.03 -21.38 -19.30
C GLN B 342 -12.55 -21.08 -19.13
N LEU B 343 -12.08 -21.16 -17.89
CA LEU B 343 -10.68 -20.88 -17.60
C LEU B 343 -9.79 -21.81 -18.44
N ILE B 344 -10.11 -23.10 -18.41
CA ILE B 344 -9.36 -24.08 -19.18
C ILE B 344 -9.42 -23.80 -20.68
N VAL B 345 -10.61 -23.48 -21.18
CA VAL B 345 -10.78 -23.17 -22.60
C VAL B 345 -9.99 -21.93 -23.02
N ASP B 346 -9.95 -20.92 -22.16
CA ASP B 346 -9.17 -19.72 -22.45
C ASP B 346 -7.69 -20.03 -22.46
N ALA B 347 -7.25 -20.85 -21.52
CA ALA B 347 -5.84 -21.23 -21.44
C ALA B 347 -5.42 -22.01 -22.68
N TYR B 348 -6.27 -22.91 -23.14
CA TYR B 348 -5.97 -23.70 -24.33
C TYR B 348 -5.73 -22.80 -25.52
N GLY B 349 -6.58 -21.79 -25.69
CA GLY B 349 -6.42 -20.85 -26.77
C GLY B 349 -5.11 -20.10 -26.65
N LYS B 350 -4.90 -19.48 -25.49
CA LYS B 350 -3.68 -18.73 -25.24
C LYS B 350 -2.45 -19.57 -25.55
N ILE B 351 -2.48 -20.84 -25.19
CA ILE B 351 -1.34 -21.74 -25.39
C ILE B 351 -1.01 -21.92 -26.87
N ARG B 352 -2.03 -22.22 -27.67
CA ARG B 352 -1.82 -22.45 -29.10
C ARG B 352 -1.84 -21.14 -29.89
N SER B 353 -1.49 -20.04 -29.24
CA SER B 353 -1.49 -18.73 -29.90
C SER B 353 -0.07 -18.22 -30.14
N LYS B 354 0.92 -19.08 -29.93
CA LYS B 354 2.31 -18.68 -30.09
C LYS B 354 3.09 -19.72 -30.88
N VAL B 355 4.03 -19.25 -31.67
CA VAL B 355 4.95 -20.13 -32.40
C VAL B 355 6.35 -19.57 -32.23
N GLU B 356 7.16 -20.26 -31.44
CA GLU B 356 8.52 -19.80 -31.17
C GLU B 356 9.53 -20.85 -31.58
N LEU B 357 10.38 -20.51 -32.53
CA LEU B 357 11.37 -21.44 -33.06
C LEU B 357 12.51 -21.65 -32.06
N GLU B 358 13.07 -22.85 -32.10
CA GLU B 358 14.17 -23.22 -31.23
C GLU B 358 15.20 -24.01 -32.04
N VAL B 359 16.48 -23.77 -31.79
CA VAL B 359 17.54 -24.42 -32.54
C VAL B 359 18.31 -25.41 -31.66
N ARG B 360 18.67 -26.56 -32.23
CA ARG B 360 19.37 -27.59 -31.49
C ARG B 360 20.57 -28.11 -32.28
N ASP B 361 21.70 -28.23 -31.60
CA ASP B 361 22.89 -28.84 -32.18
C ASP B 361 23.50 -27.99 -33.28
N LEU B 362 23.36 -26.67 -33.14
CA LEU B 362 23.97 -25.75 -34.11
C LEU B 362 25.48 -25.74 -33.93
N PRO B 363 26.22 -26.15 -34.97
CA PRO B 363 27.68 -26.11 -34.91
C PRO B 363 28.19 -24.72 -34.53
N GLU B 364 29.29 -24.65 -33.79
CA GLU B 364 29.87 -23.39 -33.36
C GLU B 364 30.06 -22.40 -34.51
N GLU B 365 30.61 -22.89 -35.62
CA GLU B 365 30.94 -22.04 -36.75
C GLU B 365 29.69 -21.38 -37.33
N LEU B 366 28.59 -22.12 -37.34
CA LEU B 366 27.35 -21.63 -37.93
C LEU B 366 26.60 -20.66 -37.01
N SER B 367 26.25 -19.50 -37.56
CA SER B 367 25.37 -18.57 -36.87
C SER B 367 24.15 -18.36 -37.75
N LEU B 368 22.99 -18.14 -37.11
CA LEU B 368 21.73 -18.04 -37.85
C LEU B 368 21.07 -16.69 -37.62
N SER B 369 20.20 -16.31 -38.55
CA SER B 369 19.46 -15.05 -38.48
C SER B 369 18.04 -15.28 -38.95
N PHE B 370 17.08 -14.56 -38.37
CA PHE B 370 15.67 -14.82 -38.65
C PHE B 370 14.86 -13.57 -39.02
N ASN B 371 13.95 -13.75 -39.97
CA ASN B 371 12.94 -12.75 -40.28
C ASN B 371 11.55 -13.38 -40.19
N ALA B 372 10.76 -12.93 -39.23
CA ALA B 372 9.43 -13.51 -39.01
C ALA B 372 8.38 -12.87 -39.92
N THR B 373 7.36 -13.65 -40.26
CA THR B 373 6.25 -13.15 -41.08
C THR B 373 4.93 -13.59 -40.46
N CYS B 374 4.41 -12.78 -39.55
CA CYS B 374 3.20 -13.12 -38.82
C CYS B 374 2.02 -12.30 -39.32
N LEU B 375 0.87 -12.48 -38.66
CA LEU B 375 -0.35 -11.74 -39.01
C LEU B 375 -0.63 -11.77 -40.51
N ASN B 376 -0.23 -10.72 -41.21
CA ASN B 376 -0.53 -10.60 -42.63
C ASN B 376 0.69 -10.24 -43.47
N ASN B 377 1.53 -11.24 -43.75
CA ASN B 377 2.70 -11.04 -44.60
C ASN B 377 3.60 -9.91 -44.11
N GLU B 378 3.44 -9.53 -42.86
CA GLU B 378 4.28 -8.50 -42.26
C GLU B 378 5.59 -9.13 -41.81
N VAL B 379 6.69 -8.74 -42.46
CA VAL B 379 8.00 -9.29 -42.13
C VAL B 379 8.66 -8.52 -41.00
N ILE B 380 8.91 -9.22 -39.89
CA ILE B 380 9.52 -8.63 -38.71
C ILE B 380 10.95 -9.12 -38.53
N PRO B 381 11.93 -8.34 -39.04
CA PRO B 381 13.34 -8.74 -39.02
C PRO B 381 13.87 -9.05 -37.62
N GLY B 382 14.82 -9.98 -37.54
CA GLY B 382 15.46 -10.31 -36.28
C GLY B 382 14.55 -11.00 -35.29
N LEU B 383 13.40 -11.47 -35.77
CA LEU B 383 12.42 -12.10 -34.90
C LEU B 383 12.19 -13.55 -35.31
N LYS B 384 12.07 -14.43 -34.32
CA LYS B 384 11.90 -15.86 -34.58
C LYS B 384 10.73 -16.44 -33.78
N SER B 385 9.75 -15.61 -33.48
CA SER B 385 8.57 -16.05 -32.75
C SER B 385 7.36 -15.18 -33.09
N CYS B 386 6.18 -15.80 -33.14
CA CYS B 386 4.95 -15.11 -33.47
C CYS B 386 3.94 -15.23 -32.35
N MET B 387 3.01 -14.29 -32.29
CA MET B 387 2.02 -14.26 -31.22
C MET B 387 0.67 -13.76 -31.72
N GLY B 388 -0.35 -13.95 -30.91
CA GLY B 388 -1.70 -13.54 -31.27
C GLY B 388 -2.27 -14.41 -32.38
N LEU B 389 -1.77 -15.64 -32.47
CA LEU B 389 -2.20 -16.57 -33.51
C LEU B 389 -3.46 -17.33 -33.11
N LYS B 390 -4.28 -17.64 -34.10
CA LYS B 390 -5.50 -18.41 -33.88
C LYS B 390 -5.31 -19.80 -34.47
N ILE B 391 -5.92 -20.80 -33.84
CA ILE B 391 -5.83 -22.16 -34.33
C ILE B 391 -6.19 -22.20 -35.82
N GLY B 392 -5.27 -22.69 -36.64
CA GLY B 392 -5.47 -22.75 -38.07
C GLY B 392 -4.54 -21.81 -38.82
N ASP B 393 -4.02 -20.82 -38.11
CA ASP B 393 -3.13 -19.83 -38.72
C ASP B 393 -1.80 -20.46 -39.13
N THR B 394 -1.15 -19.84 -40.13
CA THR B 394 0.15 -20.30 -40.58
C THR B 394 1.13 -19.12 -40.62
N VAL B 395 2.32 -19.35 -40.09
CA VAL B 395 3.38 -18.35 -40.15
C VAL B 395 4.60 -18.95 -40.84
N SER B 396 5.53 -18.09 -41.25
CA SER B 396 6.75 -18.56 -41.88
C SER B 396 7.92 -17.70 -41.42
N PHE B 397 9.13 -18.25 -41.56
CA PHE B 397 10.33 -17.55 -41.14
C PHE B 397 11.40 -17.64 -42.24
N SER B 398 12.10 -16.53 -42.47
CA SER B 398 13.23 -16.54 -43.39
C SER B 398 14.51 -16.72 -42.59
N ILE B 399 15.31 -17.71 -42.97
CA ILE B 399 16.52 -18.02 -42.22
C ILE B 399 17.77 -17.95 -43.11
N GLU B 400 18.88 -17.54 -42.51
CA GLU B 400 20.16 -17.52 -43.20
C GLU B 400 21.25 -18.08 -42.29
N ALA B 401 22.07 -18.97 -42.84
CA ALA B 401 23.19 -19.53 -42.11
C ALA B 401 24.48 -18.93 -42.63
N LYS B 402 25.34 -18.48 -41.70
CA LYS B 402 26.61 -17.90 -42.07
C LYS B 402 27.73 -18.69 -41.41
N VAL B 403 28.53 -19.36 -42.23
CA VAL B 403 29.64 -20.17 -41.73
C VAL B 403 30.88 -19.30 -41.56
N ARG B 404 31.65 -19.57 -40.51
CA ARG B 404 32.84 -18.79 -40.20
C ARG B 404 34.09 -19.66 -40.39
N GLY B 405 34.79 -19.44 -41.49
CA GLY B 405 35.94 -20.25 -41.83
C GLY B 405 35.47 -21.56 -42.47
N CYS B 406 36.24 -22.62 -42.26
CA CYS B 406 35.83 -23.95 -42.70
C CYS B 406 36.25 -24.96 -41.64
N PRO B 407 35.27 -25.61 -40.99
CA PRO B 407 35.53 -26.49 -39.85
C PRO B 407 36.24 -27.78 -40.25
N GLN B 408 36.79 -28.47 -39.25
CA GLN B 408 37.48 -29.73 -39.48
C GLN B 408 36.53 -30.80 -39.99
N GLU B 409 35.32 -30.83 -39.43
CA GLU B 409 34.29 -31.77 -39.87
C GLU B 409 33.48 -31.15 -41.00
N LYS B 410 33.17 -31.94 -42.01
CA LYS B 410 32.51 -31.42 -43.20
C LYS B 410 31.02 -31.75 -43.23
N GLU B 411 30.61 -32.73 -42.41
CA GLU B 411 29.20 -33.11 -42.32
C GLU B 411 28.66 -32.91 -40.91
N LYS B 412 27.78 -31.92 -40.76
CA LYS B 412 27.08 -31.72 -39.50
C LYS B 412 25.62 -31.46 -39.81
N SER B 413 24.77 -31.65 -38.81
CA SER B 413 23.35 -31.40 -38.97
C SER B 413 22.76 -30.88 -37.68
N PHE B 414 21.88 -29.89 -37.78
CA PHE B 414 21.23 -29.34 -36.61
C PHE B 414 19.73 -29.36 -36.84
N THR B 415 18.98 -28.97 -35.81
CA THR B 415 17.52 -29.01 -35.86
C THR B 415 16.94 -27.64 -35.58
N ILE B 416 15.88 -27.30 -36.30
CA ILE B 416 15.08 -26.13 -35.99
C ILE B 416 13.65 -26.56 -35.71
N LYS B 417 13.17 -26.26 -34.51
CA LYS B 417 11.89 -26.79 -34.06
C LYS B 417 11.11 -25.77 -33.24
N PRO B 418 9.80 -25.64 -33.51
CA PRO B 418 8.96 -24.81 -32.66
C PRO B 418 8.82 -25.45 -31.28
N VAL B 419 8.76 -24.65 -30.22
CA VAL B 419 8.66 -25.20 -28.88
C VAL B 419 7.29 -25.84 -28.67
N GLY B 420 7.29 -27.06 -28.13
CA GLY B 420 6.06 -27.77 -27.86
C GLY B 420 5.54 -28.55 -29.04
N PHE B 421 6.17 -28.38 -30.21
CA PHE B 421 5.73 -29.04 -31.44
C PHE B 421 6.40 -30.39 -31.64
N LYS B 422 5.69 -31.30 -32.29
CA LYS B 422 6.21 -32.65 -32.54
C LYS B 422 7.19 -32.63 -33.70
N ASP B 423 6.81 -31.94 -34.78
CA ASP B 423 7.61 -31.92 -35.99
C ASP B 423 8.74 -30.89 -35.91
N SER B 424 9.68 -30.99 -36.83
CA SER B 424 10.84 -30.10 -36.85
C SER B 424 11.53 -30.13 -38.20
N LEU B 425 12.39 -29.13 -38.44
CA LEU B 425 13.17 -29.06 -39.67
C LEU B 425 14.60 -29.50 -39.40
N ILE B 426 15.00 -30.61 -40.00
CA ILE B 426 16.38 -31.08 -39.91
C ILE B 426 17.20 -30.49 -41.04
N VAL B 427 18.21 -29.71 -40.69
CA VAL B 427 19.11 -29.14 -41.68
C VAL B 427 20.42 -29.91 -41.71
N GLN B 428 20.66 -30.60 -42.82
CA GLN B 428 21.91 -31.33 -43.02
C GLN B 428 22.92 -30.43 -43.73
N VAL B 429 23.99 -30.07 -43.02
CA VAL B 429 24.97 -29.15 -43.55
C VAL B 429 26.19 -29.89 -44.11
N THR B 430 26.71 -29.37 -45.22
CA THR B 430 27.91 -29.91 -45.84
C THR B 430 28.86 -28.76 -46.15
N PHE B 431 30.08 -28.82 -45.61
CA PHE B 431 31.05 -27.77 -45.84
C PHE B 431 31.96 -28.08 -47.04
N ASP B 432 31.79 -27.30 -48.10
CA ASP B 432 32.51 -27.51 -49.35
C ASP B 432 33.68 -26.53 -49.46
N CYS B 433 34.86 -26.97 -49.04
CA CYS B 433 36.05 -26.12 -49.08
C CYS B 433 37.25 -26.84 -49.68
N ASP B 434 36.98 -27.96 -50.34
CA ASP B 434 38.02 -28.72 -51.03
C ASP B 434 37.85 -28.61 -52.53
N CYS B 435 38.71 -29.29 -53.29
CA CYS B 435 38.61 -29.32 -54.75
C CYS B 435 38.54 -30.75 -55.26
N ALA B 436 37.80 -30.94 -56.35
CA ALA B 436 37.62 -32.27 -56.92
C ALA B 436 38.94 -32.89 -57.35
N CYS B 437 39.84 -32.06 -57.88
CA CYS B 437 41.11 -32.55 -58.39
C CYS B 437 42.05 -33.02 -57.27
N GLN B 438 41.74 -32.65 -56.04
CA GLN B 438 42.51 -33.10 -54.89
C GLN B 438 42.37 -34.60 -54.72
N ALA B 439 41.22 -35.12 -55.13
CA ALA B 439 40.93 -36.55 -55.02
C ALA B 439 41.62 -37.33 -56.13
N GLN B 440 42.66 -36.73 -56.72
CA GLN B 440 43.44 -37.39 -57.75
C GLN B 440 44.80 -36.73 -57.84
N ALA B 441 45.40 -36.45 -56.69
CA ALA B 441 46.71 -35.83 -56.63
C ALA B 441 47.80 -36.85 -56.96
N GLU B 442 49.03 -36.37 -57.11
CA GLU B 442 50.16 -37.24 -57.40
C GLU B 442 51.25 -37.05 -56.35
N PRO B 443 51.29 -37.93 -55.35
CA PRO B 443 52.33 -37.87 -54.32
C PRO B 443 53.69 -38.25 -54.87
N ASN B 444 54.74 -37.62 -54.37
CA ASN B 444 56.09 -37.88 -54.84
C ASN B 444 56.17 -37.71 -56.36
N SER B 445 55.46 -36.71 -56.87
CA SER B 445 55.36 -36.51 -58.32
C SER B 445 56.73 -36.28 -58.95
N HIS B 446 56.92 -36.85 -60.13
CA HIS B 446 58.15 -36.71 -60.89
C HIS B 446 58.36 -35.27 -61.35
N ARG B 447 57.32 -34.45 -61.21
CA ARG B 447 57.38 -33.06 -61.65
C ARG B 447 57.86 -32.12 -60.56
N CYS B 448 57.61 -32.50 -59.31
CA CYS B 448 57.83 -31.60 -58.18
C CYS B 448 59.16 -31.84 -57.48
N ASN B 449 60.12 -30.95 -57.74
CA ASN B 449 61.42 -31.02 -57.10
C ASN B 449 61.98 -32.43 -57.15
N ASN B 450 61.53 -33.21 -58.14
CA ASN B 450 61.95 -34.59 -58.30
C ASN B 450 61.62 -35.47 -57.09
N GLY B 451 60.34 -35.71 -56.87
CA GLY B 451 59.89 -36.60 -55.82
C GLY B 451 59.61 -35.88 -54.50
N ASN B 452 60.38 -34.85 -54.21
CA ASN B 452 60.25 -34.12 -52.95
C ASN B 452 58.89 -33.42 -52.79
N GLY B 453 58.09 -33.44 -53.86
CA GLY B 453 56.81 -32.76 -53.84
C GLY B 453 55.64 -33.59 -54.35
N THR B 454 54.44 -33.05 -54.17
CA THR B 454 53.20 -33.69 -54.60
C THR B 454 52.50 -32.82 -55.64
N PHE B 455 51.96 -33.44 -56.68
CA PHE B 455 51.32 -32.72 -57.77
C PHE B 455 49.81 -32.81 -57.69
N GLU B 456 49.14 -31.68 -57.44
CA GLU B 456 47.68 -31.65 -57.35
C GLU B 456 47.08 -30.35 -57.87
N CYS B 457 45.95 -30.46 -58.56
CA CYS B 457 45.21 -29.29 -59.05
C CYS B 457 46.09 -28.35 -59.87
N GLY B 458 47.03 -28.93 -60.61
CA GLY B 458 47.87 -28.14 -61.51
C GLY B 458 49.25 -27.86 -60.94
N VAL B 459 49.30 -27.30 -59.73
CA VAL B 459 50.56 -26.89 -59.13
C VAL B 459 51.24 -28.01 -58.34
N CYS B 460 52.41 -27.70 -57.78
CA CYS B 460 53.14 -28.65 -56.95
C CYS B 460 53.06 -28.22 -55.49
N ARG B 461 52.85 -29.21 -54.62
CA ARG B 461 52.74 -28.97 -53.19
C ARG B 461 53.82 -29.74 -52.45
N CYS B 462 54.46 -29.09 -51.48
CA CYS B 462 55.49 -29.75 -50.68
C CYS B 462 54.88 -30.93 -49.94
N GLY B 463 55.50 -32.09 -50.05
CA GLY B 463 54.96 -33.31 -49.49
C GLY B 463 54.90 -33.31 -47.97
N PRO B 464 54.33 -34.37 -47.38
CA PRO B 464 54.27 -34.54 -45.92
C PRO B 464 55.62 -34.88 -45.31
N GLY B 465 55.90 -34.29 -44.15
CA GLY B 465 57.17 -34.48 -43.49
C GLY B 465 58.11 -33.32 -43.74
N TRP B 466 57.65 -32.35 -44.54
CA TRP B 466 58.47 -31.20 -44.89
C TRP B 466 57.95 -29.95 -44.18
N LEU C 1 -23.24 51.63 2.08
CA LEU C 1 -23.51 52.88 2.84
C LEU C 1 -24.74 53.58 2.29
N ASN C 2 -24.78 53.76 0.98
CA ASN C 2 -25.88 54.46 0.33
C ASN C 2 -26.71 53.58 -0.60
N LEU C 3 -26.63 52.26 -0.42
CA LEU C 3 -27.52 51.34 -1.13
C LEU C 3 -28.90 51.35 -0.49
N ASP C 4 -29.94 51.52 -1.30
CA ASP C 4 -31.31 51.61 -0.81
C ASP C 4 -31.92 50.23 -0.61
N PRO C 5 -32.17 49.84 0.65
CA PRO C 5 -32.71 48.52 0.98
C PRO C 5 -34.21 48.55 1.17
N VAL C 6 -34.86 49.59 0.66
CA VAL C 6 -36.30 49.73 0.80
C VAL C 6 -36.99 49.50 -0.53
N GLN C 7 -36.57 50.22 -1.56
CA GLN C 7 -37.10 50.02 -2.91
C GLN C 7 -36.13 49.26 -3.79
N LEU C 8 -36.24 47.93 -3.77
CA LEU C 8 -35.41 47.09 -4.61
C LEU C 8 -36.12 46.79 -5.92
N THR C 9 -35.41 46.10 -6.81
CA THR C 9 -35.95 45.63 -8.07
C THR C 9 -35.73 44.13 -8.14
N PHE C 10 -36.74 43.38 -8.57
CA PHE C 10 -36.62 41.93 -8.65
C PHE C 10 -36.84 41.41 -10.05
N TYR C 11 -35.90 40.59 -10.51
CA TYR C 11 -36.07 39.83 -11.74
C TYR C 11 -36.24 38.37 -11.37
N ALA C 12 -37.06 37.66 -12.13
CA ALA C 12 -37.37 36.27 -11.78
C ALA C 12 -37.29 35.35 -12.99
N GLY C 13 -36.78 34.14 -12.77
CA GLY C 13 -36.70 33.14 -13.81
C GLY C 13 -37.64 31.99 -13.49
N PRO C 14 -37.71 31.00 -14.39
CA PRO C 14 -38.61 29.85 -14.19
C PRO C 14 -38.27 29.08 -12.92
N ASN C 15 -39.24 28.39 -12.37
CA ASN C 15 -39.02 27.53 -11.22
C ASN C 15 -37.99 26.46 -11.52
N GLY C 16 -37.07 26.24 -10.58
CA GLY C 16 -36.09 25.18 -10.70
C GLY C 16 -34.97 25.49 -11.68
N SER C 17 -34.99 26.68 -12.27
CA SER C 17 -34.03 27.03 -13.29
C SER C 17 -32.70 27.49 -12.70
N GLN C 18 -32.71 27.82 -11.41
CA GLN C 18 -31.52 28.36 -10.74
C GLN C 18 -31.10 29.69 -11.37
N PHE C 19 -32.08 30.39 -11.94
CA PHE C 19 -31.92 31.77 -12.36
C PHE C 19 -31.28 32.57 -11.23
N GLY C 20 -30.13 33.19 -11.50
CA GLY C 20 -29.44 33.96 -10.50
C GLY C 20 -28.13 33.34 -10.05
N PHE C 21 -27.91 32.09 -10.44
CA PHE C 21 -26.69 31.37 -10.10
C PHE C 21 -25.45 32.15 -10.55
N SER C 22 -25.55 32.81 -11.70
CA SER C 22 -24.50 33.70 -12.16
C SER C 22 -25.14 34.91 -12.81
N LEU C 23 -24.40 36.01 -12.90
CA LEU C 23 -24.90 37.22 -13.55
C LEU C 23 -23.79 38.20 -13.85
N ASP C 24 -24.12 39.22 -14.63
CA ASP C 24 -23.18 40.30 -14.92
C ASP C 24 -23.89 41.48 -15.58
N PHE C 25 -23.22 42.63 -15.59
CA PHE C 25 -23.73 43.79 -16.30
C PHE C 25 -23.35 43.68 -17.77
N HIS C 26 -24.20 44.22 -18.64
CA HIS C 26 -23.94 44.18 -20.07
C HIS C 26 -24.32 45.51 -20.72
N LYS C 27 -23.34 46.14 -21.36
CA LYS C 27 -23.59 47.34 -22.16
C LYS C 27 -23.70 46.95 -23.62
N ASP C 28 -24.79 47.35 -24.27
CA ASP C 28 -24.91 47.16 -25.70
C ASP C 28 -24.02 48.18 -26.41
N SER C 29 -24.04 48.16 -27.74
CA SER C 29 -23.19 49.06 -28.52
C SER C 29 -23.63 50.52 -28.40
N HIS C 30 -24.63 50.79 -27.57
CA HIS C 30 -25.12 52.14 -27.34
C HIS C 30 -24.84 52.60 -25.91
N GLY C 31 -24.26 51.72 -25.10
CA GLY C 31 -23.91 52.05 -23.73
C GLY C 31 -25.03 51.79 -22.74
N ARG C 32 -26.18 51.35 -23.23
CA ARG C 32 -27.31 51.06 -22.37
C ARG C 32 -27.08 49.77 -21.59
N VAL C 33 -27.15 49.87 -20.27
CA VAL C 33 -26.81 48.76 -19.39
C VAL C 33 -27.99 47.81 -19.17
N ALA C 34 -27.73 46.52 -19.35
CA ALA C 34 -28.69 45.48 -19.05
C ALA C 34 -28.03 44.47 -18.11
N ILE C 35 -28.79 43.46 -17.69
CA ILE C 35 -28.25 42.43 -16.82
C ILE C 35 -28.38 41.08 -17.50
N VAL C 36 -27.26 40.35 -17.57
CA VAL C 36 -27.27 39.01 -18.11
C VAL C 36 -27.26 38.05 -16.93
N VAL C 37 -28.17 37.09 -16.94
CA VAL C 37 -28.33 36.17 -15.83
C VAL C 37 -28.27 34.72 -16.29
N GLY C 38 -27.42 33.93 -15.64
CA GLY C 38 -27.33 32.51 -15.90
C GLY C 38 -28.36 31.73 -15.11
N ALA C 39 -28.94 30.72 -15.74
CA ALA C 39 -29.90 29.83 -15.10
C ALA C 39 -29.55 28.39 -15.50
N PRO C 40 -28.56 27.81 -14.80
CA PRO C 40 -27.94 26.54 -15.20
C PRO C 40 -28.84 25.29 -15.17
N ARG C 41 -30.11 25.41 -14.77
CA ARG C 41 -30.99 24.23 -14.75
C ARG C 41 -32.27 24.43 -15.57
N THR C 42 -32.28 25.46 -16.39
CA THR C 42 -33.40 25.72 -17.26
C THR C 42 -33.65 24.53 -18.17
N LEU C 43 -34.92 24.15 -18.32
CA LEU C 43 -35.27 23.03 -19.19
C LEU C 43 -34.99 23.35 -20.65
N GLY C 44 -34.44 22.37 -21.36
CA GLY C 44 -34.22 22.51 -22.80
C GLY C 44 -35.36 21.89 -23.59
N PRO C 45 -35.32 22.05 -24.93
CA PRO C 45 -36.36 21.55 -25.83
C PRO C 45 -36.58 20.06 -25.64
N SER C 46 -35.49 19.36 -25.33
CA SER C 46 -35.53 17.93 -25.07
C SER C 46 -36.32 17.60 -23.81
N GLN C 47 -36.75 18.65 -23.09
CA GLN C 47 -37.46 18.49 -21.82
C GLN C 47 -36.49 18.21 -20.67
N GLU C 48 -35.22 18.01 -20.98
CA GLU C 48 -34.21 17.81 -19.95
C GLU C 48 -33.57 19.13 -19.56
N GLU C 49 -32.93 19.14 -18.40
CA GLU C 49 -32.22 20.34 -17.94
C GLU C 49 -30.98 20.54 -18.80
N THR C 50 -30.85 21.72 -19.40
CA THR C 50 -29.68 22.05 -20.19
C THR C 50 -29.10 23.38 -19.73
N GLY C 51 -29.86 24.12 -18.93
CA GLY C 51 -29.48 25.46 -18.54
C GLY C 51 -29.93 26.47 -19.58
N GLY C 52 -29.67 27.74 -19.31
CA GLY C 52 -30.09 28.80 -20.19
C GLY C 52 -29.53 30.14 -19.73
N VAL C 53 -29.77 31.16 -20.54
CA VAL C 53 -29.24 32.49 -20.26
C VAL C 53 -30.31 33.53 -20.61
N PHE C 54 -30.41 34.54 -19.77
CA PHE C 54 -31.42 35.59 -19.96
C PHE C 54 -30.76 36.94 -20.03
N LEU C 55 -31.32 37.83 -20.82
CA LEU C 55 -30.82 39.19 -20.94
C LEU C 55 -31.91 40.17 -20.46
N CYS C 56 -31.78 40.60 -19.20
CA CYS C 56 -32.79 41.45 -18.57
C CYS C 56 -32.55 42.92 -18.86
N PRO C 57 -33.46 43.55 -19.60
CA PRO C 57 -33.37 45.01 -19.74
C PRO C 57 -33.66 45.70 -18.41
N TRP C 58 -32.93 46.78 -18.14
CA TRP C 58 -33.13 47.51 -16.89
C TRP C 58 -34.50 48.17 -16.80
N ARG C 59 -35.34 47.66 -15.91
CA ARG C 59 -36.64 48.25 -15.63
C ARG C 59 -36.76 48.32 -14.11
N ALA C 60 -37.09 49.49 -13.58
CA ALA C 60 -37.15 49.68 -12.13
C ALA C 60 -38.11 48.66 -11.49
N GLU C 61 -39.16 48.33 -12.21
CA GLU C 61 -40.18 47.40 -11.71
C GLU C 61 -39.72 45.95 -11.82
N GLY C 62 -38.60 45.73 -12.50
CA GLY C 62 -38.07 44.39 -12.67
C GLY C 62 -38.98 43.54 -13.53
N GLY C 63 -39.11 42.26 -13.19
CA GLY C 63 -40.05 41.38 -13.84
C GLY C 63 -39.41 40.19 -14.54
N GLN C 64 -39.93 39.85 -15.71
CA GLN C 64 -39.42 38.74 -16.50
C GLN C 64 -38.35 39.21 -17.48
N CYS C 65 -37.63 38.26 -18.08
CA CYS C 65 -36.54 38.62 -18.99
C CYS C 65 -36.55 37.77 -20.25
N PRO C 66 -36.20 38.39 -21.39
CA PRO C 66 -36.05 37.68 -22.66
C PRO C 66 -35.02 36.56 -22.54
N SER C 67 -35.24 35.47 -23.25
CA SER C 67 -34.26 34.38 -23.28
C SER C 67 -33.22 34.64 -24.36
N LEU C 68 -31.95 34.55 -23.99
CA LEU C 68 -30.86 34.62 -24.96
C LEU C 68 -30.61 33.22 -25.53
N LEU C 69 -30.98 33.02 -26.79
CA LEU C 69 -31.07 31.68 -27.36
C LEU C 69 -29.73 31.11 -27.84
N PHE C 70 -29.47 29.87 -27.46
CA PHE C 70 -28.31 29.14 -27.94
C PHE C 70 -28.73 27.80 -28.52
N ASP C 71 -27.86 27.22 -29.35
CA ASP C 71 -28.12 25.91 -29.93
C ASP C 71 -27.95 24.82 -28.89
N LEU C 72 -29.03 24.16 -28.53
CA LEU C 72 -28.99 23.15 -27.47
C LEU C 72 -29.14 21.71 -28.01
N ARG C 73 -28.70 21.49 -29.25
CA ARG C 73 -28.77 20.16 -29.85
C ARG C 73 -27.50 19.36 -29.65
N ASP C 74 -27.64 18.07 -29.35
CA ASP C 74 -26.50 17.16 -29.31
C ASP C 74 -25.99 16.95 -30.72
N GLU C 75 -24.68 17.02 -30.89
CA GLU C 75 -24.07 16.99 -32.20
C GLU C 75 -23.28 15.71 -32.41
N THR C 76 -23.30 15.21 -33.64
CA THR C 76 -22.51 14.04 -34.02
C THR C 76 -21.80 14.33 -35.34
N ARG C 77 -20.52 13.98 -35.42
CA ARG C 77 -19.77 14.14 -36.67
C ARG C 77 -18.90 12.92 -36.96
N ASN C 78 -19.16 12.29 -38.11
CA ASN C 78 -18.36 11.15 -38.54
C ASN C 78 -17.28 11.62 -39.50
N VAL C 79 -16.07 11.78 -38.97
CA VAL C 79 -14.96 12.27 -39.77
C VAL C 79 -13.66 11.59 -39.33
N GLY C 80 -12.72 11.46 -40.26
CA GLY C 80 -11.44 10.84 -39.98
C GLY C 80 -11.58 9.45 -39.40
N SER C 81 -12.59 8.71 -39.87
CA SER C 81 -12.87 7.37 -39.38
C SER C 81 -13.14 7.36 -37.88
N GLN C 82 -13.51 8.52 -37.33
CA GLN C 82 -13.89 8.64 -35.93
C GLN C 82 -15.28 9.24 -35.82
N THR C 83 -15.87 9.17 -34.63
CA THR C 83 -17.18 9.75 -34.40
C THR C 83 -17.15 10.74 -33.23
N LEU C 84 -17.36 12.02 -33.53
CA LEU C 84 -17.32 13.06 -32.51
C LEU C 84 -18.72 13.32 -31.93
N GLN C 85 -18.82 13.39 -30.61
CA GLN C 85 -20.11 13.55 -29.95
C GLN C 85 -20.11 14.63 -28.87
N THR C 86 -21.13 15.47 -28.89
CA THR C 86 -21.34 16.44 -27.82
C THR C 86 -22.62 16.09 -27.09
N PHE C 87 -22.63 16.28 -25.78
CA PHE C 87 -23.79 15.99 -24.96
C PHE C 87 -24.11 17.19 -24.09
N LYS C 88 -25.32 17.71 -24.24
CA LYS C 88 -25.70 18.95 -23.58
C LYS C 88 -26.69 18.74 -22.43
N ALA C 89 -27.15 17.50 -22.23
CA ALA C 89 -28.05 17.20 -21.12
C ALA C 89 -27.36 17.48 -19.80
N ARG C 90 -28.00 18.33 -18.98
CA ARG C 90 -27.49 18.67 -17.66
C ARG C 90 -26.09 19.29 -17.73
N GLN C 91 -25.87 20.13 -18.75
CA GLN C 91 -24.55 20.70 -18.99
C GLN C 91 -24.31 21.95 -18.15
N GLY C 92 -25.38 22.55 -17.66
CA GLY C 92 -25.27 23.72 -16.80
C GLY C 92 -24.94 24.98 -17.56
N LEU C 93 -25.51 25.13 -18.75
CA LEU C 93 -25.37 26.39 -19.50
C LEU C 93 -25.80 27.54 -18.59
N GLY C 94 -24.90 28.49 -18.38
CA GLY C 94 -25.20 29.63 -17.53
C GLY C 94 -24.69 29.47 -16.11
N ALA C 95 -23.88 28.45 -15.87
CA ALA C 95 -23.21 28.29 -14.57
C ALA C 95 -22.22 29.42 -14.39
N SER C 96 -21.83 30.05 -15.49
CA SER C 96 -21.03 31.25 -15.45
C SER C 96 -21.40 32.15 -16.63
N VAL C 97 -21.42 33.45 -16.39
CA VAL C 97 -21.68 34.42 -17.45
C VAL C 97 -20.74 35.60 -17.26
N VAL C 98 -20.35 36.20 -18.37
CA VAL C 98 -19.49 37.37 -18.34
C VAL C 98 -19.70 38.19 -19.62
N SER C 99 -19.69 39.50 -19.47
CA SER C 99 -19.89 40.39 -20.61
C SER C 99 -18.63 41.21 -20.88
N TRP C 100 -18.33 41.39 -22.16
CA TRP C 100 -17.21 42.23 -22.56
C TRP C 100 -17.58 42.93 -23.85
N SER C 101 -17.36 44.24 -23.90
CA SER C 101 -17.76 45.00 -25.08
C SER C 101 -19.25 44.76 -25.30
N ASP C 102 -19.63 44.28 -26.48
CA ASP C 102 -21.02 43.96 -26.76
C ASP C 102 -21.21 42.44 -26.91
N VAL C 103 -20.30 41.69 -26.31
CA VAL C 103 -20.31 40.24 -26.39
C VAL C 103 -20.62 39.60 -25.04
N ILE C 104 -21.38 38.52 -25.06
CA ILE C 104 -21.66 37.76 -23.86
C ILE C 104 -21.05 36.37 -23.97
N VAL C 105 -20.59 35.83 -22.84
CA VAL C 105 -20.02 34.50 -22.81
C VAL C 105 -20.64 33.70 -21.68
N ALA C 106 -21.45 32.70 -22.03
CA ALA C 106 -22.05 31.82 -21.04
C ALA C 106 -21.45 30.43 -21.19
N CYS C 107 -21.10 29.81 -20.08
CA CYS C 107 -20.41 28.53 -20.14
C CYS C 107 -21.24 27.36 -19.61
N ALA C 108 -21.00 26.19 -20.19
CA ALA C 108 -21.62 24.95 -19.75
C ALA C 108 -20.53 24.02 -19.24
N PRO C 109 -20.09 24.24 -17.99
CA PRO C 109 -18.92 23.52 -17.46
C PRO C 109 -19.09 22.01 -17.44
N TRP C 110 -20.31 21.51 -17.57
CA TRP C 110 -20.56 20.07 -17.49
C TRP C 110 -21.09 19.47 -18.78
N GLN C 111 -20.91 20.19 -19.88
CA GLN C 111 -21.18 19.62 -21.19
C GLN C 111 -20.24 18.44 -21.40
N HIS C 112 -20.78 17.32 -21.88
CA HIS C 112 -19.95 16.13 -22.10
C HIS C 112 -19.51 15.96 -23.54
N TRP C 113 -18.53 15.09 -23.72
CA TRP C 113 -17.85 14.94 -24.99
C TRP C 113 -17.28 13.54 -25.08
N ASN C 114 -17.50 12.88 -26.21
CA ASN C 114 -16.92 11.57 -26.45
C ASN C 114 -16.40 11.49 -27.88
N VAL C 115 -15.51 10.53 -28.13
CA VAL C 115 -15.01 10.26 -29.47
C VAL C 115 -14.89 8.75 -29.63
N LEU C 116 -15.56 8.22 -30.66
CA LEU C 116 -15.56 6.78 -30.89
C LEU C 116 -14.71 6.41 -32.09
N GLU C 117 -14.02 5.29 -31.99
CA GLU C 117 -13.24 4.75 -33.09
C GLU C 117 -13.29 3.23 -33.05
N LYS C 118 -14.15 2.65 -33.88
CA LYS C 118 -14.39 1.21 -33.87
C LYS C 118 -14.89 0.78 -32.50
N THR C 119 -14.08 0.06 -31.74
CA THR C 119 -14.49 -0.42 -30.42
C THR C 119 -13.89 0.41 -29.30
N GLU C 120 -12.98 1.31 -29.65
CA GLU C 120 -12.33 2.17 -28.66
C GLU C 120 -13.02 3.52 -28.55
N GLU C 121 -12.69 4.26 -27.49
CA GLU C 121 -13.26 5.58 -27.28
C GLU C 121 -12.31 6.45 -26.46
N ALA C 122 -12.57 7.74 -26.41
CA ALA C 122 -11.82 8.65 -25.55
C ALA C 122 -12.42 8.66 -24.15
N GLU C 123 -13.69 8.27 -24.07
CA GLU C 123 -14.48 8.25 -22.82
C GLU C 123 -15.40 9.47 -22.76
N LYS C 124 -16.64 9.23 -22.34
CA LYS C 124 -17.64 10.29 -22.23
C LYS C 124 -17.39 11.15 -21.00
N THR C 125 -16.69 12.26 -21.17
CA THR C 125 -16.28 13.08 -20.03
C THR C 125 -16.75 14.53 -20.16
N PRO C 126 -16.75 15.26 -19.04
CA PRO C 126 -17.20 16.66 -19.03
C PRO C 126 -16.07 17.64 -19.36
N VAL C 127 -15.80 17.85 -20.64
CA VAL C 127 -14.78 18.80 -21.04
C VAL C 127 -15.26 20.24 -20.88
N GLY C 128 -16.58 20.43 -20.80
CA GLY C 128 -17.15 21.76 -20.71
C GLY C 128 -17.09 22.51 -22.03
N SER C 129 -17.83 23.61 -22.13
CA SER C 129 -17.83 24.42 -23.33
C SER C 129 -18.44 25.79 -23.06
N CYS C 130 -17.99 26.80 -23.81
CA CYS C 130 -18.52 28.15 -23.67
C CYS C 130 -19.26 28.59 -24.93
N PHE C 131 -20.35 29.31 -24.72
CA PHE C 131 -21.12 29.88 -25.82
C PHE C 131 -20.94 31.40 -25.82
N LEU C 132 -20.51 31.95 -26.96
CA LEU C 132 -20.36 33.39 -27.09
C LEU C 132 -21.45 33.95 -27.99
N ALA C 133 -22.05 35.05 -27.56
CA ALA C 133 -23.13 35.67 -28.31
C ALA C 133 -22.86 37.16 -28.53
N GLN C 134 -23.18 37.65 -29.72
CA GLN C 134 -23.22 39.08 -29.96
C GLN C 134 -24.68 39.47 -30.18
N PRO C 135 -25.39 39.72 -29.07
CA PRO C 135 -26.85 39.88 -29.06
C PRO C 135 -27.42 40.77 -30.18
N GLU C 136 -26.77 41.90 -30.44
CA GLU C 136 -27.30 42.85 -31.40
C GLU C 136 -27.21 42.34 -32.85
N SER C 137 -26.16 41.58 -33.15
CA SER C 137 -25.95 41.10 -34.52
C SER C 137 -26.45 39.67 -34.70
N GLY C 138 -26.81 39.03 -33.59
CA GLY C 138 -27.31 37.66 -33.63
C GLY C 138 -26.19 36.64 -33.82
N ARG C 139 -24.95 37.12 -33.80
CA ARG C 139 -23.82 36.23 -34.03
C ARG C 139 -23.64 35.27 -32.87
N ARG C 140 -23.11 34.09 -33.18
CA ARG C 140 -22.90 33.05 -32.19
C ARG C 140 -21.59 32.33 -32.47
N ALA C 141 -20.91 31.91 -31.42
CA ALA C 141 -19.70 31.13 -31.53
C ALA C 141 -19.52 30.28 -30.29
N GLU C 142 -18.73 29.22 -30.41
CA GLU C 142 -18.47 28.34 -29.28
C GLU C 142 -16.97 28.20 -29.07
N TYR C 143 -16.58 27.80 -27.86
CA TYR C 143 -15.18 27.61 -27.54
C TYR C 143 -15.05 26.50 -26.50
N SER C 144 -14.42 25.40 -26.92
CA SER C 144 -14.25 24.25 -26.05
C SER C 144 -12.82 23.74 -26.21
N PRO C 145 -11.87 24.38 -25.53
CA PRO C 145 -10.44 24.11 -25.69
C PRO C 145 -9.96 22.75 -25.16
N CYS C 146 -10.81 22.01 -24.45
CA CYS C 146 -10.39 20.75 -23.84
C CYS C 146 -10.80 19.51 -24.64
N ARG C 147 -11.70 19.69 -25.61
CA ARG C 147 -12.08 18.59 -26.50
C ARG C 147 -10.83 18.00 -27.16
N GLY C 148 -10.75 16.67 -27.20
CA GLY C 148 -9.66 15.99 -27.87
C GLY C 148 -10.16 14.80 -28.65
N ASN C 149 -9.26 14.14 -29.39
CA ASN C 149 -9.64 12.94 -30.15
C ASN C 149 -8.74 11.73 -29.85
N THR C 150 -7.99 11.81 -28.75
CA THR C 150 -7.15 10.70 -28.31
C THR C 150 -8.01 9.62 -27.68
N LEU C 151 -7.61 8.37 -27.85
CA LEU C 151 -8.36 7.24 -27.31
C LEU C 151 -7.90 6.89 -25.90
N SER C 152 -8.82 6.32 -25.13
CA SER C 152 -8.57 5.90 -23.75
C SER C 152 -7.20 5.27 -23.56
N ARG C 153 -6.95 4.20 -24.31
CA ARG C 153 -5.72 3.44 -24.21
C ARG C 153 -4.46 4.30 -24.17
N ILE C 154 -4.45 5.37 -24.96
CA ILE C 154 -3.25 6.19 -25.10
C ILE C 154 -2.89 6.93 -23.82
N TYR C 155 -3.89 7.50 -23.15
CA TYR C 155 -3.66 8.20 -21.90
C TYR C 155 -3.04 7.27 -20.87
N VAL C 156 -3.52 6.03 -20.84
CA VAL C 156 -3.02 5.03 -19.91
C VAL C 156 -1.52 4.83 -20.12
N GLU C 157 -1.12 4.69 -21.38
CA GLU C 157 0.29 4.48 -21.71
C GLU C 157 1.15 5.62 -21.18
N ASN C 158 0.66 6.84 -21.26
CA ASN C 158 1.44 8.01 -20.88
C ASN C 158 1.20 8.48 -19.45
N ASP C 159 0.73 7.58 -18.59
CA ASP C 159 0.49 7.91 -17.19
C ASP C 159 -0.46 9.09 -17.08
N PHE C 160 -1.48 9.09 -17.92
CA PHE C 160 -2.53 10.10 -17.87
C PHE C 160 -1.97 11.51 -17.88
N SER C 161 -0.94 11.73 -18.69
CA SER C 161 -0.38 13.07 -18.87
C SER C 161 -1.21 13.85 -19.88
N TRP C 162 -1.29 15.16 -19.68
CA TRP C 162 -2.03 16.03 -20.57
C TRP C 162 -3.45 15.52 -20.79
N ASP C 163 -4.07 15.08 -19.71
CA ASP C 163 -5.43 14.59 -19.73
C ASP C 163 -6.39 15.76 -19.48
N LYS C 164 -6.95 16.30 -20.55
CA LYS C 164 -7.86 17.43 -20.46
C LYS C 164 -9.32 17.00 -20.56
N ARG C 165 -9.58 15.71 -20.34
CA ARG C 165 -10.92 15.16 -20.55
C ARG C 165 -11.95 15.63 -19.53
N TYR C 166 -11.50 16.04 -18.34
CA TYR C 166 -12.43 16.40 -17.28
C TYR C 166 -12.35 17.90 -16.95
N CYS C 167 -11.77 18.67 -17.86
CA CYS C 167 -11.56 20.11 -17.68
C CYS C 167 -12.71 20.82 -16.97
N GLU C 168 -13.90 20.74 -17.54
CA GLU C 168 -15.01 21.57 -17.12
C GLU C 168 -14.68 23.04 -17.37
N ALA C 169 -14.10 23.31 -18.54
CA ALA C 169 -13.77 24.67 -18.94
C ALA C 169 -15.00 25.56 -18.85
N GLY C 170 -14.83 26.76 -18.30
CA GLY C 170 -15.93 27.68 -18.12
C GLY C 170 -16.48 27.64 -16.71
N PHE C 171 -15.94 26.74 -15.88
CA PHE C 171 -16.29 26.67 -14.47
C PHE C 171 -16.15 28.07 -13.86
N SER C 172 -15.07 28.76 -14.19
CA SER C 172 -14.94 30.18 -13.90
C SER C 172 -14.47 30.88 -15.16
N SER C 173 -14.67 32.19 -15.24
CA SER C 173 -14.26 32.92 -16.44
C SER C 173 -13.98 34.39 -16.15
N VAL C 174 -13.28 35.02 -17.10
CA VAL C 174 -12.98 36.44 -17.01
C VAL C 174 -12.40 36.88 -18.35
N VAL C 175 -12.62 38.14 -18.72
CA VAL C 175 -12.11 38.65 -19.98
C VAL C 175 -11.21 39.85 -19.74
N THR C 176 -10.00 39.82 -20.29
CA THR C 176 -9.07 40.91 -20.11
C THR C 176 -9.61 42.17 -20.79
N GLN C 177 -9.13 43.33 -20.37
CA GLN C 177 -9.58 44.58 -20.95
C GLN C 177 -9.27 44.63 -22.44
N ALA C 178 -8.39 43.74 -22.89
CA ALA C 178 -8.02 43.68 -24.30
C ALA C 178 -8.83 42.64 -25.08
N GLY C 179 -9.81 42.05 -24.42
CA GLY C 179 -10.70 41.10 -25.08
C GLY C 179 -10.14 39.69 -25.18
N GLU C 180 -9.35 39.30 -24.19
CA GLU C 180 -8.87 37.93 -24.14
C GLU C 180 -9.69 37.15 -23.12
N LEU C 181 -10.29 36.06 -23.58
CA LEU C 181 -11.11 35.21 -22.73
C LEU C 181 -10.23 34.23 -21.96
N VAL C 182 -10.34 34.25 -20.64
CA VAL C 182 -9.64 33.28 -19.80
C VAL C 182 -10.64 32.38 -19.10
N LEU C 183 -10.50 31.08 -19.30
CA LEU C 183 -11.40 30.12 -18.68
C LEU C 183 -10.67 29.32 -17.61
N GLY C 184 -11.33 29.14 -16.48
CA GLY C 184 -10.84 28.23 -15.45
C GLY C 184 -11.39 26.84 -15.67
N ALA C 185 -10.53 25.83 -15.54
CA ALA C 185 -10.94 24.44 -15.73
C ALA C 185 -10.41 23.57 -14.59
N PRO C 186 -11.14 23.54 -13.47
CA PRO C 186 -10.69 22.86 -12.24
C PRO C 186 -10.36 21.38 -12.45
N GLY C 187 -11.02 20.74 -13.41
CA GLY C 187 -10.82 19.32 -13.65
C GLY C 187 -9.64 19.03 -14.56
N GLY C 188 -9.04 20.08 -15.12
CA GLY C 188 -7.96 19.95 -16.09
C GLY C 188 -6.78 19.12 -15.61
N TYR C 189 -6.20 18.35 -16.54
CA TYR C 189 -5.03 17.53 -16.24
C TYR C 189 -5.29 16.62 -15.05
N TYR C 190 -6.31 15.79 -15.18
CA TYR C 190 -6.72 14.88 -14.11
C TYR C 190 -6.85 15.60 -12.78
N PHE C 191 -7.62 16.68 -12.78
CA PHE C 191 -8.09 17.33 -11.56
C PHE C 191 -7.04 18.18 -10.87
N LEU C 192 -6.00 18.55 -11.60
CA LEU C 192 -5.09 19.57 -11.12
C LEU C 192 -5.72 20.93 -11.36
N GLY C 193 -6.36 21.07 -12.51
CA GLY C 193 -6.91 22.34 -12.94
C GLY C 193 -6.00 23.00 -13.97
N LEU C 194 -6.61 23.77 -14.87
CA LEU C 194 -5.85 24.48 -15.88
C LEU C 194 -6.60 25.70 -16.35
N LEU C 195 -5.86 26.64 -16.94
CA LEU C 195 -6.47 27.81 -17.56
C LEU C 195 -6.34 27.73 -19.07
N ALA C 196 -7.36 28.21 -19.76
CA ALA C 196 -7.36 28.30 -21.22
C ALA C 196 -7.62 29.75 -21.63
N GLN C 197 -6.85 30.26 -22.57
CA GLN C 197 -7.01 31.65 -22.99
C GLN C 197 -7.03 31.79 -24.50
N ALA C 198 -7.92 32.65 -24.99
CA ALA C 198 -7.98 32.94 -26.43
C ALA C 198 -8.71 34.26 -26.68
N PRO C 199 -8.18 35.07 -27.60
CA PRO C 199 -8.85 36.32 -27.99
C PRO C 199 -10.27 36.05 -28.47
N VAL C 200 -11.22 36.85 -28.02
CA VAL C 200 -12.61 36.67 -28.42
C VAL C 200 -12.75 36.72 -29.94
N ALA C 201 -12.22 37.77 -30.55
CA ALA C 201 -12.32 37.95 -32.00
C ALA C 201 -11.83 36.72 -32.75
N ASP C 202 -10.86 36.01 -32.18
CA ASP C 202 -10.31 34.83 -32.83
C ASP C 202 -11.21 33.62 -32.66
N ILE C 203 -11.89 33.55 -31.52
CA ILE C 203 -12.85 32.49 -31.31
C ILE C 203 -13.99 32.62 -32.32
N PHE C 204 -14.39 33.86 -32.60
CA PHE C 204 -15.49 34.11 -33.52
C PHE C 204 -15.09 33.84 -34.97
N SER C 205 -13.88 34.22 -35.33
CA SER C 205 -13.44 34.15 -36.71
C SER C 205 -12.95 32.76 -37.12
N SER C 206 -12.76 31.88 -36.15
CA SER C 206 -12.26 30.54 -36.44
C SER C 206 -13.32 29.46 -36.19
N TYR C 207 -14.49 29.88 -35.71
CA TYR C 207 -15.57 28.94 -35.44
C TYR C 207 -16.53 28.79 -36.61
N ARG C 208 -16.91 27.56 -36.90
CA ARG C 208 -17.96 27.28 -37.86
C ARG C 208 -18.83 26.18 -37.27
N PRO C 209 -20.15 26.28 -37.45
CA PRO C 209 -21.04 25.26 -36.88
C PRO C 209 -20.82 23.90 -37.55
N GLY C 210 -20.70 22.85 -36.75
CA GLY C 210 -20.60 21.50 -37.27
C GLY C 210 -19.23 20.85 -37.18
N ILE C 211 -18.19 21.67 -37.06
CA ILE C 211 -16.82 21.16 -37.02
C ILE C 211 -16.53 20.41 -35.71
N LEU C 212 -16.99 20.98 -34.60
CA LEU C 212 -16.86 20.37 -33.27
C LEU C 212 -15.43 20.37 -32.72
N LEU C 213 -14.45 20.15 -33.59
CA LEU C 213 -13.06 20.04 -33.17
C LEU C 213 -12.16 20.84 -34.09
N TRP C 214 -11.78 22.06 -33.66
CA TRP C 214 -11.02 22.95 -34.52
C TRP C 214 -9.84 23.62 -33.81
N HIS C 215 -9.00 24.29 -34.58
CA HIS C 215 -7.80 24.94 -34.06
C HIS C 215 -8.03 26.43 -33.84
N VAL C 216 -7.73 26.89 -32.63
CA VAL C 216 -7.62 28.31 -32.36
C VAL C 216 -6.15 28.60 -32.07
N SER C 217 -5.42 28.97 -33.13
CA SER C 217 -3.97 29.06 -33.08
C SER C 217 -3.43 30.01 -32.02
N SER C 218 -4.17 31.08 -31.75
CA SER C 218 -3.72 32.09 -30.79
C SER C 218 -4.10 31.73 -29.35
N GLN C 219 -4.57 30.51 -29.12
CA GLN C 219 -4.99 30.12 -27.78
C GLN C 219 -3.78 29.68 -26.98
N SER C 220 -3.90 29.73 -25.65
CA SER C 220 -2.80 29.34 -24.78
C SER C 220 -3.32 28.68 -23.50
N LEU C 221 -2.84 27.47 -23.22
CA LEU C 221 -3.27 26.72 -22.05
C LEU C 221 -2.15 26.58 -21.03
N SER C 222 -2.53 26.51 -19.75
CA SER C 222 -1.58 26.28 -18.68
C SER C 222 -1.00 24.87 -18.82
N PHE C 223 -0.20 24.45 -17.83
CA PHE C 223 0.57 23.23 -17.97
C PHE C 223 0.24 22.15 -16.93
N ASP C 224 0.61 20.92 -17.25
CA ASP C 224 0.45 19.79 -16.34
C ASP C 224 1.58 19.84 -15.31
N SER C 225 1.57 18.91 -14.37
CA SER C 225 2.58 18.90 -13.30
C SER C 225 2.61 17.55 -12.60
N SER C 226 3.81 17.15 -12.16
CA SER C 226 3.96 15.89 -11.44
C SER C 226 4.14 16.14 -9.94
N ASN C 227 4.07 17.41 -9.55
CA ASN C 227 4.19 17.80 -8.15
C ASN C 227 2.89 17.52 -7.38
N PRO C 228 2.90 16.50 -6.51
CA PRO C 228 1.67 16.10 -5.82
C PRO C 228 1.04 17.22 -4.98
N GLU C 229 1.80 18.27 -4.69
CA GLU C 229 1.23 19.44 -4.06
C GLU C 229 0.04 19.94 -4.85
N TYR C 230 0.05 19.70 -6.16
CA TYR C 230 -0.94 20.26 -7.07
C TYR C 230 -2.11 19.33 -7.36
N PHE C 231 -1.98 18.07 -6.95
CA PHE C 231 -3.01 17.08 -7.24
C PHE C 231 -4.34 17.39 -6.57
N ASP C 232 -5.42 17.33 -7.35
CA ASP C 232 -6.77 17.59 -6.87
C ASP C 232 -6.89 18.98 -6.23
N GLY C 233 -6.18 19.95 -6.79
CA GLY C 233 -6.16 21.30 -6.25
C GLY C 233 -7.27 22.18 -6.85
N TYR C 234 -7.89 21.71 -7.93
CA TYR C 234 -8.96 22.44 -8.60
C TYR C 234 -8.51 23.84 -8.97
N TRP C 235 -7.26 23.93 -9.38
CA TRP C 235 -6.68 25.16 -9.91
C TRP C 235 -7.57 25.71 -11.03
N GLY C 236 -8.18 26.87 -10.81
CA GLY C 236 -9.07 27.44 -11.80
C GLY C 236 -10.52 27.37 -11.36
N TYR C 237 -10.74 26.96 -10.12
CA TYR C 237 -12.06 26.96 -9.51
C TYR C 237 -12.63 28.37 -9.55
N SER C 238 -11.74 29.35 -9.52
CA SER C 238 -12.10 30.76 -9.67
C SER C 238 -10.95 31.49 -10.33
N VAL C 239 -11.23 32.62 -10.97
CA VAL C 239 -10.21 33.36 -11.70
C VAL C 239 -10.56 34.84 -11.84
N ALA C 240 -9.53 35.66 -12.01
CA ALA C 240 -9.72 37.09 -12.24
C ALA C 240 -8.45 37.64 -12.89
N VAL C 241 -8.45 38.94 -13.19
CA VAL C 241 -7.28 39.57 -13.81
C VAL C 241 -6.90 40.87 -13.12
N GLY C 242 -5.64 41.27 -13.26
CA GLY C 242 -5.18 42.51 -12.66
C GLY C 242 -3.78 42.91 -13.09
N GLU C 243 -3.32 44.03 -12.56
CA GLU C 243 -1.97 44.52 -12.79
C GLU C 243 -1.14 44.35 -11.51
N PHE C 244 -0.11 43.51 -11.58
CA PHE C 244 0.66 43.15 -10.39
C PHE C 244 2.17 43.15 -10.58
N ASP C 245 2.64 43.38 -11.81
CA ASP C 245 4.07 43.35 -12.09
C ASP C 245 4.63 44.72 -12.49
N GLY C 246 3.78 45.75 -12.46
CA GLY C 246 4.23 47.09 -12.79
C GLY C 246 4.12 47.42 -14.27
N ASP C 247 4.50 46.47 -15.12
CA ASP C 247 4.41 46.68 -16.56
C ASP C 247 2.96 46.74 -17.01
N LEU C 248 2.49 47.95 -17.30
CA LEU C 248 1.11 48.16 -17.70
C LEU C 248 0.83 47.48 -19.03
N ASN C 249 1.89 47.15 -19.76
CA ASN C 249 1.77 46.51 -21.06
C ASN C 249 1.26 45.07 -20.92
N THR C 250 1.69 44.41 -19.85
CA THR C 250 1.33 43.01 -19.61
C THR C 250 0.15 42.89 -18.66
N THR C 251 -0.53 41.75 -18.73
CA THR C 251 -1.67 41.47 -17.87
C THR C 251 -1.43 40.20 -17.05
N GLU C 252 -1.59 40.31 -15.73
CA GLU C 252 -1.35 39.19 -14.83
C GLU C 252 -2.66 38.50 -14.43
N TYR C 253 -2.61 37.18 -14.25
CA TYR C 253 -3.80 36.40 -13.89
C TYR C 253 -3.80 36.00 -12.41
N VAL C 254 -4.98 35.99 -11.82
CA VAL C 254 -5.16 35.49 -10.45
C VAL C 254 -6.03 34.24 -10.50
N VAL C 255 -5.50 33.14 -9.97
CA VAL C 255 -6.18 31.86 -10.00
C VAL C 255 -6.38 31.31 -8.60
N GLY C 256 -7.56 30.75 -8.33
CA GLY C 256 -7.83 30.13 -7.06
C GLY C 256 -7.77 28.63 -7.15
N ALA C 257 -7.07 28.01 -6.20
CA ALA C 257 -6.97 26.55 -6.13
C ALA C 257 -7.38 26.08 -4.74
N PRO C 258 -8.70 26.06 -4.47
CA PRO C 258 -9.26 25.87 -3.13
C PRO C 258 -8.78 24.61 -2.41
N THR C 259 -8.39 23.57 -3.14
CA THR C 259 -7.99 22.32 -2.51
C THR C 259 -6.52 22.00 -2.72
N TRP C 260 -5.77 22.97 -3.25
CA TRP C 260 -4.33 22.81 -3.47
C TRP C 260 -3.62 22.27 -2.24
N SER C 261 -2.59 21.47 -2.46
CA SER C 261 -1.74 20.93 -1.40
C SER C 261 -2.54 20.28 -0.29
N TRP C 262 -3.28 19.22 -0.62
CA TRP C 262 -4.04 18.47 0.36
C TRP C 262 -5.04 19.36 1.09
N THR C 263 -5.80 20.12 0.31
CA THR C 263 -6.88 20.97 0.81
C THR C 263 -6.40 22.14 1.68
N LEU C 264 -5.09 22.39 1.69
CA LEU C 264 -4.59 23.59 2.33
C LEU C 264 -5.20 24.81 1.64
N GLY C 265 -5.38 24.70 0.32
CA GLY C 265 -5.91 25.79 -0.47
C GLY C 265 -4.80 26.74 -0.88
N ALA C 266 -5.04 27.49 -1.95
CA ALA C 266 -4.06 28.47 -2.39
C ALA C 266 -4.61 29.37 -3.48
N VAL C 267 -3.94 30.50 -3.67
CA VAL C 267 -4.21 31.39 -4.78
C VAL C 267 -2.86 31.78 -5.37
N GLU C 268 -2.77 31.86 -6.69
CA GLU C 268 -1.52 32.23 -7.34
C GLU C 268 -1.72 33.38 -8.33
N ILE C 269 -0.72 34.23 -8.44
CA ILE C 269 -0.73 35.29 -9.44
C ILE C 269 0.22 34.89 -10.56
N LEU C 270 -0.22 35.08 -11.81
CA LEU C 270 0.56 34.61 -12.96
C LEU C 270 0.73 35.71 -13.98
N ASP C 271 1.68 35.51 -14.90
CA ASP C 271 1.78 36.39 -16.06
C ASP C 271 1.05 35.75 -17.22
N SER C 272 1.04 36.44 -18.36
CA SER C 272 0.31 35.97 -19.53
C SER C 272 0.72 34.56 -19.91
N TYR C 273 1.94 34.18 -19.59
CA TYR C 273 2.50 32.89 -19.99
C TYR C 273 2.43 31.86 -18.87
N TYR C 274 1.56 32.11 -17.89
CA TYR C 274 1.30 31.19 -16.80
C TYR C 274 2.54 30.92 -15.96
N GLN C 275 3.42 31.91 -15.87
CA GLN C 275 4.55 31.82 -14.95
C GLN C 275 4.11 32.37 -13.60
N ARG C 276 4.38 31.61 -12.54
CA ARG C 276 3.92 31.97 -11.21
C ARG C 276 4.72 33.15 -10.66
N LEU C 277 4.03 34.27 -10.44
CA LEU C 277 4.64 35.45 -9.86
C LEU C 277 4.61 35.38 -8.32
N HIS C 278 3.44 35.07 -7.78
CA HIS C 278 3.32 34.89 -6.33
CA HIS C 278 3.26 34.95 -6.32
C HIS C 278 2.30 33.81 -6.00
N ARG C 279 2.40 33.27 -4.79
CA ARG C 279 1.44 32.26 -4.32
C ARG C 279 1.04 32.56 -2.89
N LEU C 280 -0.26 32.49 -2.63
CA LEU C 280 -0.78 32.71 -1.30
C LEU C 280 -1.35 31.41 -0.76
N ARG C 281 -0.84 30.98 0.38
CA ARG C 281 -1.21 29.70 0.94
C ARG C 281 -2.42 29.84 1.85
N GLY C 282 -3.22 28.78 1.94
CA GLY C 282 -4.37 28.76 2.83
C GLY C 282 -3.89 28.76 4.26
N GLU C 283 -4.81 29.04 5.18
CA GLU C 283 -4.48 29.14 6.60
C GLU C 283 -4.97 27.91 7.36
N GLN C 284 -5.97 27.23 6.80
CA GLN C 284 -6.63 26.13 7.50
C GLN C 284 -7.20 25.14 6.50
N MET C 285 -6.79 23.88 6.63
CA MET C 285 -7.23 22.84 5.71
C MET C 285 -8.75 22.80 5.60
N ALA C 286 -9.24 22.61 4.38
CA ALA C 286 -10.66 22.44 4.11
C ALA C 286 -11.47 23.73 4.17
N SER C 287 -10.82 24.85 4.49
CA SER C 287 -11.53 26.13 4.59
C SER C 287 -11.93 26.64 3.21
N TYR C 288 -11.35 26.02 2.18
CA TYR C 288 -11.63 26.39 0.79
C TYR C 288 -11.10 27.78 0.47
N PHE C 289 -9.90 28.06 0.95
CA PHE C 289 -9.19 29.29 0.65
C PHE C 289 -8.94 29.38 -0.85
N GLY C 290 -9.58 30.33 -1.51
CA GLY C 290 -9.44 30.49 -2.95
C GLY C 290 -10.74 30.20 -3.68
N HIS C 291 -11.78 29.87 -2.91
CA HIS C 291 -13.11 29.65 -3.47
C HIS C 291 -13.51 30.86 -4.32
N SER C 292 -13.13 32.05 -3.87
CA SER C 292 -13.41 33.26 -4.62
C SER C 292 -12.24 34.24 -4.52
N VAL C 293 -12.04 35.02 -5.57
CA VAL C 293 -10.96 36.00 -5.61
C VAL C 293 -11.47 37.30 -6.20
N ALA C 294 -11.03 38.42 -5.64
CA ALA C 294 -11.42 39.72 -6.15
C ALA C 294 -10.19 40.60 -6.33
N VAL C 295 -10.25 41.50 -7.30
CA VAL C 295 -9.15 42.42 -7.56
C VAL C 295 -9.68 43.84 -7.70
N THR C 296 -9.20 44.74 -6.85
CA THR C 296 -9.59 46.14 -6.91
C THR C 296 -8.67 46.94 -6.00
N ASP C 297 -8.42 48.19 -6.35
CA ASP C 297 -7.58 49.06 -5.54
C ASP C 297 -8.40 49.72 -4.44
N VAL C 298 -8.33 49.18 -3.24
CA VAL C 298 -9.15 49.65 -2.13
C VAL C 298 -8.61 50.91 -1.46
N ASN C 299 -7.29 51.05 -1.39
CA ASN C 299 -6.68 52.16 -0.67
C ASN C 299 -6.25 53.32 -1.58
N GLY C 300 -6.78 53.33 -2.80
CA GLY C 300 -6.58 54.44 -3.72
C GLY C 300 -5.14 54.86 -3.96
N ASP C 301 -4.20 53.92 -3.88
CA ASP C 301 -2.81 54.23 -4.18
C ASP C 301 -2.47 53.90 -5.63
N GLY C 302 -3.43 53.33 -6.34
CA GLY C 302 -3.27 53.06 -7.76
C GLY C 302 -2.76 51.66 -8.05
N ARG C 303 -2.46 50.92 -6.99
CA ARG C 303 -2.01 49.54 -7.14
C ARG C 303 -3.14 48.58 -6.76
N HIS C 304 -3.44 47.65 -7.66
CA HIS C 304 -4.48 46.65 -7.42
C HIS C 304 -4.19 45.85 -6.16
N ASP C 305 -5.22 45.63 -5.36
CA ASP C 305 -5.10 44.81 -4.17
C ASP C 305 -5.90 43.53 -4.36
N LEU C 306 -5.53 42.48 -3.64
CA LEU C 306 -6.16 41.17 -3.81
C LEU C 306 -7.01 40.80 -2.61
N LEU C 307 -8.19 40.25 -2.89
CA LEU C 307 -9.08 39.76 -1.87
C LEU C 307 -9.36 38.28 -2.11
N VAL C 308 -9.22 37.47 -1.06
CA VAL C 308 -9.43 36.03 -1.18
C VAL C 308 -10.48 35.56 -0.18
N GLY C 309 -11.36 34.67 -0.63
CA GLY C 309 -12.43 34.16 0.21
C GLY C 309 -12.23 32.70 0.60
N ALA C 310 -12.34 32.42 1.89
CA ALA C 310 -12.32 31.05 2.42
C ALA C 310 -13.59 30.78 3.20
N PRO C 311 -14.69 30.47 2.49
CA PRO C 311 -16.03 30.43 3.07
C PRO C 311 -16.27 29.40 4.19
N LEU C 312 -15.36 28.45 4.37
CA LEU C 312 -15.57 27.39 5.35
C LEU C 312 -14.56 27.47 6.47
N TYR C 313 -13.93 28.63 6.62
CA TYR C 313 -12.98 28.83 7.70
C TYR C 313 -13.68 28.64 9.04
N MET C 314 -13.05 27.87 9.92
CA MET C 314 -13.58 27.66 11.25
C MET C 314 -12.84 28.54 12.23
N GLU C 315 -13.60 29.38 12.92
CA GLU C 315 -13.02 30.34 13.83
C GLU C 315 -12.85 29.74 15.22
N SER C 316 -11.76 30.12 15.87
CA SER C 316 -11.46 29.62 17.20
C SER C 316 -12.39 30.24 18.23
N ARG C 317 -13.16 29.41 18.91
CA ARG C 317 -14.09 29.88 19.94
C ARG C 317 -13.59 29.51 21.33
N ALA C 318 -14.06 30.24 22.33
CA ALA C 318 -13.67 30.02 23.72
C ALA C 318 -13.77 28.54 24.09
N ASP C 319 -12.85 28.09 24.94
CA ASP C 319 -12.79 26.69 25.34
C ASP C 319 -12.37 25.79 24.19
N ARG C 320 -11.30 26.18 23.51
CA ARG C 320 -10.76 25.41 22.39
C ARG C 320 -11.87 24.83 21.49
N LYS C 321 -12.77 25.70 21.07
CA LYS C 321 -13.85 25.32 20.17
C LYS C 321 -13.58 25.86 18.77
N LEU C 322 -14.27 25.30 17.79
CA LEU C 322 -14.21 25.79 16.43
C LEU C 322 -15.62 26.01 15.90
N ALA C 323 -15.78 27.06 15.10
CA ALA C 323 -17.08 27.39 14.54
C ALA C 323 -16.92 27.84 13.10
N GLU C 324 -17.51 27.10 12.18
CA GLU C 324 -17.45 27.45 10.76
C GLU C 324 -18.25 28.71 10.47
N VAL C 325 -17.56 29.77 10.08
CA VAL C 325 -18.21 31.04 9.75
C VAL C 325 -17.71 31.63 8.44
N GLY C 326 -16.48 31.29 8.05
CA GLY C 326 -15.89 31.82 6.83
C GLY C 326 -15.03 33.04 7.09
N ARG C 327 -14.09 33.30 6.19
CA ARG C 327 -13.17 34.42 6.36
C ARG C 327 -12.70 34.99 5.02
N VAL C 328 -12.52 36.31 4.98
CA VAL C 328 -11.98 36.97 3.80
C VAL C 328 -10.61 37.58 4.10
N TYR C 329 -9.70 37.48 3.15
CA TYR C 329 -8.34 37.95 3.31
C TYR C 329 -8.05 39.11 2.36
N LEU C 330 -7.44 40.17 2.88
CA LEU C 330 -7.08 41.32 2.07
C LEU C 330 -5.57 41.45 1.94
N PHE C 331 -5.09 41.46 0.70
CA PHE C 331 -3.67 41.62 0.43
C PHE C 331 -3.45 42.90 -0.36
N LEU C 332 -2.81 43.88 0.26
CA LEU C 332 -2.47 45.13 -0.42
C LEU C 332 -1.17 44.96 -1.20
N GLN C 333 -1.13 45.45 -2.43
CA GLN C 333 0.07 45.35 -3.25
C GLN C 333 1.07 46.43 -2.82
N PRO C 334 2.29 46.01 -2.46
CA PRO C 334 3.32 46.95 -2.01
C PRO C 334 3.98 47.67 -3.19
N ARG C 335 4.56 48.83 -2.94
CA ARG C 335 5.28 49.57 -3.98
C ARG C 335 6.44 48.72 -4.47
N GLY C 336 6.77 48.85 -5.75
CA GLY C 336 7.90 48.14 -6.31
C GLY C 336 7.60 46.68 -6.55
N PRO C 337 8.61 45.93 -7.00
CA PRO C 337 8.47 44.51 -7.38
C PRO C 337 8.17 43.61 -6.19
N HIS C 338 8.22 44.20 -4.99
CA HIS C 338 8.04 43.45 -3.75
C HIS C 338 6.83 42.52 -3.83
N ALA C 339 7.02 41.29 -3.38
CA ALA C 339 5.95 40.30 -3.38
C ALA C 339 4.92 40.63 -2.31
N LEU C 340 3.66 40.27 -2.57
CA LEU C 340 2.58 40.51 -1.61
C LEU C 340 2.84 39.75 -0.32
N GLY C 341 2.82 40.46 0.80
CA GLY C 341 3.20 39.88 2.07
C GLY C 341 2.03 39.26 2.83
N ALA C 342 2.01 39.48 4.14
CA ALA C 342 0.96 38.96 4.99
C ALA C 342 -0.33 39.71 4.73
N PRO C 343 -1.46 39.11 5.10
CA PRO C 343 -2.74 39.82 4.93
C PRO C 343 -2.70 41.15 5.66
N SER C 344 -3.24 42.19 5.03
CA SER C 344 -3.30 43.50 5.66
C SER C 344 -4.50 43.56 6.59
N LEU C 345 -5.41 42.61 6.42
CA LEU C 345 -6.68 42.61 7.16
C LEU C 345 -7.40 41.28 7.02
N LEU C 346 -7.98 40.80 8.12
CA LEU C 346 -8.78 39.58 8.11
C LEU C 346 -10.22 39.87 8.53
N LEU C 347 -11.17 39.53 7.65
CA LEU C 347 -12.58 39.68 7.99
C LEU C 347 -13.19 38.30 8.21
N THR C 348 -13.89 38.12 9.32
CA THR C 348 -14.45 36.81 9.68
C THR C 348 -15.94 36.91 9.89
N GLY C 349 -16.67 35.86 9.51
CA GLY C 349 -18.11 35.84 9.65
C GLY C 349 -18.52 35.59 11.08
N THR C 350 -19.80 35.76 11.38
CA THR C 350 -20.30 35.56 12.73
C THR C 350 -21.34 34.45 12.77
N GLN C 351 -22.16 34.38 11.73
CA GLN C 351 -23.22 33.39 11.66
C GLN C 351 -22.65 32.01 11.35
N LEU C 352 -23.00 31.02 12.18
CA LEU C 352 -22.58 29.64 11.96
C LEU C 352 -23.05 29.11 10.61
N TYR C 353 -22.14 28.49 9.86
CA TYR C 353 -22.47 27.94 8.54
C TYR C 353 -22.85 29.03 7.53
N GLY C 354 -22.59 30.29 7.87
CA GLY C 354 -22.98 31.39 7.02
C GLY C 354 -22.25 31.43 5.69
N ARG C 355 -21.06 30.84 5.66
CA ARG C 355 -20.21 30.85 4.47
C ARG C 355 -19.84 32.26 4.04
N PHE C 356 -19.52 33.09 5.02
CA PHE C 356 -18.95 34.40 4.74
C PHE C 356 -17.71 34.26 3.86
N GLY C 357 -17.71 34.95 2.73
CA GLY C 357 -16.57 34.92 1.82
C GLY C 357 -16.81 34.09 0.58
N SER C 358 -18.04 33.59 0.42
CA SER C 358 -18.41 32.80 -0.76
CA SER C 358 -18.39 32.81 -0.77
C SER C 358 -18.22 33.64 -2.03
N ALA C 359 -18.62 34.90 -1.96
CA ALA C 359 -18.51 35.80 -3.10
C ALA C 359 -17.98 37.16 -2.65
N ILE C 360 -17.09 37.73 -3.45
CA ILE C 360 -16.49 39.01 -3.16
C ILE C 360 -16.59 39.87 -4.42
N ALA C 361 -17.26 41.00 -4.31
CA ALA C 361 -17.52 41.83 -5.49
C ALA C 361 -16.97 43.24 -5.31
N PRO C 362 -16.10 43.68 -6.22
CA PRO C 362 -15.72 45.09 -6.25
C PRO C 362 -16.92 45.96 -6.56
N LEU C 363 -17.11 47.04 -5.82
CA LEU C 363 -18.27 47.91 -6.01
C LEU C 363 -17.89 49.20 -6.71
N GLY C 364 -16.60 49.40 -6.97
CA GLY C 364 -16.13 50.71 -7.37
C GLY C 364 -16.24 51.61 -6.17
N ASP C 365 -16.21 52.92 -6.37
CA ASP C 365 -16.31 53.85 -5.25
C ASP C 365 -17.78 54.20 -5.00
N LEU C 366 -18.38 53.42 -4.10
CA LEU C 366 -19.80 53.52 -3.80
C LEU C 366 -20.20 54.92 -3.31
N ASP C 367 -19.51 55.42 -2.29
CA ASP C 367 -19.85 56.71 -1.70
C ASP C 367 -19.03 57.85 -2.30
N ARG C 368 -18.28 57.57 -3.36
CA ARG C 368 -17.53 58.60 -4.08
C ARG C 368 -16.69 59.46 -3.14
N ASP C 369 -15.88 58.81 -2.32
CA ASP C 369 -15.01 59.52 -1.39
C ASP C 369 -13.55 59.43 -1.81
N GLY C 370 -13.29 58.62 -2.84
CA GLY C 370 -11.94 58.48 -3.37
C GLY C 370 -11.33 57.11 -3.14
N TYR C 371 -12.09 56.20 -2.54
CA TYR C 371 -11.61 54.85 -2.30
C TYR C 371 -12.64 53.83 -2.77
N ASN C 372 -12.18 52.84 -3.53
CA ASN C 372 -13.05 51.78 -3.99
C ASN C 372 -13.47 50.88 -2.86
N ASP C 373 -14.66 50.30 -2.98
CA ASP C 373 -15.26 49.52 -1.89
C ASP C 373 -15.65 48.12 -2.38
N ILE C 374 -15.98 47.24 -1.44
CA ILE C 374 -16.35 45.86 -1.79
C ILE C 374 -17.60 45.39 -1.07
N ALA C 375 -18.18 44.33 -1.61
CA ALA C 375 -19.28 43.62 -0.96
C ALA C 375 -18.89 42.16 -0.80
N VAL C 376 -19.17 41.60 0.38
CA VAL C 376 -18.88 40.21 0.68
C VAL C 376 -20.18 39.46 1.01
N ALA C 377 -20.39 38.32 0.36
CA ALA C 377 -21.59 37.53 0.59
C ALA C 377 -21.38 36.47 1.66
N ALA C 378 -22.39 36.31 2.51
CA ALA C 378 -22.54 35.14 3.37
C ALA C 378 -23.91 34.57 3.04
N PRO C 379 -23.97 33.69 2.04
CA PRO C 379 -25.23 33.18 1.48
C PRO C 379 -26.12 32.45 2.47
N TYR C 380 -25.59 32.09 3.63
CA TYR C 380 -26.39 31.44 4.67
C TYR C 380 -26.20 32.17 6.00
N GLY C 381 -25.82 33.45 5.91
CA GLY C 381 -25.53 34.25 7.06
C GLY C 381 -26.69 35.13 7.50
N GLY C 382 -26.40 36.07 8.39
CA GLY C 382 -27.43 36.86 9.04
C GLY C 382 -28.01 36.08 10.20
N PRO C 383 -28.74 36.76 11.10
CA PRO C 383 -29.32 36.13 12.29
C PRO C 383 -30.29 34.99 11.95
N SER C 384 -31.06 35.16 10.89
CA SER C 384 -32.03 34.16 10.44
C SER C 384 -31.40 33.08 9.55
N GLY C 385 -30.17 33.30 9.12
CA GLY C 385 -29.49 32.36 8.24
C GLY C 385 -30.07 32.31 6.84
N ARG C 386 -30.79 33.35 6.43
CA ARG C 386 -31.36 33.40 5.08
C ARG C 386 -30.40 34.03 4.07
N GLY C 387 -29.25 34.49 4.54
CA GLY C 387 -28.27 35.09 3.65
C GLY C 387 -28.12 36.59 3.87
N GLN C 388 -26.93 37.09 3.63
CA GLN C 388 -26.59 38.46 3.97
C GLN C 388 -25.42 38.93 3.12
N VAL C 389 -25.49 40.17 2.63
CA VAL C 389 -24.37 40.78 1.92
C VAL C 389 -23.84 41.95 2.76
N LEU C 390 -22.53 41.99 2.99
CA LEU C 390 -21.93 43.04 3.81
C LEU C 390 -21.02 43.96 3.00
N VAL C 391 -21.22 45.26 3.15
CA VAL C 391 -20.44 46.25 2.42
C VAL C 391 -19.31 46.83 3.28
N PHE C 392 -18.10 46.83 2.73
CA PHE C 392 -16.93 47.39 3.42
C PHE C 392 -16.34 48.52 2.60
N LEU C 393 -16.03 49.64 3.26
CA LEU C 393 -15.57 50.82 2.54
C LEU C 393 -14.05 50.93 2.53
N GLY C 394 -13.51 51.29 1.37
CA GLY C 394 -12.08 51.50 1.24
C GLY C 394 -11.61 52.67 2.08
N GLN C 395 -10.33 52.65 2.42
CA GLN C 395 -9.71 53.71 3.20
C GLN C 395 -8.23 53.72 2.88
N SER C 396 -7.49 54.70 3.38
CA SER C 396 -6.07 54.79 3.10
C SER C 396 -5.32 53.59 3.67
N GLU C 397 -5.78 53.10 4.82
CA GLU C 397 -5.11 51.99 5.49
C GLU C 397 -5.48 50.64 4.88
N GLY C 398 -6.48 50.64 4.01
CA GLY C 398 -6.96 49.42 3.39
C GLY C 398 -8.48 49.36 3.35
N LEU C 399 -9.07 48.63 4.28
CA LEU C 399 -10.53 48.54 4.39
C LEU C 399 -10.97 48.75 5.82
N ARG C 400 -12.19 49.26 5.99
CA ARG C 400 -12.78 49.36 7.33
C ARG C 400 -12.99 47.95 7.88
N SER C 401 -12.90 47.82 9.19
CA SER C 401 -13.00 46.51 9.82
C SER C 401 -14.45 46.10 10.03
N ARG C 402 -15.34 47.07 10.04
CA ARG C 402 -16.76 46.80 10.25
C ARG C 402 -17.59 47.27 9.07
N PRO C 403 -18.68 46.56 8.77
CA PRO C 403 -19.47 46.86 7.58
C PRO C 403 -20.19 48.19 7.71
N SER C 404 -20.13 49.02 6.68
CA SER C 404 -20.85 50.28 6.69
C SER C 404 -22.32 50.02 6.39
N GLN C 405 -22.61 48.86 5.84
CA GLN C 405 -23.98 48.49 5.54
C GLN C 405 -24.13 46.98 5.43
N VAL C 406 -25.29 46.49 5.84
CA VAL C 406 -25.63 45.08 5.71
C VAL C 406 -26.95 44.96 4.96
N LEU C 407 -26.98 44.07 3.98
CA LEU C 407 -28.21 43.79 3.25
C LEU C 407 -28.68 42.39 3.58
N ASP C 408 -29.77 42.28 4.32
CA ASP C 408 -30.36 40.97 4.61
C ASP C 408 -31.19 40.45 3.42
N SER C 409 -31.13 39.14 3.20
CA SER C 409 -31.87 38.53 2.10
C SER C 409 -33.36 38.80 2.23
N PRO C 410 -33.97 39.36 1.18
CA PRO C 410 -35.43 39.58 1.16
C PRO C 410 -36.19 38.31 0.74
N PHE C 411 -35.48 37.20 0.55
CA PHE C 411 -36.10 35.97 0.07
C PHE C 411 -36.32 34.97 1.20
N PRO C 412 -37.01 33.87 0.91
CA PRO C 412 -37.21 32.85 1.94
C PRO C 412 -35.94 32.04 2.18
N THR C 413 -35.95 31.24 3.24
CA THR C 413 -34.81 30.40 3.57
C THR C 413 -34.44 29.53 2.39
N GLY C 414 -33.15 29.39 2.14
CA GLY C 414 -32.64 28.49 1.13
C GLY C 414 -32.41 29.12 -0.24
N SER C 415 -32.54 30.43 -0.34
CA SER C 415 -32.41 31.11 -1.62
C SER C 415 -30.95 31.31 -2.03
N ALA C 416 -30.03 31.06 -1.10
CA ALA C 416 -28.61 31.23 -1.35
C ALA C 416 -28.30 32.67 -1.79
N PHE C 417 -29.14 33.59 -1.34
CA PHE C 417 -28.92 35.02 -1.54
C PHE C 417 -27.46 35.41 -1.31
N GLY C 418 -26.84 36.01 -2.31
CA GLY C 418 -25.46 36.46 -2.20
C GLY C 418 -24.47 35.53 -2.89
N PHE C 419 -24.92 34.33 -3.25
CA PHE C 419 -24.04 33.34 -3.84
C PHE C 419 -23.35 33.91 -5.09
N SER C 420 -24.06 34.78 -5.81
CA SER C 420 -23.46 35.53 -6.91
C SER C 420 -23.63 37.03 -6.67
N LEU C 421 -22.60 37.79 -7.00
CA LEU C 421 -22.60 39.23 -6.81
C LEU C 421 -21.96 39.92 -8.00
N ARG C 422 -22.28 41.19 -8.17
CA ARG C 422 -21.65 42.01 -9.18
C ARG C 422 -22.00 43.46 -8.95
N GLY C 423 -21.00 44.33 -8.92
CA GLY C 423 -21.23 45.75 -8.76
C GLY C 423 -20.32 46.57 -9.67
N ALA C 424 -20.11 47.82 -9.30
CA ALA C 424 -19.18 48.70 -10.01
C ALA C 424 -19.76 49.27 -11.32
N VAL C 425 -21.07 49.19 -11.50
CA VAL C 425 -21.72 49.71 -12.70
C VAL C 425 -22.99 50.49 -12.38
N ASP C 426 -23.14 51.66 -13.00
CA ASP C 426 -24.29 52.53 -12.73
C ASP C 426 -25.43 52.24 -13.69
N ILE C 427 -26.29 51.29 -13.33
CA ILE C 427 -27.30 50.78 -14.25
C ILE C 427 -28.43 51.76 -14.51
N ASP C 428 -28.72 52.63 -13.55
CA ASP C 428 -29.77 53.62 -13.73
C ASP C 428 -29.19 54.99 -14.06
N ASP C 429 -27.88 55.01 -14.31
CA ASP C 429 -27.21 56.22 -14.77
C ASP C 429 -27.47 57.42 -13.88
N ASN C 430 -27.24 57.26 -12.58
CA ASN C 430 -27.44 58.36 -11.63
C ASN C 430 -26.12 58.86 -11.05
N GLY C 431 -25.00 58.41 -11.63
CA GLY C 431 -23.69 58.84 -11.18
C GLY C 431 -23.10 57.96 -10.09
N TYR C 432 -23.89 57.00 -9.61
CA TYR C 432 -23.43 56.10 -8.55
C TYR C 432 -23.54 54.64 -8.99
N PRO C 433 -22.50 53.85 -8.69
CA PRO C 433 -22.45 52.42 -9.07
C PRO C 433 -23.41 51.58 -8.22
N ASP C 434 -24.01 50.57 -8.84
CA ASP C 434 -25.04 49.80 -8.19
C ASP C 434 -24.61 48.35 -7.97
N LEU C 435 -25.50 47.55 -7.40
CA LEU C 435 -25.17 46.18 -7.03
C LEU C 435 -26.29 45.22 -7.40
N ILE C 436 -25.93 44.10 -8.03
CA ILE C 436 -26.87 43.04 -8.31
C ILE C 436 -26.48 41.78 -7.54
N VAL C 437 -27.48 41.16 -6.93
CA VAL C 437 -27.27 39.99 -6.09
C VAL C 437 -28.14 38.87 -6.61
N GLY C 438 -27.55 37.71 -6.83
CA GLY C 438 -28.31 36.55 -7.26
C GLY C 438 -28.76 35.71 -6.06
N ALA C 439 -29.93 35.11 -6.19
CA ALA C 439 -30.40 34.13 -5.21
C ALA C 439 -30.96 32.93 -5.96
N TYR C 440 -30.07 32.10 -6.51
CA TYR C 440 -30.49 31.06 -7.44
C TYR C 440 -31.51 30.12 -6.80
N GLY C 441 -31.44 29.98 -5.48
CA GLY C 441 -32.37 29.13 -4.76
C GLY C 441 -33.82 29.58 -4.90
N ALA C 442 -34.03 30.86 -5.15
CA ALA C 442 -35.38 31.40 -5.33
C ALA C 442 -35.62 31.80 -6.78
N ASN C 443 -34.64 31.50 -7.63
CA ASN C 443 -34.75 31.78 -9.06
C ASN C 443 -35.01 33.27 -9.31
N GLN C 444 -34.32 34.12 -8.54
CA GLN C 444 -34.51 35.56 -8.66
C GLN C 444 -33.20 36.31 -8.52
N VAL C 445 -33.23 37.57 -8.95
CA VAL C 445 -32.10 38.47 -8.81
C VAL C 445 -32.62 39.78 -8.22
N ALA C 446 -31.90 40.33 -7.26
CA ALA C 446 -32.26 41.60 -6.66
C ALA C 446 -31.25 42.67 -7.07
N VAL C 447 -31.74 43.89 -7.29
CA VAL C 447 -30.88 44.99 -7.68
C VAL C 447 -30.95 46.11 -6.65
N TYR C 448 -29.79 46.52 -6.14
CA TYR C 448 -29.72 47.60 -5.17
C TYR C 448 -29.11 48.85 -5.81
N ARG C 449 -29.88 49.93 -5.82
CA ARG C 449 -29.43 51.18 -6.41
C ARG C 449 -28.73 52.06 -5.38
N ALA C 450 -27.60 52.62 -5.78
CA ALA C 450 -26.84 53.52 -4.91
C ALA C 450 -27.46 54.90 -4.97
N GLN C 451 -27.67 55.50 -3.81
CA GLN C 451 -28.31 56.80 -3.73
C GLN C 451 -27.25 57.86 -3.45
N PRO C 452 -27.53 59.11 -3.85
CA PRO C 452 -26.62 60.24 -3.60
C PRO C 452 -26.31 60.38 -2.12
N VAL C 453 -25.09 60.83 -1.80
CA VAL C 453 -24.68 61.02 -0.41
C VAL C 453 -24.65 62.51 -0.07
N GLY D 1 -13.26 47.02 65.98
CA GLY D 1 -13.30 48.50 65.78
C GLY D 1 -13.83 48.87 64.40
N PRO D 2 -13.20 49.86 63.75
CA PRO D 2 -13.65 50.32 62.43
C PRO D 2 -13.33 49.30 61.34
N ASN D 3 -14.21 49.22 60.34
CA ASN D 3 -14.03 48.31 59.22
C ASN D 3 -14.91 48.73 58.04
N ILE D 4 -14.79 48.02 56.92
CA ILE D 4 -15.51 48.39 55.71
C ILE D 4 -17.01 48.13 55.82
N CYS D 5 -17.43 47.51 56.92
CA CYS D 5 -18.86 47.29 57.17
C CYS D 5 -19.48 48.52 57.81
N THR D 6 -18.85 49.00 58.88
CA THR D 6 -19.34 50.16 59.60
C THR D 6 -19.03 51.45 58.82
N THR D 7 -17.93 51.46 58.09
CA THR D 7 -17.53 52.65 57.34
C THR D 7 -18.16 52.69 55.96
N ARG D 8 -19.46 52.44 55.90
CA ARG D 8 -20.21 52.56 54.66
C ARG D 8 -21.56 53.22 54.89
N GLY D 9 -22.07 53.12 56.11
CA GLY D 9 -23.36 53.69 56.46
C GLY D 9 -24.46 53.06 55.62
N VAL D 10 -24.51 51.74 55.65
CA VAL D 10 -25.49 50.99 54.86
C VAL D 10 -26.92 51.33 55.29
N SER D 11 -27.80 51.49 54.31
CA SER D 11 -29.17 51.91 54.56
C SER D 11 -30.09 50.73 54.89
N SER D 12 -29.70 49.54 54.45
CA SER D 12 -30.54 48.35 54.62
C SER D 12 -29.71 47.11 54.93
N CYS D 13 -30.39 46.08 55.42
CA CYS D 13 -29.74 44.81 55.72
C CYS D 13 -29.13 44.20 54.47
N GLN D 14 -29.91 44.19 53.39
CA GLN D 14 -29.44 43.64 52.13
C GLN D 14 -28.16 44.35 51.71
N GLN D 15 -28.24 45.68 51.67
CA GLN D 15 -27.10 46.50 51.29
C GLN D 15 -25.86 46.14 52.10
N CYS D 16 -26.08 45.74 53.35
CA CYS D 16 -24.99 45.39 54.26
C CYS D 16 -24.28 44.12 53.84
N LEU D 17 -25.06 43.08 53.52
CA LEU D 17 -24.48 41.81 53.09
C LEU D 17 -23.72 42.00 51.78
N ALA D 18 -24.19 42.93 50.96
CA ALA D 18 -23.58 43.21 49.67
C ALA D 18 -22.21 43.86 49.83
N VAL D 19 -22.00 44.51 50.98
CA VAL D 19 -20.71 45.13 51.27
C VAL D 19 -19.60 44.07 51.21
N SER D 20 -19.84 42.95 51.85
CA SER D 20 -18.83 41.90 51.94
C SER D 20 -19.40 40.63 52.57
N PRO D 21 -18.93 39.46 52.11
CA PRO D 21 -19.34 38.18 52.70
C PRO D 21 -18.98 38.11 54.17
N MET D 22 -18.20 39.09 54.62
CA MET D 22 -17.71 39.15 55.97
C MET D 22 -18.65 39.94 56.88
N CYS D 23 -19.48 40.79 56.26
CA CYS D 23 -20.36 41.66 57.02
C CYS D 23 -21.56 40.92 57.61
N ALA D 24 -22.11 41.48 58.68
CA ALA D 24 -23.32 40.94 59.30
C ALA D 24 -24.30 42.07 59.57
N TRP D 25 -25.52 41.73 59.96
CA TRP D 25 -26.54 42.73 60.25
C TRP D 25 -27.30 42.43 61.55
N CYS D 26 -27.49 43.46 62.37
CA CYS D 26 -28.28 43.33 63.58
C CYS D 26 -29.59 44.09 63.41
N SER D 27 -30.70 43.36 63.41
CA SER D 27 -32.01 43.98 63.27
C SER D 27 -32.63 44.29 64.64
N ASP D 28 -31.92 43.90 65.70
CA ASP D 28 -32.38 44.17 67.06
C ASP D 28 -32.86 45.61 67.19
N GLU D 29 -34.08 45.78 67.66
CA GLU D 29 -34.66 47.11 67.83
C GLU D 29 -34.14 47.79 69.08
N ALA D 30 -33.67 46.99 70.03
CA ALA D 30 -33.11 47.51 71.28
C ALA D 30 -31.60 47.59 71.18
N LEU D 31 -31.12 48.37 70.21
CA LEU D 31 -29.69 48.53 69.98
C LEU D 31 -29.25 49.95 70.30
N PRO D 32 -28.11 50.12 70.99
CA PRO D 32 -27.59 51.45 71.30
C PRO D 32 -27.64 52.37 70.08
N LEU D 33 -28.16 53.57 70.25
CA LEU D 33 -28.40 54.48 69.13
C LEU D 33 -27.12 54.80 68.36
N GLY D 34 -25.98 54.76 69.05
CA GLY D 34 -24.70 55.06 68.42
C GLY D 34 -24.10 53.85 67.73
N SER D 35 -24.62 52.67 68.05
CA SER D 35 -24.07 51.42 67.55
C SER D 35 -24.43 51.18 66.07
N PRO D 36 -23.45 50.75 65.26
CA PRO D 36 -23.70 50.44 63.85
C PRO D 36 -24.35 49.07 63.68
N ARG D 37 -25.34 48.99 62.80
CA ARG D 37 -26.05 47.73 62.58
C ARG D 37 -25.28 46.84 61.61
N CYS D 38 -24.32 47.41 60.90
CA CYS D 38 -23.52 46.65 59.94
C CYS D 38 -22.07 46.55 60.41
N ASP D 39 -21.70 45.37 60.90
CA ASP D 39 -20.37 45.14 61.44
C ASP D 39 -20.07 43.64 61.36
N LEU D 40 -18.98 43.20 61.98
CA LEU D 40 -18.66 41.79 62.07
C LEU D 40 -19.54 41.14 63.14
N LYS D 41 -19.82 39.85 62.99
CA LYS D 41 -20.73 39.16 63.91
C LYS D 41 -20.32 39.32 65.37
N GLU D 42 -19.02 39.37 65.63
CA GLU D 42 -18.52 39.49 66.99
C GLU D 42 -18.87 40.86 67.55
N ASN D 43 -18.41 41.90 66.85
CA ASN D 43 -18.69 43.28 67.25
C ASN D 43 -20.16 43.47 67.57
N LEU D 44 -21.03 42.87 66.77
CA LEU D 44 -22.47 42.99 66.98
C LEU D 44 -22.89 42.32 68.29
N LEU D 45 -22.30 41.17 68.58
CA LEU D 45 -22.61 40.45 69.81
C LEU D 45 -22.02 41.16 71.03
N LYS D 46 -20.93 41.90 70.81
CA LYS D 46 -20.32 42.69 71.88
C LYS D 46 -21.27 43.78 72.33
N ASP D 47 -22.09 44.29 71.40
CA ASP D 47 -23.08 45.30 71.74
C ASP D 47 -24.40 44.67 72.16
N ASN D 48 -24.32 43.47 72.72
CA ASN D 48 -25.49 42.79 73.27
C ASN D 48 -26.61 42.63 72.25
N CYS D 49 -26.24 42.57 70.98
CA CYS D 49 -27.21 42.32 69.93
C CYS D 49 -27.79 40.92 70.10
N ALA D 50 -29.11 40.85 70.31
CA ALA D 50 -29.80 39.57 70.42
C ALA D 50 -29.30 38.62 69.34
N PRO D 51 -28.64 37.51 69.75
CA PRO D 51 -28.08 36.54 68.81
C PRO D 51 -29.06 36.14 67.70
N GLU D 52 -30.33 35.97 68.04
CA GLU D 52 -31.33 35.57 67.06
C GLU D 52 -31.85 36.75 66.25
N SER D 53 -31.27 37.92 66.48
CA SER D 53 -31.60 39.12 65.71
C SER D 53 -30.52 39.42 64.69
N ILE D 54 -29.49 38.58 64.65
CA ILE D 54 -28.36 38.78 63.76
C ILE D 54 -28.53 37.99 62.46
N GLU D 55 -28.42 38.70 61.34
CA GLU D 55 -28.48 38.07 60.03
C GLU D 55 -27.07 37.88 59.49
N PHE D 56 -26.67 36.63 59.29
CA PHE D 56 -25.34 36.33 58.79
C PHE D 56 -25.32 35.03 57.99
N PRO D 57 -25.64 35.13 56.69
CA PRO D 57 -25.63 33.96 55.79
C PRO D 57 -24.21 33.44 55.56
N VAL D 58 -24.10 32.12 55.47
CA VAL D 58 -22.81 31.48 55.21
C VAL D 58 -22.91 30.63 53.95
N SER D 59 -22.01 30.88 53.00
CA SER D 59 -21.96 30.10 51.78
C SER D 59 -21.65 28.64 52.11
N GLU D 60 -22.53 27.74 51.70
CA GLU D 60 -22.36 26.32 52.00
C GLU D 60 -22.57 25.46 50.74
N ALA D 61 -21.90 24.31 50.72
CA ALA D 61 -22.04 23.37 49.62
C ALA D 61 -22.54 22.03 50.16
N ARG D 62 -23.82 21.76 49.97
CA ARG D 62 -24.43 20.56 50.52
C ARG D 62 -24.62 19.49 49.43
N VAL D 63 -24.34 18.24 49.78
CA VAL D 63 -24.50 17.12 48.84
C VAL D 63 -25.90 16.54 48.92
N LEU D 64 -26.54 16.38 47.76
CA LEU D 64 -27.89 15.83 47.70
C LEU D 64 -27.84 14.36 47.28
N GLU D 65 -27.66 14.12 45.98
CA GLU D 65 -27.54 12.77 45.46
C GLU D 65 -26.07 12.40 45.41
N ASP D 66 -25.73 11.25 45.96
CA ASP D 66 -24.33 10.88 46.15
C ASP D 66 -24.10 9.38 46.00
N ARG D 67 -24.70 8.77 44.98
CA ARG D 67 -24.50 7.35 44.72
C ARG D 67 -23.00 7.05 44.66
N PRO D 68 -22.63 5.79 44.96
CA PRO D 68 -21.23 5.36 44.83
C PRO D 68 -20.85 5.03 43.38
N LEU D 69 -19.57 5.20 43.06
CA LEU D 69 -19.06 4.85 41.74
C LEU D 69 -19.14 3.34 41.53
N SER D 70 -19.72 2.93 40.41
CA SER D 70 -19.85 1.51 40.10
C SER D 70 -18.49 0.84 39.98
N ASP D 71 -18.45 -0.47 40.20
CA ASP D 71 -17.23 -1.24 40.03
C ASP D 71 -17.13 -1.84 38.63
N LYS D 72 -18.27 -2.23 38.08
CA LYS D 72 -18.33 -2.76 36.73
C LYS D 72 -19.35 -1.96 35.91
N GLY D 73 -19.39 -2.21 34.60
CA GLY D 73 -20.32 -1.52 33.72
C GLY D 73 -21.36 -2.46 33.12
N SER D 74 -21.34 -3.71 33.55
CA SER D 74 -22.30 -4.71 33.08
C SER D 74 -23.63 -4.59 33.80
N GLY D 75 -24.55 -5.50 33.50
CA GLY D 75 -25.86 -5.50 34.12
C GLY D 75 -26.83 -4.54 33.46
N ASP D 76 -27.40 -3.66 34.26
CA ASP D 76 -28.38 -2.69 33.77
C ASP D 76 -27.75 -1.31 33.67
N SER D 77 -28.02 -0.61 32.56
CA SER D 77 -27.44 0.70 32.31
C SER D 77 -27.86 1.72 33.35
N SER D 78 -29.14 1.67 33.74
CA SER D 78 -29.69 2.56 34.74
C SER D 78 -28.92 2.51 36.06
N GLN D 79 -28.19 1.42 36.28
CA GLN D 79 -27.49 1.22 37.54
C GLN D 79 -26.12 1.90 37.54
N VAL D 80 -25.50 1.98 36.37
CA VAL D 80 -24.11 2.41 36.29
C VAL D 80 -23.92 3.87 36.70
N THR D 81 -22.95 4.09 37.58
CA THR D 81 -22.65 5.42 38.11
C THR D 81 -21.17 5.73 37.87
N GLN D 82 -20.91 6.77 37.08
CA GLN D 82 -19.54 7.10 36.68
C GLN D 82 -19.10 8.46 37.24
N VAL D 83 -20.04 9.20 37.80
CA VAL D 83 -19.73 10.48 38.42
C VAL D 83 -20.23 10.51 39.86
N SER D 84 -19.46 11.15 40.73
CA SER D 84 -19.82 11.26 42.16
C SER D 84 -19.24 12.53 42.77
N PRO D 85 -20.09 13.30 43.46
CA PRO D 85 -21.54 13.07 43.63
C PRO D 85 -22.29 13.47 42.37
N GLN D 86 -23.61 13.28 42.34
CA GLN D 86 -24.39 13.57 41.15
C GLN D 86 -25.15 14.89 41.25
N ARG D 87 -25.67 15.19 42.45
CA ARG D 87 -26.39 16.43 42.67
C ARG D 87 -25.95 17.06 43.99
N ILE D 88 -25.64 18.35 43.95
CA ILE D 88 -25.34 19.09 45.16
C ILE D 88 -26.03 20.44 45.14
N ALA D 89 -26.32 20.97 46.33
CA ALA D 89 -26.93 22.27 46.47
C ALA D 89 -25.87 23.26 46.93
N LEU D 90 -25.70 24.33 46.16
CA LEU D 90 -24.70 25.34 46.46
C LEU D 90 -25.36 26.65 46.87
N ARG D 91 -24.94 27.21 48.00
CA ARG D 91 -25.44 28.50 48.46
C ARG D 91 -24.32 29.53 48.47
N LEU D 92 -24.55 30.67 47.83
CA LEU D 92 -23.55 31.73 47.78
C LEU D 92 -24.17 33.06 48.18
N ARG D 93 -23.42 33.87 48.93
CA ARG D 93 -23.82 35.23 49.21
C ARG D 93 -22.98 36.16 48.35
N PRO D 94 -23.43 37.42 48.18
CA PRO D 94 -22.83 38.35 47.22
C PRO D 94 -21.30 38.35 47.23
N ASP D 95 -20.71 38.18 46.06
CA ASP D 95 -19.25 38.28 45.88
C ASP D 95 -18.50 37.30 46.79
N ASP D 96 -19.09 36.14 47.01
CA ASP D 96 -18.44 35.10 47.81
C ASP D 96 -18.09 33.93 46.91
N SER D 97 -17.47 32.90 47.47
CA SER D 97 -17.13 31.71 46.70
C SER D 97 -16.90 30.51 47.59
N LYS D 98 -17.63 29.43 47.31
CA LYS D 98 -17.44 28.17 48.01
C LYS D 98 -16.81 27.17 47.03
N ASN D 99 -16.35 26.04 47.55
CA ASN D 99 -15.76 25.02 46.70
C ASN D 99 -16.35 23.64 46.98
N PHE D 100 -16.25 22.77 45.98
CA PHE D 100 -16.76 21.41 46.08
C PHE D 100 -15.90 20.50 45.23
N SER D 101 -16.17 19.20 45.27
CA SER D 101 -15.35 18.23 44.55
C SER D 101 -16.17 17.28 43.68
N ILE D 102 -15.50 16.69 42.71
CA ILE D 102 -16.14 15.71 41.83
C ILE D 102 -15.17 14.57 41.55
N GLN D 103 -15.72 13.37 41.36
CA GLN D 103 -14.91 12.21 41.02
C GLN D 103 -15.46 11.53 39.77
N VAL D 104 -14.56 11.16 38.86
CA VAL D 104 -14.95 10.52 37.61
C VAL D 104 -14.19 9.21 37.44
N ARG D 105 -14.86 8.19 36.91
CA ARG D 105 -14.25 6.89 36.74
C ARG D 105 -14.52 6.27 35.36
N GLN D 106 -13.49 5.69 34.77
CA GLN D 106 -13.66 4.87 33.59
C GLN D 106 -14.05 3.47 34.06
N VAL D 107 -15.36 3.23 34.17
CA VAL D 107 -15.86 1.98 34.70
C VAL D 107 -15.52 0.81 33.79
N GLU D 108 -15.04 -0.28 34.39
CA GLU D 108 -14.64 -1.46 33.64
C GLU D 108 -15.86 -2.24 33.16
N ASP D 109 -15.69 -2.93 32.03
CA ASP D 109 -16.75 -3.75 31.45
C ASP D 109 -17.96 -2.90 31.07
N TYR D 110 -17.73 -1.85 30.30
CA TYR D 110 -18.81 -0.99 29.82
C TYR D 110 -19.11 -1.38 28.38
N PRO D 111 -20.40 -1.37 28.00
CA PRO D 111 -20.78 -1.79 26.64
C PRO D 111 -20.03 -1.01 25.56
N VAL D 112 -19.88 -1.63 24.39
CA VAL D 112 -19.16 -0.99 23.29
C VAL D 112 -19.82 -1.30 21.95
N ASP D 113 -20.08 -0.25 21.17
CA ASP D 113 -20.59 -0.40 19.81
C ASP D 113 -19.48 -0.05 18.84
N ILE D 114 -19.23 -0.94 17.88
CA ILE D 114 -18.22 -0.70 16.88
C ILE D 114 -18.80 -0.84 15.47
N TYR D 115 -18.90 0.27 14.76
CA TYR D 115 -19.38 0.26 13.39
C TYR D 115 -18.20 0.44 12.43
N TYR D 116 -18.01 -0.55 11.57
CA TYR D 116 -16.86 -0.60 10.67
C TYR D 116 -17.21 0.05 9.33
N LEU D 117 -16.70 1.25 9.11
CA LEU D 117 -16.97 2.00 7.88
C LEU D 117 -15.78 1.87 6.92
N MET D 118 -15.98 1.19 5.80
CA MET D 118 -14.86 0.77 4.96
C MET D 118 -14.88 1.35 3.54
N ASP D 119 -13.77 1.93 3.14
CA ASP D 119 -13.54 2.33 1.76
C ASP D 119 -13.46 1.07 0.92
N LEU D 120 -14.40 0.91 -0.03
CA LEU D 120 -14.38 -0.26 -0.91
C LEU D 120 -14.11 0.08 -2.37
N SER D 121 -13.24 1.08 -2.60
CA SER D 121 -12.67 1.29 -3.93
C SER D 121 -11.77 0.10 -4.28
N TYR D 122 -11.25 0.08 -5.51
CA TYR D 122 -10.57 -1.12 -6.00
C TYR D 122 -9.26 -1.42 -5.26
N SER D 123 -8.62 -0.41 -4.71
CA SER D 123 -7.37 -0.61 -3.99
C SER D 123 -7.58 -1.22 -2.61
N MET D 124 -8.84 -1.42 -2.23
CA MET D 124 -9.18 -2.02 -0.94
C MET D 124 -9.63 -3.47 -1.10
N LYS D 125 -9.56 -3.97 -2.33
CA LYS D 125 -9.95 -5.35 -2.62
C LYS D 125 -9.15 -6.35 -1.78
N ASP D 126 -7.86 -6.10 -1.65
CA ASP D 126 -7.00 -6.97 -0.84
C ASP D 126 -7.31 -6.82 0.65
N ASP D 127 -7.72 -5.63 1.07
CA ASP D 127 -8.11 -5.42 2.46
C ASP D 127 -9.35 -6.26 2.74
N LEU D 128 -10.24 -6.29 1.77
CA LEU D 128 -11.49 -7.05 1.90
C LEU D 128 -11.20 -8.53 2.14
N TRP D 129 -10.04 -9.01 1.71
CA TRP D 129 -9.65 -10.38 1.95
CA TRP D 129 -9.62 -10.39 1.95
C TRP D 129 -9.19 -10.56 3.40
N SER D 130 -8.38 -9.61 3.87
CA SER D 130 -7.82 -9.70 5.22
C SER D 130 -8.88 -9.78 6.31
N ILE D 131 -10.00 -9.08 6.12
CA ILE D 131 -10.98 -8.94 7.18
C ILE D 131 -12.15 -9.95 7.09
N GLN D 132 -12.00 -10.96 6.23
CA GLN D 132 -13.05 -11.95 6.05
C GLN D 132 -13.63 -12.45 7.37
N ASN D 133 -12.78 -12.62 8.38
CA ASN D 133 -13.22 -13.12 9.68
C ASN D 133 -12.88 -12.18 10.81
N LEU D 134 -12.99 -10.88 10.55
CA LEU D 134 -12.64 -9.87 11.55
C LEU D 134 -13.63 -9.88 12.70
N GLY D 135 -14.91 -10.02 12.40
CA GLY D 135 -15.95 -10.01 13.41
C GLY D 135 -15.67 -10.98 14.53
N THR D 136 -15.27 -12.19 14.17
CA THR D 136 -14.98 -13.23 15.16
C THR D 136 -13.72 -12.88 15.94
N LYS D 137 -12.65 -12.57 15.21
CA LYS D 137 -11.36 -12.28 15.82
C LYS D 137 -11.46 -11.05 16.71
N LEU D 138 -12.11 -10.01 16.20
CA LEU D 138 -12.29 -8.77 16.93
C LEU D 138 -13.06 -9.02 18.23
N ALA D 139 -14.09 -9.85 18.15
CA ALA D 139 -14.84 -10.22 19.33
C ALA D 139 -13.91 -10.79 20.39
N THR D 140 -13.00 -11.67 19.95
CA THR D 140 -12.07 -12.33 20.86
C THR D 140 -11.36 -11.34 21.78
N GLN D 141 -10.82 -10.27 21.20
CA GLN D 141 -10.01 -9.32 21.95
C GLN D 141 -10.86 -8.37 22.79
N MET D 142 -11.92 -7.84 22.18
CA MET D 142 -12.81 -6.91 22.85
C MET D 142 -13.56 -7.59 24.00
N ARG D 143 -13.75 -8.91 23.88
CA ARG D 143 -14.47 -9.67 24.90
C ARG D 143 -13.65 -9.75 26.18
N LYS D 144 -12.39 -9.32 26.09
CA LYS D 144 -11.50 -9.26 27.25
C LYS D 144 -11.60 -7.91 27.94
N LEU D 145 -12.36 -6.99 27.35
CA LEU D 145 -12.52 -5.65 27.90
C LEU D 145 -13.98 -5.36 28.26
N THR D 146 -14.90 -5.89 27.45
CA THR D 146 -16.32 -5.61 27.65
C THR D 146 -17.17 -6.87 27.60
N SER D 147 -18.30 -6.83 28.29
CA SER D 147 -19.25 -7.93 28.29
C SER D 147 -20.40 -7.65 27.33
N ASN D 148 -20.51 -6.41 26.87
CA ASN D 148 -21.58 -6.01 25.95
C ASN D 148 -21.01 -5.41 24.67
N LEU D 149 -20.71 -6.26 23.71
CA LEU D 149 -20.15 -5.80 22.44
C LEU D 149 -21.14 -5.99 21.31
N ARG D 150 -21.29 -4.96 20.49
CA ARG D 150 -22.09 -5.04 19.27
C ARG D 150 -21.26 -4.50 18.12
N ILE D 151 -21.41 -5.10 16.94
CA ILE D 151 -20.64 -4.68 15.78
C ILE D 151 -21.48 -4.63 14.50
N GLY D 152 -21.17 -3.67 13.64
CA GLY D 152 -21.89 -3.48 12.38
C GLY D 152 -20.93 -3.15 11.25
N PHE D 153 -21.48 -2.95 10.05
CA PHE D 153 -20.63 -2.73 8.88
C PHE D 153 -21.34 -1.87 7.83
N GLY D 154 -20.56 -0.98 7.20
CA GLY D 154 -21.02 -0.18 6.10
C GLY D 154 -19.87 0.09 5.16
N ALA D 155 -20.17 0.36 3.90
CA ALA D 155 -19.13 0.59 2.91
C ALA D 155 -19.39 1.85 2.10
N PHE D 156 -18.37 2.34 1.42
CA PHE D 156 -18.50 3.55 0.64
C PHE D 156 -17.45 3.63 -0.45
N VAL D 157 -17.74 4.38 -1.50
CA VAL D 157 -16.75 4.66 -2.54
C VAL D 157 -16.75 6.16 -2.80
N ASP D 158 -17.73 6.63 -3.58
CA ASP D 158 -17.84 8.05 -3.88
C ASP D 158 -19.21 8.34 -4.49
N LYS D 159 -19.47 9.60 -4.82
CA LYS D 159 -20.76 9.96 -5.42
C LYS D 159 -20.90 9.36 -6.81
N PRO D 160 -21.92 8.51 -7.01
CA PRO D 160 -22.10 7.83 -8.31
C PRO D 160 -22.57 8.76 -9.40
N VAL D 161 -21.71 9.72 -9.77
CA VAL D 161 -22.05 10.69 -10.81
C VAL D 161 -20.79 11.19 -11.50
N SER D 162 -20.86 11.38 -12.81
CA SER D 162 -19.75 11.92 -13.57
C SER D 162 -19.33 13.26 -12.98
N PRO D 163 -18.03 13.51 -12.85
CA PRO D 163 -16.91 12.73 -13.38
C PRO D 163 -16.30 11.70 -12.43
N TYR D 164 -16.84 11.57 -11.22
CA TYR D 164 -16.32 10.58 -10.28
C TYR D 164 -16.56 9.19 -10.84
N MET D 165 -17.73 9.04 -11.46
CA MET D 165 -18.16 7.76 -11.97
C MET D 165 -17.88 7.65 -13.47
N TYR D 166 -17.48 6.46 -13.91
CA TYR D 166 -17.33 6.18 -15.33
C TYR D 166 -18.69 5.96 -15.95
N ILE D 167 -18.97 6.63 -17.06
CA ILE D 167 -20.29 6.60 -17.65
C ILE D 167 -20.31 6.10 -19.10
N SER D 168 -19.24 5.42 -19.52
CA SER D 168 -19.20 4.84 -20.86
C SER D 168 -18.09 3.80 -20.98
N PRO D 169 -18.29 2.78 -21.82
CA PRO D 169 -19.54 2.53 -22.57
C PRO D 169 -20.68 2.17 -21.63
N PRO D 170 -21.87 1.88 -22.18
CA PRO D 170 -23.01 1.47 -21.38
C PRO D 170 -22.67 0.35 -20.40
N GLU D 171 -21.70 -0.46 -20.77
CA GLU D 171 -21.25 -1.57 -19.93
C GLU D 171 -20.57 -1.07 -18.65
N ALA D 172 -19.84 0.03 -18.77
CA ALA D 172 -19.06 0.56 -17.66
C ALA D 172 -19.96 0.87 -16.47
N LEU D 173 -21.24 1.11 -16.72
CA LEU D 173 -22.19 1.40 -15.66
C LEU D 173 -22.62 0.13 -14.92
N GLU D 174 -22.69 -0.98 -15.65
CA GLU D 174 -23.04 -2.27 -15.05
C GLU D 174 -21.85 -2.86 -14.30
N ASN D 175 -20.69 -2.81 -14.94
CA ASN D 175 -19.46 -3.34 -14.37
C ASN D 175 -18.31 -2.37 -14.66
N PRO D 176 -17.97 -1.53 -13.68
CA PRO D 176 -16.91 -0.54 -13.83
C PRO D 176 -15.53 -1.16 -14.10
N CYS D 177 -15.43 -2.48 -13.97
CA CYS D 177 -14.18 -3.17 -14.23
C CYS D 177 -14.22 -3.87 -15.59
N TYR D 178 -15.08 -3.38 -16.48
CA TYR D 178 -15.23 -3.98 -17.80
C TYR D 178 -13.88 -4.00 -18.54
N ASP D 179 -13.17 -2.88 -18.52
CA ASP D 179 -11.91 -2.74 -19.24
C ASP D 179 -10.78 -3.46 -18.53
N MET D 180 -11.12 -4.31 -17.58
CA MET D 180 -10.14 -5.10 -16.86
C MET D 180 -10.56 -6.56 -16.90
N LYS D 181 -9.67 -7.45 -16.50
CA LYS D 181 -9.96 -8.88 -16.54
C LYS D 181 -10.75 -9.28 -15.30
N THR D 182 -11.86 -8.60 -15.06
CA THR D 182 -12.64 -8.87 -13.85
C THR D 182 -14.02 -8.20 -13.86
N THR D 183 -14.74 -8.40 -12.76
CA THR D 183 -16.04 -7.80 -12.56
C THR D 183 -16.10 -7.19 -11.16
N CYS D 184 -16.66 -5.99 -11.05
CA CYS D 184 -16.96 -5.42 -9.74
C CYS D 184 -18.34 -4.78 -9.75
N LEU D 185 -18.77 -4.32 -8.58
CA LEU D 185 -20.10 -3.76 -8.43
C LEU D 185 -20.23 -2.43 -9.14
N PRO D 186 -21.46 -2.08 -9.55
CA PRO D 186 -21.69 -0.70 -9.99
C PRO D 186 -21.35 0.23 -8.83
N MET D 187 -21.07 1.49 -9.12
CA MET D 187 -20.61 2.40 -8.09
C MET D 187 -21.74 2.75 -7.13
N PHE D 188 -21.39 2.98 -5.86
CA PHE D 188 -22.34 3.40 -4.85
C PHE D 188 -21.71 4.44 -3.93
N GLY D 189 -22.53 5.36 -3.43
CA GLY D 189 -22.04 6.42 -2.55
C GLY D 189 -21.76 5.88 -1.17
N TYR D 190 -22.83 5.48 -0.49
CA TYR D 190 -22.74 4.86 0.81
C TYR D 190 -23.88 3.88 1.01
N LYS D 191 -23.58 2.71 1.52
CA LYS D 191 -24.61 1.73 1.81
C LYS D 191 -24.37 1.09 3.17
N HIS D 192 -25.39 1.16 4.03
CA HIS D 192 -25.38 0.45 5.29
C HIS D 192 -25.59 -1.03 5.01
N VAL D 193 -24.84 -1.88 5.69
CA VAL D 193 -24.88 -3.32 5.43
C VAL D 193 -25.45 -4.10 6.63
N LEU D 194 -24.78 -3.99 7.78
CA LEU D 194 -25.17 -4.72 8.97
C LEU D 194 -25.41 -3.77 10.15
N THR D 195 -26.60 -3.83 10.73
CA THR D 195 -26.91 -3.07 11.93
C THR D 195 -26.13 -3.65 13.10
N LEU D 196 -25.70 -2.78 14.01
CA LEU D 196 -24.96 -3.22 15.19
C LEU D 196 -25.67 -4.39 15.87
N THR D 197 -24.94 -5.46 16.12
CA THR D 197 -25.51 -6.64 16.73
C THR D 197 -24.47 -7.37 17.57
N ASP D 198 -24.93 -8.24 18.46
CA ASP D 198 -24.04 -9.04 19.30
C ASP D 198 -23.77 -10.42 18.70
N GLN D 199 -24.24 -10.64 17.47
CA GLN D 199 -23.97 -11.89 16.77
C GLN D 199 -22.82 -11.70 15.80
N VAL D 200 -21.60 -11.88 16.31
CA VAL D 200 -20.39 -11.54 15.56
C VAL D 200 -20.22 -12.37 14.27
N THR D 201 -20.76 -13.58 14.27
CA THR D 201 -20.72 -14.41 13.06
C THR D 201 -21.53 -13.74 11.95
N ARG D 202 -22.56 -13.00 12.36
CA ARG D 202 -23.42 -12.31 11.41
C ARG D 202 -22.62 -11.27 10.64
N PHE D 203 -21.53 -10.82 11.24
CA PHE D 203 -20.64 -9.83 10.64
C PHE D 203 -19.75 -10.48 9.57
N ASN D 204 -19.14 -11.62 9.93
CA ASN D 204 -18.32 -12.38 8.99
C ASN D 204 -19.10 -12.75 7.74
N GLU D 205 -20.38 -13.07 7.91
CA GLU D 205 -21.23 -13.46 6.79
C GLU D 205 -21.36 -12.33 5.80
N GLU D 206 -21.69 -11.14 6.31
CA GLU D 206 -21.92 -9.99 5.45
C GLU D 206 -20.64 -9.51 4.79
N VAL D 207 -19.54 -9.55 5.53
CA VAL D 207 -18.25 -9.16 4.96
C VAL D 207 -17.88 -10.04 3.77
N LYS D 208 -18.16 -11.33 3.89
CA LYS D 208 -17.84 -12.28 2.82
C LYS D 208 -18.68 -12.07 1.55
N LYS D 209 -19.76 -11.31 1.67
CA LYS D 209 -20.65 -11.07 0.54
C LYS D 209 -20.39 -9.71 -0.11
N GLN D 210 -19.35 -9.03 0.36
CA GLN D 210 -19.02 -7.69 -0.15
C GLN D 210 -18.04 -7.76 -1.33
N SER D 211 -18.01 -6.69 -2.12
CA SER D 211 -17.06 -6.57 -3.21
C SER D 211 -16.79 -5.10 -3.52
N VAL D 212 -15.62 -4.82 -4.09
CA VAL D 212 -15.21 -3.45 -4.39
C VAL D 212 -15.89 -2.92 -5.66
N SER D 213 -15.80 -1.62 -5.86
CA SER D 213 -16.22 -1.01 -7.11
C SER D 213 -15.04 -0.21 -7.66
N ARG D 214 -15.31 0.75 -8.55
CA ARG D 214 -14.24 1.43 -9.27
C ARG D 214 -14.70 2.84 -9.65
N ASN D 215 -13.81 3.81 -9.49
CA ASN D 215 -14.11 5.18 -9.92
C ASN D 215 -12.86 5.96 -10.31
N ARG D 216 -13.07 7.16 -10.85
CA ARG D 216 -12.02 7.88 -11.58
C ARG D 216 -11.03 8.67 -10.71
N ASP D 217 -11.50 9.38 -9.68
CA ASP D 217 -10.63 10.32 -8.98
C ASP D 217 -10.21 9.86 -7.59
N ALA D 218 -8.97 10.21 -7.23
CA ALA D 218 -8.33 9.75 -5.99
C ALA D 218 -9.13 10.09 -4.72
N PRO D 219 -9.50 11.36 -4.55
CA PRO D 219 -10.28 11.65 -3.35
C PRO D 219 -11.56 10.82 -3.35
N GLU D 220 -11.97 10.31 -2.19
CA GLU D 220 -13.17 9.49 -2.11
C GLU D 220 -14.27 10.16 -1.29
N GLY D 221 -15.44 9.54 -1.24
CA GLY D 221 -16.61 10.16 -0.63
C GLY D 221 -16.89 9.70 0.77
N GLY D 222 -15.84 9.43 1.54
CA GLY D 222 -15.96 8.90 2.88
C GLY D 222 -16.73 9.78 3.85
N PHE D 223 -16.74 11.09 3.63
CA PHE D 223 -17.35 12.00 4.60
C PHE D 223 -18.87 11.98 4.50
N ASP D 224 -19.40 11.65 3.33
CA ASP D 224 -20.84 11.42 3.20
C ASP D 224 -21.22 10.24 4.08
N ALA D 225 -20.38 9.22 4.07
CA ALA D 225 -20.63 8.00 4.82
C ALA D 225 -20.56 8.26 6.32
N ILE D 226 -19.53 8.98 6.75
CA ILE D 226 -19.37 9.31 8.17
C ILE D 226 -20.60 10.05 8.68
N MET D 227 -21.07 11.02 7.91
CA MET D 227 -22.24 11.79 8.29
C MET D 227 -23.47 10.91 8.44
N GLN D 228 -23.73 10.08 7.43
CA GLN D 228 -24.92 9.23 7.46
C GLN D 228 -24.87 8.22 8.60
N ALA D 229 -23.74 7.54 8.76
CA ALA D 229 -23.57 6.55 9.82
C ALA D 229 -23.73 7.17 11.20
N THR D 230 -23.59 8.49 11.27
CA THR D 230 -23.72 9.21 12.54
C THR D 230 -25.17 9.60 12.82
N VAL D 231 -25.86 10.13 11.81
CA VAL D 231 -27.20 10.69 12.01
C VAL D 231 -28.29 9.64 11.79
N CYS D 232 -27.96 8.55 11.15
CA CYS D 232 -28.92 7.46 10.95
C CYS D 232 -28.92 6.54 12.16
N ASP D 233 -29.58 6.98 13.23
CA ASP D 233 -29.57 6.26 14.50
C ASP D 233 -30.16 4.86 14.43
N GLU D 234 -31.45 4.80 14.12
CA GLU D 234 -32.18 3.53 14.10
C GLU D 234 -31.49 2.51 13.21
N LYS D 235 -31.09 2.93 12.02
CA LYS D 235 -30.55 2.01 11.03
C LYS D 235 -29.19 1.46 11.45
N ILE D 236 -28.36 2.32 12.04
CA ILE D 236 -27.05 1.88 12.50
C ILE D 236 -27.20 1.13 13.82
N GLY D 237 -28.11 1.60 14.66
CA GLY D 237 -28.44 0.91 15.89
C GLY D 237 -27.51 1.21 17.04
N TRP D 238 -27.05 2.45 17.14
CA TRP D 238 -26.24 2.86 18.27
C TRP D 238 -27.04 2.67 19.56
N ARG D 239 -26.37 2.26 20.63
CA ARG D 239 -27.02 2.06 21.93
C ARG D 239 -26.89 3.30 22.80
N ASN D 240 -27.85 3.49 23.69
CA ASN D 240 -27.83 4.64 24.60
C ASN D 240 -26.62 4.62 25.52
N ASP D 241 -26.48 3.54 26.29
CA ASP D 241 -25.43 3.46 27.29
C ASP D 241 -24.32 2.54 26.80
N ALA D 242 -23.47 3.07 25.92
CA ALA D 242 -22.38 2.31 25.35
C ALA D 242 -21.40 3.24 24.66
N SER D 243 -20.13 2.88 24.65
CA SER D 243 -19.13 3.63 23.91
C SER D 243 -19.38 3.41 22.41
N HIS D 244 -19.31 4.48 21.64
CA HIS D 244 -19.58 4.39 20.20
C HIS D 244 -18.32 4.62 19.37
N LEU D 245 -17.80 3.54 18.79
CA LEU D 245 -16.63 3.64 17.92
C LEU D 245 -17.06 3.57 16.46
N LEU D 246 -16.64 4.56 15.70
CA LEU D 246 -16.85 4.56 14.26
C LEU D 246 -15.50 4.42 13.58
N VAL D 247 -15.24 3.23 13.04
CA VAL D 247 -13.94 2.96 12.44
C VAL D 247 -13.96 3.29 10.95
N PHE D 248 -13.18 4.30 10.58
CA PHE D 248 -13.09 4.77 9.22
C PHE D 248 -11.80 4.29 8.57
N THR D 249 -11.90 3.37 7.61
CA THR D 249 -10.73 2.80 6.96
C THR D 249 -10.65 3.24 5.50
N THR D 250 -9.49 3.79 5.13
CA THR D 250 -9.27 4.26 3.77
C THR D 250 -7.78 4.43 3.51
N ASP D 251 -7.37 4.40 2.25
CA ASP D 251 -5.98 4.54 1.89
C ASP D 251 -5.76 5.75 0.97
N ALA D 252 -6.66 6.72 1.02
CA ALA D 252 -6.59 7.86 0.09
C ALA D 252 -7.20 9.15 0.65
N LYS D 253 -7.01 10.25 -0.09
CA LYS D 253 -7.62 11.53 0.24
C LYS D 253 -9.13 11.41 0.33
N THR D 254 -9.76 12.44 0.90
CA THR D 254 -11.20 12.49 1.00
C THR D 254 -11.75 13.75 0.34
N HIS D 255 -12.94 13.64 -0.26
CA HIS D 255 -13.65 14.81 -0.74
C HIS D 255 -14.19 15.61 0.44
N ILE D 256 -14.33 16.91 0.26
CA ILE D 256 -14.80 17.78 1.33
C ILE D 256 -15.87 18.72 0.82
N ALA D 257 -16.52 19.43 1.73
CA ALA D 257 -17.59 20.35 1.35
C ALA D 257 -17.12 21.30 0.26
N LEU D 258 -17.97 21.47 -0.75
CA LEU D 258 -17.76 22.39 -1.88
C LEU D 258 -17.07 21.71 -3.06
N ASP D 259 -16.56 20.50 -2.86
CA ASP D 259 -16.03 19.68 -3.95
C ASP D 259 -17.14 19.28 -4.90
N GLY D 260 -18.34 19.10 -4.36
CA GLY D 260 -19.46 18.57 -5.12
C GLY D 260 -19.81 19.38 -6.35
N ARG D 261 -19.35 20.63 -6.39
CA ARG D 261 -19.66 21.51 -7.51
C ARG D 261 -19.07 20.99 -8.83
N LEU D 262 -18.04 20.15 -8.73
CA LEU D 262 -17.48 19.53 -9.93
C LEU D 262 -18.46 18.53 -10.54
N ALA D 263 -19.42 18.07 -9.76
CA ALA D 263 -20.44 17.18 -10.25
C ALA D 263 -21.77 17.92 -10.44
N GLY D 264 -21.71 19.25 -10.36
CA GLY D 264 -22.90 20.08 -10.50
C GLY D 264 -23.78 20.09 -9.26
N ILE D 265 -23.23 19.64 -8.14
CA ILE D 265 -23.99 19.60 -6.88
C ILE D 265 -23.61 20.80 -6.04
N VAL D 266 -24.58 21.64 -5.73
CA VAL D 266 -24.32 22.84 -4.97
C VAL D 266 -25.06 22.89 -3.62
N GLN D 267 -26.09 22.06 -3.46
CA GLN D 267 -26.88 22.08 -2.23
C GLN D 267 -26.04 21.67 -1.01
N PRO D 268 -26.04 22.53 0.03
CA PRO D 268 -25.29 22.22 1.25
C PRO D 268 -25.84 20.98 1.97
N ASN D 269 -24.95 20.17 2.52
CA ASN D 269 -25.37 18.99 3.27
C ASN D 269 -26.31 19.42 4.40
N ASP D 270 -27.46 18.75 4.53
CA ASP D 270 -28.44 19.15 5.53
C ASP D 270 -28.25 18.42 6.86
N GLY D 271 -27.29 17.52 6.92
CA GLY D 271 -26.97 16.82 8.16
C GLY D 271 -28.07 15.87 8.64
N GLN D 272 -29.04 15.59 7.78
CA GLN D 272 -30.12 14.68 8.11
C GLN D 272 -29.89 13.32 7.48
N CYS D 273 -30.58 12.30 7.99
CA CYS D 273 -30.44 10.94 7.47
C CYS D 273 -31.20 10.75 6.15
N HIS D 274 -30.59 10.02 5.23
CA HIS D 274 -31.18 9.80 3.91
C HIS D 274 -30.91 8.39 3.42
N VAL D 275 -30.90 7.44 4.37
CA VAL D 275 -30.80 6.03 4.06
C VAL D 275 -32.16 5.40 4.34
N GLY D 276 -32.75 4.77 3.33
CA GLY D 276 -34.05 4.15 3.46
C GLY D 276 -34.00 2.63 3.44
N SER D 277 -35.11 2.01 3.08
CA SER D 277 -35.23 0.56 3.05
C SER D 277 -34.09 -0.09 2.27
N ASP D 278 -33.76 0.49 1.12
CA ASP D 278 -32.73 -0.06 0.24
C ASP D 278 -31.33 0.08 0.85
N ASN D 279 -31.23 0.79 1.96
CA ASN D 279 -29.98 0.91 2.70
C ASN D 279 -28.87 1.66 1.96
N HIS D 280 -29.22 2.44 0.95
CA HIS D 280 -28.25 3.30 0.29
C HIS D 280 -28.52 4.76 0.64
N TYR D 281 -27.48 5.58 0.51
CA TYR D 281 -27.60 7.01 0.77
C TYR D 281 -28.19 7.69 -0.47
N SER D 282 -29.47 8.05 -0.36
CA SER D 282 -30.22 8.55 -1.51
C SER D 282 -29.87 9.99 -1.90
N ALA D 283 -29.22 10.74 -1.03
CA ALA D 283 -28.86 12.13 -1.33
C ALA D 283 -27.45 12.22 -1.90
N SER D 284 -26.84 11.07 -2.16
CA SER D 284 -25.47 11.02 -2.66
C SER D 284 -25.26 11.91 -3.90
N THR D 285 -26.23 11.93 -4.80
CA THR D 285 -26.07 12.65 -6.07
C THR D 285 -26.77 14.00 -6.10
N THR D 286 -27.38 14.41 -4.99
CA THR D 286 -28.14 15.64 -4.97
C THR D 286 -27.74 16.60 -3.85
N MET D 287 -26.75 16.21 -3.05
CA MET D 287 -26.37 16.97 -1.86
C MET D 287 -24.87 16.91 -1.61
N ASP D 288 -24.27 18.07 -1.34
CA ASP D 288 -22.83 18.20 -1.27
C ASP D 288 -22.22 17.50 -0.05
N TYR D 289 -20.93 17.15 -0.17
CA TYR D 289 -20.19 16.58 0.96
C TYR D 289 -20.31 17.51 2.16
N PRO D 290 -20.34 16.93 3.37
CA PRO D 290 -20.48 17.72 4.59
C PRO D 290 -19.19 18.44 4.93
N SER D 291 -19.27 19.53 5.70
CA SER D 291 -18.07 20.23 6.14
C SER D 291 -17.62 19.68 7.49
N LEU D 292 -16.36 19.93 7.84
CA LEU D 292 -15.82 19.47 9.11
C LEU D 292 -16.67 19.93 10.30
N GLY D 293 -17.14 21.17 10.25
CA GLY D 293 -17.91 21.75 11.34
C GLY D 293 -19.21 21.00 11.56
N LEU D 294 -19.87 20.63 10.47
CA LEU D 294 -21.13 19.91 10.54
C LEU D 294 -20.89 18.50 11.06
N MET D 295 -19.85 17.86 10.56
CA MET D 295 -19.47 16.52 11.02
C MET D 295 -19.23 16.56 12.52
N THR D 296 -18.42 17.53 12.95
CA THR D 296 -18.11 17.70 14.36
C THR D 296 -19.37 17.85 15.20
N GLU D 297 -20.33 18.60 14.70
CA GLU D 297 -21.56 18.87 15.43
C GLU D 297 -22.36 17.58 15.64
N LYS D 298 -22.48 16.79 14.59
CA LYS D 298 -23.27 15.56 14.64
C LYS D 298 -22.57 14.48 15.45
N LEU D 299 -21.26 14.36 15.30
CA LEU D 299 -20.49 13.39 16.08
C LEU D 299 -20.64 13.71 17.55
N SER D 300 -20.64 15.00 17.86
CA SER D 300 -20.80 15.44 19.24
C SER D 300 -22.22 15.12 19.71
N GLN D 301 -23.20 15.55 18.93
CA GLN D 301 -24.60 15.35 19.28
C GLN D 301 -24.93 13.88 19.52
N LYS D 302 -24.39 13.01 18.68
CA LYS D 302 -24.67 11.57 18.78
C LYS D 302 -23.65 10.87 19.66
N ASN D 303 -22.62 11.61 20.07
CA ASN D 303 -21.60 11.08 20.96
C ASN D 303 -20.82 9.93 20.32
N ILE D 304 -20.40 10.15 19.08
CA ILE D 304 -19.62 9.17 18.33
C ILE D 304 -18.12 9.45 18.44
N ASN D 305 -17.33 8.39 18.60
CA ASN D 305 -15.87 8.51 18.53
C ASN D 305 -15.39 8.07 17.15
N LEU D 306 -15.03 9.04 16.33
CA LEU D 306 -14.55 8.76 15.00
C LEU D 306 -13.08 8.32 15.06
N ILE D 307 -12.78 7.20 14.41
CA ILE D 307 -11.43 6.71 14.34
C ILE D 307 -10.96 6.68 12.89
N PHE D 308 -9.91 7.43 12.58
CA PHE D 308 -9.31 7.42 11.26
C PHE D 308 -8.28 6.32 11.16
N ALA D 309 -8.65 5.22 10.53
CA ALA D 309 -7.74 4.12 10.27
C ALA D 309 -7.21 4.25 8.86
N VAL D 310 -6.12 5.01 8.70
CA VAL D 310 -5.63 5.36 7.37
C VAL D 310 -4.22 4.85 7.14
N THR D 311 -3.86 4.67 5.88
CA THR D 311 -2.56 4.12 5.51
C THR D 311 -1.45 5.17 5.61
N GLU D 312 -0.23 4.69 5.82
CA GLU D 312 0.92 5.56 6.04
C GLU D 312 0.95 6.80 5.16
N ASN D 313 0.53 6.65 3.91
CA ASN D 313 0.67 7.71 2.92
C ASN D 313 -0.30 8.88 3.12
N VAL D 314 -1.31 8.70 3.97
CA VAL D 314 -2.25 9.78 4.25
C VAL D 314 -2.41 10.06 5.74
N VAL D 315 -1.54 9.47 6.56
CA VAL D 315 -1.61 9.69 8.00
C VAL D 315 -1.55 11.18 8.35
N ASN D 316 -0.56 11.88 7.79
CA ASN D 316 -0.41 13.31 8.07
C ASN D 316 -1.65 14.11 7.72
N LEU D 317 -2.30 13.72 6.62
CA LEU D 317 -3.52 14.37 6.17
C LEU D 317 -4.62 14.26 7.22
N TYR D 318 -4.89 13.04 7.68
CA TYR D 318 -5.98 12.82 8.62
C TYR D 318 -5.61 13.19 10.04
N GLN D 319 -4.33 13.16 10.37
CA GLN D 319 -3.87 13.66 11.65
C GLN D 319 -4.15 15.16 11.72
N ASN D 320 -3.94 15.86 10.60
CA ASN D 320 -4.18 17.29 10.54
C ASN D 320 -5.67 17.63 10.55
N TYR D 321 -6.49 16.81 9.91
CA TYR D 321 -7.95 16.93 10.02
C TYR D 321 -8.38 16.66 11.45
N SER D 322 -7.83 15.59 12.01
CA SER D 322 -8.16 15.19 13.37
C SER D 322 -8.05 16.37 14.33
N GLU D 323 -7.11 17.27 14.08
CA GLU D 323 -6.90 18.41 14.95
C GLU D 323 -8.04 19.42 14.80
N LEU D 324 -8.80 19.29 13.73
CA LEU D 324 -9.94 20.19 13.47
C LEU D 324 -11.25 19.56 13.93
N ILE D 325 -11.21 18.29 14.30
CA ILE D 325 -12.37 17.60 14.85
C ILE D 325 -11.99 16.96 16.17
N PRO D 326 -11.95 17.76 17.24
CA PRO D 326 -11.54 17.29 18.57
C PRO D 326 -12.25 16.00 18.97
N GLY D 327 -11.47 15.03 19.44
CA GLY D 327 -12.03 13.77 19.90
C GLY D 327 -11.73 12.61 18.96
N THR D 328 -11.26 12.93 17.76
CA THR D 328 -10.98 11.89 16.77
C THR D 328 -9.56 11.34 16.94
N THR D 329 -9.42 10.05 16.67
CA THR D 329 -8.16 9.36 16.80
C THR D 329 -7.64 8.98 15.42
N VAL D 330 -6.33 8.81 15.29
CA VAL D 330 -5.73 8.40 14.03
C VAL D 330 -4.80 7.21 14.24
N GLY D 331 -5.03 6.14 13.49
CA GLY D 331 -4.17 4.96 13.55
C GLY D 331 -3.65 4.60 12.17
N VAL D 332 -2.42 4.11 12.12
CA VAL D 332 -1.80 3.75 10.85
C VAL D 332 -2.24 2.37 10.37
N LEU D 333 -2.92 2.34 9.24
CA LEU D 333 -3.46 1.11 8.68
C LEU D 333 -2.50 0.56 7.64
N SER D 334 -2.27 -0.75 7.68
CA SER D 334 -1.45 -1.41 6.68
C SER D 334 -2.14 -1.34 5.32
N MET D 335 -1.40 -1.56 4.25
CA MET D 335 -1.94 -1.45 2.90
C MET D 335 -2.96 -2.55 2.61
N ASP D 336 -3.11 -3.46 3.57
CA ASP D 336 -4.04 -4.58 3.41
C ASP D 336 -4.98 -4.70 4.61
N SER D 337 -4.96 -3.70 5.49
CA SER D 337 -5.80 -3.70 6.68
C SER D 337 -5.53 -4.89 7.59
N SER D 338 -4.34 -5.47 7.49
CA SER D 338 -4.02 -6.68 8.25
C SER D 338 -3.82 -6.40 9.73
N ASN D 339 -3.65 -5.13 10.09
CA ASN D 339 -3.37 -4.76 11.47
C ASN D 339 -4.53 -4.01 12.12
N VAL D 340 -5.68 -4.02 11.46
CA VAL D 340 -6.80 -3.18 11.89
C VAL D 340 -7.31 -3.57 13.28
N LEU D 341 -7.31 -4.86 13.58
CA LEU D 341 -7.81 -5.32 14.88
C LEU D 341 -7.02 -4.67 16.00
N GLN D 342 -5.69 -4.78 15.94
CA GLN D 342 -4.84 -4.19 16.96
C GLN D 342 -5.00 -2.67 16.97
N LEU D 343 -5.24 -2.11 15.80
CA LEU D 343 -5.41 -0.66 15.65
C LEU D 343 -6.67 -0.21 16.39
N ILE D 344 -7.73 -1.01 16.26
CA ILE D 344 -9.01 -0.70 16.89
C ILE D 344 -8.91 -0.80 18.41
N VAL D 345 -8.28 -1.85 18.90
CA VAL D 345 -8.11 -2.04 20.34
C VAL D 345 -7.32 -0.88 20.93
N ASP D 346 -6.21 -0.52 20.28
CA ASP D 346 -5.37 0.58 20.76
C ASP D 346 -6.12 1.91 20.77
N ALA D 347 -6.92 2.14 19.74
CA ALA D 347 -7.69 3.39 19.65
C ALA D 347 -8.73 3.46 20.75
N TYR D 348 -9.34 2.32 21.06
CA TYR D 348 -10.35 2.25 22.11
C TYR D 348 -9.74 2.65 23.45
N GLY D 349 -8.60 2.07 23.78
CA GLY D 349 -7.90 2.43 25.00
C GLY D 349 -7.60 3.91 25.04
N LYS D 350 -7.01 4.42 23.95
CA LYS D 350 -6.64 5.83 23.86
C LYS D 350 -7.87 6.72 24.08
N ILE D 351 -9.01 6.29 23.55
CA ILE D 351 -10.25 7.01 23.71
C ILE D 351 -10.68 7.08 25.18
N ARG D 352 -10.40 6.02 25.94
CA ARG D 352 -10.83 5.95 27.33
C ARG D 352 -9.69 6.26 28.31
N SER D 353 -8.62 6.85 27.80
CA SER D 353 -7.49 7.25 28.62
C SER D 353 -7.57 8.73 28.94
N LYS D 354 -8.74 9.32 28.72
CA LYS D 354 -8.91 10.75 28.93
C LYS D 354 -10.21 11.02 29.68
N VAL D 355 -10.15 12.03 30.54
CA VAL D 355 -11.34 12.56 31.20
C VAL D 355 -11.25 14.08 31.13
N GLU D 356 -12.24 14.69 30.47
CA GLU D 356 -12.24 16.13 30.28
C GLU D 356 -13.60 16.71 30.65
N LEU D 357 -13.63 17.54 31.69
CA LEU D 357 -14.88 18.12 32.17
C LEU D 357 -15.35 19.24 31.27
N GLU D 358 -16.65 19.28 31.02
CA GLU D 358 -17.27 20.43 30.36
C GLU D 358 -18.42 20.94 31.21
N VAL D 359 -18.60 22.26 31.22
CA VAL D 359 -19.64 22.89 32.01
C VAL D 359 -20.77 23.37 31.08
N ARG D 360 -22.01 23.23 31.53
CA ARG D 360 -23.15 23.64 30.73
C ARG D 360 -24.12 24.50 31.52
N ASP D 361 -24.55 25.60 30.93
CA ASP D 361 -25.53 26.50 31.53
C ASP D 361 -24.95 27.26 32.72
N LEU D 362 -23.66 27.56 32.66
CA LEU D 362 -23.05 28.35 33.71
C LEU D 362 -23.56 29.78 33.63
N PRO D 363 -24.20 30.27 34.70
CA PRO D 363 -24.70 31.65 34.71
C PRO D 363 -23.57 32.64 34.42
N GLU D 364 -23.90 33.79 33.84
CA GLU D 364 -22.93 34.83 33.54
C GLU D 364 -22.10 35.20 34.76
N GLU D 365 -22.78 35.37 35.89
CA GLU D 365 -22.16 35.90 37.10
C GLU D 365 -21.25 34.90 37.79
N LEU D 366 -21.36 33.63 37.42
CA LEU D 366 -20.53 32.59 38.01
C LEU D 366 -19.26 32.39 37.18
N SER D 367 -18.17 32.09 37.88
CA SER D 367 -16.91 31.75 37.24
C SER D 367 -16.25 30.62 38.02
N LEU D 368 -15.84 29.57 37.31
CA LEU D 368 -15.29 28.39 37.96
C LEU D 368 -13.77 28.30 37.78
N SER D 369 -13.13 27.59 38.69
CA SER D 369 -11.70 27.31 38.60
C SER D 369 -11.47 25.88 39.07
N PHE D 370 -10.53 25.18 38.42
CA PHE D 370 -10.35 23.75 38.64
C PHE D 370 -8.94 23.37 39.07
N ASN D 371 -8.85 22.37 39.95
CA ASN D 371 -7.59 21.70 40.24
C ASN D 371 -7.78 20.21 40.01
N ALA D 372 -7.02 19.66 39.07
CA ALA D 372 -7.15 18.25 38.72
C ALA D 372 -6.25 17.39 39.62
N THR D 373 -6.60 16.12 39.74
CA THR D 373 -5.79 15.16 40.49
C THR D 373 -5.70 13.87 39.71
N CYS D 374 -4.92 13.89 38.63
CA CYS D 374 -4.83 12.76 37.71
C CYS D 374 -3.94 11.65 38.28
N LEU D 375 -2.89 11.31 37.55
CA LEU D 375 -1.96 10.25 37.96
C LEU D 375 -1.56 10.43 39.42
N ASN D 376 -1.63 9.35 40.19
CA ASN D 376 -1.38 9.41 41.62
C ASN D 376 -2.27 10.48 42.27
N ASN D 377 -1.87 10.92 43.46
CA ASN D 377 -2.58 12.02 44.11
C ASN D 377 -1.84 13.33 43.88
N GLU D 378 -1.49 13.58 42.63
CA GLU D 378 -0.76 14.78 42.26
C GLU D 378 -1.71 15.84 41.72
N VAL D 379 -2.04 16.81 42.55
CA VAL D 379 -2.92 17.89 42.13
C VAL D 379 -2.27 18.73 41.04
N ILE D 380 -3.06 19.08 40.03
CA ILE D 380 -2.56 19.87 38.91
C ILE D 380 -3.37 21.15 38.80
N PRO D 381 -2.84 22.25 39.37
CA PRO D 381 -3.57 23.51 39.47
C PRO D 381 -3.98 24.08 38.11
N GLY D 382 -5.20 24.62 38.04
CA GLY D 382 -5.69 25.24 36.83
C GLY D 382 -5.86 24.27 35.68
N LEU D 383 -6.42 23.11 35.96
CA LEU D 383 -6.59 22.08 34.95
C LEU D 383 -7.86 21.27 35.20
N LYS D 384 -8.70 21.17 34.18
CA LYS D 384 -9.98 20.47 34.29
C LYS D 384 -10.03 19.23 33.41
N SER D 385 -8.89 18.56 33.28
CA SER D 385 -8.81 17.36 32.42
C SER D 385 -7.61 16.49 32.78
N CYS D 386 -7.71 15.20 32.47
CA CYS D 386 -6.64 14.26 32.78
C CYS D 386 -6.40 13.31 31.61
N MET D 387 -5.13 13.03 31.34
CA MET D 387 -4.76 12.14 30.24
C MET D 387 -3.90 11.00 30.76
N GLY D 388 -3.60 10.04 29.89
CA GLY D 388 -2.76 8.91 30.24
C GLY D 388 -3.35 8.06 31.34
N LEU D 389 -4.66 7.84 31.28
CA LEU D 389 -5.35 7.06 32.29
C LEU D 389 -5.62 5.66 31.78
N LYS D 390 -5.78 4.72 32.71
CA LYS D 390 -6.12 3.35 32.37
C LYS D 390 -7.58 3.13 32.70
N ILE D 391 -8.21 2.16 32.03
CA ILE D 391 -9.57 1.80 32.36
C ILE D 391 -9.62 1.31 33.81
N GLY D 392 -10.66 1.72 34.53
CA GLY D 392 -10.79 1.36 35.93
C GLY D 392 -10.24 2.42 36.86
N ASP D 393 -9.52 3.39 36.30
CA ASP D 393 -8.90 4.46 37.08
C ASP D 393 -9.93 5.49 37.51
N THR D 394 -9.62 6.22 38.59
CA THR D 394 -10.48 7.28 39.09
C THR D 394 -9.68 8.56 39.33
N VAL D 395 -10.14 9.65 38.74
CA VAL D 395 -9.55 10.96 38.99
C VAL D 395 -10.56 11.85 39.73
N SER D 396 -10.12 13.01 40.16
CA SER D 396 -11.00 13.93 40.87
C SER D 396 -10.61 15.39 40.60
N PHE D 397 -11.55 16.29 40.85
CA PHE D 397 -11.30 17.71 40.64
C PHE D 397 -11.85 18.54 41.79
N SER D 398 -11.04 19.47 42.27
CA SER D 398 -11.53 20.48 43.21
C SER D 398 -12.02 21.65 42.39
N ILE D 399 -13.25 22.07 42.66
CA ILE D 399 -13.88 23.14 41.89
C ILE D 399 -14.33 24.26 42.82
N GLU D 400 -13.98 25.49 42.45
CA GLU D 400 -14.42 26.65 43.21
C GLU D 400 -15.35 27.52 42.38
N ALA D 401 -16.46 27.92 42.99
CA ALA D 401 -17.45 28.77 42.34
C ALA D 401 -17.43 30.17 42.95
N LYS D 402 -17.18 31.18 42.11
CA LYS D 402 -17.09 32.56 42.57
C LYS D 402 -18.14 33.41 41.89
N VAL D 403 -19.17 33.81 42.64
CA VAL D 403 -20.23 34.64 42.11
C VAL D 403 -19.83 36.10 42.14
N ARG D 404 -20.17 36.83 41.08
CA ARG D 404 -19.85 38.25 41.01
C ARG D 404 -21.13 39.07 41.18
N GLY D 405 -21.29 39.65 42.36
CA GLY D 405 -22.47 40.42 42.69
C GLY D 405 -23.61 39.54 43.17
N CYS D 406 -24.83 39.92 42.83
CA CYS D 406 -26.01 39.14 43.19
C CYS D 406 -26.99 39.16 42.04
N PRO D 407 -27.16 38.02 41.37
CA PRO D 407 -28.03 37.98 40.18
C PRO D 407 -29.49 38.27 40.51
N GLN D 408 -30.26 38.62 39.47
CA GLN D 408 -31.68 38.84 39.61
C GLN D 408 -32.40 37.55 39.98
N GLU D 409 -32.06 36.47 39.29
CA GLU D 409 -32.65 35.17 39.60
C GLU D 409 -31.89 34.53 40.74
N LYS D 410 -32.60 34.21 41.82
CA LYS D 410 -31.95 33.75 43.03
C LYS D 410 -31.63 32.27 42.99
N GLU D 411 -32.30 31.53 42.11
CA GLU D 411 -32.06 30.10 41.99
C GLU D 411 -31.76 29.70 40.54
N LYS D 412 -30.59 29.12 40.35
CA LYS D 412 -30.21 28.56 39.06
C LYS D 412 -29.49 27.24 39.30
N SER D 413 -29.30 26.47 38.23
CA SER D 413 -28.50 25.26 38.31
C SER D 413 -27.80 25.01 36.99
N PHE D 414 -26.55 24.54 37.06
CA PHE D 414 -25.81 24.19 35.86
C PHE D 414 -25.36 22.72 35.94
N THR D 415 -24.59 22.31 34.94
CA THR D 415 -24.17 20.91 34.84
C THR D 415 -22.69 20.81 34.59
N ILE D 416 -22.04 19.89 35.30
CA ILE D 416 -20.67 19.54 35.02
C ILE D 416 -20.67 18.10 34.54
N LYS D 417 -20.30 17.90 33.28
CA LYS D 417 -20.33 16.58 32.68
C LYS D 417 -19.03 16.27 31.96
N PRO D 418 -18.48 15.07 32.18
CA PRO D 418 -17.31 14.63 31.43
C PRO D 418 -17.65 14.40 29.96
N VAL D 419 -16.84 14.97 29.07
CA VAL D 419 -17.08 14.81 27.64
C VAL D 419 -17.23 13.33 27.32
N GLY D 420 -18.35 12.99 26.67
CA GLY D 420 -18.58 11.62 26.25
C GLY D 420 -19.32 10.76 27.24
N PHE D 421 -19.34 11.16 28.51
CA PHE D 421 -20.00 10.39 29.55
C PHE D 421 -21.51 10.61 29.57
N LYS D 422 -22.24 9.66 30.13
CA LYS D 422 -23.68 9.81 30.29
C LYS D 422 -24.00 10.60 31.55
N ASP D 423 -23.41 10.17 32.67
CA ASP D 423 -23.69 10.78 33.96
C ASP D 423 -23.03 12.14 34.09
N SER D 424 -23.62 12.99 34.93
CA SER D 424 -23.10 14.33 35.15
C SER D 424 -23.35 14.78 36.58
N LEU D 425 -22.76 15.92 36.95
CA LEU D 425 -23.02 16.53 38.24
C LEU D 425 -23.92 17.74 38.04
N ILE D 426 -25.11 17.71 38.64
CA ILE D 426 -26.00 18.85 38.62
C ILE D 426 -25.74 19.71 39.85
N VAL D 427 -25.48 20.99 39.63
CA VAL D 427 -25.21 21.91 40.71
C VAL D 427 -26.35 22.92 40.84
N GLN D 428 -27.16 22.75 41.88
CA GLN D 428 -28.25 23.67 42.15
C GLN D 428 -27.74 24.82 42.99
N VAL D 429 -27.72 26.02 42.40
CA VAL D 429 -27.20 27.20 43.09
C VAL D 429 -28.32 28.09 43.62
N THR D 430 -28.20 28.49 44.87
CA THR D 430 -29.11 29.45 45.48
C THR D 430 -28.31 30.66 45.94
N PHE D 431 -28.70 31.84 45.46
CA PHE D 431 -28.01 33.06 45.83
C PHE D 431 -28.61 33.66 47.09
N ASP D 432 -27.78 33.75 48.13
CA ASP D 432 -28.20 34.20 49.45
C ASP D 432 -27.98 35.71 49.59
N CYS D 433 -28.85 36.50 48.97
CA CYS D 433 -28.65 37.94 48.87
C CYS D 433 -29.51 38.71 49.85
N ASP D 434 -30.61 38.11 50.28
CA ASP D 434 -31.58 38.79 51.13
C ASP D 434 -31.46 38.35 52.58
N CYS D 435 -32.08 39.14 53.46
CA CYS D 435 -32.12 38.80 54.88
C CYS D 435 -33.47 38.17 55.23
N ALA D 436 -33.45 37.17 56.10
CA ALA D 436 -34.65 36.46 56.49
C ALA D 436 -35.66 37.41 57.11
N CYS D 437 -35.16 38.38 57.87
CA CYS D 437 -36.02 39.33 58.57
C CYS D 437 -36.84 40.19 57.58
N GLN D 438 -36.44 40.17 56.32
CA GLN D 438 -37.14 40.95 55.29
C GLN D 438 -38.54 40.40 55.03
N ALA D 439 -38.74 39.12 55.33
CA ALA D 439 -40.04 38.49 55.16
C ALA D 439 -41.03 38.97 56.23
N GLN D 440 -40.51 39.69 57.22
CA GLN D 440 -41.34 40.20 58.31
C GLN D 440 -41.46 41.72 58.22
N ALA D 441 -41.13 42.27 57.07
CA ALA D 441 -41.18 43.72 56.87
C ALA D 441 -42.60 44.24 57.02
N GLU D 442 -42.73 45.47 57.52
CA GLU D 442 -44.03 46.09 57.72
C GLU D 442 -44.21 47.28 56.80
N PRO D 443 -44.94 47.11 55.70
CA PRO D 443 -45.21 48.21 54.76
C PRO D 443 -46.17 49.25 55.34
N ASN D 444 -46.01 50.50 54.93
CA ASN D 444 -46.83 51.59 55.44
C ASN D 444 -46.79 51.61 56.97
N SER D 445 -45.61 51.39 57.53
CA SER D 445 -45.45 51.29 58.96
C SER D 445 -45.66 52.65 59.65
N HIS D 446 -46.41 52.65 60.74
CA HIS D 446 -46.62 53.88 61.50
C HIS D 446 -45.28 54.36 62.08
N ARG D 447 -44.32 53.45 62.15
CA ARG D 447 -43.02 53.75 62.72
C ARG D 447 -42.11 54.45 61.71
N CYS D 448 -42.63 54.71 60.52
CA CYS D 448 -41.85 55.31 59.45
C CYS D 448 -42.61 56.40 58.72
N ASN D 449 -42.33 57.66 59.07
CA ASN D 449 -42.98 58.80 58.43
C ASN D 449 -44.50 58.71 58.52
N ASN D 450 -44.99 58.08 59.58
CA ASN D 450 -46.43 57.95 59.80
C ASN D 450 -47.10 57.12 58.70
N GLY D 451 -46.37 56.15 58.15
CA GLY D 451 -46.95 55.25 57.17
C GLY D 451 -46.42 55.44 55.76
N ASN D 452 -45.47 56.36 55.59
CA ASN D 452 -44.88 56.59 54.27
C ASN D 452 -43.82 55.56 53.93
N GLY D 453 -43.18 55.01 54.95
CA GLY D 453 -42.08 54.10 54.73
C GLY D 453 -42.36 52.68 55.17
N THR D 454 -41.39 51.81 54.93
CA THR D 454 -41.47 50.40 55.32
C THR D 454 -40.51 50.12 56.46
N PHE D 455 -41.00 49.48 57.51
CA PHE D 455 -40.15 49.08 58.62
C PHE D 455 -39.61 47.69 58.34
N GLU D 456 -38.34 47.62 57.97
CA GLU D 456 -37.71 46.35 57.61
C GLU D 456 -36.40 46.15 58.35
N CYS D 457 -36.31 45.05 59.08
CA CYS D 457 -35.06 44.67 59.73
C CYS D 457 -34.56 45.73 60.71
N GLY D 458 -35.48 46.35 61.43
CA GLY D 458 -35.12 47.30 62.48
C GLY D 458 -34.74 48.68 61.98
N VAL D 459 -35.10 49.00 60.74
CA VAL D 459 -34.85 50.34 60.20
C VAL D 459 -35.97 50.74 59.25
N CYS D 460 -35.96 51.99 58.81
CA CYS D 460 -37.02 52.50 57.95
C CYS D 460 -36.51 52.72 56.52
N ARG D 461 -37.23 52.14 55.57
CA ARG D 461 -36.89 52.28 54.16
C ARG D 461 -37.99 53.04 53.45
N CYS D 462 -37.64 53.79 52.41
CA CYS D 462 -38.63 54.46 51.59
C CYS D 462 -39.50 53.40 50.89
N GLY D 463 -40.80 53.63 50.87
CA GLY D 463 -41.72 52.72 50.22
C GLY D 463 -41.64 52.86 48.72
N PRO D 464 -42.34 51.98 47.98
CA PRO D 464 -42.35 52.03 46.52
C PRO D 464 -43.06 53.27 45.98
N GLY D 465 -42.50 53.87 44.94
CA GLY D 465 -43.08 55.06 44.35
C GLY D 465 -42.40 56.34 44.84
N TRP D 466 -41.57 56.20 45.87
CA TRP D 466 -40.86 57.34 46.43
C TRP D 466 -39.47 57.47 45.82
N LEU D 467 -38.90 58.66 45.93
CA LEU D 467 -37.57 58.92 45.40
C LEU D 467 -36.69 59.58 46.45
N GLY D 468 -35.42 59.18 46.49
CA GLY D 468 -34.47 59.75 47.42
C GLY D 468 -34.11 58.78 48.54
N SER D 469 -33.08 59.13 49.29
CA SER D 469 -32.64 58.32 50.42
C SER D 469 -33.67 58.37 51.54
N GLN D 470 -34.08 59.59 51.90
CA GLN D 470 -35.07 59.79 52.94
C GLN D 470 -36.33 60.43 52.37
N CYS D 471 -36.70 60.01 51.17
CA CYS D 471 -37.91 60.50 50.52
C CYS D 471 -37.86 62.01 50.33
N GLU E 1 2.29 34.70 -40.26
CA GLU E 1 1.86 34.02 -41.52
C GLU E 1 2.25 32.55 -41.51
N VAL E 2 1.31 31.69 -41.88
CA VAL E 2 1.59 30.27 -41.99
C VAL E 2 2.14 29.95 -43.37
N GLN E 3 3.28 29.27 -43.41
CA GLN E 3 3.89 28.87 -44.66
C GLN E 3 4.75 27.62 -44.45
N LEU E 4 4.66 26.68 -45.39
CA LEU E 4 5.40 25.43 -45.29
C LEU E 4 6.52 25.38 -46.33
N GLN E 5 7.75 25.30 -45.84
CA GLN E 5 8.90 25.24 -46.73
C GLN E 5 9.53 23.86 -46.68
N GLN E 6 9.26 23.07 -47.71
CA GLN E 6 9.81 21.71 -47.80
C GLN E 6 11.23 21.76 -48.33
N SER E 7 11.88 20.61 -48.40
CA SER E 7 13.25 20.52 -48.91
C SER E 7 13.28 20.71 -50.42
N GLY E 8 14.47 20.56 -51.00
CA GLY E 8 14.65 20.74 -52.43
C GLY E 8 14.46 19.46 -53.21
N ALA E 9 14.41 19.58 -54.54
CA ALA E 9 14.24 18.43 -55.41
C ALA E 9 15.39 17.44 -55.21
N GLU E 10 15.07 16.15 -55.27
CA GLU E 10 16.06 15.10 -55.04
C GLU E 10 16.23 14.22 -56.28
N LEU E 11 17.41 13.65 -56.42
CA LEU E 11 17.68 12.67 -57.48
C LEU E 11 18.53 11.55 -56.90
N VAL E 12 18.00 10.33 -56.91
CA VAL E 12 18.70 9.18 -56.36
C VAL E 12 18.45 7.93 -57.18
N LYS E 13 19.35 6.96 -57.07
CA LYS E 13 19.24 5.72 -57.83
C LYS E 13 18.26 4.75 -57.17
N PRO E 14 17.65 3.88 -57.98
CA PRO E 14 16.71 2.88 -57.45
C PRO E 14 17.35 2.04 -56.35
N GLY E 15 16.59 1.72 -55.32
CA GLY E 15 17.09 0.92 -54.22
C GLY E 15 17.47 1.76 -53.01
N ALA E 16 18.04 2.94 -53.26
CA ALA E 16 18.45 3.84 -52.19
C ALA E 16 17.25 4.33 -51.38
N SER E 17 17.52 5.23 -50.43
CA SER E 17 16.46 5.83 -49.63
C SER E 17 16.70 7.32 -49.44
N VAL E 18 15.62 8.09 -49.43
CA VAL E 18 15.71 9.53 -49.27
C VAL E 18 14.74 10.00 -48.20
N LYS E 19 15.08 11.12 -47.55
CA LYS E 19 14.21 11.74 -46.57
C LYS E 19 13.90 13.17 -46.98
N LEU E 20 12.61 13.51 -47.04
CA LEU E 20 12.19 14.86 -47.41
C LEU E 20 11.85 15.66 -46.16
N SER E 21 12.21 16.93 -46.18
CA SER E 21 11.99 17.80 -45.03
C SER E 21 10.80 18.73 -45.25
N CYS E 22 10.16 19.13 -44.15
CA CYS E 22 9.03 20.04 -44.20
C CYS E 22 9.00 20.87 -42.92
N THR E 23 9.65 22.03 -42.97
CA THR E 23 9.76 22.88 -41.80
C THR E 23 8.67 23.95 -41.77
N ALA E 24 8.04 24.11 -40.61
CA ALA E 24 6.94 25.05 -40.45
C ALA E 24 7.46 26.47 -40.26
N SER E 25 6.80 27.43 -40.92
CA SER E 25 7.22 28.83 -40.85
C SER E 25 6.08 29.72 -40.38
N GLY E 26 6.21 30.25 -39.17
CA GLY E 26 5.22 31.15 -38.61
C GLY E 26 4.26 30.47 -37.66
N PHE E 27 4.66 29.34 -37.13
CA PHE E 27 3.84 28.59 -36.18
C PHE E 27 4.58 27.35 -35.71
N ASN E 28 4.06 26.70 -34.67
CA ASN E 28 4.66 25.49 -34.14
C ASN E 28 4.16 24.25 -34.87
N ILE E 29 5.10 23.45 -35.36
CA ILE E 29 4.78 22.20 -36.04
C ILE E 29 3.88 21.35 -35.14
N LYS E 30 4.00 21.54 -33.84
CA LYS E 30 3.26 20.76 -32.87
C LYS E 30 1.76 21.06 -32.89
N ASP E 31 1.39 22.19 -33.51
CA ASP E 31 0.02 22.70 -33.44
C ASP E 31 -1.04 21.76 -34.02
N THR E 32 -0.77 21.17 -35.18
CA THR E 32 -1.77 20.38 -35.88
C THR E 32 -1.20 19.10 -36.49
N TYR E 33 -2.10 18.32 -37.08
CA TYR E 33 -1.71 17.17 -37.88
C TYR E 33 -0.86 17.63 -39.05
N VAL E 34 0.04 16.77 -39.50
CA VAL E 34 0.81 17.04 -40.71
C VAL E 34 0.73 15.84 -41.64
N HIS E 35 0.35 16.11 -42.89
CA HIS E 35 0.18 15.04 -43.87
C HIS E 35 1.23 15.13 -44.98
N TRP E 36 1.39 14.05 -45.72
CA TRP E 36 2.23 14.03 -46.92
C TRP E 36 1.41 13.52 -48.09
N VAL E 37 1.51 14.18 -49.23
CA VAL E 37 0.72 13.81 -50.40
C VAL E 37 1.58 13.64 -51.65
N LYS E 38 1.34 12.55 -52.38
CA LYS E 38 2.10 12.22 -53.58
C LYS E 38 1.32 12.59 -54.85
N GLN E 39 2.02 13.17 -55.82
CA GLN E 39 1.37 13.57 -57.07
C GLN E 39 2.13 13.13 -58.31
N ARG E 40 1.47 12.31 -59.13
CA ARG E 40 2.01 11.92 -60.42
C ARG E 40 1.07 12.39 -61.52
N PRO E 41 1.62 12.70 -62.70
CA PRO E 41 0.83 13.22 -63.83
C PRO E 41 -0.36 12.34 -64.20
N GLU E 42 -0.12 11.04 -64.36
CA GLU E 42 -1.18 10.13 -64.79
C GLU E 42 -2.03 9.64 -63.62
N GLN E 43 -1.36 9.17 -62.57
CA GLN E 43 -2.05 8.62 -61.41
C GLN E 43 -2.86 9.69 -60.67
N GLY E 44 -2.22 10.83 -60.41
CA GLY E 44 -2.89 11.93 -59.75
C GLY E 44 -2.42 12.12 -58.33
N LEU E 45 -3.34 12.56 -57.46
CA LEU E 45 -3.01 12.84 -56.06
C LEU E 45 -3.31 11.64 -55.17
N GLU E 46 -2.35 11.29 -54.33
CA GLU E 46 -2.51 10.17 -53.41
C GLU E 46 -2.06 10.54 -52.00
N TRP E 47 -2.98 10.37 -51.04
CA TRP E 47 -2.66 10.59 -49.64
C TRP E 47 -1.72 9.48 -49.16
N ILE E 48 -0.62 9.87 -48.52
CA ILE E 48 0.38 8.91 -48.06
C ILE E 48 0.16 8.55 -46.60
N GLY E 49 0.24 9.56 -45.73
CA GLY E 49 0.10 9.33 -44.31
C GLY E 49 -0.11 10.61 -43.52
N ARG E 50 -0.17 10.46 -42.20
CA ARG E 50 -0.44 11.57 -41.29
C ARG E 50 0.43 11.42 -40.05
N ILE E 51 0.68 12.52 -39.36
CA ILE E 51 1.45 12.47 -38.11
C ILE E 51 1.03 13.57 -37.16
N ASP E 52 1.14 13.29 -35.86
CA ASP E 52 0.86 14.26 -34.82
C ASP E 52 2.16 14.59 -34.10
N PRO E 53 2.82 15.69 -34.50
CA PRO E 53 4.12 16.09 -33.93
C PRO E 53 4.07 16.27 -32.42
N ALA E 54 2.88 16.49 -31.88
CA ALA E 54 2.71 16.71 -30.44
C ALA E 54 3.09 15.47 -29.64
N ASN E 55 3.06 14.31 -30.28
CA ASN E 55 3.41 13.06 -29.62
C ASN E 55 4.22 12.12 -30.51
N GLY E 56 3.89 12.09 -31.79
CA GLY E 56 4.64 11.30 -32.75
C GLY E 56 3.87 10.13 -33.34
N TYR E 57 2.56 10.08 -33.08
CA TYR E 57 1.73 9.00 -33.61
C TYR E 57 1.48 9.20 -35.10
N THR E 58 1.38 8.09 -35.83
CA THR E 58 1.30 8.14 -37.29
C THR E 58 0.16 7.30 -37.86
N LYS E 59 -0.33 7.70 -39.03
CA LYS E 59 -1.30 6.94 -39.81
C LYS E 59 -0.80 6.79 -41.23
N TYR E 60 -1.15 5.68 -41.89
CA TYR E 60 -0.69 5.44 -43.25
C TYR E 60 -1.78 4.81 -44.13
N ASP E 61 -1.68 5.04 -45.44
CA ASP E 61 -2.48 4.29 -46.39
C ASP E 61 -1.80 2.93 -46.58
N PRO E 62 -2.58 1.83 -46.42
CA PRO E 62 -2.00 0.49 -46.48
C PRO E 62 -1.10 0.26 -47.69
N LYS E 63 -1.24 1.09 -48.71
CA LYS E 63 -0.42 0.98 -49.91
C LYS E 63 1.04 1.31 -49.61
N PHE E 64 1.26 2.43 -48.93
CA PHE E 64 2.61 2.92 -48.68
C PHE E 64 3.25 2.26 -47.46
N GLN E 65 2.57 1.27 -46.89
CA GLN E 65 3.10 0.58 -45.73
C GLN E 65 4.41 -0.12 -46.09
N GLY E 66 5.46 0.21 -45.36
CA GLY E 66 6.77 -0.38 -45.59
C GLY E 66 7.73 0.58 -46.25
N LYS E 67 7.21 1.37 -47.20
CA LYS E 67 8.04 2.31 -47.94
C LYS E 67 8.16 3.64 -47.23
N ALA E 68 7.03 4.32 -47.05
CA ALA E 68 7.02 5.64 -46.44
C ALA E 68 7.17 5.56 -44.92
N THR E 69 7.99 6.44 -44.38
CA THR E 69 8.18 6.51 -42.93
C THR E 69 8.16 7.97 -42.50
N ILE E 70 7.03 8.40 -41.96
CA ILE E 70 6.85 9.79 -41.55
C ILE E 70 7.34 10.00 -40.12
N THR E 71 8.18 11.00 -39.93
CA THR E 71 8.73 11.33 -38.61
C THR E 71 8.58 12.81 -38.34
N ALA E 72 8.84 13.20 -37.09
CA ALA E 72 8.72 14.61 -36.69
C ALA E 72 9.82 14.99 -35.72
N ASP E 73 9.89 16.27 -35.38
CA ASP E 73 10.90 16.77 -34.46
C ASP E 73 10.54 18.18 -34.00
N THR E 74 9.85 18.28 -32.88
CA THR E 74 9.41 19.57 -32.35
C THR E 74 10.58 20.53 -32.25
N SER E 75 11.73 20.01 -31.84
CA SER E 75 12.94 20.82 -31.67
C SER E 75 13.25 21.61 -32.94
N SER E 76 13.45 20.90 -34.04
CA SER E 76 13.78 21.52 -35.32
C SER E 76 12.52 22.06 -36.00
N ASN E 77 11.37 21.84 -35.37
CA ASN E 77 10.11 22.31 -35.93
C ASN E 77 9.95 21.82 -37.37
N THR E 78 10.22 20.54 -37.60
CA THR E 78 10.21 19.98 -38.94
C THR E 78 9.67 18.56 -38.94
N ALA E 79 8.89 18.23 -39.96
CA ALA E 79 8.37 16.89 -40.15
C ALA E 79 8.99 16.28 -41.41
N TYR E 80 9.36 15.02 -41.34
CA TYR E 80 10.09 14.38 -42.43
C TYR E 80 9.32 13.21 -43.04
N LEU E 81 9.73 12.83 -44.25
CA LEU E 81 9.14 11.70 -44.95
C LEU E 81 10.24 10.83 -45.56
N GLN E 82 10.59 9.74 -44.88
CA GLN E 82 11.65 8.86 -45.35
C GLN E 82 11.11 7.77 -46.28
N LEU E 83 11.65 7.72 -47.49
CA LEU E 83 11.23 6.73 -48.48
C LEU E 83 12.35 5.74 -48.75
N SER E 84 12.02 4.45 -48.65
CA SER E 84 13.00 3.39 -48.84
C SER E 84 12.68 2.54 -50.06
N SER E 85 13.67 1.82 -50.57
CA SER E 85 13.49 0.95 -51.72
C SER E 85 12.81 1.71 -52.85
N LEU E 86 13.48 2.73 -53.36
CA LEU E 86 12.88 3.61 -54.36
C LEU E 86 12.78 2.93 -55.72
N THR E 87 11.81 3.36 -56.51
CA THR E 87 11.64 2.88 -57.87
C THR E 87 11.12 4.02 -58.74
N SER E 88 11.04 3.78 -60.04
CA SER E 88 10.45 4.75 -60.95
C SER E 88 9.01 4.99 -60.55
N GLU E 89 8.39 3.97 -59.94
CA GLU E 89 7.03 4.08 -59.45
C GLU E 89 6.94 5.15 -58.35
N ASP E 90 8.05 5.36 -57.65
CA ASP E 90 8.11 6.32 -56.56
C ASP E 90 8.47 7.71 -57.04
N THR E 91 8.75 7.85 -58.33
CA THR E 91 9.08 9.15 -58.91
C THR E 91 7.82 10.02 -58.95
N ALA E 92 7.80 11.07 -58.15
CA ALA E 92 6.65 11.96 -58.07
C ALA E 92 6.95 13.20 -57.24
N VAL E 93 5.98 14.11 -57.18
CA VAL E 93 6.10 15.31 -56.36
C VAL E 93 5.40 15.07 -55.03
N TYR E 94 6.04 15.48 -53.93
CA TYR E 94 5.51 15.24 -52.60
C TYR E 94 5.23 16.54 -51.84
N TYR E 95 4.02 16.66 -51.31
CA TYR E 95 3.61 17.85 -50.58
C TYR E 95 3.35 17.53 -49.12
N CYS E 96 3.69 18.47 -48.24
CA CYS E 96 3.27 18.39 -46.84
C CYS E 96 2.06 19.31 -46.66
N VAL E 97 1.08 18.86 -45.88
CA VAL E 97 -0.18 19.58 -45.76
C VAL E 97 -0.66 19.65 -44.31
N ARG E 98 -1.28 20.78 -43.96
CA ARG E 98 -1.89 20.95 -42.64
C ARG E 98 -3.21 21.70 -42.74
N PRO E 99 -4.12 21.47 -41.79
CA PRO E 99 -5.43 22.14 -41.75
C PRO E 99 -5.36 23.59 -41.33
N LEU E 100 -6.37 24.37 -41.68
CA LEU E 100 -6.52 25.73 -41.21
C LEU E 100 -7.20 25.73 -39.83
N TYR E 101 -8.49 25.40 -39.81
CA TYR E 101 -9.25 25.34 -38.56
C TYR E 101 -9.68 23.91 -38.27
N ASP E 102 -10.41 23.33 -39.22
CA ASP E 102 -10.89 21.96 -39.10
C ASP E 102 -9.70 21.04 -38.81
N TYR E 103 -9.77 20.30 -37.71
CA TYR E 103 -8.70 19.36 -37.35
C TYR E 103 -8.35 18.42 -38.51
N TYR E 104 -9.35 18.06 -39.30
CA TYR E 104 -9.21 16.99 -40.27
C TYR E 104 -9.04 17.48 -41.70
N ALA E 105 -9.21 18.78 -41.91
CA ALA E 105 -9.18 19.35 -43.25
C ALA E 105 -7.76 19.43 -43.83
N MET E 106 -7.68 19.81 -45.11
CA MET E 106 -6.42 19.88 -45.84
C MET E 106 -6.30 21.22 -46.54
N ASP E 107 -5.81 22.24 -45.84
CA ASP E 107 -5.88 23.62 -46.34
C ASP E 107 -4.54 24.24 -46.73
N TYR E 108 -3.49 23.95 -45.98
CA TYR E 108 -2.16 24.52 -46.26
C TYR E 108 -1.21 23.50 -46.89
N TRP E 109 -0.51 23.92 -47.93
CA TRP E 109 0.37 23.04 -48.69
C TRP E 109 1.75 23.65 -48.94
N GLY E 110 2.79 22.84 -48.83
CA GLY E 110 4.14 23.29 -49.14
C GLY E 110 4.28 23.59 -50.62
N GLN E 111 5.47 23.98 -51.05
CA GLN E 111 5.70 24.26 -52.46
C GLN E 111 5.99 22.96 -53.22
N GLY E 112 5.95 21.85 -52.50
CA GLY E 112 6.17 20.55 -53.11
C GLY E 112 7.65 20.26 -53.34
N THR E 113 8.01 18.98 -53.29
CA THR E 113 9.38 18.57 -53.53
C THR E 113 9.40 17.40 -54.51
N SER E 114 10.09 17.60 -55.63
CA SER E 114 10.18 16.58 -56.67
C SER E 114 11.19 15.50 -56.29
N VAL E 115 10.90 14.26 -56.68
CA VAL E 115 11.81 13.16 -56.44
C VAL E 115 11.95 12.31 -57.71
N THR E 116 13.12 12.34 -58.31
CA THR E 116 13.38 11.60 -59.54
C THR E 116 14.29 10.40 -59.27
N VAL E 117 13.74 9.20 -59.42
CA VAL E 117 14.50 7.97 -59.20
C VAL E 117 14.99 7.40 -60.52
N SER E 118 16.30 7.45 -60.73
CA SER E 118 16.90 6.95 -61.97
C SER E 118 18.34 6.50 -61.77
N SER E 119 18.79 5.59 -62.63
CA SER E 119 20.17 5.10 -62.59
C SER E 119 21.07 5.88 -63.54
N ALA E 120 20.46 6.66 -64.43
CA ALA E 120 21.18 7.42 -65.43
C ALA E 120 22.36 8.19 -64.85
N LYS E 121 23.52 8.05 -65.48
CA LYS E 121 24.70 8.82 -65.10
C LYS E 121 24.60 10.22 -65.68
N THR E 122 25.11 11.21 -64.95
CA THR E 122 25.08 12.59 -65.42
C THR E 122 25.50 12.66 -66.88
N THR E 123 24.58 13.10 -67.74
CA THR E 123 24.83 13.12 -69.18
C THR E 123 24.59 14.51 -69.76
N ALA E 124 25.40 14.86 -70.75
CA ALA E 124 25.27 16.14 -71.44
C ALA E 124 24.37 15.98 -72.67
N PRO E 125 23.63 17.04 -73.02
CA PRO E 125 22.67 17.02 -74.12
C PRO E 125 23.31 16.82 -75.49
N SER E 126 22.51 16.35 -76.45
CA SER E 126 22.98 16.18 -77.82
C SER E 126 22.12 17.01 -78.76
N VAL E 127 22.65 18.15 -79.20
CA VAL E 127 21.89 19.09 -80.01
C VAL E 127 21.95 18.76 -81.50
N TYR E 128 20.78 18.70 -82.12
CA TYR E 128 20.69 18.46 -83.56
C TYR E 128 19.75 19.48 -84.20
N PRO E 129 20.28 20.34 -85.08
CA PRO E 129 19.42 21.32 -85.76
C PRO E 129 18.46 20.66 -86.75
N LEU E 130 17.48 21.43 -87.24
CA LEU E 130 16.48 20.89 -88.15
C LEU E 130 16.20 21.83 -89.31
N ALA E 131 15.58 21.30 -90.36
CA ALA E 131 15.25 22.07 -91.56
C ALA E 131 14.31 21.29 -92.47
N PRO E 132 13.50 22.02 -93.26
CA PRO E 132 12.49 21.40 -94.13
C PRO E 132 13.08 20.71 -95.37
N VAL E 133 12.25 19.94 -96.06
CA VAL E 133 12.68 19.24 -97.27
C VAL E 133 12.59 20.18 -98.47
N CYS E 134 13.43 19.94 -99.47
CA CYS E 134 13.45 20.77 -100.67
C CYS E 134 12.05 20.91 -101.27
N SER E 140 5.86 30.96 -98.06
CA SER E 140 5.56 32.26 -97.48
C SER E 140 5.98 32.31 -96.02
N SER E 141 5.82 31.19 -95.32
CA SER E 141 6.16 31.11 -93.91
C SER E 141 6.79 29.76 -93.58
N VAL E 142 8.05 29.78 -93.17
CA VAL E 142 8.79 28.55 -92.91
C VAL E 142 8.82 28.22 -91.42
N THR E 143 8.95 26.94 -91.11
CA THR E 143 9.02 26.48 -89.72
C THR E 143 10.32 25.71 -89.49
N LEU E 144 10.98 25.99 -88.36
CA LEU E 144 12.23 25.34 -88.02
C LEU E 144 12.28 24.97 -86.54
N GLY E 145 13.22 24.12 -86.16
CA GLY E 145 13.34 23.68 -84.79
C GLY E 145 14.74 23.26 -84.39
N CYS E 146 14.86 22.69 -83.19
CA CYS E 146 16.15 22.27 -82.66
C CYS E 146 15.94 21.19 -81.59
N LEU E 147 16.14 19.93 -81.97
CA LEU E 147 15.86 18.81 -81.08
C LEU E 147 17.11 18.39 -80.31
N VAL E 148 16.91 17.98 -79.05
CA VAL E 148 18.01 17.53 -78.21
C VAL E 148 17.61 16.27 -77.44
N LYS E 149 18.50 15.28 -77.43
CA LYS E 149 18.25 14.03 -76.71
C LYS E 149 19.47 13.55 -75.96
N GLY E 150 19.27 12.55 -75.09
CA GLY E 150 20.34 11.92 -74.36
C GLY E 150 21.04 12.85 -73.39
N TYR E 151 20.30 13.32 -72.39
CA TYR E 151 20.88 14.15 -71.35
C TYR E 151 20.28 13.81 -70.00
N PHE E 152 21.00 14.10 -68.93
CA PHE E 152 20.53 13.83 -67.59
C PHE E 152 21.40 14.50 -66.55
N PRO E 153 20.79 15.06 -65.49
CA PRO E 153 19.33 15.11 -65.30
C PRO E 153 18.71 16.40 -65.82
N GLU E 154 17.51 16.72 -65.35
CA GLU E 154 16.83 17.96 -65.70
C GLU E 154 17.21 19.06 -64.72
N PRO E 155 16.94 20.32 -65.09
CA PRO E 155 16.41 20.71 -66.38
C PRO E 155 17.51 21.22 -67.31
N VAL E 156 17.13 22.03 -68.29
CA VAL E 156 18.10 22.63 -69.21
C VAL E 156 17.59 24.00 -69.68
N THR E 157 18.51 24.85 -70.14
CA THR E 157 18.16 26.20 -70.55
C THR E 157 18.37 26.41 -72.04
N LEU E 158 17.26 26.50 -72.79
CA LEU E 158 17.32 26.70 -74.23
C LEU E 158 16.98 28.14 -74.59
N THR E 159 17.64 28.67 -75.60
CA THR E 159 17.36 30.02 -76.10
C THR E 159 17.64 30.10 -77.60
N TRP E 160 17.34 31.24 -78.20
CA TRP E 160 17.62 31.46 -79.61
C TRP E 160 18.39 32.77 -79.79
N ASN E 161 19.69 32.64 -80.06
CA ASN E 161 20.56 33.80 -80.14
C ASN E 161 20.52 34.56 -78.82
N SER E 162 20.67 33.82 -77.72
CA SER E 162 20.57 34.39 -76.39
C SER E 162 19.18 34.96 -76.15
N GLY E 163 18.18 34.35 -76.77
CA GLY E 163 16.79 34.77 -76.59
C GLY E 163 16.37 35.88 -77.53
N SER E 164 16.98 35.93 -78.72
CA SER E 164 16.63 36.93 -79.71
C SER E 164 15.16 36.85 -80.06
N LEU E 165 14.80 35.90 -80.93
CA LEU E 165 13.41 35.71 -81.33
C LEU E 165 12.67 34.88 -80.29
N SER E 166 12.05 35.56 -79.33
CA SER E 166 11.27 34.90 -78.30
C SER E 166 9.84 34.66 -78.77
N SER E 167 9.35 35.56 -79.63
CA SER E 167 7.99 35.45 -80.15
C SER E 167 7.84 34.20 -81.02
N GLY E 168 6.80 33.42 -80.74
CA GLY E 168 6.54 32.22 -81.49
C GLY E 168 7.62 31.18 -81.33
N VAL E 169 7.73 30.63 -80.12
CA VAL E 169 8.74 29.62 -79.83
C VAL E 169 8.15 28.49 -79.00
N HIS E 170 7.63 27.46 -79.67
CA HIS E 170 7.02 26.33 -79.00
C HIS E 170 8.07 25.31 -78.57
N THR E 171 8.52 25.42 -77.31
CA THR E 171 9.48 24.49 -76.75
C THR E 171 8.76 23.41 -75.94
N PHE E 172 8.60 22.24 -76.53
CA PHE E 172 7.83 21.16 -75.92
C PHE E 172 8.54 20.59 -74.69
N PRO E 173 7.76 20.08 -73.72
CA PRO E 173 8.31 19.44 -72.52
C PRO E 173 9.14 18.20 -72.85
N ALA E 174 10.22 17.99 -72.11
CA ALA E 174 11.05 16.80 -72.32
C ALA E 174 10.24 15.53 -72.12
N VAL E 175 10.78 14.40 -72.58
CA VAL E 175 10.11 13.12 -72.45
C VAL E 175 11.06 12.07 -71.92
N LEU E 176 10.52 11.09 -71.20
CA LEU E 176 11.34 10.00 -70.68
C LEU E 176 11.86 9.13 -71.83
N GLN E 177 13.16 8.93 -71.87
CA GLN E 177 13.78 8.06 -72.87
C GLN E 177 14.57 6.97 -72.17
N SER E 178 13.89 6.19 -71.34
CA SER E 178 14.52 5.12 -70.58
C SER E 178 15.83 5.59 -69.96
N ASP E 179 15.72 6.39 -68.91
CA ASP E 179 16.87 6.92 -68.17
C ASP E 179 17.47 8.16 -68.85
N LEU E 180 16.89 8.58 -69.97
CA LEU E 180 17.35 9.79 -70.65
C LEU E 180 16.18 10.64 -71.12
N TYR E 181 16.46 11.86 -71.55
CA TYR E 181 15.41 12.81 -71.89
C TYR E 181 15.40 13.18 -73.37
N THR E 182 14.20 13.44 -73.88
CA THR E 182 14.02 13.87 -75.27
C THR E 182 13.25 15.18 -75.30
N LEU E 183 13.95 16.27 -75.60
CA LEU E 183 13.34 17.59 -75.61
C LEU E 183 13.56 18.27 -76.96
N SER E 184 12.58 19.05 -77.39
CA SER E 184 12.65 19.74 -78.67
C SER E 184 12.23 21.21 -78.53
N SER E 185 12.35 21.94 -79.63
CA SER E 185 11.99 23.35 -79.67
C SER E 185 11.48 23.70 -81.07
N SER E 186 10.77 24.81 -81.18
CA SER E 186 10.22 25.23 -82.47
C SER E 186 10.28 26.75 -82.65
N VAL E 187 10.08 27.18 -83.89
CA VAL E 187 10.10 28.60 -84.23
C VAL E 187 9.69 28.77 -85.70
N THR E 188 9.01 29.88 -86.01
CA THR E 188 8.48 30.09 -87.35
C THR E 188 8.68 31.52 -87.84
N VAL E 189 9.02 31.66 -89.12
CA VAL E 189 9.21 32.96 -89.75
C VAL E 189 8.75 32.92 -91.20
N THR E 190 9.09 33.95 -91.96
CA THR E 190 8.72 34.01 -93.38
C THR E 190 9.92 33.70 -94.27
N SER E 191 9.65 33.44 -95.55
CA SER E 191 10.69 33.11 -96.51
C SER E 191 11.59 34.31 -96.78
N SER E 192 11.21 35.47 -96.23
CA SER E 192 12.01 36.68 -96.36
C SER E 192 12.88 36.89 -95.12
N THR E 193 12.55 36.18 -94.05
CA THR E 193 13.27 36.32 -92.78
C THR E 193 14.43 35.33 -92.70
N TRP E 194 14.33 34.23 -93.44
CA TRP E 194 15.36 33.20 -93.42
C TRP E 194 15.34 32.37 -94.70
N PRO E 195 16.53 31.98 -95.20
CA PRO E 195 17.85 32.28 -94.63
C PRO E 195 18.38 33.65 -95.05
N SER E 196 18.29 34.62 -94.16
CA SER E 196 18.84 35.95 -94.41
C SER E 196 19.46 36.52 -93.13
N GLN E 197 19.49 35.70 -92.09
CA GLN E 197 20.00 36.12 -90.79
C GLN E 197 20.57 34.92 -90.04
N SER E 198 21.43 35.19 -89.06
CA SER E 198 22.09 34.14 -88.30
C SER E 198 21.30 33.77 -87.04
N ILE E 199 20.92 32.51 -86.94
CA ILE E 199 20.18 32.01 -85.78
C ILE E 199 20.84 30.76 -85.22
N THR E 200 20.77 30.59 -83.91
CA THR E 200 21.39 29.44 -83.25
C THR E 200 20.53 28.93 -82.10
N CYS E 201 20.69 27.64 -81.79
CA CYS E 201 19.92 26.99 -80.72
C CYS E 201 20.80 26.75 -79.50
N ASN E 202 20.85 27.73 -78.60
CA ASN E 202 21.67 27.62 -77.39
C ASN E 202 21.07 26.66 -76.37
N VAL E 203 21.93 25.89 -75.70
CA VAL E 203 21.49 24.92 -74.70
C VAL E 203 22.48 24.85 -73.55
N ALA E 204 21.95 24.84 -72.32
CA ALA E 204 22.78 24.78 -71.14
C ALA E 204 22.31 23.70 -70.18
N HIS E 205 23.26 22.91 -69.66
CA HIS E 205 22.95 21.85 -68.73
C HIS E 205 23.63 22.12 -67.39
N PRO E 206 22.84 22.25 -66.32
CA PRO E 206 23.37 22.60 -64.99
C PRO E 206 24.33 21.56 -64.42
N ALA E 207 24.14 20.30 -64.82
CA ALA E 207 24.98 19.21 -64.33
C ALA E 207 26.28 19.12 -65.13
N SER E 208 26.17 18.69 -66.38
CA SER E 208 27.34 18.53 -67.24
C SER E 208 28.11 19.83 -67.39
N SER E 209 27.51 20.94 -66.97
CA SER E 209 28.15 22.24 -67.05
C SER E 209 28.53 22.55 -68.49
N THR E 210 27.57 22.37 -69.39
CA THR E 210 27.81 22.55 -70.82
C THR E 210 27.09 23.79 -71.35
N LYS E 211 27.63 24.38 -72.40
CA LYS E 211 27.04 25.56 -73.03
C LYS E 211 26.95 25.41 -74.55
N VAL E 212 27.63 24.42 -75.09
CA VAL E 212 27.73 24.23 -76.54
C VAL E 212 26.35 24.31 -77.22
N ASP E 213 26.36 24.73 -78.48
CA ASP E 213 25.12 24.87 -79.25
C ASP E 213 25.40 24.80 -80.75
N LYS E 214 24.48 24.18 -81.49
CA LYS E 214 24.61 24.06 -82.93
C LYS E 214 23.89 25.21 -83.63
N LYS E 215 24.43 25.63 -84.77
CA LYS E 215 23.82 26.70 -85.55
C LYS E 215 22.96 26.08 -86.65
N ILE E 216 21.80 26.67 -86.89
CA ILE E 216 20.84 26.13 -87.85
C ILE E 216 21.44 26.12 -89.26
N GLU E 217 20.96 25.21 -90.10
CA GLU E 217 21.46 25.07 -91.47
C GLU E 217 20.33 24.79 -92.45
N PRO E 218 20.55 25.11 -93.73
CA PRO E 218 19.59 24.85 -94.80
C PRO E 218 19.85 23.52 -95.53
N ARG E 219 18.79 22.90 -96.05
CA ARG E 219 18.92 21.65 -96.78
C ARG E 219 18.86 21.89 -98.29
N ASP F 1 -11.72 1.80 -49.13
CA ASP F 1 -11.45 3.19 -49.61
C ASP F 1 -12.65 3.80 -50.30
N ILE F 2 -12.78 5.11 -50.20
CA ILE F 2 -13.89 5.83 -50.81
C ILE F 2 -13.48 6.35 -52.19
N LEU F 3 -14.37 6.17 -53.16
CA LEU F 3 -14.10 6.58 -54.54
C LEU F 3 -14.66 7.97 -54.80
N MET F 4 -13.81 8.85 -55.31
CA MET F 4 -14.22 10.23 -55.57
C MET F 4 -14.24 10.52 -57.06
N THR F 5 -15.32 10.13 -57.72
CA THR F 5 -15.48 10.42 -59.15
C THR F 5 -15.71 11.91 -59.35
N GLN F 6 -14.77 12.58 -60.01
CA GLN F 6 -14.90 14.01 -60.26
C GLN F 6 -15.07 14.30 -61.74
N SER F 7 -16.18 14.94 -62.09
CA SER F 7 -16.46 15.27 -63.48
C SER F 7 -16.78 16.75 -63.63
N PRO F 8 -16.51 17.32 -64.82
CA PRO F 8 -15.86 16.60 -65.93
C PRO F 8 -14.34 16.64 -65.82
N SER F 9 -13.65 15.87 -66.66
CA SER F 9 -12.19 15.85 -66.64
C SER F 9 -11.63 17.19 -67.07
N SER F 10 -12.39 17.93 -67.88
CA SER F 10 -11.97 19.23 -68.37
C SER F 10 -13.15 19.99 -68.98
N MET F 11 -13.01 21.30 -69.12
CA MET F 11 -14.05 22.12 -69.72
C MET F 11 -13.47 23.40 -70.28
N SER F 12 -13.80 23.71 -71.53
CA SER F 12 -13.31 24.91 -72.19
C SER F 12 -14.37 26.01 -72.11
N VAL F 13 -14.29 26.82 -71.05
CA VAL F 13 -15.27 27.88 -70.82
C VAL F 13 -14.68 29.26 -71.11
N SER F 14 -15.50 30.29 -70.99
CA SER F 14 -15.07 31.65 -71.30
C SER F 14 -14.85 32.46 -70.04
N LEU F 15 -14.09 33.54 -70.17
CA LEU F 15 -13.80 34.43 -69.05
C LEU F 15 -15.05 35.19 -68.64
N GLY F 16 -15.37 35.17 -67.35
CA GLY F 16 -16.55 35.85 -66.84
C GLY F 16 -17.76 34.94 -66.77
N ASP F 17 -17.59 33.70 -67.21
CA ASP F 17 -18.66 32.71 -67.12
C ASP F 17 -18.81 32.20 -65.70
N THR F 18 -19.99 31.67 -65.39
CA THR F 18 -20.22 31.00 -64.13
C THR F 18 -20.28 29.51 -64.38
N VAL F 19 -19.34 28.77 -63.80
CA VAL F 19 -19.25 27.33 -64.02
C VAL F 19 -19.35 26.58 -62.71
N SER F 20 -19.45 25.26 -62.80
CA SER F 20 -19.55 24.42 -61.61
C SER F 20 -18.85 23.08 -61.82
N ILE F 21 -18.34 22.51 -60.73
CA ILE F 21 -17.67 21.22 -60.78
C ILE F 21 -18.31 20.28 -59.77
N THR F 22 -18.66 19.08 -60.21
CA THR F 22 -19.30 18.10 -59.34
C THR F 22 -18.30 17.06 -58.87
N CYS F 23 -18.60 16.44 -57.75
CA CYS F 23 -17.79 15.36 -57.22
C CYS F 23 -18.73 14.31 -56.65
N HIS F 24 -18.53 13.05 -57.03
CA HIS F 24 -19.35 11.95 -56.54
C HIS F 24 -18.55 11.02 -55.66
N ALA F 25 -19.14 10.64 -54.53
CA ALA F 25 -18.48 9.72 -53.60
C ALA F 25 -19.20 8.39 -53.59
N SER F 26 -18.43 7.31 -53.44
CA SER F 26 -18.99 5.96 -53.43
C SER F 26 -19.91 5.73 -52.23
N GLN F 27 -19.90 6.68 -51.30
CA GLN F 27 -20.78 6.62 -50.13
C GLN F 27 -20.93 8.00 -49.54
N GLY F 28 -21.93 8.20 -48.71
CA GLY F 28 -22.15 9.48 -48.07
C GLY F 28 -20.95 9.92 -47.26
N ILE F 29 -20.55 11.18 -47.41
CA ILE F 29 -19.39 11.71 -46.70
C ILE F 29 -19.76 12.92 -45.84
N SER F 30 -21.07 13.18 -45.73
CA SER F 30 -21.59 14.21 -44.83
C SER F 30 -20.77 15.49 -44.80
N SER F 31 -20.62 16.12 -45.96
CA SER F 31 -19.99 17.43 -46.07
C SER F 31 -18.52 17.47 -45.68
N ASN F 32 -17.93 16.30 -45.41
CA ASN F 32 -16.52 16.23 -45.06
C ASN F 32 -15.65 16.22 -46.31
N ILE F 33 -15.72 17.31 -47.07
CA ILE F 33 -15.03 17.39 -48.35
C ILE F 33 -14.33 18.75 -48.50
N GLY F 34 -13.17 18.73 -49.14
CA GLY F 34 -12.42 19.94 -49.38
C GLY F 34 -12.12 20.14 -50.86
N TRP F 35 -12.05 21.40 -51.29
CA TRP F 35 -11.76 21.71 -52.68
C TRP F 35 -10.40 22.41 -52.81
N LEU F 36 -9.66 22.04 -53.86
CA LEU F 36 -8.29 22.51 -54.02
C LEU F 36 -8.04 23.12 -55.40
N GLN F 37 -7.11 24.07 -55.46
CA GLN F 37 -6.71 24.68 -56.72
C GLN F 37 -5.22 24.52 -56.93
N GLN F 38 -4.81 24.24 -58.16
CA GLN F 38 -3.40 24.18 -58.50
C GLN F 38 -3.12 24.98 -59.76
N LYS F 39 -2.64 26.21 -59.60
CA LYS F 39 -2.29 27.06 -60.72
C LYS F 39 -1.13 26.45 -61.49
N PRO F 40 -1.06 26.71 -62.80
CA PRO F 40 0.00 26.12 -63.63
C PRO F 40 1.40 26.34 -63.07
N GLY F 41 2.13 25.25 -62.84
CA GLY F 41 3.50 25.33 -62.38
C GLY F 41 3.65 25.67 -60.90
N LYS F 42 2.53 25.97 -60.25
CA LYS F 42 2.55 26.35 -58.85
C LYS F 42 2.05 25.22 -57.96
N SER F 43 2.06 25.45 -56.65
CA SER F 43 1.62 24.45 -55.68
C SER F 43 0.11 24.49 -55.50
N PHE F 44 -0.38 23.83 -54.46
CA PHE F 44 -1.81 23.76 -54.19
C PHE F 44 -2.26 24.84 -53.22
N MET F 45 -3.50 25.28 -53.40
CA MET F 45 -4.12 26.26 -52.51
C MET F 45 -5.48 25.76 -52.05
N GLY F 46 -5.88 26.14 -50.85
CA GLY F 46 -7.14 25.71 -50.28
C GLY F 46 -8.29 26.64 -50.64
N LEU F 47 -9.41 26.05 -51.03
CA LEU F 47 -10.60 26.82 -51.41
C LEU F 47 -11.72 26.65 -50.38
N ILE F 48 -12.28 25.45 -50.34
CA ILE F 48 -13.40 25.15 -49.45
C ILE F 48 -13.01 24.02 -48.51
N TYR F 49 -13.43 24.12 -47.25
CA TYR F 49 -13.30 23.00 -46.34
C TYR F 49 -14.65 22.69 -45.71
N TYR F 50 -14.88 21.42 -45.42
CA TYR F 50 -16.13 20.98 -44.84
C TYR F 50 -17.33 21.46 -45.67
N GLY F 51 -17.25 21.25 -46.97
CA GLY F 51 -18.41 21.38 -47.84
C GLY F 51 -18.74 22.78 -48.32
N THR F 52 -18.74 23.75 -47.42
CA THR F 52 -19.27 25.08 -47.75
C THR F 52 -18.44 26.24 -47.24
N ASN F 53 -17.40 25.94 -46.45
CA ASN F 53 -16.64 27.00 -45.80
C ASN F 53 -15.39 27.43 -46.57
N LEU F 54 -15.37 28.68 -47.00
CA LEU F 54 -14.20 29.23 -47.68
C LEU F 54 -12.98 29.28 -46.77
N VAL F 55 -11.81 29.07 -47.35
CA VAL F 55 -10.56 29.23 -46.62
C VAL F 55 -10.21 30.71 -46.57
N ASP F 56 -9.69 31.17 -45.44
CA ASP F 56 -9.34 32.58 -45.29
C ASP F 56 -8.60 33.10 -46.52
N GLY F 57 -9.10 34.19 -47.09
CA GLY F 57 -8.44 34.83 -48.21
C GLY F 57 -9.07 34.55 -49.56
N VAL F 58 -9.81 33.44 -49.65
CA VAL F 58 -10.44 33.03 -50.91
C VAL F 58 -11.60 33.98 -51.27
N PRO F 59 -11.58 34.49 -52.51
CA PRO F 59 -12.66 35.35 -53.02
C PRO F 59 -14.02 34.70 -52.84
N SER F 60 -15.04 35.53 -52.57
CA SER F 60 -16.38 35.03 -52.32
C SER F 60 -17.09 34.63 -53.61
N ARG F 61 -16.38 34.68 -54.74
CA ARG F 61 -16.95 34.21 -56.00
C ARG F 61 -16.84 32.69 -56.11
N PHE F 62 -16.27 32.07 -55.09
CA PHE F 62 -16.23 30.61 -54.98
C PHE F 62 -17.29 30.15 -54.00
N SER F 63 -17.99 29.07 -54.33
CA SER F 63 -18.97 28.50 -53.42
C SER F 63 -18.99 26.99 -53.51
N GLY F 64 -19.07 26.34 -52.34
CA GLY F 64 -19.19 24.90 -52.27
C GLY F 64 -20.57 24.53 -51.76
N SER F 65 -21.12 23.45 -52.31
CA SER F 65 -22.46 23.02 -51.95
C SER F 65 -22.59 21.51 -52.06
N GLY F 66 -23.72 20.98 -51.56
CA GLY F 66 -24.01 19.57 -51.69
C GLY F 66 -24.12 18.85 -50.35
N SER F 67 -24.47 17.58 -50.41
CA SER F 67 -24.55 16.74 -49.22
C SER F 67 -24.56 15.27 -49.61
N GLY F 68 -24.52 14.40 -48.61
CA GLY F 68 -24.50 12.97 -48.86
C GLY F 68 -23.29 12.53 -49.65
N ALA F 69 -23.51 12.11 -50.89
CA ALA F 69 -22.43 11.60 -51.74
C ALA F 69 -22.28 12.42 -53.01
N ASP F 70 -22.88 13.61 -53.02
CA ASP F 70 -22.82 14.47 -54.20
C ASP F 70 -22.59 15.94 -53.83
N TYR F 71 -21.50 16.50 -54.34
CA TYR F 71 -21.11 17.86 -53.98
C TYR F 71 -20.64 18.63 -55.21
N SER F 72 -20.61 19.96 -55.10
CA SER F 72 -20.27 20.79 -56.23
C SER F 72 -19.51 22.05 -55.83
N LEU F 73 -18.51 22.40 -56.63
CA LEU F 73 -17.83 23.68 -56.51
C LEU F 73 -18.37 24.59 -57.61
N THR F 74 -18.52 25.87 -57.31
CA THR F 74 -19.06 26.82 -58.28
C THR F 74 -18.31 28.15 -58.26
N ILE F 75 -17.87 28.59 -59.44
CA ILE F 75 -17.15 29.84 -59.57
C ILE F 75 -17.95 30.82 -60.42
N SER F 76 -18.38 31.92 -59.82
CA SER F 76 -19.17 32.92 -60.53
C SER F 76 -18.28 34.00 -61.12
N SER F 77 -18.55 34.36 -62.37
CA SER F 77 -17.76 35.38 -63.06
C SER F 77 -16.28 35.02 -63.04
N LEU F 78 -15.88 34.12 -63.95
CA LEU F 78 -14.51 33.64 -64.00
C LEU F 78 -13.51 34.77 -64.22
N ASP F 79 -12.40 34.71 -63.48
CA ASP F 79 -11.30 35.64 -63.66
C ASP F 79 -10.15 34.91 -64.36
N SER F 80 -9.18 35.67 -64.87
CA SER F 80 -8.04 35.07 -65.55
C SER F 80 -7.31 34.09 -64.63
N GLU F 81 -7.20 34.45 -63.36
CA GLU F 81 -6.50 33.63 -62.38
C GLU F 81 -7.14 32.26 -62.22
N ASP F 82 -8.44 32.19 -62.46
CA ASP F 82 -9.23 30.99 -62.16
C ASP F 82 -8.93 29.81 -63.09
N PHE F 83 -8.17 30.04 -64.16
CA PHE F 83 -7.87 28.98 -65.11
C PHE F 83 -6.75 28.09 -64.60
N ALA F 84 -7.13 27.01 -63.92
CA ALA F 84 -6.16 26.10 -63.32
C ALA F 84 -6.80 24.72 -63.12
N ASP F 85 -6.12 23.87 -62.34
CA ASP F 85 -6.63 22.54 -62.03
C ASP F 85 -7.36 22.56 -60.69
N TYR F 86 -8.38 21.70 -60.57
CA TYR F 86 -9.18 21.64 -59.35
C TYR F 86 -9.40 20.20 -58.92
N TYR F 87 -9.28 19.94 -57.62
CA TYR F 87 -9.48 18.60 -57.08
C TYR F 87 -10.37 18.66 -55.86
N CYS F 88 -11.21 17.64 -55.70
CA CYS F 88 -11.96 17.46 -54.46
C CYS F 88 -11.25 16.41 -53.63
N VAL F 89 -11.35 16.53 -52.31
CA VAL F 89 -10.78 15.55 -51.41
C VAL F 89 -11.78 15.25 -50.31
N GLN F 90 -11.91 13.98 -49.95
CA GLN F 90 -12.77 13.58 -48.85
C GLN F 90 -11.92 13.17 -47.66
N TYR F 91 -12.29 13.66 -46.48
CA TYR F 91 -11.61 13.27 -45.25
C TYR F 91 -12.63 12.77 -44.23
N ALA F 92 -13.59 11.98 -44.72
CA ALA F 92 -14.61 11.39 -43.85
C ALA F 92 -14.10 10.04 -43.33
N GLN F 93 -13.22 9.41 -44.08
CA GLN F 93 -12.59 8.17 -43.66
C GLN F 93 -11.12 8.17 -44.03
N LEU F 94 -10.36 7.27 -43.42
CA LEU F 94 -8.99 7.03 -43.83
C LEU F 94 -8.96 5.76 -44.67
N PRO F 95 -8.15 5.75 -45.74
CA PRO F 95 -7.31 6.88 -46.14
C PRO F 95 -8.10 7.96 -46.88
N TYR F 96 -7.63 9.20 -46.79
CA TYR F 96 -8.22 10.29 -47.56
C TYR F 96 -8.10 9.94 -49.03
N THR F 97 -9.03 10.43 -49.85
CA THR F 97 -9.00 10.14 -51.27
C THR F 97 -9.38 11.37 -52.10
N PHE F 98 -8.69 11.54 -53.23
CA PHE F 98 -8.86 12.72 -54.07
C PHE F 98 -9.67 12.41 -55.33
N GLY F 99 -10.22 13.45 -55.93
CA GLY F 99 -10.99 13.30 -57.15
C GLY F 99 -10.09 13.32 -58.37
N GLY F 100 -10.62 12.87 -59.51
CA GLY F 100 -9.86 12.82 -60.74
C GLY F 100 -9.26 14.18 -61.08
N GLY F 101 -9.96 15.24 -60.70
CA GLY F 101 -9.50 16.58 -60.98
C GLY F 101 -10.16 17.13 -62.23
N THR F 102 -10.25 18.46 -62.30
CA THR F 102 -10.85 19.13 -63.44
C THR F 102 -9.94 20.27 -63.90
N LYS F 103 -9.86 20.45 -65.21
CA LYS F 103 -9.01 21.50 -65.77
C LYS F 103 -9.83 22.50 -66.56
N LEU F 104 -9.76 23.77 -66.16
CA LEU F 104 -10.42 24.84 -66.88
C LEU F 104 -9.54 25.37 -68.01
N GLU F 105 -10.10 25.40 -69.22
CA GLU F 105 -9.38 25.85 -70.40
C GLU F 105 -10.14 26.96 -71.11
N ILE F 106 -9.43 27.80 -71.84
CA ILE F 106 -10.05 28.91 -72.55
C ILE F 106 -10.65 28.45 -73.87
N LYS F 107 -11.93 28.77 -74.07
CA LYS F 107 -12.62 28.41 -75.30
C LYS F 107 -12.20 29.36 -76.41
N ARG F 108 -12.27 28.90 -77.66
CA ARG F 108 -11.95 29.74 -78.80
C ARG F 108 -12.24 29.00 -80.10
N ALA F 109 -12.15 29.72 -81.20
CA ALA F 109 -12.41 29.14 -82.52
C ALA F 109 -11.54 27.92 -82.74
N ASP F 110 -12.12 26.89 -83.34
CA ASP F 110 -11.38 25.68 -83.67
C ASP F 110 -10.33 25.99 -84.74
N ALA F 111 -9.06 25.90 -84.37
CA ALA F 111 -7.97 26.17 -85.30
C ALA F 111 -7.37 24.87 -85.80
N ALA F 112 -6.99 24.84 -87.06
CA ALA F 112 -6.35 23.67 -87.65
C ALA F 112 -4.83 23.75 -87.49
N PRO F 113 -4.19 22.60 -87.26
CA PRO F 113 -2.74 22.52 -86.98
C PRO F 113 -1.86 22.80 -88.20
N THR F 114 -0.67 23.36 -87.94
CA THR F 114 0.30 23.61 -89.00
C THR F 114 1.28 22.45 -89.08
N VAL F 115 0.87 21.39 -89.78
CA VAL F 115 1.65 20.15 -89.84
C VAL F 115 2.98 20.33 -90.56
N SER F 116 4.08 20.13 -89.83
CA SER F 116 5.42 20.19 -90.42
C SER F 116 6.07 18.81 -90.36
N ILE F 117 7.21 18.66 -91.03
CA ILE F 117 7.96 17.42 -90.98
C ILE F 117 9.44 17.69 -91.27
N PHE F 118 10.31 17.10 -90.43
CA PHE F 118 11.75 17.31 -90.55
C PHE F 118 12.50 15.97 -90.53
N PRO F 119 13.38 15.76 -91.52
CA PRO F 119 14.22 14.56 -91.57
C PRO F 119 15.48 14.68 -90.71
N PRO F 120 16.16 13.55 -90.47
CA PRO F 120 17.37 13.48 -89.64
C PRO F 120 18.46 14.45 -90.11
N SER F 121 19.19 15.03 -89.15
CA SER F 121 20.20 16.03 -89.45
C SER F 121 21.54 15.39 -89.84
N SER F 122 22.61 16.17 -89.75
CA SER F 122 23.95 15.69 -90.11
C SER F 122 24.57 14.91 -88.97
N GLU F 123 24.82 15.60 -87.85
CA GLU F 123 25.42 14.96 -86.69
C GLU F 123 24.57 13.78 -86.25
N GLN F 124 23.27 13.88 -86.51
CA GLN F 124 22.33 12.83 -86.15
C GLN F 124 22.54 11.59 -87.02
N LEU F 125 22.51 11.79 -88.33
CA LEU F 125 22.69 10.69 -89.27
C LEU F 125 24.10 10.10 -89.18
N THR F 126 25.10 10.97 -89.01
CA THR F 126 26.48 10.52 -88.92
C THR F 126 26.70 9.63 -87.69
N SER F 127 26.01 9.95 -86.60
CA SER F 127 26.14 9.18 -85.36
C SER F 127 25.27 7.93 -85.37
N GLY F 128 25.26 7.24 -86.51
CA GLY F 128 24.52 5.99 -86.65
C GLY F 128 23.14 6.03 -86.04
N GLY F 129 22.41 7.11 -86.31
CA GLY F 129 21.07 7.28 -85.78
C GLY F 129 20.19 8.10 -86.70
N ALA F 130 18.93 8.24 -86.32
CA ALA F 130 17.98 9.02 -87.12
C ALA F 130 16.67 9.18 -86.35
N SER F 131 15.96 10.27 -86.64
CA SER F 131 14.65 10.52 -86.04
C SER F 131 13.82 11.46 -86.91
N VAL F 132 12.54 11.15 -87.05
CA VAL F 132 11.63 11.99 -87.82
C VAL F 132 10.69 12.76 -86.89
N VAL F 133 10.55 14.05 -87.16
CA VAL F 133 9.73 14.91 -86.33
C VAL F 133 8.54 15.44 -87.14
N CYS F 134 7.43 15.68 -86.44
CA CYS F 134 6.25 16.28 -87.05
C CYS F 134 5.64 17.30 -86.09
N PHE F 135 5.79 18.58 -86.42
CA PHE F 135 5.26 19.65 -85.59
C PHE F 135 3.83 20.00 -85.99
N LEU F 136 2.91 19.81 -85.06
CA LEU F 136 1.52 20.21 -85.24
C LEU F 136 1.26 21.43 -84.36
N ASN F 137 1.69 22.60 -84.84
CA ASN F 137 1.70 23.81 -84.03
C ASN F 137 0.42 24.64 -84.13
N ASN F 138 -0.02 25.14 -82.98
CA ASN F 138 -1.12 26.10 -82.92
C ASN F 138 -2.43 25.58 -83.49
N PHE F 139 -3.10 24.70 -82.72
CA PHE F 139 -4.39 24.17 -83.12
C PHE F 139 -5.38 24.20 -81.96
N TYR F 140 -6.64 23.90 -82.26
CA TYR F 140 -7.69 23.89 -81.25
C TYR F 140 -8.94 23.21 -81.81
N PRO F 141 -9.58 22.35 -80.99
CA PRO F 141 -9.27 22.01 -79.60
C PRO F 141 -8.00 21.19 -79.40
N LYS F 142 -7.73 20.81 -78.16
CA LYS F 142 -6.51 20.12 -77.78
C LYS F 142 -6.45 18.70 -78.33
N ASP F 143 -7.61 18.13 -78.65
CA ASP F 143 -7.69 16.76 -79.11
C ASP F 143 -7.14 16.60 -80.52
N ILE F 144 -6.31 15.58 -80.72
CA ILE F 144 -5.71 15.31 -82.02
C ILE F 144 -5.08 13.92 -82.02
N ASN F 145 -4.98 13.31 -83.20
CA ASN F 145 -4.42 11.97 -83.33
C ASN F 145 -3.38 11.87 -84.43
N VAL F 146 -2.12 11.66 -84.05
CA VAL F 146 -1.02 11.53 -85.01
C VAL F 146 -0.81 10.06 -85.37
N LYS F 147 -0.65 9.79 -86.67
CA LYS F 147 -0.45 8.42 -87.15
C LYS F 147 0.76 8.33 -88.06
N TRP F 148 1.49 7.21 -87.96
CA TRP F 148 2.68 6.99 -88.77
C TRP F 148 2.50 5.79 -89.69
N LYS F 149 2.92 5.94 -90.94
CA LYS F 149 2.87 4.85 -91.91
C LYS F 149 4.16 4.75 -92.70
N ILE F 150 4.97 3.73 -92.41
CA ILE F 150 6.17 3.48 -93.18
C ILE F 150 5.78 2.84 -94.51
N ASP F 151 5.76 3.64 -95.57
CA ASP F 151 5.38 3.17 -96.90
C ASP F 151 3.90 2.75 -96.93
N GLY F 152 3.05 3.57 -96.35
CA GLY F 152 1.61 3.33 -96.38
C GLY F 152 1.12 2.36 -95.32
N SER F 153 2.06 1.70 -94.64
CA SER F 153 1.72 0.73 -93.61
C SER F 153 1.80 1.36 -92.21
N GLU F 154 0.67 1.37 -91.51
CA GLU F 154 0.61 1.94 -90.17
C GLU F 154 1.59 1.24 -89.24
N ARG F 155 2.24 2.02 -88.37
CA ARG F 155 3.11 1.48 -87.35
C ARG F 155 2.80 2.13 -86.01
N GLN F 156 3.24 1.50 -84.93
CA GLN F 156 3.00 2.02 -83.59
C GLN F 156 4.16 1.66 -82.67
N ASN F 157 5.38 1.83 -83.17
CA ASN F 157 6.57 1.47 -82.41
C ASN F 157 7.66 2.53 -82.50
N GLY F 158 8.20 2.90 -81.33
CA GLY F 158 9.32 3.84 -81.26
C GLY F 158 8.92 5.29 -81.43
N VAL F 159 7.67 5.60 -81.10
CA VAL F 159 7.17 6.96 -81.24
C VAL F 159 7.22 7.71 -79.92
N LEU F 160 7.67 8.97 -79.97
CA LEU F 160 7.72 9.81 -78.78
C LEU F 160 6.88 11.06 -78.99
N ASN F 161 5.95 11.32 -78.08
CA ASN F 161 5.08 12.48 -78.18
C ASN F 161 5.22 13.43 -77.00
N SER F 162 4.89 14.70 -77.24
CA SER F 162 5.00 15.73 -76.21
C SER F 162 4.10 16.91 -76.52
N TRP F 163 3.15 17.19 -75.63
CA TRP F 163 2.22 18.28 -75.82
C TRP F 163 2.64 19.49 -75.00
N THR F 164 2.15 20.66 -75.37
CA THR F 164 2.40 21.88 -74.61
C THR F 164 1.08 22.42 -74.07
N ASP F 165 1.11 23.00 -72.88
CA ASP F 165 -0.07 23.56 -72.27
C ASP F 165 -0.65 24.65 -73.17
N GLN F 166 -1.91 25.00 -72.95
CA GLN F 166 -2.57 26.01 -73.76
C GLN F 166 -1.73 27.28 -73.81
N ASP F 167 -1.15 27.54 -74.97
CA ASP F 167 -0.25 28.68 -75.16
C ASP F 167 -0.89 29.99 -74.70
N SER F 168 -0.20 30.71 -73.83
CA SER F 168 -0.68 31.98 -73.31
C SER F 168 -0.72 33.04 -74.41
N LYS F 169 0.05 32.81 -75.46
CA LYS F 169 0.11 33.73 -76.59
C LYS F 169 -1.26 33.87 -77.25
N ASP F 170 -1.75 32.77 -77.83
CA ASP F 170 -2.98 32.80 -78.60
C ASP F 170 -4.01 31.76 -78.12
N SER F 171 -3.73 31.13 -76.98
CA SER F 171 -4.67 30.17 -76.39
C SER F 171 -4.83 28.92 -77.26
N THR F 172 -3.77 28.54 -77.96
CA THR F 172 -3.81 27.36 -78.82
C THR F 172 -2.90 26.27 -78.24
N TYR F 173 -2.96 25.08 -78.83
CA TYR F 173 -2.10 23.98 -78.41
C TYR F 173 -1.17 23.59 -79.57
N SER F 174 -0.10 22.88 -79.23
CA SER F 174 0.81 22.33 -80.22
C SER F 174 1.13 20.89 -79.84
N MET F 175 1.93 20.22 -80.67
CA MET F 175 2.29 18.83 -80.40
C MET F 175 3.59 18.44 -81.09
N SER F 176 4.40 17.65 -80.37
CA SER F 176 5.66 17.13 -80.92
C SER F 176 5.56 15.62 -81.08
N SER F 177 6.29 15.07 -82.04
CA SER F 177 6.25 13.64 -82.31
C SER F 177 7.56 13.15 -82.92
N THR F 178 8.36 12.45 -82.12
CA THR F 178 9.65 11.96 -82.56
C THR F 178 9.67 10.45 -82.73
N LEU F 179 9.60 10.00 -83.98
CA LEU F 179 9.72 8.58 -84.30
C LEU F 179 11.19 8.24 -84.52
N THR F 180 11.81 7.66 -83.50
CA THR F 180 13.24 7.37 -83.54
C THR F 180 13.52 5.93 -83.99
N LEU F 181 14.45 5.78 -84.93
CA LEU F 181 14.85 4.47 -85.43
C LEU F 181 16.34 4.43 -85.76
N THR F 182 16.87 3.24 -85.96
CA THR F 182 18.30 3.05 -86.22
C THR F 182 18.65 3.46 -87.65
N LYS F 183 19.89 3.88 -87.84
CA LYS F 183 20.38 4.24 -89.17
C LYS F 183 20.16 3.09 -90.14
N ASP F 184 19.99 1.89 -89.59
CA ASP F 184 19.73 0.70 -90.39
C ASP F 184 18.34 0.72 -91.01
N GLU F 185 17.31 0.64 -90.16
CA GLU F 185 15.95 0.57 -90.64
C GLU F 185 15.54 1.77 -91.48
N TYR F 186 16.15 2.92 -91.20
CA TYR F 186 15.81 4.13 -91.95
C TYR F 186 16.18 3.97 -93.41
N GLU F 187 17.38 3.44 -93.65
CA GLU F 187 17.86 3.24 -95.02
C GLU F 187 17.14 2.06 -95.68
N ARG F 188 16.29 1.39 -94.91
CA ARG F 188 15.55 0.24 -95.42
C ARG F 188 14.35 0.66 -96.26
N HIS F 189 13.74 1.79 -95.90
CA HIS F 189 12.54 2.25 -96.58
C HIS F 189 12.76 3.64 -97.20
N ASN F 190 11.82 4.06 -98.04
CA ASN F 190 11.94 5.33 -98.74
C ASN F 190 10.92 6.37 -98.26
N SER F 191 9.67 6.21 -98.66
CA SER F 191 8.64 7.19 -98.36
C SER F 191 7.95 6.91 -97.02
N TYR F 192 7.71 7.98 -96.25
CA TYR F 192 7.04 7.86 -94.96
C TYR F 192 5.88 8.84 -94.87
N THR F 193 4.85 8.48 -94.11
CA THR F 193 3.66 9.31 -93.98
C THR F 193 3.50 9.85 -92.56
N CYS F 194 3.01 11.08 -92.46
CA CYS F 194 2.80 11.72 -91.16
C CYS F 194 1.37 12.26 -91.07
N GLU F 195 0.43 11.37 -90.78
CA GLU F 195 -0.99 11.72 -90.75
C GLU F 195 -1.41 12.29 -89.40
N ALA F 196 -2.60 12.88 -89.37
CA ALA F 196 -3.13 13.49 -88.15
C ALA F 196 -4.63 13.71 -88.30
N THR F 197 -5.36 13.62 -87.18
CA THR F 197 -6.81 13.79 -87.22
C THR F 197 -7.27 14.91 -86.27
N HIS F 198 -8.22 15.71 -86.73
CA HIS F 198 -8.74 16.82 -85.95
C HIS F 198 -10.15 17.17 -86.41
N LYS F 199 -10.95 17.75 -85.52
CA LYS F 199 -12.33 18.08 -85.84
C LYS F 199 -12.44 19.14 -86.93
N THR F 200 -11.35 19.89 -87.14
CA THR F 200 -11.34 20.95 -88.15
C THR F 200 -11.49 20.35 -89.56
N SER F 201 -10.48 19.60 -89.99
CA SER F 201 -10.50 18.96 -91.30
C SER F 201 -11.07 17.54 -91.21
N THR F 202 -11.84 17.15 -92.22
CA THR F 202 -12.42 15.81 -92.25
C THR F 202 -11.37 14.79 -92.63
N SER F 203 -10.50 15.17 -93.56
CA SER F 203 -9.42 14.30 -93.99
C SER F 203 -8.18 14.57 -93.14
N PRO F 204 -7.35 13.53 -92.96
CA PRO F 204 -6.11 13.64 -92.16
C PRO F 204 -4.99 14.35 -92.91
N ILE F 205 -4.57 15.50 -92.41
CA ILE F 205 -3.49 16.26 -93.02
C ILE F 205 -2.23 15.40 -93.09
N VAL F 206 -1.44 15.56 -94.14
CA VAL F 206 -0.27 14.72 -94.37
C VAL F 206 1.00 15.52 -94.64
N LYS F 207 2.13 14.91 -94.32
CA LYS F 207 3.44 15.48 -94.60
C LYS F 207 4.43 14.35 -94.86
N SER F 208 4.58 13.97 -96.12
CA SER F 208 5.45 12.86 -96.49
C SER F 208 6.81 13.33 -96.97
N PHE F 209 7.69 12.38 -97.27
CA PHE F 209 9.04 12.69 -97.75
C PHE F 209 9.74 11.40 -98.16
N ASN F 210 10.54 11.49 -99.22
CA ASN F 210 11.32 10.35 -99.68
C ASN F 210 12.75 10.41 -99.16
N ARG F 211 13.25 9.27 -98.71
CA ARG F 211 14.58 9.20 -98.09
C ARG F 211 15.66 9.77 -99.02
N ASN F 212 16.45 10.70 -98.48
CA ASN F 212 17.56 11.30 -99.22
C ASN F 212 17.17 11.71 -100.65
N GLU F 213 16.54 12.87 -100.78
CA GLU F 213 16.04 13.34 -102.07
C GLU F 213 16.84 14.53 -102.58
N CYS F 214 17.82 14.98 -101.80
CA CYS F 214 18.67 16.10 -102.20
C CYS F 214 20.15 15.76 -102.05
N GLU G 1 16.20 -8.64 42.24
CA GLU G 1 15.68 -9.58 43.27
C GLU G 1 14.16 -9.64 43.24
N VAL G 2 13.60 -10.80 43.59
CA VAL G 2 12.16 -11.00 43.55
C VAL G 2 11.54 -10.67 44.89
N GLN G 3 10.67 -9.67 44.90
CA GLN G 3 9.94 -9.30 46.11
C GLN G 3 8.48 -9.06 45.77
N LEU G 4 7.60 -9.52 46.66
CA LEU G 4 6.16 -9.36 46.44
C LEU G 4 5.58 -8.49 47.55
N GLN G 5 5.45 -7.19 47.28
CA GLN G 5 4.90 -6.25 48.25
C GLN G 5 3.37 -6.31 48.25
N GLN G 6 2.81 -6.78 49.35
CA GLN G 6 1.36 -6.85 49.48
C GLN G 6 0.85 -5.61 50.20
N SER G 7 -0.41 -5.28 49.95
CA SER G 7 -1.01 -4.07 50.53
C SER G 7 -1.05 -4.13 52.06
N GLY G 8 -1.47 -3.03 52.67
CA GLY G 8 -1.50 -2.93 54.12
C GLY G 8 -2.65 -3.70 54.75
N ALA G 9 -2.55 -3.92 56.06
CA ALA G 9 -3.59 -4.63 56.80
C ALA G 9 -4.94 -4.00 56.55
N GLU G 10 -5.97 -4.84 56.41
CA GLU G 10 -7.32 -4.37 56.17
C GLU G 10 -8.21 -4.63 57.38
N LEU G 11 -9.08 -3.67 57.68
CA LEU G 11 -10.04 -3.82 58.76
C LEU G 11 -11.42 -3.39 58.26
N VAL G 12 -12.26 -4.37 57.96
CA VAL G 12 -13.55 -4.10 57.34
C VAL G 12 -14.70 -4.74 58.11
N LYS G 13 -15.92 -4.29 57.82
CA LYS G 13 -17.10 -4.82 58.49
C LYS G 13 -17.63 -6.05 57.76
N PRO G 14 -18.39 -6.90 58.47
CA PRO G 14 -18.97 -8.09 57.84
C PRO G 14 -19.92 -7.70 56.72
N GLY G 15 -19.99 -8.52 55.67
CA GLY G 15 -20.87 -8.25 54.55
C GLY G 15 -20.26 -7.31 53.54
N ALA G 16 -19.14 -6.70 53.91
CA ALA G 16 -18.44 -5.76 53.01
C ALA G 16 -17.59 -6.53 52.00
N SER G 17 -16.80 -5.80 51.23
CA SER G 17 -15.85 -6.39 50.29
C SER G 17 -14.52 -5.67 50.36
N VAL G 18 -13.45 -6.38 50.02
CA VAL G 18 -12.12 -5.82 50.05
C VAL G 18 -11.29 -6.38 48.90
N LYS G 19 -10.32 -5.61 48.44
CA LYS G 19 -9.49 -6.02 47.31
C LYS G 19 -8.01 -5.85 47.64
N LEU G 20 -7.36 -6.96 48.00
CA LEU G 20 -5.95 -6.95 48.35
C LEU G 20 -5.10 -6.86 47.08
N SER G 21 -3.88 -6.37 47.21
CA SER G 21 -2.99 -6.23 46.06
C SER G 21 -1.61 -6.80 46.36
N CYS G 22 -0.93 -7.25 45.31
CA CYS G 22 0.39 -7.84 45.43
C CYS G 22 1.25 -7.38 44.26
N THR G 23 2.21 -6.49 44.54
CA THR G 23 2.99 -5.88 43.47
C THR G 23 4.38 -6.51 43.32
N ALA G 24 4.66 -6.98 42.11
CA ALA G 24 5.96 -7.58 41.80
C ALA G 24 7.04 -6.51 41.86
N SER G 25 8.15 -6.85 42.51
CA SER G 25 9.31 -5.96 42.58
C SER G 25 10.54 -6.69 42.08
N GLY G 26 11.29 -6.05 41.19
CA GLY G 26 12.50 -6.63 40.63
C GLY G 26 12.23 -7.65 39.56
N PHE G 27 11.01 -7.72 39.06
CA PHE G 27 10.67 -8.64 37.98
C PHE G 27 9.31 -8.33 37.37
N ASN G 28 9.00 -9.01 36.27
CA ASN G 28 7.75 -8.81 35.57
C ASN G 28 6.67 -9.77 36.08
N ILE G 29 5.57 -9.20 36.58
CA ILE G 29 4.48 -9.99 37.13
C ILE G 29 3.99 -11.04 36.14
N LYS G 30 4.19 -10.77 34.85
CA LYS G 30 3.68 -11.61 33.79
C LYS G 30 4.52 -12.88 33.59
N ASP G 31 5.61 -12.99 34.35
CA ASP G 31 6.57 -14.09 34.15
C ASP G 31 6.03 -15.46 34.53
N THR G 32 5.41 -15.55 35.71
CA THR G 32 4.93 -16.83 36.22
C THR G 32 3.47 -16.78 36.66
N TYR G 33 2.96 -17.92 37.11
CA TYR G 33 1.68 -17.99 37.80
C TYR G 33 1.74 -17.15 39.08
N VAL G 34 0.59 -16.66 39.53
CA VAL G 34 0.51 -16.02 40.84
C VAL G 34 -0.62 -16.65 41.64
N HIS G 35 -0.30 -17.17 42.82
CA HIS G 35 -1.27 -17.85 43.67
C HIS G 35 -1.62 -16.99 44.87
N TRP G 36 -2.77 -17.27 45.47
CA TRP G 36 -3.15 -16.66 46.74
C TRP G 36 -3.43 -17.74 47.77
N VAL G 37 -2.90 -17.54 48.97
CA VAL G 37 -3.07 -18.52 50.05
C VAL G 37 -3.59 -17.85 51.32
N LYS G 38 -4.51 -18.53 52.00
CA LYS G 38 -5.12 -18.03 53.23
C LYS G 38 -4.59 -18.79 54.45
N GLN G 39 -4.23 -18.07 55.51
CA GLN G 39 -3.72 -18.69 56.72
C GLN G 39 -4.51 -18.31 57.96
N ARG G 40 -4.97 -19.32 58.69
CA ARG G 40 -5.60 -19.12 59.99
C ARG G 40 -4.89 -19.96 61.05
N PRO G 41 -4.89 -19.48 62.31
CA PRO G 41 -4.24 -20.17 63.42
C PRO G 41 -4.68 -21.63 63.57
N GLU G 42 -5.98 -21.87 63.65
CA GLU G 42 -6.48 -23.21 63.86
C GLU G 42 -6.59 -23.98 62.55
N GLN G 43 -7.21 -23.36 61.56
CA GLN G 43 -7.53 -24.03 60.31
C GLN G 43 -6.29 -24.33 59.47
N GLY G 44 -5.28 -23.48 59.57
CA GLY G 44 -4.03 -23.70 58.85
C GLY G 44 -3.98 -23.01 57.50
N LEU G 45 -3.25 -23.63 56.57
CA LEU G 45 -3.03 -23.05 55.25
C LEU G 45 -3.97 -23.61 54.18
N GLU G 46 -4.60 -22.71 53.41
CA GLU G 46 -5.51 -23.11 52.37
C GLU G 46 -5.17 -22.42 51.05
N TRP G 47 -5.15 -23.19 49.97
CA TRP G 47 -4.90 -22.65 48.64
C TRP G 47 -6.19 -22.06 48.09
N ILE G 48 -6.14 -20.79 47.70
CA ILE G 48 -7.33 -20.10 47.21
C ILE G 48 -7.50 -20.29 45.71
N GLY G 49 -6.42 -20.05 44.98
CA GLY G 49 -6.45 -20.14 43.53
C GLY G 49 -5.25 -19.45 42.92
N ARG G 50 -5.15 -19.50 41.60
CA ARG G 50 -4.03 -18.86 40.91
C ARG G 50 -4.55 -18.10 39.70
N ILE G 51 -3.72 -17.19 39.20
CA ILE G 51 -4.00 -16.53 37.95
C ILE G 51 -2.75 -16.54 37.10
N ASP G 52 -2.93 -16.56 35.78
CA ASP G 52 -1.82 -16.39 34.86
C ASP G 52 -1.91 -14.97 34.32
N PRO G 53 -1.13 -14.04 34.92
CA PRO G 53 -1.25 -12.62 34.63
C PRO G 53 -1.03 -12.29 33.15
N ALA G 54 -0.42 -13.23 32.43
CA ALA G 54 -0.14 -13.03 31.02
C ALA G 54 -1.43 -12.98 30.20
N ASN G 55 -2.45 -13.70 30.66
CA ASN G 55 -3.67 -13.85 29.88
C ASN G 55 -4.94 -13.71 30.71
N GLY G 56 -4.82 -13.81 32.03
CA GLY G 56 -5.94 -13.58 32.92
C GLY G 56 -6.70 -14.84 33.31
N TYR G 57 -6.20 -16.01 32.90
CA TYR G 57 -6.87 -17.26 33.22
C TYR G 57 -6.65 -17.64 34.67
N THR G 58 -7.72 -18.03 35.35
CA THR G 58 -7.66 -18.31 36.77
C THR G 58 -8.12 -19.72 37.10
N LYS G 59 -7.74 -20.18 38.29
CA LYS G 59 -8.18 -21.46 38.83
C LYS G 59 -8.47 -21.25 40.30
N TYR G 60 -9.49 -21.93 40.82
CA TYR G 60 -9.88 -21.76 42.22
C TYR G 60 -10.11 -23.10 42.91
N ASP G 61 -10.01 -23.10 44.23
CA ASP G 61 -10.50 -24.22 45.01
C ASP G 61 -12.01 -23.98 45.15
N PRO G 62 -12.83 -24.96 44.74
CA PRO G 62 -14.29 -24.81 44.76
C PRO G 62 -14.85 -24.32 46.10
N LYS G 63 -14.06 -24.42 47.17
CA LYS G 63 -14.49 -23.90 48.47
C LYS G 63 -14.61 -22.38 48.43
N PHE G 64 -13.75 -21.73 47.66
CA PHE G 64 -13.71 -20.27 47.60
C PHE G 64 -14.46 -19.71 46.39
N GLN G 65 -15.18 -20.56 45.68
CA GLN G 65 -15.93 -20.12 44.51
C GLN G 65 -17.02 -19.14 44.94
N GLY G 66 -17.07 -17.99 44.27
CA GLY G 66 -18.07 -16.97 44.58
C GLY G 66 -17.60 -16.00 45.65
N LYS G 67 -16.57 -16.39 46.39
CA LYS G 67 -16.05 -15.56 47.46
C LYS G 67 -14.83 -14.77 47.00
N ALA G 68 -13.91 -15.46 46.33
CA ALA G 68 -12.65 -14.85 45.91
C ALA G 68 -12.64 -14.60 44.41
N THR G 69 -12.08 -13.45 44.02
CA THR G 69 -11.94 -13.10 42.62
C THR G 69 -10.53 -12.59 42.36
N ILE G 70 -9.76 -13.39 41.63
CA ILE G 70 -8.36 -13.06 41.35
C ILE G 70 -8.20 -12.41 39.99
N THR G 71 -7.52 -11.27 39.96
CA THR G 71 -7.25 -10.56 38.71
C THR G 71 -5.83 -10.01 38.75
N ALA G 72 -5.41 -9.38 37.66
CA ALA G 72 -4.07 -8.82 37.58
C ALA G 72 -3.97 -7.78 36.48
N ASP G 73 -3.12 -6.77 36.71
CA ASP G 73 -2.90 -5.72 35.73
C ASP G 73 -1.42 -5.60 35.41
N THR G 74 -1.00 -6.32 34.38
CA THR G 74 0.41 -6.33 33.98
C THR G 74 0.97 -4.91 33.89
N SER G 75 0.13 -3.98 33.44
CA SER G 75 0.52 -2.58 33.31
C SER G 75 1.16 -2.05 34.59
N SER G 76 0.58 -2.40 35.74
CA SER G 76 1.09 -1.94 37.03
C SER G 76 1.76 -3.07 37.81
N ASN G 77 2.17 -4.11 37.10
CA ASN G 77 2.91 -5.22 37.70
C ASN G 77 2.27 -5.72 39.00
N THR G 78 0.94 -5.63 39.10
CA THR G 78 0.25 -5.98 40.32
C THR G 78 -0.83 -7.03 40.09
N ALA G 79 -1.04 -7.87 41.11
CA ALA G 79 -2.10 -8.86 41.10
C ALA G 79 -3.04 -8.58 42.27
N TYR G 80 -4.30 -8.97 42.14
CA TYR G 80 -5.30 -8.66 43.18
C TYR G 80 -6.09 -9.86 43.63
N LEU G 81 -6.66 -9.76 44.82
CA LEU G 81 -7.58 -10.75 45.35
C LEU G 81 -8.76 -10.03 45.95
N GLN G 82 -9.93 -10.19 45.34
CA GLN G 82 -11.13 -9.53 45.85
C GLN G 82 -12.02 -10.49 46.62
N LEU G 83 -12.37 -10.09 47.84
CA LEU G 83 -13.23 -10.90 48.70
C LEU G 83 -14.56 -10.20 48.89
N SER G 84 -15.65 -10.99 48.84
CA SER G 84 -16.99 -10.43 48.94
C SER G 84 -17.74 -11.03 50.13
N SER G 85 -18.88 -10.43 50.46
CA SER G 85 -19.72 -10.90 51.56
C SER G 85 -18.88 -11.35 52.75
N LEU G 86 -17.89 -10.52 53.10
CA LEU G 86 -16.93 -10.85 54.16
C LEU G 86 -17.64 -11.26 55.44
N THR G 87 -17.10 -12.26 56.12
CA THR G 87 -17.64 -12.72 57.39
C THR G 87 -16.53 -12.80 58.42
N SER G 88 -16.85 -13.36 59.59
CA SER G 88 -15.88 -13.50 60.67
C SER G 88 -14.88 -14.59 60.35
N GLU G 89 -15.27 -15.52 59.49
CA GLU G 89 -14.41 -16.65 59.15
C GLU G 89 -13.40 -16.27 58.08
N ASP G 90 -13.71 -15.23 57.32
CA ASP G 90 -12.79 -14.74 56.30
C ASP G 90 -11.64 -13.97 56.95
N THR G 91 -11.73 -13.73 58.25
CA THR G 91 -10.66 -13.06 58.98
C THR G 91 -9.43 -13.96 59.03
N ALA G 92 -8.35 -13.50 58.39
CA ALA G 92 -7.11 -14.26 58.33
C ALA G 92 -6.01 -13.45 57.64
N VAL G 93 -4.85 -14.08 57.44
CA VAL G 93 -3.74 -13.46 56.74
C VAL G 93 -3.67 -14.01 55.32
N TYR G 94 -3.38 -13.15 54.35
CA TYR G 94 -3.39 -13.56 52.94
C TYR G 94 -2.05 -13.34 52.26
N TYR G 95 -1.60 -14.35 51.53
CA TYR G 95 -0.29 -14.31 50.89
C TYR G 95 -0.41 -14.50 49.38
N CYS G 96 0.43 -13.77 48.64
CA CYS G 96 0.59 -14.04 47.22
C CYS G 96 1.88 -14.83 47.05
N VAL G 97 1.85 -15.80 46.14
CA VAL G 97 2.96 -16.73 45.98
C VAL G 97 3.28 -16.97 44.51
N ARG G 98 4.56 -17.14 44.19
CA ARG G 98 4.96 -17.56 42.86
C ARG G 98 6.12 -18.55 42.94
N PRO G 99 6.29 -19.36 41.88
CA PRO G 99 7.37 -20.35 41.81
C PRO G 99 8.72 -19.74 41.43
N LEU G 100 9.80 -20.46 41.72
CA LEU G 100 11.14 -20.04 41.35
C LEU G 100 11.46 -20.48 39.93
N TYR G 101 11.55 -21.79 39.72
CA TYR G 101 11.84 -22.35 38.40
C TYR G 101 10.70 -23.23 37.93
N ASP G 102 10.36 -24.24 38.75
CA ASP G 102 9.28 -25.16 38.45
C ASP G 102 8.00 -24.37 38.19
N TYR G 103 7.32 -24.67 37.09
CA TYR G 103 6.11 -23.95 36.70
C TYR G 103 5.03 -24.00 37.76
N TYR G 104 4.98 -25.12 38.49
CA TYR G 104 3.85 -25.41 39.37
C TYR G 104 4.16 -25.22 40.86
N ALA G 105 5.35 -24.71 41.18
CA ALA G 105 5.82 -24.68 42.56
C ALA G 105 5.36 -23.43 43.31
N MET G 106 5.64 -23.42 44.61
CA MET G 106 5.27 -22.31 45.49
C MET G 106 6.48 -21.89 46.30
N ASP G 107 7.36 -21.07 45.70
CA ASP G 107 8.67 -20.80 46.29
C ASP G 107 8.80 -19.41 46.92
N TYR G 108 8.32 -18.37 46.22
CA TYR G 108 8.40 -17.00 46.71
C TYR G 108 7.09 -16.53 47.30
N TRP G 109 7.17 -15.81 48.43
CA TRP G 109 5.99 -15.38 49.16
C TRP G 109 6.03 -13.89 49.51
N GLY G 110 4.86 -13.25 49.49
CA GLY G 110 4.73 -11.88 49.94
C GLY G 110 4.75 -11.86 51.45
N GLN G 111 4.89 -10.68 52.04
CA GLN G 111 5.00 -10.55 53.49
C GLN G 111 3.67 -10.85 54.16
N GLY G 112 2.58 -10.79 53.40
CA GLY G 112 1.26 -11.11 53.91
C GLY G 112 0.44 -9.88 54.28
N THR G 113 -0.87 -9.98 54.11
CA THR G 113 -1.79 -8.90 54.44
C THR G 113 -2.88 -9.40 55.36
N SER G 114 -2.96 -8.83 56.56
CA SER G 114 -3.95 -9.24 57.54
C SER G 114 -5.31 -8.63 57.23
N VAL G 115 -6.35 -9.45 57.31
CA VAL G 115 -7.71 -8.98 57.09
C VAL G 115 -8.59 -9.28 58.29
N THR G 116 -9.13 -8.24 58.92
CA THR G 116 -9.98 -8.39 60.09
C THR G 116 -11.40 -7.93 59.82
N VAL G 117 -12.35 -8.86 59.93
CA VAL G 117 -13.75 -8.54 59.75
C VAL G 117 -14.44 -8.45 61.11
N SER G 118 -15.04 -7.28 61.38
CA SER G 118 -15.69 -7.03 62.66
C SER G 118 -16.61 -5.82 62.55
N SER G 119 -17.66 -5.81 63.38
CA SER G 119 -18.58 -4.69 63.44
C SER G 119 -18.18 -3.72 64.55
N ALA G 120 -17.32 -4.18 65.45
CA ALA G 120 -16.86 -3.37 66.57
C ALA G 120 -16.40 -2.00 66.11
N LYS G 121 -16.80 -0.95 66.83
CA LYS G 121 -16.33 0.39 66.57
C LYS G 121 -15.11 0.66 67.44
N THR G 122 -14.23 1.56 66.97
CA THR G 122 -13.02 1.86 67.71
C THR G 122 -13.34 2.19 69.16
N THR G 123 -12.86 1.35 70.07
CA THR G 123 -13.16 1.51 71.49
C THR G 123 -11.86 1.59 72.30
N ALA G 124 -11.83 2.48 73.29
CA ALA G 124 -10.64 2.64 74.12
C ALA G 124 -10.58 1.58 75.22
N PRO G 125 -9.37 1.07 75.50
CA PRO G 125 -9.14 0.02 76.51
C PRO G 125 -9.33 0.50 77.94
N SER G 126 -9.86 -0.37 78.80
CA SER G 126 -9.93 -0.09 80.22
C SER G 126 -8.73 -0.73 80.91
N VAL G 127 -7.93 0.09 81.58
CA VAL G 127 -6.71 -0.40 82.23
C VAL G 127 -6.91 -0.56 83.74
N TYR G 128 -6.62 -1.77 84.23
CA TYR G 128 -6.79 -2.08 85.64
C TYR G 128 -5.48 -2.57 86.24
N PRO G 129 -5.10 -2.02 87.40
CA PRO G 129 -3.89 -2.46 88.10
C PRO G 129 -4.12 -3.75 88.88
N LEU G 130 -3.12 -4.63 88.91
CA LEU G 130 -3.23 -5.90 89.61
C LEU G 130 -2.16 -6.07 90.68
N ALA G 131 -2.56 -5.84 91.92
CA ALA G 131 -1.66 -6.03 93.07
C ALA G 131 -2.02 -7.35 93.75
N PRO G 132 -1.02 -7.99 94.38
CA PRO G 132 -1.24 -9.28 95.03
C PRO G 132 -2.17 -9.17 96.24
N VAL G 133 -2.43 -10.28 96.90
CA VAL G 133 -3.30 -10.28 98.07
C VAL G 133 -2.45 -10.12 99.33
N CYS G 134 -3.09 -9.76 100.44
CA CYS G 134 -2.39 -9.59 101.71
C CYS G 134 -2.07 -10.94 102.34
N THR G 138 4.41 -11.54 100.72
CA THR G 138 4.69 -12.51 101.77
C THR G 138 5.96 -13.29 101.46
N GLY G 139 6.27 -13.43 100.17
CA GLY G 139 7.44 -14.15 99.72
C GLY G 139 8.65 -13.24 99.59
N SER G 140 9.67 -13.71 98.89
CA SER G 140 10.89 -12.93 98.68
C SER G 140 10.80 -12.12 97.39
N SER G 141 10.20 -12.72 96.37
CA SER G 141 9.95 -12.03 95.10
C SER G 141 8.45 -11.76 94.94
N VAL G 142 8.12 -10.61 94.36
CA VAL G 142 6.73 -10.21 94.20
C VAL G 142 6.36 -10.13 92.72
N THR G 143 5.07 -10.18 92.41
CA THR G 143 4.61 -10.10 91.04
C THR G 143 3.36 -9.22 90.94
N LEU G 144 3.35 -8.35 89.92
CA LEU G 144 2.19 -7.50 89.66
C LEU G 144 1.66 -7.75 88.26
N GLY G 145 0.58 -7.06 87.90
CA GLY G 145 -0.01 -7.22 86.59
C GLY G 145 -0.79 -6.01 86.14
N CYS G 146 -1.23 -6.04 84.88
CA CYS G 146 -2.02 -4.95 84.31
C CYS G 146 -3.01 -5.54 83.31
N LEU G 147 -4.28 -5.17 83.45
CA LEU G 147 -5.33 -5.75 82.63
C LEU G 147 -5.94 -4.72 81.68
N VAL G 148 -5.81 -4.98 80.38
CA VAL G 148 -6.36 -4.09 79.37
C VAL G 148 -7.56 -4.76 78.72
N LYS G 149 -8.76 -4.25 79.01
CA LYS G 149 -9.98 -4.94 78.62
C LYS G 149 -10.90 -4.09 77.74
N GLY G 150 -11.43 -4.70 76.69
CA GLY G 150 -12.49 -4.11 75.89
C GLY G 150 -12.06 -3.09 74.86
N TYR G 151 -10.92 -3.29 74.22
CA TYR G 151 -10.44 -2.34 73.22
C TYR G 151 -10.55 -2.89 71.80
N PHE G 152 -10.65 -1.97 70.84
CA PHE G 152 -10.73 -2.34 69.43
C PHE G 152 -10.53 -1.12 68.55
N PRO G 153 -9.82 -1.29 67.42
CA PRO G 153 -9.15 -2.54 67.06
C PRO G 153 -7.77 -2.63 67.69
N GLU G 154 -6.99 -3.62 67.29
CA GLU G 154 -5.60 -3.72 67.73
C GLU G 154 -4.77 -2.69 66.99
N PRO G 155 -3.53 -2.46 67.43
CA PRO G 155 -2.92 -3.09 68.61
C PRO G 155 -2.84 -2.13 69.79
N VAL G 156 -2.01 -2.47 70.76
CA VAL G 156 -1.76 -1.61 71.91
C VAL G 156 -0.34 -1.83 72.41
N THR G 157 0.29 -0.78 72.90
CA THR G 157 1.66 -0.87 73.39
C THR G 157 1.69 -0.77 74.92
N LEU G 158 2.11 -1.85 75.57
CA LEU G 158 2.15 -1.88 77.02
C LEU G 158 3.59 -1.87 77.53
N THR G 159 3.86 -1.01 78.50
CA THR G 159 5.18 -0.92 79.12
C THR G 159 5.05 -0.61 80.60
N TRP G 160 6.16 -0.75 81.33
CA TRP G 160 6.17 -0.47 82.76
C TRP G 160 7.16 0.65 83.05
N ASN G 161 6.75 1.59 83.90
CA ASN G 161 7.57 2.73 84.24
C ASN G 161 8.08 3.44 82.99
N SER G 162 7.24 3.44 81.95
CA SER G 162 7.56 4.12 80.70
C SER G 162 8.82 3.53 80.07
N GLY G 163 8.82 2.22 79.88
CA GLY G 163 9.93 1.54 79.23
C GLY G 163 11.09 1.28 80.18
N SER G 164 11.07 1.92 81.34
CA SER G 164 12.12 1.74 82.32
C SER G 164 12.27 0.27 82.70
N LEU G 165 11.31 -0.25 83.47
CA LEU G 165 11.31 -1.66 83.86
C LEU G 165 11.04 -2.54 82.63
N SER G 166 12.07 -3.27 82.22
CA SER G 166 12.00 -4.04 80.97
C SER G 166 12.18 -5.53 81.20
N SER G 167 13.34 -5.93 81.70
CA SER G 167 13.65 -7.35 81.87
C SER G 167 12.82 -7.96 82.99
N GLY G 168 12.34 -9.19 82.76
CA GLY G 168 11.54 -9.90 83.75
C GLY G 168 10.05 -9.60 83.62
N VAL G 169 9.58 -9.48 82.39
CA VAL G 169 8.18 -9.14 82.13
C VAL G 169 7.54 -10.14 81.17
N HIS G 170 6.22 -10.25 81.26
CA HIS G 170 5.47 -11.13 80.37
C HIS G 170 4.17 -10.45 79.93
N THR G 171 4.14 -9.98 78.69
CA THR G 171 2.92 -9.43 78.12
C THR G 171 2.31 -10.44 77.16
N PHE G 172 1.18 -11.01 77.54
CA PHE G 172 0.54 -12.08 76.76
C PHE G 172 -0.18 -11.53 75.54
N PRO G 173 -0.32 -12.36 74.50
CA PRO G 173 -1.06 -12.03 73.28
C PRO G 173 -2.51 -11.65 73.55
N ALA G 174 -3.04 -10.68 72.80
CA ALA G 174 -4.43 -10.25 72.96
C ALA G 174 -5.37 -11.39 72.59
N VAL G 175 -6.58 -11.35 73.13
CA VAL G 175 -7.58 -12.36 72.82
C VAL G 175 -8.93 -11.69 72.56
N LEU G 176 -9.69 -12.24 71.63
CA LEU G 176 -10.94 -11.62 71.22
C LEU G 176 -12.08 -11.97 72.17
N GLN G 177 -12.44 -11.00 73.01
CA GLN G 177 -13.52 -11.17 73.97
C GLN G 177 -14.79 -10.50 73.45
N SER G 178 -15.59 -11.26 72.71
CA SER G 178 -16.85 -10.75 72.16
C SER G 178 -16.65 -9.43 71.42
N ASP G 179 -16.03 -9.51 70.24
CA ASP G 179 -15.82 -8.35 69.37
C ASP G 179 -14.87 -7.31 69.95
N LEU G 180 -14.31 -7.59 71.12
CA LEU G 180 -13.34 -6.68 71.73
C LEU G 180 -12.15 -7.46 72.26
N TYR G 181 -10.98 -6.84 72.27
CA TYR G 181 -9.77 -7.53 72.69
C TYR G 181 -9.45 -7.31 74.16
N THR G 182 -8.78 -8.31 74.74
CA THR G 182 -8.30 -8.23 76.10
C THR G 182 -6.84 -8.68 76.14
N LEU G 183 -6.04 -8.04 76.98
CA LEU G 183 -4.61 -8.32 77.06
C LEU G 183 -4.14 -8.12 78.49
N SER G 184 -3.13 -8.87 78.90
CA SER G 184 -2.57 -8.73 80.24
C SER G 184 -1.05 -8.86 80.23
N SER G 185 -0.43 -8.37 81.30
CA SER G 185 1.02 -8.40 81.40
C SER G 185 1.45 -8.60 82.86
N SER G 186 2.43 -9.47 83.07
CA SER G 186 2.95 -9.73 84.41
C SER G 186 4.41 -9.30 84.50
N VAL G 187 4.84 -8.94 85.71
CA VAL G 187 6.22 -8.53 85.93
C VAL G 187 6.63 -8.95 87.34
N THR G 188 7.90 -9.31 87.51
CA THR G 188 8.37 -9.85 88.78
C THR G 188 9.65 -9.18 89.27
N VAL G 189 9.69 -8.92 90.57
CA VAL G 189 10.86 -8.33 91.21
C VAL G 189 10.99 -8.87 92.64
N THR G 190 11.76 -8.17 93.47
CA THR G 190 11.98 -8.60 94.84
C THR G 190 11.17 -7.76 95.83
N SER G 191 10.86 -8.33 96.98
CA SER G 191 10.08 -7.66 98.00
C SER G 191 10.72 -6.34 98.43
N SER G 192 12.04 -6.24 98.22
CA SER G 192 12.77 -5.01 98.54
C SER G 192 12.48 -3.94 97.49
N THR G 193 12.01 -4.36 96.32
CA THR G 193 11.73 -3.46 95.21
C THR G 193 10.28 -2.97 95.24
N TRP G 194 9.38 -3.78 95.76
CA TRP G 194 7.98 -3.39 95.85
C TRP G 194 7.42 -3.71 97.22
N PRO G 195 6.52 -2.85 97.74
CA PRO G 195 6.04 -1.65 97.07
C PRO G 195 6.90 -0.42 97.33
N SER G 196 8.20 -0.60 97.52
CA SER G 196 9.10 0.51 97.81
C SER G 196 9.29 1.40 96.58
N GLN G 197 9.73 0.81 95.48
CA GLN G 197 9.91 1.56 94.23
C GLN G 197 8.59 1.60 93.48
N SER G 198 8.15 2.81 93.13
CA SER G 198 6.90 3.00 92.41
C SER G 198 6.91 2.28 91.06
N ILE G 199 5.83 1.56 90.76
CA ILE G 199 5.71 0.85 89.48
C ILE G 199 4.43 1.25 88.76
N THR G 200 4.57 1.71 87.52
CA THR G 200 3.43 2.18 86.74
C THR G 200 3.22 1.35 85.48
N CYS G 201 1.96 1.23 85.08
CA CYS G 201 1.59 0.53 83.87
C CYS G 201 1.29 1.55 82.78
N ASN G 202 1.86 1.35 81.59
CA ASN G 202 1.69 2.30 80.49
C ASN G 202 1.17 1.63 79.23
N VAL G 203 -0.10 1.88 78.93
CA VAL G 203 -0.73 1.30 77.74
C VAL G 203 -1.25 2.39 76.81
N ALA G 204 -0.84 2.31 75.54
CA ALA G 204 -1.24 3.28 74.55
C ALA G 204 -2.09 2.62 73.46
N HIS G 205 -3.25 3.22 73.18
CA HIS G 205 -4.11 2.74 72.12
C HIS G 205 -4.17 3.78 71.02
N PRO G 206 -3.17 3.78 70.13
CA PRO G 206 -3.07 4.74 69.02
C PRO G 206 -4.38 4.88 68.25
N ALA G 207 -5.11 3.78 68.07
CA ALA G 207 -6.38 3.80 67.36
C ALA G 207 -7.26 4.93 67.88
N SER G 208 -7.65 4.83 69.15
CA SER G 208 -8.43 5.89 69.80
C SER G 208 -7.52 6.99 70.34
N SER G 209 -6.22 6.87 70.05
CA SER G 209 -5.23 7.83 70.51
C SER G 209 -5.37 8.11 72.00
N THR G 210 -5.45 7.05 72.80
CA THR G 210 -5.53 7.19 74.25
C THR G 210 -4.37 6.46 74.91
N LYS G 211 -3.61 7.19 75.73
CA LYS G 211 -2.48 6.60 76.44
C LYS G 211 -2.65 6.79 77.94
N VAL G 212 -3.36 5.86 78.56
CA VAL G 212 -3.62 5.92 80.00
C VAL G 212 -2.45 5.32 80.76
N ASP G 213 -2.34 5.66 82.05
CA ASP G 213 -1.29 5.11 82.91
C ASP G 213 -1.80 4.85 84.33
N LYS G 214 -1.57 3.63 84.80
CA LYS G 214 -2.03 3.21 86.13
C LYS G 214 -0.89 2.69 86.98
N LYS G 215 -0.64 3.36 88.11
CA LYS G 215 0.35 2.89 89.07
C LYS G 215 -0.26 1.80 89.95
N ILE G 216 0.53 0.76 90.23
CA ILE G 216 0.06 -0.35 91.05
C ILE G 216 0.11 0.00 92.53
N GLU G 217 -0.99 -0.27 93.24
CA GLU G 217 -1.09 0.06 94.65
C GLU G 217 -1.34 -1.20 95.47
N PRO G 218 -0.62 -1.35 96.59
CA PRO G 218 -0.82 -2.50 97.48
C PRO G 218 -2.21 -2.46 98.13
N ARG G 219 -2.52 -3.48 98.92
CA ARG G 219 -3.83 -3.58 99.54
C ARG G 219 -3.74 -3.51 101.06
N ASP H 1 -9.82 -33.96 46.70
CA ASP H 1 -8.66 -33.20 47.25
C ASP H 1 -7.67 -34.16 47.91
N ILE H 2 -6.38 -33.92 47.68
CA ILE H 2 -5.34 -34.74 48.27
C ILE H 2 -5.08 -34.31 49.70
N LEU H 3 -5.12 -35.28 50.62
CA LEU H 3 -4.90 -35.01 52.03
C LEU H 3 -3.42 -35.09 52.37
N MET H 4 -2.91 -34.08 53.07
CA MET H 4 -1.51 -34.06 53.47
C MET H 4 -1.41 -34.17 54.98
N THR H 5 -0.91 -35.31 55.46
CA THR H 5 -0.76 -35.54 56.90
C THR H 5 0.69 -35.35 57.32
N GLN H 6 0.95 -34.25 58.01
CA GLN H 6 2.31 -33.88 58.40
C GLN H 6 2.57 -34.16 59.87
N SER H 7 3.51 -35.06 60.15
CA SER H 7 3.87 -35.41 61.51
C SER H 7 5.36 -35.23 61.74
N PRO H 8 5.77 -34.94 62.99
CA PRO H 8 4.88 -34.71 64.13
C PRO H 8 4.40 -33.27 64.18
N SER H 9 3.39 -32.99 65.00
CA SER H 9 2.88 -31.63 65.13
C SER H 9 3.93 -30.70 65.73
N SER H 10 4.84 -31.27 66.51
CA SER H 10 5.90 -30.50 67.14
C SER H 10 6.97 -31.43 67.71
N MET H 11 8.17 -30.88 67.92
CA MET H 11 9.25 -31.65 68.53
C MET H 11 10.17 -30.70 69.29
N SER H 12 10.62 -31.14 70.46
CA SER H 12 11.51 -30.34 71.30
C SER H 12 12.94 -30.87 71.21
N VAL H 13 13.71 -30.28 70.30
CA VAL H 13 15.08 -30.74 70.07
C VAL H 13 16.11 -29.66 70.45
N SER H 14 17.39 -29.98 70.24
CA SER H 14 18.47 -29.07 70.62
C SER H 14 19.37 -28.76 69.42
N LEU H 15 20.23 -27.76 69.59
CA LEU H 15 21.11 -27.34 68.52
C LEU H 15 22.08 -28.45 68.16
N GLY H 16 22.39 -28.56 66.87
CA GLY H 16 23.30 -29.60 66.41
C GLY H 16 22.57 -30.90 66.14
N ASP H 17 21.31 -30.99 66.56
CA ASP H 17 20.52 -32.18 66.31
C ASP H 17 20.27 -32.39 64.83
N THR H 18 20.00 -33.64 64.47
CA THR H 18 19.59 -33.97 63.12
C THR H 18 18.20 -34.57 63.20
N VAL H 19 17.20 -33.81 62.75
CA VAL H 19 15.81 -34.23 62.85
C VAL H 19 15.21 -34.47 61.48
N SER H 20 14.04 -35.11 61.46
CA SER H 20 13.34 -35.39 60.21
C SER H 20 11.83 -35.23 60.37
N ILE H 21 11.24 -34.48 59.45
CA ILE H 21 9.80 -34.30 59.39
C ILE H 21 9.24 -35.09 58.22
N THR H 22 8.25 -35.94 58.48
CA THR H 22 7.64 -36.73 57.42
C THR H 22 6.33 -36.10 56.97
N CYS H 23 5.93 -36.42 55.76
CA CYS H 23 4.68 -35.94 55.20
C CYS H 23 4.07 -37.11 54.43
N HIS H 24 2.81 -37.39 54.73
CA HIS H 24 2.10 -38.49 54.08
C HIS H 24 0.93 -37.99 53.24
N ALA H 25 0.82 -38.49 52.01
CA ALA H 25 -0.23 -38.07 51.09
C ALA H 25 -1.28 -39.15 50.93
N SER H 26 -2.52 -38.72 50.67
CA SER H 26 -3.64 -39.65 50.50
C SER H 26 -3.47 -40.50 49.24
N GLN H 27 -2.55 -40.10 48.37
CA GLN H 27 -2.21 -40.89 47.19
C GLN H 27 -0.84 -40.47 46.66
N GLY H 28 -0.35 -41.21 45.66
CA GLY H 28 0.94 -40.90 45.08
C GLY H 28 0.97 -39.53 44.44
N ILE H 29 2.02 -38.77 44.71
CA ILE H 29 2.19 -37.43 44.15
C ILE H 29 3.53 -37.29 43.43
N SER H 30 4.24 -38.41 43.30
CA SER H 30 5.51 -38.48 42.58
C SER H 30 6.37 -37.22 42.69
N SER H 31 6.77 -36.91 43.92
CA SER H 31 7.76 -35.86 44.19
C SER H 31 7.27 -34.45 43.91
N ASN H 32 5.98 -34.29 43.61
CA ASN H 32 5.43 -32.96 43.38
C ASN H 32 5.09 -32.29 44.70
N ILE H 33 6.11 -32.15 45.54
CA ILE H 33 5.94 -31.61 46.89
C ILE H 33 6.90 -30.47 47.13
N GLY H 34 6.53 -29.56 48.03
CA GLY H 34 7.40 -28.47 48.42
C GLY H 34 7.44 -28.36 49.93
N TRP H 35 8.53 -27.80 50.46
CA TRP H 35 8.66 -27.59 51.89
C TRP H 35 8.81 -26.10 52.18
N LEU H 36 8.13 -25.64 53.22
CA LEU H 36 8.13 -24.23 53.56
C LEU H 36 8.61 -24.00 54.98
N GLN H 37 9.07 -22.77 55.25
CA GLN H 37 9.52 -22.40 56.58
C GLN H 37 8.89 -21.06 56.95
N GLN H 38 8.44 -20.93 58.20
CA GLN H 38 7.90 -19.67 58.68
C GLN H 38 8.49 -19.32 60.04
N LYS H 39 9.51 -18.47 60.04
CA LYS H 39 10.11 -18.01 61.29
C LYS H 39 9.04 -17.28 62.10
N PRO H 40 9.11 -17.42 63.43
CA PRO H 40 8.07 -16.89 64.33
C PRO H 40 7.73 -15.44 64.03
N GLY H 41 6.45 -15.17 63.80
CA GLY H 41 6.01 -13.82 63.48
C GLY H 41 6.71 -13.27 62.26
N LYS H 42 6.73 -14.06 61.19
CA LYS H 42 7.29 -13.62 59.90
C LYS H 42 6.60 -14.33 58.76
N SER H 43 6.98 -13.98 57.52
CA SER H 43 6.37 -14.58 56.34
C SER H 43 7.03 -15.93 56.03
N PHE H 44 6.63 -16.53 54.92
CA PHE H 44 7.16 -17.84 54.52
C PHE H 44 8.40 -17.72 53.65
N MET H 45 9.20 -18.78 53.65
CA MET H 45 10.37 -18.90 52.78
C MET H 45 10.40 -20.30 52.19
N GLY H 46 10.65 -20.39 50.89
CA GLY H 46 10.72 -21.68 50.22
C GLY H 46 11.98 -22.45 50.57
N LEU H 47 11.84 -23.75 50.81
CA LEU H 47 12.99 -24.60 51.12
C LEU H 47 13.29 -25.59 50.00
N ILE H 48 12.26 -26.34 49.60
CA ILE H 48 12.42 -27.41 48.62
C ILE H 48 11.31 -27.36 47.58
N TYR H 49 11.64 -27.68 46.34
CA TYR H 49 10.62 -27.93 45.32
C TYR H 49 10.91 -29.24 44.63
N TYR H 50 9.87 -29.87 44.09
CA TYR H 50 9.98 -31.17 43.44
C TYR H 50 10.74 -32.19 44.29
N GLY H 51 10.37 -32.27 45.57
CA GLY H 51 10.82 -33.35 46.43
C GLY H 51 12.20 -33.20 47.05
N THR H 52 13.17 -32.81 46.24
CA THR H 52 14.57 -32.87 46.66
C THR H 52 15.38 -31.62 46.33
N ASN H 53 14.82 -30.73 45.52
CA ASN H 53 15.58 -29.58 45.04
C ASN H 53 15.57 -28.37 45.97
N LEU H 54 16.75 -27.98 46.43
CA LEU H 54 16.90 -26.80 47.26
C LEU H 54 16.54 -25.51 46.52
N VAL H 55 15.75 -24.67 47.16
CA VAL H 55 15.48 -23.34 46.64
C VAL H 55 16.79 -22.56 46.71
N ASP H 56 17.01 -21.65 45.77
CA ASP H 56 18.26 -20.89 45.73
C ASP H 56 18.45 -20.03 46.97
N GLY H 57 19.56 -20.25 47.65
CA GLY H 57 19.89 -19.49 48.85
C GLY H 57 19.72 -20.30 50.13
N VAL H 58 19.01 -21.42 50.05
CA VAL H 58 18.81 -22.27 51.20
C VAL H 58 20.05 -23.12 51.50
N PRO H 59 20.46 -23.18 52.77
CA PRO H 59 21.60 -23.98 53.20
C PRO H 59 21.42 -25.47 52.93
N SER H 60 22.51 -26.18 52.68
CA SER H 60 22.43 -27.59 52.30
C SER H 60 22.18 -28.54 53.48
N ARG H 61 22.18 -28.02 54.70
CA ARG H 61 21.85 -28.87 55.85
C ARG H 61 20.40 -29.32 55.74
N PHE H 62 19.62 -28.62 54.92
CA PHE H 62 18.27 -29.05 54.58
C PHE H 62 18.32 -30.03 53.42
N SER H 63 17.56 -31.11 53.51
CA SER H 63 17.49 -32.09 52.45
C SER H 63 16.08 -32.67 52.33
N GLY H 64 15.69 -33.02 51.11
CA GLY H 64 14.39 -33.61 50.86
C GLY H 64 14.51 -34.99 50.25
N SER H 65 13.60 -35.88 50.63
CA SER H 65 13.62 -37.24 50.12
C SER H 65 12.22 -37.83 50.13
N GLY H 66 12.10 -39.06 49.63
CA GLY H 66 10.83 -39.76 49.60
C GLY H 66 10.35 -39.98 48.18
N SER H 67 9.25 -40.72 48.06
CA SER H 67 8.63 -41.00 46.77
C SER H 67 7.24 -41.55 47.02
N GLY H 68 6.50 -41.79 45.95
CA GLY H 68 5.13 -42.26 46.08
C GLY H 68 4.30 -41.29 46.88
N ALA H 69 3.96 -41.66 48.11
CA ALA H 69 3.12 -40.81 48.96
C ALA H 69 3.76 -40.54 50.31
N ASP H 70 5.09 -40.70 50.39
CA ASP H 70 5.78 -40.49 51.65
C ASP H 70 7.10 -39.73 51.44
N TYR H 71 7.22 -38.59 52.08
CA TYR H 71 8.36 -37.70 51.87
C TYR H 71 8.84 -37.13 53.19
N SER H 72 10.10 -36.71 53.22
CA SER H 72 10.68 -36.22 54.46
C SER H 72 11.56 -34.99 54.24
N LEU H 73 11.47 -34.06 55.19
CA LEU H 73 12.41 -32.96 55.29
C LEU H 73 13.40 -33.31 56.40
N THR H 74 14.69 -33.14 56.13
CA THR H 74 15.71 -33.48 57.11
C THR H 74 16.71 -32.35 57.27
N ILE H 75 16.85 -31.87 58.51
CA ILE H 75 17.81 -30.82 58.82
C ILE H 75 18.95 -31.40 59.62
N SER H 76 20.16 -31.29 59.09
CA SER H 76 21.34 -31.79 59.78
C SER H 76 21.99 -30.67 60.58
N SER H 77 22.29 -30.95 61.84
CA SER H 77 22.95 -29.97 62.69
C SER H 77 22.13 -28.69 62.78
N LEU H 78 21.10 -28.73 63.63
CA LEU H 78 20.19 -27.61 63.77
C LEU H 78 20.89 -26.31 64.18
N ASP H 79 20.44 -25.21 63.59
CA ASP H 79 20.95 -23.90 63.92
C ASP H 79 19.90 -23.16 64.75
N SER H 80 20.28 -22.04 65.33
CA SER H 80 19.36 -21.26 66.15
C SER H 80 18.18 -20.69 65.34
N GLU H 81 18.43 -20.35 64.08
CA GLU H 81 17.37 -19.81 63.23
C GLU H 81 16.42 -20.89 62.72
N ASP H 82 16.82 -22.15 62.82
CA ASP H 82 16.04 -23.25 62.28
C ASP H 82 14.83 -23.59 63.14
N PHE H 83 14.70 -22.93 64.29
CA PHE H 83 13.55 -23.14 65.16
C PHE H 83 12.36 -22.31 64.69
N ALA H 84 11.45 -22.95 63.95
CA ALA H 84 10.30 -22.26 63.37
C ALA H 84 9.24 -23.26 62.93
N ASP H 85 8.28 -22.78 62.15
CA ASP H 85 7.20 -23.63 61.65
C ASP H 85 7.53 -24.14 60.25
N TYR H 86 7.28 -25.42 60.02
CA TYR H 86 7.54 -26.01 58.72
C TYR H 86 6.29 -26.68 58.17
N TYR H 87 6.00 -26.42 56.90
CA TYR H 87 4.84 -26.99 56.24
C TYR H 87 5.24 -27.65 54.93
N CYS H 88 4.47 -28.66 54.53
CA CYS H 88 4.63 -29.25 53.21
C CYS H 88 3.44 -28.90 52.34
N VAL H 89 3.63 -28.95 51.02
CA VAL H 89 2.55 -28.67 50.08
C VAL H 89 2.68 -29.56 48.85
N GLN H 90 1.57 -30.17 48.45
CA GLN H 90 1.54 -30.96 47.23
C GLN H 90 0.94 -30.16 46.08
N TYR H 91 1.58 -30.21 44.92
CA TYR H 91 1.02 -29.57 43.73
C TYR H 91 0.90 -30.55 42.57
N ALA H 92 0.73 -31.83 42.91
CA ALA H 92 0.44 -32.85 41.92
C ALA H 92 -0.96 -32.62 41.33
N GLN H 93 -1.87 -32.12 42.16
CA GLN H 93 -3.23 -31.88 41.73
C GLN H 93 -3.77 -30.55 42.23
N LEU H 94 -4.76 -30.03 41.51
CA LEU H 94 -5.54 -28.91 41.99
C LEU H 94 -6.78 -29.48 42.70
N PRO H 95 -7.14 -28.89 43.84
CA PRO H 95 -6.46 -27.74 44.43
C PRO H 95 -5.18 -28.16 45.15
N TYR H 96 -4.16 -27.30 45.12
CA TYR H 96 -2.98 -27.52 45.95
C TYR H 96 -3.44 -27.63 47.39
N THR H 97 -2.79 -28.50 48.17
CA THR H 97 -3.15 -28.68 49.58
C THR H 97 -1.92 -28.72 50.47
N PHE H 98 -2.10 -28.37 51.74
CA PHE H 98 -1.00 -28.22 52.68
C PHE H 98 -1.03 -29.23 53.82
N GLY H 99 0.06 -29.30 54.56
CA GLY H 99 0.14 -30.16 55.73
C GLY H 99 -0.21 -29.41 57.00
N GLY H 100 -0.54 -30.15 58.04
CA GLY H 100 -0.90 -29.56 59.32
C GLY H 100 0.18 -28.64 59.86
N GLY H 101 1.42 -28.91 59.47
CA GLY H 101 2.54 -28.11 59.91
C GLY H 101 3.28 -28.75 61.06
N THR H 102 4.50 -28.28 61.30
CA THR H 102 5.34 -28.78 62.38
C THR H 102 6.11 -27.62 62.98
N LYS H 103 6.16 -27.58 64.31
CA LYS H 103 6.85 -26.49 65.00
C LYS H 103 8.03 -27.04 65.80
N LEU H 104 9.24 -26.67 65.39
CA LEU H 104 10.43 -27.03 66.15
C LEU H 104 10.60 -26.11 67.36
N GLU H 105 10.68 -26.70 68.54
CA GLU H 105 10.78 -25.92 69.78
C GLU H 105 12.04 -26.30 70.55
N ILE H 106 12.61 -25.33 71.28
CA ILE H 106 13.85 -25.56 72.02
C ILE H 106 13.61 -26.50 73.20
N LYS H 107 14.55 -27.41 73.43
CA LYS H 107 14.46 -28.33 74.55
C LYS H 107 15.25 -27.81 75.73
N ARG H 108 14.70 -27.97 76.92
CA ARG H 108 15.37 -27.56 78.15
C ARG H 108 14.91 -28.42 79.33
N ALA H 109 15.33 -28.03 80.53
CA ALA H 109 14.99 -28.80 81.73
C ALA H 109 13.61 -28.40 82.23
N ASP H 110 12.89 -29.39 82.77
CA ASP H 110 11.55 -29.15 83.31
C ASP H 110 11.56 -28.01 84.32
N ALA H 111 10.39 -27.39 84.49
CA ALA H 111 10.26 -26.24 85.37
C ALA H 111 8.80 -26.04 85.75
N ALA H 112 8.49 -26.13 87.03
CA ALA H 112 7.13 -25.92 87.50
C ALA H 112 6.74 -24.45 87.34
N PRO H 113 5.44 -24.20 87.16
CA PRO H 113 4.92 -22.84 86.95
C PRO H 113 4.94 -22.00 88.23
N THR H 114 5.18 -20.70 88.09
CA THR H 114 5.08 -19.78 89.22
C THR H 114 3.69 -19.16 89.24
N VAL H 115 2.79 -19.78 89.99
CA VAL H 115 1.39 -19.39 90.00
C VAL H 115 1.16 -18.14 90.85
N SER H 116 0.34 -17.24 90.33
CA SER H 116 0.03 -15.99 91.01
C SER H 116 -1.41 -15.61 90.71
N ILE H 117 -2.19 -15.33 91.75
CA ILE H 117 -3.59 -14.97 91.57
C ILE H 117 -3.85 -13.52 92.02
N PHE H 118 -4.69 -12.82 91.27
CA PHE H 118 -4.92 -11.40 91.50
C PHE H 118 -6.42 -11.06 91.47
N PRO H 119 -6.97 -10.62 92.60
CA PRO H 119 -8.39 -10.26 92.68
C PRO H 119 -8.73 -9.06 91.82
N PRO H 120 -10.03 -8.81 91.61
CA PRO H 120 -10.50 -7.65 90.82
C PRO H 120 -9.96 -6.34 91.36
N SER H 121 -9.94 -5.32 90.50
CA SER H 121 -9.50 -3.99 90.90
C SER H 121 -10.68 -3.19 91.42
N SER H 122 -10.39 -2.18 92.24
CA SER H 122 -11.42 -1.30 92.76
C SER H 122 -12.17 -0.67 91.60
N GLU H 123 -11.41 -0.05 90.69
CA GLU H 123 -11.98 0.65 89.55
C GLU H 123 -12.96 -0.24 88.80
N GLN H 124 -12.51 -1.46 88.48
CA GLN H 124 -13.33 -2.39 87.73
C GLN H 124 -14.61 -2.75 88.49
N LEU H 125 -14.49 -2.93 89.79
CA LEU H 125 -15.64 -3.29 90.62
C LEU H 125 -16.67 -2.17 90.64
N THR H 126 -16.20 -0.93 90.81
CA THR H 126 -17.09 0.22 90.80
C THR H 126 -17.56 0.52 89.39
N SER H 127 -17.32 -0.43 88.48
CA SER H 127 -17.77 -0.32 87.10
C SER H 127 -18.83 -1.38 86.81
N GLY H 128 -18.91 -2.39 87.67
CA GLY H 128 -19.91 -3.44 87.53
C GLY H 128 -19.33 -4.77 87.11
N GLY H 129 -18.03 -4.80 86.86
CA GLY H 129 -17.37 -6.01 86.42
C GLY H 129 -16.38 -6.55 87.43
N ALA H 130 -16.02 -7.82 87.28
CA ALA H 130 -15.10 -8.47 88.21
C ALA H 130 -14.29 -9.56 87.51
N SER H 131 -12.98 -9.35 87.44
CA SER H 131 -12.09 -10.32 86.82
C SER H 131 -10.99 -10.78 87.76
N VAL H 132 -10.86 -12.09 87.92
CA VAL H 132 -9.77 -12.68 88.68
C VAL H 132 -8.73 -13.20 87.70
N VAL H 133 -7.49 -12.73 87.85
CA VAL H 133 -6.43 -13.10 86.94
C VAL H 133 -5.52 -14.15 87.57
N CYS H 134 -4.94 -15.00 86.74
CA CYS H 134 -4.03 -16.03 87.19
C CYS H 134 -2.84 -16.12 86.25
N PHE H 135 -1.64 -15.99 86.79
CA PHE H 135 -0.42 -16.04 85.98
C PHE H 135 0.38 -17.31 86.28
N LEU H 136 0.60 -18.11 85.25
CA LEU H 136 1.43 -19.31 85.36
C LEU H 136 2.69 -19.11 84.53
N ASN H 137 3.76 -18.65 85.18
CA ASN H 137 4.93 -18.16 84.46
C ASN H 137 6.14 -19.10 84.46
N ASN H 138 6.86 -19.09 83.35
CA ASN H 138 8.14 -19.77 83.22
C ASN H 138 8.12 -21.23 83.62
N PHE H 139 7.41 -22.04 82.85
CA PHE H 139 7.35 -23.48 83.09
C PHE H 139 7.80 -24.23 81.84
N TYR H 140 7.97 -25.54 81.98
CA TYR H 140 8.35 -26.40 80.86
C TYR H 140 8.12 -27.86 81.23
N PRO H 141 7.55 -28.66 80.31
CA PRO H 141 7.15 -28.28 78.95
C PRO H 141 5.88 -27.43 78.86
N LYS H 142 5.37 -27.28 77.65
CA LYS H 142 4.23 -26.40 77.39
C LYS H 142 2.90 -27.02 77.84
N ASP H 143 2.84 -28.34 77.90
CA ASP H 143 1.60 -29.03 78.26
C ASP H 143 1.20 -28.72 79.69
N ILE H 144 0.29 -27.78 79.85
CA ILE H 144 -0.17 -27.38 81.18
C ILE H 144 -1.69 -27.28 81.18
N ASN H 145 -2.28 -27.33 82.38
CA ASN H 145 -3.73 -27.26 82.53
C ASN H 145 -4.17 -26.42 83.72
N VAL H 146 -5.11 -25.51 83.49
CA VAL H 146 -5.61 -24.63 84.52
C VAL H 146 -7.07 -24.95 84.83
N LYS H 147 -7.45 -24.84 86.09
CA LYS H 147 -8.82 -25.10 86.51
C LYS H 147 -9.25 -24.06 87.54
N TRP H 148 -10.43 -23.48 87.34
CA TRP H 148 -10.96 -22.49 88.26
C TRP H 148 -12.02 -23.09 89.17
N LYS H 149 -11.92 -22.79 90.45
CA LYS H 149 -12.92 -23.23 91.42
C LYS H 149 -13.51 -22.04 92.16
N ILE H 150 -14.83 -21.94 92.16
CA ILE H 150 -15.53 -20.92 92.94
C ILE H 150 -16.22 -21.59 94.12
N ASP H 151 -15.72 -21.32 95.32
CA ASP H 151 -16.22 -21.97 96.53
C ASP H 151 -16.06 -23.49 96.42
N GLY H 152 -14.90 -23.91 95.93
CA GLY H 152 -14.57 -25.33 95.91
C GLY H 152 -15.08 -26.06 94.67
N SER H 153 -16.05 -25.45 93.98
CA SER H 153 -16.65 -26.10 92.81
C SER H 153 -16.09 -25.54 91.51
N GLU H 154 -15.81 -26.42 90.56
CA GLU H 154 -15.19 -26.03 89.30
C GLU H 154 -16.06 -25.04 88.52
N ARG H 155 -15.39 -24.15 87.80
CA ARG H 155 -16.06 -23.15 86.99
C ARG H 155 -15.41 -23.11 85.61
N GLN H 156 -16.24 -23.11 84.57
CA GLN H 156 -15.73 -23.23 83.21
C GLN H 156 -16.11 -22.04 82.32
N ASN H 157 -17.30 -21.49 82.56
CA ASN H 157 -17.80 -20.38 81.74
C ASN H 157 -17.19 -19.04 82.15
N GLY H 158 -16.77 -18.26 81.16
CA GLY H 158 -16.22 -16.94 81.41
C GLY H 158 -14.71 -16.93 81.58
N VAL H 159 -14.05 -17.99 81.14
CA VAL H 159 -12.61 -18.12 81.30
C VAL H 159 -11.89 -17.88 79.97
N LEU H 160 -10.92 -16.97 79.98
CA LEU H 160 -10.14 -16.67 78.79
C LEU H 160 -8.65 -16.90 79.05
N ASN H 161 -8.07 -17.85 78.34
CA ASN H 161 -6.66 -18.20 78.50
C ASN H 161 -5.82 -17.59 77.39
N SER H 162 -4.53 -17.40 77.67
CA SER H 162 -3.61 -16.84 76.69
C SER H 162 -2.20 -17.33 76.99
N TRP H 163 -1.54 -17.87 75.97
CA TRP H 163 -0.21 -18.43 76.14
C TRP H 163 0.83 -17.54 75.46
N THR H 164 2.09 -17.70 75.84
CA THR H 164 3.18 -16.99 75.19
C THR H 164 4.03 -17.96 74.39
N ASP H 165 4.79 -17.44 73.43
CA ASP H 165 5.74 -18.26 72.71
C ASP H 165 6.97 -18.47 73.57
N GLN H 166 7.66 -19.59 73.35
CA GLN H 166 8.84 -19.94 74.12
C GLN H 166 9.76 -18.74 74.26
N ASP H 167 10.07 -18.37 75.50
CA ASP H 167 10.92 -17.22 75.77
C ASP H 167 12.32 -17.43 75.21
N SER H 168 12.91 -16.36 74.70
CA SER H 168 14.19 -16.45 74.00
C SER H 168 15.31 -17.03 74.87
N LYS H 169 15.62 -16.34 75.97
CA LYS H 169 16.83 -16.66 76.73
C LYS H 169 16.59 -17.46 78.01
N ASP H 170 15.48 -18.19 78.07
CA ASP H 170 15.28 -19.18 79.13
C ASP H 170 14.49 -20.41 78.64
N SER H 171 13.88 -20.29 77.47
CA SER H 171 13.24 -21.43 76.80
C SER H 171 12.08 -22.01 77.60
N THR H 172 11.36 -21.16 78.32
CA THR H 172 10.19 -21.59 79.08
C THR H 172 8.93 -20.99 78.49
N TYR H 173 7.78 -21.40 79.00
CA TYR H 173 6.50 -20.87 78.55
C TYR H 173 5.76 -20.21 79.70
N SER H 174 4.79 -19.39 79.37
CA SER H 174 3.94 -18.75 80.37
C SER H 174 2.49 -18.77 79.91
N MET H 175 1.57 -18.68 80.86
CA MET H 175 0.15 -18.71 80.55
C MET H 175 -0.58 -17.66 81.37
N SER H 176 -1.78 -17.30 80.92
CA SER H 176 -2.59 -16.31 81.60
C SER H 176 -4.06 -16.70 81.53
N SER H 177 -4.64 -17.00 82.70
CA SER H 177 -6.05 -17.37 82.77
C SER H 177 -6.83 -16.28 83.47
N THR H 178 -7.92 -15.84 82.84
CA THR H 178 -8.75 -14.78 83.40
C THR H 178 -10.21 -15.19 83.49
N LEU H 179 -10.73 -15.20 84.71
CA LEU H 179 -12.14 -15.47 84.93
C LEU H 179 -12.86 -14.14 85.07
N THR H 180 -13.96 -13.97 84.34
CA THR H 180 -14.71 -12.71 84.36
C THR H 180 -16.17 -12.91 84.76
N LEU H 181 -16.58 -12.24 85.83
CA LEU H 181 -17.94 -12.31 86.32
C LEU H 181 -18.57 -10.92 86.38
N THR H 182 -19.81 -10.88 86.83
CA THR H 182 -20.51 -9.62 87.06
C THR H 182 -20.40 -9.27 88.54
N LYS H 183 -20.03 -8.02 88.82
CA LYS H 183 -19.89 -7.57 90.21
C LYS H 183 -20.89 -8.28 91.12
N ASP H 184 -22.16 -8.24 90.72
CA ASP H 184 -23.22 -8.88 91.49
C ASP H 184 -22.92 -10.36 91.74
N GLU H 185 -22.63 -11.08 90.66
CA GLU H 185 -22.36 -12.51 90.74
C GLU H 185 -21.08 -12.81 91.51
N TYR H 186 -20.09 -11.93 91.36
CA TYR H 186 -18.81 -12.08 92.04
C TYR H 186 -18.94 -12.01 93.56
N GLU H 187 -20.00 -11.37 94.03
CA GLU H 187 -20.18 -11.20 95.47
C GLU H 187 -21.07 -12.27 96.09
N ARG H 188 -21.65 -13.12 95.25
CA ARG H 188 -22.45 -14.23 95.76
C ARG H 188 -21.56 -15.30 96.39
N HIS H 189 -20.26 -15.17 96.21
CA HIS H 189 -19.33 -16.20 96.67
C HIS H 189 -18.15 -15.58 97.42
N ASN H 190 -17.31 -16.42 98.02
CA ASN H 190 -16.24 -15.94 98.88
C ASN H 190 -14.86 -16.47 98.50
N SER H 191 -14.78 -17.73 98.10
CA SER H 191 -13.49 -18.35 97.79
C SER H 191 -13.24 -18.45 96.28
N TYR H 192 -12.05 -18.03 95.85
CA TYR H 192 -11.66 -18.08 94.45
C TYR H 192 -10.27 -18.71 94.28
N THR H 193 -10.16 -19.67 93.38
CA THR H 193 -8.96 -20.51 93.29
C THR H 193 -8.64 -20.89 91.86
N CYS H 194 -7.35 -21.09 91.56
CA CYS H 194 -6.96 -21.70 90.30
C CYS H 194 -5.89 -22.77 90.51
N GLU H 195 -6.12 -23.95 89.94
CA GLU H 195 -5.23 -25.09 90.09
C GLU H 195 -4.44 -25.36 88.81
N ALA H 196 -3.13 -25.37 88.93
CA ALA H 196 -2.25 -25.66 87.79
C ALA H 196 -1.83 -27.13 87.82
N THR H 197 -1.99 -27.81 86.69
CA THR H 197 -1.60 -29.22 86.60
C THR H 197 -0.52 -29.43 85.55
N HIS H 198 0.72 -29.56 86.02
CA HIS H 198 1.87 -29.72 85.15
C HIS H 198 2.52 -31.07 85.41
N LYS H 199 3.35 -31.53 84.48
CA LYS H 199 4.04 -32.81 84.63
C LYS H 199 5.05 -32.76 85.77
N THR H 200 5.47 -31.55 86.12
CA THR H 200 6.45 -31.39 87.19
C THR H 200 5.96 -32.03 88.49
N SER H 201 4.78 -31.64 88.94
CA SER H 201 4.24 -32.14 90.20
C SER H 201 3.02 -33.01 89.97
N THR H 202 2.90 -34.08 90.74
CA THR H 202 1.73 -34.95 90.66
C THR H 202 0.52 -34.27 91.28
N SER H 203 0.78 -33.43 92.28
CA SER H 203 -0.28 -32.66 92.91
C SER H 203 -0.39 -31.28 92.28
N PRO H 204 -1.63 -30.85 91.98
CA PRO H 204 -1.87 -29.55 91.32
C PRO H 204 -1.50 -28.37 92.19
N ILE H 205 -0.69 -27.46 91.66
CA ILE H 205 -0.30 -26.25 92.37
C ILE H 205 -1.51 -25.33 92.49
N VAL H 206 -1.86 -24.99 93.72
CA VAL H 206 -3.09 -24.24 93.99
C VAL H 206 -2.81 -22.83 94.50
N LYS H 207 -3.69 -21.89 94.15
CA LYS H 207 -3.63 -20.54 94.70
C LYS H 207 -5.02 -19.93 94.86
N SER H 208 -5.34 -19.51 96.08
CA SER H 208 -6.68 -19.02 96.42
C SER H 208 -6.63 -17.66 97.11
N PHE H 209 -7.81 -17.10 97.34
CA PHE H 209 -7.98 -15.90 98.15
C PHE H 209 -9.47 -15.74 98.47
N ASN H 210 -9.76 -15.01 99.54
CA ASN H 210 -11.15 -14.83 99.96
C ASN H 210 -11.60 -13.36 99.89
N ARG H 211 -12.70 -13.13 99.18
CA ARG H 211 -13.34 -11.82 99.17
C ARG H 211 -13.78 -11.53 100.60
N ASN H 212 -14.02 -10.25 100.90
CA ASN H 212 -14.36 -9.86 102.26
C ASN H 212 -13.29 -10.33 103.25
N GLU H 213 -12.03 -10.13 102.88
CA GLU H 213 -10.91 -10.58 103.71
C GLU H 213 -9.59 -10.34 103.01
N CYS H 214 -8.52 -10.19 103.79
CA CYS H 214 -7.18 -10.05 103.25
C CYS H 214 -6.14 -10.18 104.36
#